data_8IBS
#
_entry.id   8IBS
#
_cell.length_a   234.470
_cell.length_b   182.691
_cell.length_c   143.263
_cell.angle_alpha   90.00
_cell.angle_beta   125.73
_cell.angle_gamma   90.00
#
_symmetry.space_group_name_H-M   'C 1 2 1'
#
loop_
_entity.id
_entity.type
_entity.pdbx_description
1 polymer Beta-galactosidase
2 non-polymer alpha-D-galactopyranose
3 water water
#
_entity_poly.entity_id   1
_entity_poly.type   'polypeptide(L)'
_entity_poly.pdbx_seq_one_letter_code
;MEHRAFKWPQPLAGNKPRIWYGGDYNPDQWPEEVWDEDVALMQQAGVNLVSVAIFSWAKLEPEEGVYDFDWLDRVIDKLG
KAGIAVDLASGTASPPMWMTQAHPEILWVDYRGDVCQPGARQHWRATSPVFLDYALNLCRKMAEHYKDNPYVVSWHVSNA
YGCHNRFDYSEDAERAFQKWCEKKYGTIDAVNDAWGTAFWAQRMNNFSEIIPPRFIGDGNFMNPGKLLDWKRFSSDALLD
FYKAERDALLEIAPKPQTTNFMVSAGCTVLDYDKWGHDVDFVSNDHYFSPGEAHFDEMAYAACLTDGIARKNPWFLMAHS
TSAVNWRPTNYRLEPGELVRDSLAHLAMGADAICYFQWRQSKAGAEKWHSAMVPHAGPDSQIFRDVCELGADLNKLADEG
LLSTKLVKSKVAIVFDYESQWATEHTATPTQEVRHWTEPLDWFRALADNGLTADVVPVRGPWDEYEAVVLPSLAILSEQT
TRRVREYVANGGKLFVTYYTGLVDDRDHVWLGGYPGSIRDVVGVRVEEFAPMGTDAPGTMDHLDLDNGTVAHDFADVITS
VADTAHVVASFKADKWTGFDGAPAITVNDFGDGKAAYVGARLGREGLAKSLPALLEELGIETSAEDDRGEVLRVERADET
GENHFVFLFNRTHDVAVVDVEGEPLVASLAQVNESEHTAAIQPNGVLVVKLAAALEHHHHHH
;
_entity_poly.pdbx_strand_id   A,B,C,D,E,F
#
loop_
_chem_comp.id
_chem_comp.type
_chem_comp.name
_chem_comp.formula
GLA D-saccharide, alpha linking alpha-D-galactopyranose 'C6 H12 O6'
#
# COMPACT_ATOMS: atom_id res chain seq x y z
N MET A 1 29.00 26.48 26.45
CA MET A 1 28.84 25.01 26.48
C MET A 1 30.02 24.43 27.27
N GLU A 2 29.76 23.35 28.03
CA GLU A 2 30.74 22.70 28.89
C GLU A 2 31.11 21.31 28.37
N HIS A 3 32.37 20.90 28.67
CA HIS A 3 32.93 19.63 28.23
C HIS A 3 32.75 18.59 29.34
N ARG A 4 32.84 17.32 28.98
CA ARG A 4 32.99 16.29 29.99
C ARG A 4 34.37 16.42 30.63
N ALA A 5 34.59 15.67 31.72
CA ALA A 5 35.89 15.56 32.37
C ALA A 5 36.81 14.78 31.45
N PHE A 6 38.01 15.29 31.20
CA PHE A 6 38.99 14.58 30.39
C PHE A 6 39.33 13.22 31.01
N LYS A 7 39.32 12.17 30.19
CA LYS A 7 39.85 10.89 30.60
C LYS A 7 40.63 10.31 29.42
N TRP A 8 41.66 9.53 29.73
CA TRP A 8 42.50 8.94 28.70
C TRP A 8 42.65 7.46 29.01
N PRO A 9 42.67 6.54 28.01
CA PRO A 9 42.88 5.12 28.32
C PRO A 9 44.25 4.91 28.99
N GLN A 10 44.27 4.05 30.01
CA GLN A 10 45.41 3.94 30.91
C GLN A 10 46.16 2.66 30.56
N PRO A 11 47.45 2.52 30.94
CA PRO A 11 48.24 1.33 30.66
C PRO A 11 47.66 0.10 31.32
N LEU A 12 47.93 -1.06 30.75
CA LEU A 12 47.71 -2.32 31.42
C LEU A 12 48.53 -2.35 32.72
N ALA A 13 48.08 -3.12 33.71
CA ALA A 13 48.80 -3.33 34.95
C ALA A 13 50.22 -3.80 34.61
N GLY A 14 51.21 -3.09 35.18
CA GLY A 14 52.62 -3.41 35.04
C GLY A 14 53.32 -2.67 33.90
N ASN A 15 52.62 -1.77 33.18
CA ASN A 15 53.21 -1.13 32.02
C ASN A 15 53.34 0.36 32.26
N LYS A 16 54.30 0.97 31.59
CA LYS A 16 54.42 2.40 31.62
C LYS A 16 53.48 2.99 30.57
N PRO A 17 53.07 4.25 30.76
CA PRO A 17 52.50 5.06 29.69
C PRO A 17 53.28 5.03 28.39
N ARG A 18 52.55 4.89 27.27
CA ARG A 18 53.13 4.92 25.93
C ARG A 18 52.25 5.78 25.01
N ILE A 19 52.83 6.27 23.91
CA ILE A 19 52.02 6.71 22.81
C ILE A 19 51.31 5.46 22.28
N TRP A 20 49.98 5.43 22.41
CA TRP A 20 49.20 4.30 21.91
C TRP A 20 49.44 4.12 20.40
N TYR A 21 49.69 2.85 20.01
CA TYR A 21 50.00 2.57 18.60
C TYR A 21 49.34 1.27 18.20
N GLY A 22 48.65 1.31 17.07
CA GLY A 22 47.98 0.10 16.58
C GLY A 22 46.93 0.42 15.53
N GLY A 23 45.77 -0.23 15.65
CA GLY A 23 44.67 0.03 14.74
C GLY A 23 43.47 -0.88 14.93
N ASP A 24 42.52 -0.78 13.98
CA ASP A 24 41.37 -1.66 13.98
C ASP A 24 41.85 -3.09 13.72
N TYR A 25 41.37 -4.05 14.53
CA TYR A 25 41.78 -5.43 14.42
C TYR A 25 40.51 -6.29 14.29
N ASN A 26 40.48 -7.16 13.26
CA ASN A 26 39.26 -7.86 12.88
C ASN A 26 39.53 -9.35 12.81
N PRO A 27 39.83 -10.01 13.96
CA PRO A 27 40.13 -11.45 13.97
C PRO A 27 38.98 -12.33 13.46
N ASP A 28 37.76 -11.80 13.52
CA ASP A 28 36.57 -12.53 13.12
C ASP A 28 36.52 -12.74 11.61
N GLN A 29 37.39 -12.07 10.84
CA GLN A 29 37.56 -12.31 9.41
C GLN A 29 38.63 -13.37 9.08
N TRP A 30 39.33 -13.95 10.07
CA TRP A 30 40.47 -14.82 9.83
C TRP A 30 40.35 -16.10 10.67
N PRO A 31 40.90 -17.23 10.20
CA PRO A 31 40.93 -18.44 11.01
C PRO A 31 41.65 -18.19 12.34
N GLU A 32 41.33 -18.99 13.35
CA GLU A 32 41.86 -18.73 14.69
C GLU A 32 43.38 -18.85 14.70
N GLU A 33 43.99 -19.67 13.82
CA GLU A 33 45.44 -19.85 13.84
C GLU A 33 46.17 -18.59 13.35
N VAL A 34 45.53 -17.74 12.53
CA VAL A 34 46.17 -16.50 12.11
C VAL A 34 46.38 -15.55 13.29
N TRP A 35 45.61 -15.67 14.39
CA TRP A 35 45.67 -14.68 15.48
C TRP A 35 47.06 -14.76 16.17
N ASP A 36 47.65 -15.95 16.23
CA ASP A 36 49.02 -16.15 16.69
C ASP A 36 49.97 -15.28 15.88
N GLU A 37 49.90 -15.38 14.55
CA GLU A 37 50.80 -14.59 13.73
C GLU A 37 50.56 -13.11 14.01
N ASP A 38 49.28 -12.71 14.11
CA ASP A 38 48.92 -11.32 14.37
C ASP A 38 49.65 -10.75 15.59
N VAL A 39 49.61 -11.48 16.70
CA VAL A 39 50.16 -11.04 17.98
C VAL A 39 51.68 -10.92 17.87
N ALA A 40 52.33 -11.96 17.32
CA ALA A 40 53.77 -11.93 17.06
C ALA A 40 54.15 -10.71 16.21
N LEU A 41 53.40 -10.45 15.14
CA LEU A 41 53.74 -9.33 14.28
C LEU A 41 53.52 -7.99 14.99
N MET A 42 52.52 -7.91 15.89
CA MET A 42 52.21 -6.68 16.60
C MET A 42 53.37 -6.31 17.54
N GLN A 43 53.87 -7.28 18.29
CA GLN A 43 55.03 -7.09 19.15
C GLN A 43 56.23 -6.60 18.33
N GLN A 44 56.45 -7.20 17.16
CA GLN A 44 57.56 -6.77 16.32
C GLN A 44 57.42 -5.30 15.89
N ALA A 45 56.18 -4.86 15.64
CA ALA A 45 55.98 -3.51 15.13
C ALA A 45 55.89 -2.51 16.29
N GLY A 46 55.82 -3.01 17.52
CA GLY A 46 55.63 -2.16 18.70
C GLY A 46 54.19 -1.69 18.88
N VAL A 47 53.23 -2.45 18.34
CA VAL A 47 51.80 -2.17 18.51
C VAL A 47 51.40 -2.49 19.95
N ASN A 48 50.70 -1.57 20.62
CA ASN A 48 50.36 -1.80 22.01
C ASN A 48 48.87 -1.57 22.29
N LEU A 49 48.09 -1.21 21.27
CA LEU A 49 46.64 -1.10 21.42
C LEU A 49 45.94 -1.41 20.10
N VAL A 50 44.87 -2.22 20.18
CA VAL A 50 43.98 -2.47 19.05
C VAL A 50 42.50 -2.20 19.43
N SER A 51 41.71 -1.81 18.42
CA SER A 51 40.25 -1.63 18.54
C SER A 51 39.50 -2.77 17.87
N VAL A 52 38.74 -3.52 18.67
CA VAL A 52 38.19 -4.81 18.34
C VAL A 52 36.65 -4.73 18.37
N ALA A 53 36.00 -5.56 17.52
CA ALA A 53 34.55 -5.84 17.53
C ALA A 53 33.70 -4.68 17.03
N ILE A 54 34.24 -3.79 16.22
CA ILE A 54 33.50 -2.61 15.80
C ILE A 54 32.27 -2.97 14.96
N PHE A 55 32.40 -3.91 13.99
CA PHE A 55 31.27 -4.36 13.20
C PHE A 55 31.01 -5.84 13.44
N SER A 56 31.11 -6.29 14.70
CA SER A 56 30.96 -7.70 15.01
C SER A 56 29.55 -8.11 15.49
N TRP A 57 28.51 -7.29 15.27
CA TRP A 57 27.18 -7.59 15.83
C TRP A 57 26.70 -8.98 15.43
N ALA A 58 26.90 -9.30 14.15
CA ALA A 58 26.37 -10.55 13.57
C ALA A 58 27.07 -11.78 14.15
N LYS A 59 28.26 -11.62 14.76
CA LYS A 59 28.95 -12.68 15.47
C LYS A 59 28.62 -12.68 16.96
N LEU A 60 28.49 -11.47 17.55
CA LEU A 60 28.18 -11.34 18.98
C LEU A 60 26.75 -11.72 19.33
N GLU A 61 25.80 -11.34 18.46
CA GLU A 61 24.40 -11.70 18.61
C GLU A 61 23.93 -12.33 17.30
N PRO A 62 24.26 -13.60 17.01
CA PRO A 62 24.03 -14.18 15.68
C PRO A 62 22.55 -14.45 15.35
N GLU A 63 21.69 -14.46 16.38
CA GLU A 63 20.23 -14.43 16.25
C GLU A 63 19.70 -13.63 17.44
N GLU A 64 18.45 -13.15 17.38
CA GLU A 64 17.93 -12.31 18.45
C GLU A 64 18.00 -13.06 19.78
N GLY A 65 18.66 -12.44 20.77
CA GLY A 65 18.62 -12.95 22.13
C GLY A 65 19.55 -14.14 22.38
N VAL A 66 20.49 -14.38 21.45
CA VAL A 66 21.54 -15.37 21.61
C VAL A 66 22.89 -14.66 21.52
N TYR A 67 23.76 -14.85 22.53
CA TYR A 67 25.02 -14.12 22.63
C TYR A 67 26.20 -15.08 22.49
N ASP A 68 27.18 -14.69 21.68
CA ASP A 68 28.38 -15.49 21.50
C ASP A 68 29.62 -14.63 21.75
N PHE A 69 30.18 -14.73 22.97
CA PHE A 69 31.33 -13.92 23.40
C PHE A 69 32.65 -14.71 23.46
N ASP A 70 32.62 -16.06 23.43
CA ASP A 70 33.83 -16.85 23.67
C ASP A 70 34.99 -16.43 22.78
N TRP A 71 34.72 -16.33 21.47
CA TRP A 71 35.77 -15.93 20.55
C TRP A 71 36.45 -14.66 21.02
N LEU A 72 35.64 -13.66 21.44
CA LEU A 72 36.17 -12.33 21.71
C LEU A 72 36.94 -12.34 23.01
N ASP A 73 36.47 -13.15 23.98
CA ASP A 73 37.21 -13.45 25.19
C ASP A 73 38.61 -13.97 24.88
N ARG A 74 38.69 -14.97 23.99
CA ARG A 74 39.95 -15.57 23.57
C ARG A 74 40.84 -14.55 22.88
N VAL A 75 40.30 -13.79 21.90
CA VAL A 75 41.07 -12.74 21.27
C VAL A 75 41.65 -11.81 22.33
N ILE A 76 40.80 -11.29 23.23
CA ILE A 76 41.22 -10.25 24.17
C ILE A 76 42.30 -10.80 25.09
N ASP A 77 42.15 -12.03 25.56
CA ASP A 77 43.06 -12.63 26.50
C ASP A 77 44.44 -12.81 25.84
N LYS A 78 44.43 -13.18 24.56
CA LYS A 78 45.64 -13.41 23.81
C LYS A 78 46.36 -12.09 23.58
N LEU A 79 45.63 -10.99 23.34
CA LEU A 79 46.27 -9.71 23.13
C LEU A 79 46.85 -9.23 24.48
N GLY A 80 46.04 -9.31 25.52
CA GLY A 80 46.41 -8.81 26.83
C GLY A 80 47.64 -9.53 27.38
N LYS A 81 47.67 -10.86 27.33
CA LYS A 81 48.79 -11.62 27.84
C LYS A 81 50.07 -11.27 27.08
N ALA A 82 49.94 -10.76 25.85
CA ALA A 82 51.08 -10.32 25.06
C ALA A 82 51.40 -8.85 25.33
N GLY A 83 50.66 -8.25 26.25
CA GLY A 83 50.91 -6.87 26.64
C GLY A 83 50.26 -5.86 25.71
N ILE A 84 49.24 -6.27 24.93
CA ILE A 84 48.56 -5.37 24.00
C ILE A 84 47.17 -5.07 24.57
N ALA A 85 46.85 -3.77 24.65
CA ALA A 85 45.59 -3.30 25.22
C ALA A 85 44.48 -3.28 24.17
N VAL A 86 43.23 -3.30 24.67
CA VAL A 86 42.05 -3.39 23.82
C VAL A 86 41.14 -2.20 24.07
N ASP A 87 40.99 -1.39 23.02
CA ASP A 87 39.88 -0.47 22.88
C ASP A 87 38.66 -1.24 22.36
N LEU A 88 37.68 -1.52 23.23
CA LEU A 88 36.59 -2.42 22.89
C LEU A 88 35.41 -1.60 22.35
N ALA A 89 34.91 -2.00 21.18
CA ALA A 89 33.69 -1.42 20.62
C ALA A 89 32.44 -1.90 21.35
N SER A 90 31.41 -1.06 21.25
CA SER A 90 30.04 -1.45 21.62
C SER A 90 29.55 -2.59 20.72
N GLY A 91 29.96 -2.59 19.44
CA GLY A 91 29.53 -3.60 18.48
C GLY A 91 28.28 -3.20 17.71
N THR A 92 27.76 -2.00 17.97
CA THR A 92 26.44 -1.56 17.54
C THR A 92 26.54 -0.70 16.30
N ALA A 93 27.73 -0.64 15.64
CA ALA A 93 27.89 0.25 14.50
C ALA A 93 26.91 -0.09 13.34
N SER A 94 26.62 -1.38 13.11
CA SER A 94 25.78 -1.79 11.98
C SER A 94 25.06 -3.09 12.35
N PRO A 95 23.73 -3.17 12.09
CA PRO A 95 22.95 -4.32 12.51
C PRO A 95 23.07 -5.54 11.59
N PRO A 96 22.89 -6.74 12.14
CA PRO A 96 22.83 -7.96 11.34
C PRO A 96 21.55 -8.05 10.52
N MET A 97 21.55 -8.95 9.54
CA MET A 97 20.41 -9.15 8.67
C MET A 97 19.18 -9.63 9.42
N TRP A 98 19.27 -10.58 10.37
CA TRP A 98 18.09 -11.05 11.05
C TRP A 98 17.29 -9.85 11.60
N MET A 99 17.99 -8.85 12.12
CA MET A 99 17.32 -7.72 12.73
C MET A 99 16.55 -6.87 11.72
N THR A 100 17.18 -6.53 10.60
CA THR A 100 16.51 -5.68 9.62
C THR A 100 15.43 -6.44 8.83
N GLN A 101 15.55 -7.77 8.70
CA GLN A 101 14.47 -8.59 8.11
C GLN A 101 13.27 -8.60 9.04
N ALA A 102 13.50 -8.67 10.35
CA ALA A 102 12.40 -8.75 11.29
C ALA A 102 11.80 -7.36 11.51
N HIS A 103 12.62 -6.31 11.34
CA HIS A 103 12.20 -4.95 11.62
C HIS A 103 12.65 -4.00 10.52
N PRO A 104 12.00 -4.00 9.35
CA PRO A 104 12.35 -3.06 8.28
C PRO A 104 12.24 -1.61 8.65
N GLU A 105 11.39 -1.30 9.66
CA GLU A 105 11.22 0.07 10.15
C GLU A 105 12.54 0.64 10.75
N ILE A 106 13.56 -0.18 10.95
CA ILE A 106 14.90 0.31 11.36
C ILE A 106 15.61 1.09 10.25
N LEU A 107 15.28 0.82 8.97
CA LEU A 107 16.08 1.27 7.85
C LEU A 107 15.75 2.73 7.53
N TRP A 108 16.79 3.49 7.23
CA TRP A 108 16.64 4.90 6.94
C TRP A 108 16.04 5.10 5.55
N VAL A 109 15.43 6.29 5.39
CA VAL A 109 14.63 6.61 4.23
C VAL A 109 15.17 7.89 3.60
N ASP A 110 15.27 7.91 2.28
CA ASP A 110 15.84 9.04 1.58
C ASP A 110 14.79 10.08 1.27
N TYR A 111 15.21 11.16 0.60
CA TYR A 111 14.36 12.32 0.44
C TYR A 111 13.14 12.07 -0.44
N ARG A 112 13.20 10.99 -1.25
CA ARG A 112 12.15 10.61 -2.21
C ARG A 112 11.30 9.48 -1.66
N GLY A 113 11.65 8.95 -0.50
CA GLY A 113 10.85 7.90 0.10
C GLY A 113 11.38 6.49 -0.12
N ASP A 114 12.55 6.38 -0.75
CA ASP A 114 13.19 5.10 -0.95
C ASP A 114 13.95 4.66 0.29
N VAL A 115 13.74 3.40 0.67
CA VAL A 115 14.30 2.82 1.87
C VAL A 115 15.71 2.27 1.56
N CYS A 116 16.71 2.72 2.33
CA CYS A 116 18.06 2.20 2.25
C CYS A 116 18.07 0.77 2.76
N GLN A 117 18.57 -0.16 1.92
CA GLN A 117 18.61 -1.57 2.26
C GLN A 117 19.95 -1.92 2.90
N PRO A 118 20.02 -3.06 3.62
CA PRO A 118 21.28 -3.71 3.93
C PRO A 118 22.02 -4.06 2.65
N GLY A 119 23.32 -4.35 2.83
CA GLY A 119 24.25 -4.62 1.74
C GLY A 119 25.59 -3.89 1.97
N ALA A 120 25.58 -2.79 2.76
CA ALA A 120 26.77 -2.04 3.16
C ALA A 120 26.77 -1.91 4.67
N ARG A 121 26.77 -0.68 5.19
CA ARG A 121 26.69 -0.56 6.65
C ARG A 121 25.91 0.68 7.08
N GLN A 122 25.51 0.63 8.33
CA GLN A 122 25.01 1.81 9.04
C GLN A 122 23.64 2.24 8.50
N HIS A 123 22.86 1.26 8.02
CA HIS A 123 21.58 1.50 7.35
C HIS A 123 20.43 1.68 8.37
N TRP A 124 20.64 2.48 9.40
CA TRP A 124 19.65 2.60 10.48
C TRP A 124 19.29 4.07 10.73
N ARG A 125 18.02 4.31 11.11
CA ARG A 125 17.48 5.64 11.40
C ARG A 125 17.97 6.09 12.78
N ALA A 126 18.45 7.33 12.85
CA ALA A 126 18.90 7.87 14.14
C ALA A 126 17.75 7.94 15.19
N THR A 127 16.49 8.06 14.73
CA THR A 127 15.38 8.27 15.65
C THR A 127 14.48 7.04 15.74
N SER A 128 14.97 5.90 15.25
CA SER A 128 14.18 4.69 15.36
C SER A 128 14.19 4.24 16.82
N PRO A 129 13.04 4.13 17.52
CA PRO A 129 13.02 3.59 18.87
C PRO A 129 13.37 2.10 18.94
N VAL A 130 13.02 1.38 17.85
CA VAL A 130 13.28 -0.05 17.80
C VAL A 130 14.79 -0.28 17.76
N PHE A 131 15.47 0.47 16.91
CA PHE A 131 16.90 0.29 16.79
C PHE A 131 17.55 0.70 18.11
N LEU A 132 17.06 1.78 18.73
CA LEU A 132 17.65 2.16 20.00
C LEU A 132 17.56 0.97 20.98
N ASP A 133 16.39 0.32 21.05
CA ASP A 133 16.20 -0.78 21.98
C ASP A 133 17.22 -1.87 21.71
N TYR A 134 17.47 -2.19 20.44
CA TYR A 134 18.44 -3.22 20.08
C TYR A 134 19.87 -2.79 20.47
N ALA A 135 20.30 -1.56 20.14
CA ALA A 135 21.63 -1.07 20.45
C ALA A 135 21.88 -1.07 21.96
N LEU A 136 20.96 -0.51 22.77
CA LEU A 136 21.21 -0.40 24.20
C LEU A 136 21.25 -1.80 24.80
N ASN A 137 20.50 -2.75 24.25
CA ASN A 137 20.55 -4.12 24.75
C ASN A 137 21.96 -4.71 24.54
N LEU A 138 22.57 -4.49 23.36
CA LEU A 138 23.89 -5.05 23.13
C LEU A 138 24.92 -4.31 23.99
N CYS A 139 24.86 -2.98 24.03
CA CYS A 139 25.70 -2.20 24.94
C CYS A 139 25.71 -2.85 26.34
N ARG A 140 24.53 -3.15 26.87
CA ARG A 140 24.41 -3.62 28.23
C ARG A 140 24.98 -5.03 28.38
N LYS A 141 24.77 -5.87 27.36
CA LYS A 141 25.33 -7.22 27.37
C LYS A 141 26.86 -7.17 27.35
N MET A 142 27.42 -6.32 26.51
CA MET A 142 28.86 -6.19 26.36
C MET A 142 29.46 -5.63 27.67
N ALA A 143 28.83 -4.57 28.20
CA ALA A 143 29.34 -3.93 29.41
C ALA A 143 29.31 -4.92 30.56
N GLU A 144 28.24 -5.68 30.67
CA GLU A 144 28.11 -6.65 31.74
C GLU A 144 29.19 -7.73 31.63
N HIS A 145 29.56 -8.13 30.39
CA HIS A 145 30.50 -9.23 30.18
C HIS A 145 31.95 -8.77 30.40
N TYR A 146 32.29 -7.56 29.95
CA TYR A 146 33.64 -7.05 29.94
C TYR A 146 33.94 -6.07 31.09
N LYS A 147 33.03 -5.83 32.03
CA LYS A 147 33.23 -4.77 33.02
C LYS A 147 34.49 -4.99 33.86
N ASP A 148 34.84 -6.24 34.17
CA ASP A 148 35.98 -6.57 35.01
C ASP A 148 37.13 -7.17 34.20
N ASN A 149 37.16 -6.95 32.88
CA ASN A 149 38.24 -7.49 32.08
C ASN A 149 39.45 -6.58 32.21
N PRO A 150 40.60 -7.06 32.74
CA PRO A 150 41.76 -6.19 32.91
C PRO A 150 42.40 -5.68 31.61
N TYR A 151 42.07 -6.24 30.45
CA TYR A 151 42.76 -5.89 29.21
C TYR A 151 42.01 -4.85 28.39
N VAL A 152 40.74 -4.60 28.72
CA VAL A 152 39.99 -3.55 28.05
C VAL A 152 40.28 -2.21 28.71
N VAL A 153 40.75 -1.23 27.93
CA VAL A 153 41.18 0.02 28.52
C VAL A 153 40.23 1.15 28.17
N SER A 154 39.38 0.95 27.14
CA SER A 154 38.46 2.00 26.72
C SER A 154 37.26 1.42 25.96
N TRP A 155 36.17 2.23 25.84
CA TRP A 155 35.05 1.96 24.92
C TRP A 155 35.20 2.78 23.64
N HIS A 156 34.97 2.10 22.51
CA HIS A 156 34.83 2.73 21.19
C HIS A 156 33.34 2.63 20.81
N VAL A 157 32.56 3.69 21.06
CA VAL A 157 31.10 3.60 20.92
C VAL A 157 30.73 3.70 19.44
N SER A 158 30.09 2.62 18.96
CA SER A 158 29.60 2.53 17.60
C SER A 158 30.76 2.74 16.63
N ASN A 159 30.56 3.55 15.57
CA ASN A 159 31.60 3.91 14.63
C ASN A 159 31.10 5.02 13.73
N ALA A 160 31.87 6.11 13.64
CA ALA A 160 31.66 7.20 12.71
C ALA A 160 30.18 7.44 12.41
N TYR A 161 29.43 7.89 13.44
CA TYR A 161 28.02 8.21 13.30
C TYR A 161 27.80 9.18 12.15
N GLY A 162 26.75 8.94 11.35
CA GLY A 162 26.34 9.90 10.33
C GLY A 162 27.12 9.82 9.01
N CYS A 163 28.14 8.97 8.92
CA CYS A 163 28.88 8.86 7.67
C CYS A 163 27.91 8.45 6.54
N HIS A 164 26.99 7.52 6.84
CA HIS A 164 26.00 7.10 5.86
C HIS A 164 24.56 7.50 6.24
N ASN A 165 24.27 7.60 7.54
CA ASN A 165 22.91 7.76 8.05
C ASN A 165 22.68 9.15 8.66
N ARG A 166 23.37 10.15 8.13
CA ARG A 166 23.24 11.53 8.57
C ARG A 166 21.79 11.96 8.44
N PHE A 167 21.22 11.69 7.26
CA PHE A 167 19.87 12.12 6.94
C PHE A 167 18.89 10.95 6.88
N ASP A 168 17.73 11.11 7.55
CA ASP A 168 16.64 10.18 7.45
C ASP A 168 15.36 11.01 7.25
N TYR A 169 14.48 10.54 6.35
CA TYR A 169 13.26 11.27 6.06
C TYR A 169 12.05 10.41 6.38
N SER A 170 12.20 9.45 7.29
CA SER A 170 11.11 8.62 7.71
C SER A 170 10.10 9.39 8.57
N GLU A 171 9.05 8.66 8.94
CA GLU A 171 8.04 9.17 9.86
C GLU A 171 8.63 9.37 11.27
N ASP A 172 9.60 8.54 11.70
CA ASP A 172 10.31 8.77 12.96
C ASP A 172 11.04 10.13 12.91
N ALA A 173 11.70 10.39 11.79
CA ALA A 173 12.45 11.64 11.63
C ALA A 173 11.50 12.82 11.68
N GLU A 174 10.37 12.67 11.00
CA GLU A 174 9.37 13.73 10.91
C GLU A 174 8.90 14.11 12.30
N ARG A 175 8.59 13.11 13.16
CA ARG A 175 8.09 13.37 14.49
C ARG A 175 9.20 13.99 15.36
N ALA A 176 10.42 13.47 15.22
CA ALA A 176 11.54 13.97 16.01
C ALA A 176 11.89 15.41 15.62
N PHE A 177 11.84 15.77 14.33
CA PHE A 177 12.13 17.12 13.93
C PHE A 177 11.09 18.11 14.50
N GLN A 178 9.81 17.71 14.47
CA GLN A 178 8.75 18.53 15.03
C GLN A 178 9.02 18.84 16.49
N LYS A 179 9.28 17.80 17.29
CA LYS A 179 9.64 17.95 18.69
C LYS A 179 10.91 18.77 18.90
N TRP A 180 11.94 18.57 18.07
CA TRP A 180 13.15 19.36 18.15
C TRP A 180 12.84 20.85 17.93
N CYS A 181 11.95 21.15 16.97
CA CYS A 181 11.63 22.53 16.62
C CYS A 181 10.88 23.19 17.78
N GLU A 182 10.09 22.38 18.48
CA GLU A 182 9.28 22.87 19.59
C GLU A 182 10.18 23.19 20.80
N LYS A 183 11.16 22.31 21.08
CA LYS A 183 12.13 22.57 22.13
C LYS A 183 12.93 23.81 21.78
N LYS A 184 13.37 23.93 20.54
CA LYS A 184 14.18 25.07 20.18
C LYS A 184 13.35 26.35 20.21
N TYR A 185 12.13 26.34 19.66
CA TYR A 185 11.46 27.59 19.38
C TYR A 185 10.25 27.87 20.29
N GLY A 186 9.73 26.88 21.01
CA GLY A 186 8.62 27.14 21.92
C GLY A 186 7.27 27.28 21.23
N THR A 187 7.14 28.20 20.26
CA THR A 187 5.88 28.43 19.58
C THR A 187 6.03 28.42 18.06
N ILE A 188 4.94 28.10 17.35
CA ILE A 188 4.99 27.93 15.90
C ILE A 188 5.19 29.31 15.28
N ASP A 189 4.74 30.40 15.93
CA ASP A 189 5.03 31.72 15.33
C ASP A 189 6.53 32.02 15.37
N ALA A 190 7.28 31.46 16.33
CA ALA A 190 8.73 31.71 16.35
C ALA A 190 9.41 30.90 15.23
N VAL A 191 8.85 29.73 14.88
CA VAL A 191 9.35 28.97 13.73
C VAL A 191 9.05 29.75 12.44
N ASN A 192 7.80 30.18 12.26
CA ASN A 192 7.40 30.95 11.10
C ASN A 192 8.32 32.15 10.87
N ASP A 193 8.60 32.94 11.92
CA ASP A 193 9.51 34.08 11.78
C ASP A 193 10.92 33.60 11.44
N ALA A 194 11.39 32.58 12.16
CA ALA A 194 12.73 32.03 11.96
C ALA A 194 12.95 31.64 10.50
N TRP A 195 11.98 30.93 9.87
CA TRP A 195 12.17 30.37 8.54
C TRP A 195 11.66 31.30 7.44
N GLY A 196 11.14 32.47 7.81
CA GLY A 196 10.67 33.43 6.82
C GLY A 196 9.49 32.91 6.00
N THR A 197 8.58 32.19 6.65
CA THR A 197 7.54 31.44 5.96
C THR A 197 6.41 32.29 5.36
N ALA A 198 6.37 33.62 5.56
CA ALA A 198 5.50 34.48 4.74
C ALA A 198 5.80 34.38 3.24
N PHE A 199 7.04 33.99 2.91
CA PHE A 199 7.45 33.81 1.53
C PHE A 199 6.97 32.45 1.02
N TRP A 200 6.36 32.47 -0.18
CA TRP A 200 5.87 31.30 -0.92
C TRP A 200 4.84 30.48 -0.14
N ALA A 201 4.01 31.17 0.68
CA ALA A 201 2.83 30.56 1.26
C ALA A 201 3.16 29.34 2.12
N GLN A 202 4.20 29.49 2.98
CA GLN A 202 4.71 28.41 3.80
C GLN A 202 4.31 28.56 5.26
N ARG A 203 3.50 29.58 5.62
CA ARG A 203 3.15 29.77 7.03
C ARG A 203 2.37 28.56 7.56
N MET A 204 2.76 28.12 8.75
CA MET A 204 2.24 26.94 9.42
C MET A 204 1.36 27.33 10.62
N ASN A 205 0.25 26.60 10.81
CA ASN A 205 -0.69 26.86 11.88
C ASN A 205 -0.25 26.20 13.16
N ASN A 206 0.54 25.13 13.04
CA ASN A 206 0.93 24.35 14.21
C ASN A 206 2.15 23.50 13.89
N PHE A 207 2.69 22.79 14.91
CA PHE A 207 3.92 22.01 14.76
C PHE A 207 3.70 20.76 13.90
N SER A 208 2.45 20.29 13.79
CA SER A 208 2.13 19.12 12.95
C SER A 208 2.32 19.40 11.46
N GLU A 209 2.37 20.67 11.06
CA GLU A 209 2.56 21.05 9.68
C GLU A 209 4.05 21.21 9.30
N ILE A 210 4.97 20.91 10.21
CA ILE A 210 6.39 20.88 9.88
C ILE A 210 6.72 19.51 9.31
N ILE A 211 7.17 19.48 8.06
CA ILE A 211 7.67 18.23 7.49
C ILE A 211 9.17 18.34 7.21
N PRO A 212 9.90 17.21 7.11
CA PRO A 212 11.28 17.27 6.61
C PRO A 212 11.39 17.90 5.23
N PRO A 213 12.58 18.40 4.88
CA PRO A 213 12.81 18.91 3.52
C PRO A 213 12.97 17.74 2.54
N ARG A 214 11.86 17.06 2.28
CA ARG A 214 11.77 15.97 1.33
C ARG A 214 11.82 16.51 -0.10
N PHE A 215 11.76 15.57 -1.08
CA PHE A 215 11.74 15.88 -2.50
C PHE A 215 10.74 16.98 -2.88
N ILE A 216 11.20 17.97 -3.64
CA ILE A 216 10.39 19.10 -4.07
C ILE A 216 10.57 19.35 -5.56
N GLY A 217 11.05 18.32 -6.27
CA GLY A 217 11.37 18.52 -7.68
C GLY A 217 12.82 18.94 -7.85
N ASP A 218 13.50 18.28 -8.80
CA ASP A 218 14.90 18.54 -9.08
C ASP A 218 15.09 20.02 -9.45
N GLY A 219 16.05 20.73 -8.85
CA GLY A 219 16.36 22.10 -9.27
C GLY A 219 15.51 23.17 -8.58
N ASN A 220 14.62 22.77 -7.66
CA ASN A 220 13.77 23.72 -6.93
C ASN A 220 14.44 24.02 -5.59
N PHE A 221 13.99 25.08 -4.91
CA PHE A 221 14.76 25.72 -3.84
C PHE A 221 14.05 25.54 -2.51
N MET A 222 14.69 24.76 -1.64
CA MET A 222 14.18 24.46 -0.32
C MET A 222 14.26 25.73 0.53
N ASN A 223 13.46 25.80 1.58
CA ASN A 223 13.51 26.90 2.53
C ASN A 223 14.85 26.89 3.27
N PRO A 224 15.71 27.90 3.09
CA PRO A 224 17.08 27.86 3.62
C PRO A 224 17.15 27.74 5.13
N GLY A 225 16.26 28.45 5.84
CA GLY A 225 16.25 28.41 7.29
C GLY A 225 15.91 27.02 7.80
N LYS A 226 14.94 26.36 7.16
CA LYS A 226 14.53 25.01 7.55
C LYS A 226 15.65 24.00 7.25
N LEU A 227 16.27 24.13 6.08
CA LEU A 227 17.37 23.24 5.71
C LEU A 227 18.54 23.37 6.72
N LEU A 228 18.85 24.61 7.13
CA LEU A 228 19.94 24.80 8.11
C LEU A 228 19.59 24.08 9.42
N ASP A 229 18.34 24.22 9.87
CA ASP A 229 17.88 23.57 11.08
C ASP A 229 17.78 22.05 10.94
N TRP A 230 17.46 21.55 9.72
CA TRP A 230 17.45 20.12 9.44
C TRP A 230 18.84 19.53 9.65
N LYS A 231 19.83 20.26 9.20
CA LYS A 231 21.22 19.85 9.42
C LYS A 231 21.59 19.90 10.89
N ARG A 232 21.08 20.92 11.63
CA ARG A 232 21.37 20.98 13.06
C ARG A 232 20.71 19.79 13.75
N PHE A 233 19.43 19.56 13.42
CA PHE A 233 18.61 18.51 14.00
C PHE A 233 19.27 17.15 13.74
N SER A 234 19.68 16.95 12.50
CA SER A 234 20.26 15.67 12.10
C SER A 234 21.53 15.35 12.91
N SER A 235 22.37 16.36 13.13
CA SER A 235 23.54 16.20 14.00
C SER A 235 23.14 15.89 15.45
N ASP A 236 22.15 16.66 15.94
CA ASP A 236 21.66 16.49 17.29
C ASP A 236 21.04 15.13 17.51
N ALA A 237 20.28 14.63 16.49
CA ALA A 237 19.61 13.36 16.67
C ALA A 237 20.65 12.25 16.85
N LEU A 238 21.69 12.20 16.00
CA LEU A 238 22.76 11.23 16.21
C LEU A 238 23.50 11.49 17.53
N LEU A 239 23.66 12.76 17.89
CA LEU A 239 24.29 13.03 19.20
C LEU A 239 23.49 12.41 20.34
N ASP A 240 22.14 12.45 20.27
CA ASP A 240 21.35 11.86 21.35
C ASP A 240 21.54 10.35 21.40
N PHE A 241 21.70 9.73 20.22
CA PHE A 241 21.83 8.29 20.17
C PHE A 241 23.16 7.88 20.82
N TYR A 242 24.24 8.56 20.40
CA TYR A 242 25.57 8.38 21.04
C TYR A 242 25.51 8.46 22.57
N LYS A 243 24.87 9.52 23.10
CA LYS A 243 24.84 9.74 24.55
C LYS A 243 24.11 8.60 25.22
N ALA A 244 23.06 8.07 24.57
CA ALA A 244 22.28 7.01 25.13
C ALA A 244 23.11 5.73 25.18
N GLU A 245 23.83 5.42 24.09
CA GLU A 245 24.74 4.27 24.06
C GLU A 245 25.88 4.44 25.08
N ARG A 246 26.50 5.60 25.06
CA ARG A 246 27.58 5.93 26.00
C ARG A 246 27.13 5.68 27.44
N ASP A 247 25.94 6.19 27.81
CA ASP A 247 25.54 6.16 29.20
C ASP A 247 25.22 4.73 29.60
N ALA A 248 24.70 3.94 28.65
CA ALA A 248 24.28 2.59 29.00
C ALA A 248 25.52 1.73 29.29
N LEU A 249 26.58 1.95 28.52
CA LEU A 249 27.87 1.31 28.77
C LEU A 249 28.42 1.73 30.14
N LEU A 250 28.46 3.04 30.40
CA LEU A 250 29.22 3.56 31.56
C LEU A 250 28.56 3.26 32.89
N GLU A 251 27.23 3.05 32.87
CA GLU A 251 26.43 2.73 34.03
C GLU A 251 26.80 1.35 34.55
N ILE A 252 27.40 0.50 33.70
CA ILE A 252 27.70 -0.87 34.07
C ILE A 252 29.22 -1.03 34.17
N ALA A 253 29.97 -0.42 33.26
CA ALA A 253 31.39 -0.67 33.05
C ALA A 253 32.08 0.65 32.73
N PRO A 254 32.34 1.50 33.77
CA PRO A 254 32.95 2.81 33.53
C PRO A 254 34.41 2.61 33.11
N LYS A 255 34.77 3.23 32.00
CA LYS A 255 36.08 3.19 31.39
C LYS A 255 36.11 4.44 30.53
N PRO A 256 37.30 5.01 30.22
CA PRO A 256 37.36 6.11 29.27
C PRO A 256 36.65 5.69 27.97
N GLN A 257 35.89 6.63 27.37
CA GLN A 257 35.07 6.31 26.21
C GLN A 257 35.20 7.44 25.19
N THR A 258 35.14 7.06 23.90
CA THR A 258 35.06 8.02 22.80
C THR A 258 34.19 7.43 21.68
N THR A 259 33.99 8.23 20.63
CA THR A 259 33.44 7.77 19.39
C THR A 259 34.19 8.59 18.37
N ASN A 260 34.52 7.94 17.24
CA ASN A 260 35.46 8.52 16.32
C ASN A 260 34.75 9.54 15.41
N PHE A 261 35.39 10.68 15.28
CA PHE A 261 34.97 11.73 14.38
C PHE A 261 35.60 11.56 13.00
N MET A 262 35.25 12.49 12.11
CA MET A 262 35.68 12.54 10.73
C MET A 262 36.10 13.96 10.39
N VAL A 263 36.92 14.56 11.27
CA VAL A 263 37.37 15.90 11.02
C VAL A 263 38.36 15.89 9.87
N SER A 264 38.14 16.80 8.93
CA SER A 264 38.99 17.05 7.78
C SER A 264 38.53 18.39 7.24
N ALA A 265 39.28 19.00 6.31
CA ALA A 265 38.93 20.36 5.93
C ALA A 265 37.49 20.42 5.43
N GLY A 266 37.04 19.42 4.64
CA GLY A 266 35.78 19.53 3.91
C GLY A 266 34.61 18.73 4.49
N CYS A 267 34.81 17.97 5.57
CA CYS A 267 33.74 17.12 6.09
C CYS A 267 32.99 17.81 7.24
N THR A 268 31.67 18.02 7.08
CA THR A 268 30.85 18.69 8.08
C THR A 268 29.52 17.98 8.23
N VAL A 269 29.56 16.65 8.25
CA VAL A 269 28.42 15.79 8.41
C VAL A 269 27.77 16.04 9.78
N LEU A 270 28.63 16.30 10.79
CA LEU A 270 28.17 16.62 12.13
C LEU A 270 28.86 17.92 12.59
N ASP A 271 28.28 18.62 13.57
CA ASP A 271 28.98 19.70 14.27
C ASP A 271 29.98 19.05 15.24
N TYR A 272 31.18 18.75 14.75
CA TYR A 272 32.12 17.95 15.54
C TYR A 272 32.59 18.74 16.77
N ASP A 273 32.64 20.07 16.73
CA ASP A 273 32.99 20.81 17.94
C ASP A 273 31.95 20.58 19.04
N LYS A 274 30.65 20.63 18.70
CA LYS A 274 29.62 20.33 19.66
C LYS A 274 29.78 18.91 20.19
N TRP A 275 30.01 17.95 19.27
CA TRP A 275 30.17 16.54 19.66
C TRP A 275 31.37 16.39 20.59
N GLY A 276 32.35 17.26 20.41
CA GLY A 276 33.54 17.29 21.24
C GLY A 276 33.22 17.51 22.73
N HIS A 277 32.03 18.01 23.05
CA HIS A 277 31.68 18.23 24.44
C HIS A 277 31.16 16.95 25.10
N ASP A 278 30.98 15.84 24.36
CA ASP A 278 30.34 14.65 24.91
C ASP A 278 31.22 13.41 24.92
N VAL A 279 32.45 13.52 24.39
CA VAL A 279 33.44 12.47 24.45
C VAL A 279 34.39 12.73 25.62
N ASP A 280 34.88 11.67 26.29
CA ASP A 280 35.86 11.80 27.34
C ASP A 280 37.17 12.32 26.76
N PHE A 281 37.53 11.79 25.58
CA PHE A 281 38.65 12.26 24.79
C PHE A 281 38.30 12.25 23.31
N VAL A 282 38.78 13.25 22.58
CA VAL A 282 38.53 13.35 21.17
C VAL A 282 39.33 12.26 20.44
N SER A 283 38.66 11.57 19.50
CA SER A 283 39.28 10.59 18.61
C SER A 283 38.84 10.91 17.19
N ASN A 284 39.75 10.75 16.20
CA ASN A 284 39.48 11.18 14.84
C ASN A 284 39.99 10.19 13.79
N ASP A 285 39.23 10.13 12.67
CA ASP A 285 39.57 9.45 11.43
C ASP A 285 39.94 10.49 10.38
N HIS A 286 41.14 10.41 9.80
CA HIS A 286 41.48 11.32 8.72
C HIS A 286 42.34 10.57 7.69
N TYR A 287 42.04 10.82 6.40
CA TYR A 287 42.67 10.16 5.26
C TYR A 287 43.18 11.24 4.33
N PHE A 288 44.39 11.02 3.80
CA PHE A 288 45.05 12.04 3.01
C PHE A 288 44.19 12.54 1.86
N SER A 289 44.35 13.84 1.61
CA SER A 289 43.84 14.50 0.44
C SER A 289 44.81 14.30 -0.73
N PRO A 290 44.37 13.72 -1.86
CA PRO A 290 45.27 13.46 -2.98
C PRO A 290 45.90 14.70 -3.61
N GLY A 291 47.15 14.54 -4.06
CA GLY A 291 47.86 15.59 -4.74
C GLY A 291 48.62 16.51 -3.77
N GLU A 292 48.80 17.74 -4.23
CA GLU A 292 49.61 18.77 -3.61
C GLU A 292 49.10 19.13 -2.22
N ALA A 293 47.79 19.09 -2.00
CA ALA A 293 47.22 19.45 -0.73
C ALA A 293 47.47 18.40 0.36
N HIS A 294 48.06 17.23 0.03
CA HIS A 294 48.19 16.14 0.99
C HIS A 294 48.70 16.59 2.36
N PHE A 295 49.91 17.17 2.38
CA PHE A 295 50.56 17.46 3.66
C PHE A 295 49.79 18.57 4.41
N ASP A 296 49.57 19.72 3.78
CA ASP A 296 49.01 20.89 4.42
C ASP A 296 47.60 20.61 4.96
N GLU A 297 46.72 19.98 4.16
CA GLU A 297 45.35 19.74 4.58
C GLU A 297 45.36 18.77 5.75
N MET A 298 46.36 17.86 5.81
CA MET A 298 46.42 16.92 6.92
C MET A 298 46.87 17.66 8.19
N ALA A 299 47.85 18.57 8.04
CA ALA A 299 48.33 19.35 9.18
C ALA A 299 47.18 20.20 9.74
N TYR A 300 46.42 20.80 8.82
CA TYR A 300 45.24 21.61 9.13
C TYR A 300 44.14 20.82 9.84
N ALA A 301 43.82 19.64 9.35
CA ALA A 301 42.78 18.81 9.94
C ALA A 301 43.16 18.37 11.35
N ALA A 302 44.43 18.02 11.52
CA ALA A 302 44.94 17.62 12.81
C ALA A 302 44.94 18.82 13.77
N CYS A 303 45.25 20.01 13.24
CA CYS A 303 45.18 21.25 14.01
C CYS A 303 43.75 21.58 14.50
N LEU A 304 42.77 21.48 13.55
CA LEU A 304 41.36 21.60 13.91
C LEU A 304 40.99 20.57 14.98
N THR A 305 41.42 19.32 14.82
CA THR A 305 41.11 18.32 15.83
C THR A 305 41.61 18.78 17.20
N ASP A 306 42.86 19.31 17.25
CA ASP A 306 43.43 19.78 18.50
C ASP A 306 42.55 20.89 19.08
N GLY A 307 42.15 21.86 18.26
CA GLY A 307 41.25 22.94 18.62
C GLY A 307 39.91 22.47 19.23
N ILE A 308 39.32 21.43 18.62
CA ILE A 308 38.11 20.77 19.10
C ILE A 308 38.40 20.10 20.45
N ALA A 309 39.63 19.60 20.59
CA ALA A 309 40.09 19.00 21.85
C ALA A 309 40.44 20.06 22.91
N ARG A 310 40.40 21.36 22.56
CA ARG A 310 40.78 22.48 23.43
C ARG A 310 42.18 22.25 24.02
N LYS A 311 43.09 21.75 23.14
CA LYS A 311 44.51 21.49 23.38
C LYS A 311 44.76 20.37 24.38
N ASN A 312 43.75 19.61 24.77
CA ASN A 312 44.05 18.37 25.46
C ASN A 312 44.63 17.35 24.46
N PRO A 313 45.40 16.32 24.90
CA PRO A 313 45.83 15.24 24.01
C PRO A 313 44.58 14.61 23.36
N TRP A 314 44.76 14.14 22.12
CA TRP A 314 43.69 13.48 21.38
C TRP A 314 44.21 12.21 20.70
N PHE A 315 43.27 11.45 20.11
CA PHE A 315 43.54 10.09 19.68
C PHE A 315 43.29 9.96 18.18
N LEU A 316 44.32 9.61 17.43
CA LEU A 316 44.16 9.33 16.00
C LEU A 316 43.70 7.89 15.85
N MET A 317 42.39 7.77 15.67
CA MET A 317 41.76 6.46 15.63
C MET A 317 42.00 5.78 14.28
N ALA A 318 42.11 6.57 13.20
CA ALA A 318 42.33 5.99 11.89
C ALA A 318 42.98 6.94 10.93
N HIS A 319 43.82 6.34 10.07
CA HIS A 319 44.37 6.90 8.86
C HIS A 319 44.86 5.69 8.02
N SER A 320 45.45 5.94 6.86
CA SER A 320 45.88 4.83 5.99
C SER A 320 47.42 4.75 5.89
N THR A 321 47.95 3.52 5.92
CA THR A 321 49.33 3.22 5.55
C THR A 321 49.66 3.59 4.09
N SER A 322 48.72 3.33 3.17
CA SER A 322 48.83 3.79 1.80
C SER A 322 47.44 4.11 1.22
N ALA A 323 47.03 3.47 0.12
CA ALA A 323 45.77 3.79 -0.54
C ALA A 323 44.57 3.40 0.32
N VAL A 324 43.51 4.17 0.17
CA VAL A 324 42.16 3.78 0.58
C VAL A 324 41.47 3.01 -0.57
N ASN A 325 40.18 2.65 -0.35
CA ASN A 325 39.33 1.90 -1.28
C ASN A 325 38.23 2.75 -1.91
N TRP A 326 37.97 3.96 -1.37
CA TRP A 326 36.69 4.60 -1.62
C TRP A 326 36.79 5.81 -2.51
N ARG A 327 37.93 6.11 -3.11
CA ARG A 327 37.97 7.19 -4.08
C ARG A 327 37.76 6.62 -5.49
N PRO A 328 37.43 7.46 -6.49
CA PRO A 328 37.42 7.02 -7.89
C PRO A 328 38.78 6.49 -8.39
N THR A 329 39.86 7.15 -7.94
CA THR A 329 41.26 6.78 -8.20
C THR A 329 42.04 6.75 -6.88
N ASN A 330 42.33 5.55 -6.35
CA ASN A 330 42.96 5.39 -5.04
C ASN A 330 44.50 5.45 -5.13
N TYR A 331 45.04 6.66 -5.31
CA TYR A 331 46.48 6.93 -5.20
C TYR A 331 47.14 6.28 -3.98
N ARG A 332 48.41 5.90 -4.15
CA ARG A 332 49.17 5.30 -3.06
C ARG A 332 49.98 6.41 -2.37
N LEU A 333 50.48 6.08 -1.19
CA LEU A 333 51.46 6.94 -0.50
C LEU A 333 52.85 6.74 -1.09
N GLU A 334 53.59 7.86 -1.20
CA GLU A 334 54.99 7.87 -1.63
C GLU A 334 55.92 7.47 -0.48
N PRO A 335 57.19 7.13 -0.79
CA PRO A 335 58.16 6.74 0.24
C PRO A 335 58.30 7.81 1.32
N GLY A 336 58.29 7.36 2.56
CA GLY A 336 58.45 8.23 3.72
C GLY A 336 57.12 8.82 4.24
N GLU A 337 56.01 8.69 3.48
CA GLU A 337 54.79 9.41 3.84
C GLU A 337 54.11 8.68 5.00
N LEU A 338 54.32 7.37 5.12
CA LEU A 338 53.67 6.65 6.20
C LEU A 338 54.16 7.22 7.53
N VAL A 339 55.48 7.26 7.72
CA VAL A 339 56.03 7.83 8.94
C VAL A 339 55.67 9.29 9.10
N ARG A 340 55.83 10.10 8.06
CA ARG A 340 55.64 11.54 8.17
C ARG A 340 54.20 11.90 8.55
N ASP A 341 53.24 11.27 7.86
CA ASP A 341 51.83 11.49 8.11
C ASP A 341 51.51 11.21 9.57
N SER A 342 51.92 10.05 10.11
CA SER A 342 51.67 9.76 11.51
C SER A 342 52.30 10.81 12.45
N LEU A 343 53.54 11.26 12.12
CA LEU A 343 54.21 12.25 12.96
C LEU A 343 53.53 13.62 12.84
N ALA A 344 52.80 13.89 11.73
CA ALA A 344 52.12 15.16 11.58
C ALA A 344 50.93 15.24 12.53
N HIS A 345 50.19 14.14 12.69
CA HIS A 345 49.13 14.10 13.71
C HIS A 345 49.75 14.20 15.12
N LEU A 346 50.87 13.50 15.33
CA LEU A 346 51.55 13.50 16.64
C LEU A 346 51.99 14.93 17.00
N ALA A 347 52.52 15.63 15.99
CA ALA A 347 52.97 17.01 16.16
C ALA A 347 51.84 17.95 16.61
N MET A 348 50.65 17.72 16.07
CA MET A 348 49.53 18.60 16.37
C MET A 348 48.75 18.13 17.60
N GLY A 349 49.24 17.13 18.34
CA GLY A 349 48.73 16.93 19.68
C GLY A 349 48.36 15.50 20.04
N ALA A 350 48.39 14.58 19.07
CA ALA A 350 47.91 13.25 19.37
C ALA A 350 48.88 12.51 20.29
N ASP A 351 48.33 11.73 21.21
CA ASP A 351 49.06 10.79 22.05
C ASP A 351 48.64 9.36 21.75
N ALA A 352 47.99 9.15 20.61
CA ALA A 352 47.70 7.83 20.07
C ALA A 352 47.67 7.91 18.54
N ILE A 353 48.27 6.89 17.91
CA ILE A 353 48.43 6.82 16.45
C ILE A 353 47.93 5.46 16.00
N CYS A 354 46.73 5.42 15.39
CA CYS A 354 46.14 4.17 14.95
C CYS A 354 45.68 4.25 13.48
N TYR A 355 45.65 3.06 12.88
CA TYR A 355 45.40 2.85 11.47
C TYR A 355 44.07 2.12 11.29
N PHE A 356 43.35 2.45 10.20
CA PHE A 356 42.46 1.45 9.62
C PHE A 356 43.26 0.74 8.52
N GLN A 357 43.61 -0.55 8.67
CA GLN A 357 43.37 -1.46 9.79
C GLN A 357 44.61 -2.32 9.93
N TRP A 358 44.63 -3.30 10.87
CA TRP A 358 45.80 -4.12 11.14
C TRP A 358 46.18 -5.00 9.93
N ARG A 359 45.22 -5.80 9.42
CA ARG A 359 45.52 -6.75 8.37
C ARG A 359 44.56 -6.57 7.21
N GLN A 360 45.11 -6.50 5.98
CA GLN A 360 44.30 -6.17 4.82
C GLN A 360 43.31 -7.30 4.59
N SER A 361 42.00 -6.95 4.50
CA SER A 361 40.93 -7.89 4.23
C SER A 361 41.17 -8.50 2.83
N LYS A 362 40.92 -9.81 2.70
CA LYS A 362 41.05 -10.51 1.42
C LYS A 362 39.73 -10.57 0.66
N ALA A 363 38.63 -10.20 1.33
CA ALA A 363 37.28 -10.19 0.76
C ALA A 363 36.45 -9.05 1.38
N GLY A 364 35.38 -8.67 0.69
CA GLY A 364 34.50 -7.59 1.11
C GLY A 364 34.87 -6.28 0.44
N ALA A 365 34.11 -5.23 0.75
CA ALA A 365 34.17 -3.97 0.01
C ALA A 365 35.41 -3.13 0.35
N GLU A 366 36.12 -3.52 1.42
CA GLU A 366 37.35 -2.81 1.78
C GLU A 366 38.59 -3.70 1.54
N LYS A 367 38.49 -4.69 0.66
CA LYS A 367 39.62 -5.55 0.38
C LYS A 367 40.78 -4.76 -0.25
N TRP A 368 40.52 -3.66 -0.97
CA TRP A 368 41.57 -2.87 -1.60
C TRP A 368 42.08 -1.69 -0.77
N HIS A 369 41.58 -1.54 0.47
CA HIS A 369 42.11 -0.52 1.38
C HIS A 369 43.39 -1.04 2.02
N SER A 370 44.42 -0.17 2.08
CA SER A 370 45.70 -0.53 2.68
C SER A 370 45.56 -0.91 4.16
N ALA A 371 46.55 -1.67 4.63
CA ALA A 371 46.59 -2.09 6.01
C ALA A 371 48.03 -2.01 6.56
N MET A 372 48.20 -2.43 7.82
CA MET A 372 49.54 -2.43 8.41
C MET A 372 50.29 -3.70 7.95
N VAL A 373 49.53 -4.77 7.70
CA VAL A 373 50.00 -6.02 7.12
C VAL A 373 49.29 -6.21 5.77
N PRO A 374 49.90 -5.76 4.65
CA PRO A 374 49.26 -5.84 3.33
C PRO A 374 48.94 -7.28 2.94
N HIS A 375 48.13 -7.44 1.88
CA HIS A 375 47.96 -8.71 1.21
C HIS A 375 49.33 -9.36 1.02
N ALA A 376 50.30 -8.56 0.54
CA ALA A 376 51.69 -9.01 0.35
C ALA A 376 52.30 -9.64 1.60
N GLY A 377 51.87 -9.20 2.78
CA GLY A 377 52.30 -9.79 4.04
C GLY A 377 53.43 -8.99 4.70
N PRO A 378 54.02 -9.53 5.78
CA PRO A 378 55.06 -8.84 6.56
C PRO A 378 56.36 -8.54 5.82
N ASP A 379 56.68 -9.33 4.78
CA ASP A 379 57.79 -9.00 3.90
C ASP A 379 57.38 -7.94 2.88
N SER A 380 57.29 -6.71 3.37
CA SER A 380 56.81 -5.59 2.58
C SER A 380 57.40 -4.30 3.11
N GLN A 381 57.51 -3.28 2.25
CA GLN A 381 57.94 -1.97 2.67
C GLN A 381 56.97 -1.39 3.70
N ILE A 382 55.64 -1.54 3.47
CA ILE A 382 54.69 -0.96 4.42
C ILE A 382 54.93 -1.58 5.79
N PHE A 383 55.09 -2.91 5.91
CA PHE A 383 55.24 -3.45 7.24
C PHE A 383 56.57 -2.97 7.89
N ARG A 384 57.64 -2.84 7.09
CA ARG A 384 58.91 -2.33 7.63
C ARG A 384 58.71 -0.90 8.16
N ASP A 385 57.97 -0.07 7.39
CA ASP A 385 57.71 1.30 7.76
C ASP A 385 56.84 1.35 9.03
N VAL A 386 55.87 0.46 9.13
CA VAL A 386 55.08 0.28 10.34
C VAL A 386 55.95 -0.01 11.57
N CYS A 387 56.95 -0.88 11.41
CA CYS A 387 57.82 -1.28 12.51
C CYS A 387 58.73 -0.14 12.93
N GLU A 388 59.21 0.63 11.94
CA GLU A 388 60.05 1.79 12.20
C GLU A 388 59.29 2.86 13.00
N LEU A 389 58.06 3.19 12.57
CA LEU A 389 57.19 4.12 13.28
C LEU A 389 56.98 3.65 14.72
N GLY A 390 56.70 2.37 14.93
CA GLY A 390 56.62 1.79 16.27
C GLY A 390 57.82 2.14 17.16
N ALA A 391 59.04 1.99 16.59
CA ALA A 391 60.26 2.31 17.32
C ALA A 391 60.34 3.81 17.56
N ASP A 392 60.02 4.66 16.59
CA ASP A 392 60.04 6.10 16.79
C ASP A 392 59.10 6.55 17.91
N LEU A 393 57.92 5.93 18.04
CA LEU A 393 56.92 6.34 19.04
C LEU A 393 57.38 5.93 20.44
N ASN A 394 57.96 4.72 20.55
CA ASN A 394 58.54 4.27 21.80
C ASN A 394 59.60 5.28 22.29
N LYS A 395 60.44 5.76 21.37
CA LYS A 395 61.53 6.68 21.66
C LYS A 395 60.97 8.04 22.11
N LEU A 396 60.01 8.57 21.36
CA LEU A 396 59.46 9.87 21.69
C LEU A 396 58.71 9.85 23.03
N ALA A 397 58.10 8.74 23.42
CA ALA A 397 57.52 8.60 24.75
C ALA A 397 58.61 8.58 25.82
N ASP A 398 59.69 7.82 25.57
CA ASP A 398 60.81 7.71 26.49
C ASP A 398 61.35 9.09 26.87
N GLU A 399 61.32 10.00 25.90
CA GLU A 399 61.90 11.31 26.01
C GLU A 399 60.92 12.35 26.52
N GLY A 400 59.69 11.95 26.90
CA GLY A 400 58.76 12.83 27.61
C GLY A 400 57.71 13.55 26.72
N LEU A 401 57.31 13.00 25.56
CA LEU A 401 56.37 13.76 24.71
C LEU A 401 54.94 13.74 25.28
N LEU A 402 54.59 12.68 26.01
CA LEU A 402 53.23 12.42 26.45
C LEU A 402 52.71 13.56 27.33
N SER A 403 51.46 13.96 27.07
CA SER A 403 50.71 15.02 27.76
C SER A 403 51.22 16.42 27.43
N THR A 404 52.29 16.55 26.66
CA THR A 404 52.61 17.87 26.14
C THR A 404 51.46 18.34 25.27
N LYS A 405 51.40 19.64 25.02
CA LYS A 405 50.30 20.21 24.28
C LYS A 405 50.85 21.05 23.15
N LEU A 406 50.05 21.13 22.09
CA LEU A 406 50.33 21.97 20.95
C LEU A 406 50.43 23.41 21.43
N VAL A 407 51.58 24.04 21.20
CA VAL A 407 51.79 25.37 21.75
C VAL A 407 50.80 26.34 21.10
N LYS A 408 50.43 27.38 21.86
CA LYS A 408 49.48 28.34 21.37
C LYS A 408 50.10 29.24 20.31
N SER A 409 49.41 29.38 19.18
CA SER A 409 49.87 30.19 18.06
C SER A 409 49.60 31.65 18.36
N LYS A 410 50.20 32.52 17.52
CA LYS A 410 49.83 33.92 17.43
C LYS A 410 48.49 34.13 16.74
N VAL A 411 48.09 33.19 15.85
CA VAL A 411 46.89 33.36 15.06
C VAL A 411 45.89 32.24 15.34
N ALA A 412 44.60 32.61 15.47
CA ALA A 412 43.47 31.68 15.47
C ALA A 412 42.64 31.86 14.21
N ILE A 413 42.50 30.76 13.44
CA ILE A 413 41.60 30.66 12.31
C ILE A 413 40.29 30.04 12.80
N VAL A 414 39.20 30.80 12.64
CA VAL A 414 37.92 30.40 13.18
C VAL A 414 37.18 29.52 12.15
N PHE A 415 36.73 28.35 12.64
CA PHE A 415 35.90 27.40 11.92
C PHE A 415 34.54 27.22 12.58
N ASP A 416 33.51 27.14 11.76
CA ASP A 416 32.14 26.98 12.26
C ASP A 416 31.36 26.03 11.34
N TYR A 417 31.06 24.83 11.84
CA TYR A 417 30.27 23.85 11.12
C TYR A 417 28.97 24.46 10.59
N GLU A 418 28.29 25.28 11.41
CA GLU A 418 26.99 25.81 11.02
C GLU A 418 27.13 26.85 9.90
N SER A 419 28.26 27.55 9.86
CA SER A 419 28.52 28.49 8.76
C SER A 419 28.72 27.71 7.46
N GLN A 420 29.32 26.52 7.53
CA GLN A 420 29.47 25.69 6.34
C GLN A 420 28.07 25.34 5.82
N TRP A 421 27.22 24.79 6.70
CA TRP A 421 25.84 24.47 6.37
C TRP A 421 25.12 25.64 5.67
N ALA A 422 25.25 26.85 6.21
CA ALA A 422 24.54 28.02 5.67
C ALA A 422 25.00 28.31 4.24
N THR A 423 26.28 28.04 3.93
CA THR A 423 26.81 28.31 2.60
C THR A 423 26.41 27.22 1.60
N GLU A 424 25.92 26.07 2.09
CA GLU A 424 25.45 24.96 1.26
C GLU A 424 24.09 25.16 0.56
N HIS A 425 23.31 26.21 0.84
CA HIS A 425 22.02 26.39 0.17
C HIS A 425 22.24 26.61 -1.33
N THR A 426 21.26 26.21 -2.14
CA THR A 426 21.44 26.17 -3.58
C THR A 426 21.09 27.52 -4.22
N ALA A 427 20.61 28.50 -3.42
CA ALA A 427 20.31 29.83 -3.98
C ALA A 427 21.17 30.90 -3.30
N THR A 428 22.42 30.54 -2.92
CA THR A 428 23.39 31.52 -2.44
C THR A 428 23.91 32.34 -3.63
N PRO A 429 24.72 33.40 -3.40
CA PRO A 429 25.26 34.17 -4.53
C PRO A 429 26.09 33.32 -5.50
N THR A 430 26.67 32.20 -5.03
CA THR A 430 27.38 31.27 -5.91
C THR A 430 27.70 29.96 -5.19
N GLN A 431 27.45 28.83 -5.88
CA GLN A 431 27.76 27.50 -5.36
C GLN A 431 29.26 27.25 -5.26
N GLU A 432 30.05 28.13 -5.89
CA GLU A 432 31.49 28.02 -5.89
C GLU A 432 32.08 28.44 -4.53
N VAL A 433 31.32 29.11 -3.68
CA VAL A 433 31.88 29.59 -2.43
C VAL A 433 31.20 28.83 -1.31
N ARG A 434 32.01 28.08 -0.57
CA ARG A 434 31.57 27.46 0.68
C ARG A 434 32.47 27.96 1.82
N HIS A 435 32.00 27.91 3.07
CA HIS A 435 32.85 28.30 4.20
C HIS A 435 34.20 27.58 4.19
N TRP A 436 34.20 26.26 3.92
CA TRP A 436 35.27 25.40 4.43
C TRP A 436 36.62 25.66 3.77
N THR A 437 36.64 26.20 2.53
CA THR A 437 37.88 26.34 1.79
C THR A 437 38.76 27.49 2.32
N GLU A 438 38.14 28.57 2.82
CA GLU A 438 38.86 29.78 3.17
C GLU A 438 39.76 29.54 4.39
N PRO A 439 39.33 28.91 5.50
CA PRO A 439 40.25 28.66 6.60
C PRO A 439 41.46 27.83 6.20
N LEU A 440 41.27 26.83 5.32
CA LEU A 440 42.41 26.07 4.85
C LEU A 440 43.34 26.96 4.03
N ASP A 441 42.79 27.75 3.10
CA ASP A 441 43.58 28.71 2.34
C ASP A 441 44.44 29.58 3.25
N TRP A 442 43.85 30.13 4.33
CA TRP A 442 44.58 30.95 5.29
C TRP A 442 45.69 30.15 6.01
N PHE A 443 45.39 28.94 6.47
CA PHE A 443 46.37 28.12 7.17
C PHE A 443 47.62 27.92 6.29
N ARG A 444 47.41 27.68 5.00
CA ARG A 444 48.49 27.42 4.07
C ARG A 444 49.24 28.71 3.74
N ALA A 445 48.54 29.84 3.57
CA ALA A 445 49.21 31.08 3.20
C ALA A 445 50.02 31.63 4.38
N LEU A 446 49.54 31.37 5.60
CA LEU A 446 50.29 31.77 6.78
C LEU A 446 51.54 30.90 6.93
N ALA A 447 51.42 29.58 6.69
CA ALA A 447 52.60 28.72 6.69
C ALA A 447 53.60 29.21 5.65
N ASP A 448 53.12 29.67 4.49
CA ASP A 448 53.99 30.25 3.48
C ASP A 448 54.76 31.46 4.01
N ASN A 449 54.21 32.17 5.01
CA ASN A 449 54.83 33.35 5.61
C ASN A 449 55.52 33.00 6.92
N GLY A 450 55.69 31.71 7.20
CA GLY A 450 56.46 31.25 8.32
C GLY A 450 55.73 31.22 9.66
N LEU A 451 54.38 31.21 9.61
CA LEU A 451 53.53 31.16 10.80
C LEU A 451 52.62 29.92 10.75
N THR A 452 52.68 29.09 11.79
CA THR A 452 51.76 28.00 12.00
C THR A 452 50.57 28.48 12.83
N ALA A 453 49.38 28.58 12.20
CA ALA A 453 48.17 29.04 12.88
C ALA A 453 47.59 27.93 13.74
N ASP A 454 46.83 28.32 14.78
CA ASP A 454 45.94 27.39 15.45
C ASP A 454 44.60 27.47 14.69
N VAL A 455 43.86 26.37 14.67
CA VAL A 455 42.51 26.38 14.09
C VAL A 455 41.52 26.15 15.21
N VAL A 456 40.63 27.13 15.39
CA VAL A 456 39.83 27.23 16.61
C VAL A 456 38.33 27.29 16.26
N PRO A 457 37.54 26.33 16.75
CA PRO A 457 36.08 26.35 16.56
C PRO A 457 35.52 27.65 17.14
N VAL A 458 34.42 28.12 16.57
CA VAL A 458 33.85 29.40 16.93
C VAL A 458 33.43 29.45 18.39
N ARG A 459 33.07 28.30 19.02
CA ARG A 459 32.75 28.33 20.43
C ARG A 459 33.99 28.46 21.31
N GLY A 460 35.17 28.17 20.77
CA GLY A 460 36.37 28.13 21.60
C GLY A 460 37.03 29.49 21.76
N PRO A 461 38.21 29.52 22.40
CA PRO A 461 38.79 30.79 22.83
C PRO A 461 39.63 31.58 21.83
N TRP A 462 39.12 31.73 20.60
CA TRP A 462 39.84 32.51 19.61
C TRP A 462 40.14 33.93 20.13
N ASP A 463 39.27 34.48 20.99
CA ASP A 463 39.37 35.87 21.39
C ASP A 463 40.47 36.09 22.44
N GLU A 464 41.21 35.04 22.81
CA GLU A 464 42.41 35.14 23.63
C GLU A 464 43.70 35.17 22.81
N TYR A 465 43.62 35.20 21.48
CA TYR A 465 44.76 35.13 20.60
C TYR A 465 45.14 36.54 20.16
N GLU A 466 46.39 36.70 19.72
CA GLU A 466 46.95 37.98 19.35
C GLU A 466 46.30 38.45 18.06
N ALA A 467 45.91 37.48 17.23
CA ALA A 467 45.34 37.72 15.92
C ALA A 467 44.33 36.61 15.60
N VAL A 468 43.29 36.96 14.85
CA VAL A 468 42.15 36.09 14.58
C VAL A 468 41.76 36.26 13.12
N VAL A 469 41.47 35.14 12.44
CA VAL A 469 40.90 35.21 11.10
C VAL A 469 39.44 34.72 11.13
N LEU A 470 38.57 35.52 10.51
CA LEU A 470 37.19 35.13 10.17
C LEU A 470 37.13 34.83 8.68
N PRO A 471 37.23 33.52 8.32
CA PRO A 471 37.37 33.12 6.93
C PRO A 471 36.06 32.61 6.32
N SER A 472 35.48 33.43 5.42
CA SER A 472 34.14 33.22 4.87
C SER A 472 33.18 32.67 5.95
N LEU A 473 33.15 33.33 7.11
CA LEU A 473 32.36 32.90 8.25
C LEU A 473 30.96 33.53 8.11
N ALA A 474 30.13 32.88 7.29
CA ALA A 474 28.86 33.41 6.82
C ALA A 474 27.92 33.84 7.95
N ILE A 475 27.82 33.02 9.02
CA ILE A 475 27.00 33.33 10.18
C ILE A 475 27.82 34.15 11.19
N LEU A 476 27.24 35.28 11.62
CA LEU A 476 27.58 35.95 12.87
C LEU A 476 26.30 36.23 13.65
N SER A 477 26.11 35.45 14.72
CA SER A 477 25.04 35.67 15.66
C SER A 477 25.25 36.99 16.41
N GLU A 478 24.24 37.38 17.20
CA GLU A 478 24.38 38.55 18.06
C GLU A 478 25.58 38.35 19.01
N GLN A 479 25.67 37.16 19.61
CA GLN A 479 26.69 36.88 20.58
C GLN A 479 28.08 36.90 19.94
N THR A 480 28.22 36.30 18.75
CA THR A 480 29.51 36.26 18.11
C THR A 480 29.88 37.66 17.63
N THR A 481 28.90 38.43 17.14
CA THR A 481 29.15 39.81 16.72
C THR A 481 29.75 40.61 17.89
N ARG A 482 29.22 40.41 19.11
CA ARG A 482 29.66 41.12 20.31
C ARG A 482 31.08 40.69 20.69
N ARG A 483 31.39 39.40 20.61
CA ARG A 483 32.73 38.90 20.88
C ARG A 483 33.75 39.50 19.90
N VAL A 484 33.36 39.64 18.63
CA VAL A 484 34.21 40.21 17.61
C VAL A 484 34.46 41.70 17.89
N ARG A 485 33.40 42.46 18.17
CA ARG A 485 33.54 43.89 18.44
C ARG A 485 34.48 44.14 19.62
N GLU A 486 34.30 43.39 20.74
CA GLU A 486 35.08 43.61 21.93
C GLU A 486 36.52 43.16 21.70
N TYR A 487 36.71 42.09 20.91
CA TYR A 487 38.04 41.57 20.62
C TYR A 487 38.88 42.68 20.00
N VAL A 488 38.38 43.32 18.94
CA VAL A 488 39.11 44.35 18.24
C VAL A 488 39.25 45.57 19.16
N ALA A 489 38.16 46.06 19.76
CA ALA A 489 38.23 47.24 20.61
C ALA A 489 39.37 47.17 21.64
N ASN A 490 39.56 46.01 22.29
CA ASN A 490 40.50 45.84 23.38
C ASN A 490 41.92 45.41 22.95
N GLY A 491 42.30 45.56 21.67
CA GLY A 491 43.67 45.32 21.24
C GLY A 491 43.84 44.18 20.22
N GLY A 492 42.77 43.45 19.89
CA GLY A 492 42.87 42.35 18.93
C GLY A 492 43.23 42.83 17.53
N LYS A 493 43.81 41.90 16.73
CA LYS A 493 44.09 42.14 15.33
C LYS A 493 43.29 41.10 14.54
N LEU A 494 42.39 41.59 13.70
CA LEU A 494 41.39 40.73 13.08
C LEU A 494 41.54 40.80 11.57
N PHE A 495 41.47 39.62 10.97
CA PHE A 495 41.30 39.48 9.54
C PHE A 495 39.86 39.01 9.24
N VAL A 496 39.20 39.70 8.32
CA VAL A 496 37.84 39.35 7.90
C VAL A 496 37.83 39.19 6.39
N THR A 497 37.08 38.21 5.85
CA THR A 497 36.97 38.07 4.39
C THR A 497 35.53 38.19 3.87
N TYR A 498 35.43 38.40 2.55
CA TYR A 498 34.23 38.11 1.76
C TYR A 498 33.51 36.89 2.36
N TYR A 499 32.16 36.98 2.33
CA TYR A 499 31.25 35.93 2.74
C TYR A 499 31.26 35.74 4.27
N THR A 500 31.76 36.76 5.00
CA THR A 500 31.69 36.76 6.45
C THR A 500 30.51 37.62 6.94
N GLY A 501 29.83 37.10 7.96
CA GLY A 501 28.75 37.82 8.62
C GLY A 501 27.61 38.28 7.70
N LEU A 502 27.25 37.44 6.73
CA LEU A 502 26.13 37.73 5.85
C LEU A 502 24.81 37.64 6.62
N VAL A 503 24.71 36.65 7.53
CA VAL A 503 23.46 36.27 8.13
C VAL A 503 23.66 36.08 9.64
N ASP A 504 22.56 36.07 10.37
CA ASP A 504 22.54 35.67 11.77
C ASP A 504 22.32 34.17 11.85
N ASP A 505 22.13 33.64 13.06
CA ASP A 505 21.98 32.21 13.24
C ASP A 505 20.58 31.66 12.87
N ARG A 506 19.65 32.51 12.41
CA ARG A 506 18.40 32.03 11.83
C ARG A 506 18.48 32.04 10.30
N ASP A 507 19.65 32.42 9.75
CA ASP A 507 19.87 32.60 8.31
C ASP A 507 19.15 33.83 7.77
N HIS A 508 18.86 34.80 8.66
CA HIS A 508 18.38 36.10 8.20
C HIS A 508 19.55 37.01 7.84
N VAL A 509 19.43 37.73 6.72
CA VAL A 509 20.45 38.66 6.28
C VAL A 509 20.52 39.87 7.20
N TRP A 510 21.73 40.23 7.66
CA TRP A 510 21.97 41.49 8.33
C TRP A 510 21.90 42.62 7.30
N LEU A 511 21.02 43.61 7.54
CA LEU A 511 20.70 44.62 6.55
C LEU A 511 21.59 45.86 6.67
N GLY A 512 21.46 46.74 5.67
CA GLY A 512 22.08 48.05 5.70
C GLY A 512 23.45 48.10 5.01
N GLY A 513 23.90 46.97 4.44
CA GLY A 513 25.25 46.84 3.86
C GLY A 513 26.03 45.70 4.50
N TYR A 514 26.68 44.87 3.68
CA TYR A 514 27.45 43.75 4.23
C TYR A 514 28.82 44.24 4.69
N PRO A 515 29.44 43.65 5.74
CA PRO A 515 28.80 42.71 6.66
C PRO A 515 28.04 43.45 7.77
N GLY A 516 26.73 43.21 7.82
CA GLY A 516 25.78 44.17 8.38
C GLY A 516 25.82 44.28 9.90
N SER A 517 26.35 43.28 10.60
CA SER A 517 26.48 43.30 12.03
C SER A 517 27.82 43.92 12.49
N ILE A 518 28.83 44.06 11.61
CA ILE A 518 30.14 44.57 12.02
C ILE A 518 30.70 45.63 11.05
N ARG A 519 29.88 46.44 10.37
CA ARG A 519 30.45 47.43 9.47
C ARG A 519 31.37 48.41 10.19
N ASP A 520 31.08 48.72 11.46
CA ASP A 520 31.87 49.65 12.27
C ASP A 520 33.28 49.06 12.49
N VAL A 521 33.35 47.77 12.81
CA VAL A 521 34.60 47.10 13.11
C VAL A 521 35.54 47.08 11.91
N VAL A 522 35.02 46.79 10.70
CA VAL A 522 35.88 46.55 9.55
C VAL A 522 36.02 47.84 8.73
N GLY A 523 35.13 48.81 8.95
CA GLY A 523 35.27 50.14 8.37
C GLY A 523 35.01 50.19 6.87
N VAL A 524 34.20 49.25 6.37
CA VAL A 524 33.82 49.24 4.96
C VAL A 524 32.33 48.97 4.85
N ARG A 525 31.75 49.35 3.71
CA ARG A 525 30.37 49.04 3.41
C ARG A 525 30.30 48.36 2.05
N VAL A 526 29.80 47.11 2.01
CA VAL A 526 29.59 46.38 0.76
C VAL A 526 28.10 46.41 0.40
N GLU A 527 27.79 46.89 -0.82
CA GLU A 527 26.42 47.07 -1.29
C GLU A 527 25.94 45.83 -2.05
N GLU A 528 26.86 45.07 -2.66
CA GLU A 528 26.49 43.90 -3.45
C GLU A 528 27.74 43.08 -3.76
N PHE A 529 27.51 41.95 -4.45
CA PHE A 529 28.55 41.00 -4.78
C PHE A 529 28.71 40.87 -6.28
N ALA A 530 29.90 40.43 -6.69
CA ALA A 530 30.20 40.13 -8.08
C ALA A 530 30.79 38.73 -8.15
N PRO A 531 29.95 37.67 -8.13
CA PRO A 531 30.44 36.32 -8.43
C PRO A 531 31.05 36.29 -9.83
N MET A 532 31.96 35.33 -9.99
CA MET A 532 32.80 35.21 -11.15
C MET A 532 32.89 33.74 -11.53
N GLY A 533 33.10 33.48 -12.81
CA GLY A 533 33.26 32.11 -13.29
C GLY A 533 33.26 32.02 -14.81
N THR A 534 33.13 30.78 -15.32
CA THR A 534 33.22 30.53 -16.76
C THR A 534 32.05 29.67 -17.26
N ASP A 535 30.84 29.89 -16.70
CA ASP A 535 29.62 29.16 -17.02
C ASP A 535 29.13 29.47 -18.44
N ALA A 536 29.45 30.64 -18.96
CA ALA A 536 28.98 31.02 -20.28
C ALA A 536 30.05 31.85 -20.97
N PRO A 537 30.07 31.89 -22.31
CA PRO A 537 31.01 32.76 -23.03
C PRO A 537 30.91 34.20 -22.55
N GLY A 538 32.08 34.78 -22.20
CA GLY A 538 32.20 36.19 -21.92
C GLY A 538 31.85 36.56 -20.47
N THR A 539 31.76 35.56 -19.58
CA THR A 539 31.53 35.84 -18.17
C THR A 539 32.81 36.39 -17.54
N MET A 540 32.66 37.23 -16.51
CA MET A 540 33.81 37.76 -15.80
C MET A 540 34.38 36.63 -14.93
N ASP A 541 35.66 36.26 -15.14
CA ASP A 541 36.22 35.07 -14.50
C ASP A 541 37.39 35.41 -13.55
N HIS A 542 37.82 36.68 -13.51
CA HIS A 542 38.89 37.07 -12.61
C HIS A 542 38.85 38.59 -12.44
N LEU A 543 39.43 39.07 -11.31
CA LEU A 543 39.76 40.46 -11.10
C LEU A 543 41.18 40.59 -10.56
N ASP A 544 41.98 41.45 -11.20
CA ASP A 544 43.35 41.70 -10.79
C ASP A 544 43.35 42.73 -9.67
N LEU A 545 44.29 42.56 -8.75
CA LEU A 545 44.60 43.53 -7.71
C LEU A 545 45.91 44.25 -8.05
N ASP A 546 46.07 45.47 -7.50
CA ASP A 546 47.27 46.29 -7.72
C ASP A 546 48.40 45.90 -6.77
N ASN A 547 48.23 44.83 -5.95
CA ASN A 547 49.35 44.28 -5.21
C ASN A 547 49.92 43.04 -5.93
N GLY A 548 49.59 42.85 -7.22
CA GLY A 548 50.11 41.75 -8.01
C GLY A 548 49.48 40.38 -7.71
N THR A 549 48.23 40.36 -7.18
CA THR A 549 47.48 39.14 -6.94
C THR A 549 46.25 39.16 -7.83
N VAL A 550 45.56 38.01 -7.94
CA VAL A 550 44.35 37.89 -8.77
C VAL A 550 43.22 37.22 -7.99
N ALA A 551 42.03 37.85 -8.03
CA ALA A 551 40.83 37.30 -7.43
C ALA A 551 40.07 36.41 -8.44
N HIS A 552 39.51 35.30 -7.93
CA HIS A 552 38.60 34.43 -8.68
C HIS A 552 37.34 34.13 -7.86
N ASP A 553 36.26 33.71 -8.56
CA ASP A 553 35.05 33.17 -7.94
C ASP A 553 34.17 34.22 -7.25
N PHE A 554 34.75 35.20 -6.56
CA PHE A 554 33.94 36.14 -5.78
C PHE A 554 34.69 37.42 -5.44
N ALA A 555 34.06 38.59 -5.68
CA ALA A 555 34.53 39.87 -5.17
C ALA A 555 33.36 40.68 -4.58
N ASP A 556 33.65 41.42 -3.49
CA ASP A 556 32.76 42.37 -2.87
C ASP A 556 32.80 43.69 -3.66
N VAL A 557 31.66 44.39 -3.70
CA VAL A 557 31.60 45.76 -4.21
C VAL A 557 31.61 46.69 -2.99
N ILE A 558 32.80 47.16 -2.59
CA ILE A 558 32.94 48.06 -1.46
C ILE A 558 32.65 49.47 -1.96
N THR A 559 31.66 50.18 -1.37
CA THR A 559 31.24 51.47 -1.89
C THR A 559 31.55 52.61 -0.91
N SER A 560 31.98 52.30 0.31
CA SER A 560 32.56 53.31 1.17
C SER A 560 33.57 52.70 2.14
N VAL A 561 34.55 53.52 2.53
CA VAL A 561 35.60 53.17 3.48
C VAL A 561 35.58 54.19 4.61
N ALA A 562 35.66 53.75 5.86
CA ALA A 562 35.58 54.66 7.00
C ALA A 562 36.80 55.59 7.04
N ASP A 563 36.65 56.71 7.76
CA ASP A 563 37.72 57.67 7.92
C ASP A 563 38.87 57.05 8.70
N THR A 564 38.56 56.11 9.60
CA THR A 564 39.54 55.42 10.42
C THR A 564 40.25 54.29 9.68
N ALA A 565 39.95 54.11 8.39
CA ALA A 565 40.49 53.00 7.61
C ALA A 565 41.15 53.52 6.34
N HIS A 566 41.94 52.64 5.71
CA HIS A 566 42.59 52.98 4.44
C HIS A 566 42.62 51.75 3.54
N VAL A 567 42.84 52.00 2.25
CA VAL A 567 42.92 50.97 1.24
C VAL A 567 44.36 50.49 1.07
N VAL A 568 44.59 49.18 1.31
CA VAL A 568 45.90 48.56 1.11
C VAL A 568 46.06 48.13 -0.35
N ALA A 569 44.97 47.68 -0.99
CA ALA A 569 44.99 47.25 -2.38
C ALA A 569 43.64 47.51 -3.05
N SER A 570 43.71 47.80 -4.34
CA SER A 570 42.57 48.10 -5.19
C SER A 570 42.57 47.14 -6.37
N PHE A 571 41.38 46.97 -6.97
CA PHE A 571 41.20 46.19 -8.17
C PHE A 571 41.62 47.01 -9.37
N LYS A 572 42.14 46.32 -10.39
CA LYS A 572 42.32 46.89 -11.73
C LYS A 572 41.51 46.04 -12.70
N ALA A 573 40.71 46.69 -13.55
CA ALA A 573 39.84 46.00 -14.48
C ALA A 573 39.43 46.94 -15.61
N ASP A 574 38.80 46.34 -16.63
CA ASP A 574 38.15 47.07 -17.70
C ASP A 574 37.10 48.00 -17.10
N LYS A 575 36.91 49.18 -17.71
CA LYS A 575 36.18 50.25 -17.04
C LYS A 575 34.69 49.88 -16.95
N TRP A 576 34.19 49.17 -17.96
CA TRP A 576 32.78 48.82 -18.00
C TRP A 576 32.37 47.87 -16.86
N THR A 577 33.34 47.21 -16.20
CA THR A 577 32.98 46.28 -15.13
C THR A 577 32.58 47.01 -13.84
N GLY A 578 32.97 48.28 -13.71
CA GLY A 578 32.76 49.05 -12.49
C GLY A 578 33.87 48.86 -11.46
N PHE A 579 34.83 47.97 -11.71
CA PHE A 579 35.78 47.59 -10.66
C PHE A 579 37.11 48.33 -10.72
N ASP A 580 37.36 49.13 -11.78
CA ASP A 580 38.66 49.75 -11.94
C ASP A 580 38.91 50.77 -10.82
N GLY A 581 39.91 50.48 -9.97
CA GLY A 581 40.26 51.37 -8.87
C GLY A 581 39.44 51.10 -7.61
N ALA A 582 38.54 50.10 -7.62
CA ALA A 582 37.67 49.91 -6.47
C ALA A 582 38.46 49.26 -5.34
N PRO A 583 38.12 49.52 -4.05
CA PRO A 583 38.82 48.91 -2.94
C PRO A 583 38.68 47.39 -2.95
N ALA A 584 39.75 46.70 -2.54
CA ALA A 584 39.77 45.24 -2.48
C ALA A 584 40.16 44.74 -1.09
N ILE A 585 41.21 45.37 -0.52
CA ILE A 585 41.74 45.05 0.81
C ILE A 585 41.88 46.35 1.59
N THR A 586 41.54 46.32 2.88
CA THR A 586 41.50 47.53 3.70
C THR A 586 41.92 47.20 5.12
N VAL A 587 42.41 48.24 5.83
CA VAL A 587 42.69 48.09 7.24
C VAL A 587 42.02 49.24 7.98
N ASN A 588 41.45 48.92 9.15
CA ASN A 588 40.70 49.88 9.94
C ASN A 588 41.20 49.86 11.39
N ASP A 589 41.36 51.07 11.96
CA ASP A 589 41.61 51.24 13.38
C ASP A 589 40.27 51.25 14.10
N PHE A 590 40.16 50.38 15.11
CA PHE A 590 38.92 50.28 15.85
C PHE A 590 39.33 50.07 17.29
N GLY A 591 39.01 51.07 18.13
CA GLY A 591 39.45 51.06 19.52
C GLY A 591 40.97 50.96 19.56
N ASP A 592 41.48 50.02 20.37
CA ASP A 592 42.92 49.79 20.45
C ASP A 592 43.38 48.73 19.43
N GLY A 593 42.47 48.22 18.58
CA GLY A 593 42.81 47.12 17.70
C GLY A 593 42.77 47.51 16.22
N LYS A 594 42.96 46.49 15.37
CA LYS A 594 42.89 46.68 13.92
C LYS A 594 42.08 45.53 13.30
N ALA A 595 41.41 45.83 12.19
CA ALA A 595 40.66 44.84 11.43
C ALA A 595 40.97 45.03 9.95
N ALA A 596 41.57 44.00 9.34
CA ALA A 596 41.76 43.98 7.90
C ALA A 596 40.56 43.32 7.24
N TYR A 597 40.10 43.88 6.12
CA TYR A 597 39.03 43.28 5.33
C TYR A 597 39.60 42.85 3.98
N VAL A 598 39.55 41.55 3.70
CA VAL A 598 39.93 41.03 2.39
C VAL A 598 38.67 40.70 1.58
N GLY A 599 38.38 41.52 0.56
CA GLY A 599 37.08 41.52 -0.09
C GLY A 599 37.04 40.78 -1.43
N ALA A 600 37.78 39.67 -1.56
CA ALA A 600 37.72 38.77 -2.71
C ALA A 600 38.41 37.46 -2.36
N ARG A 601 38.11 36.40 -3.13
CA ARG A 601 38.81 35.13 -2.95
C ARG A 601 40.17 35.21 -3.67
N LEU A 602 41.24 35.17 -2.88
CA LEU A 602 42.59 35.34 -3.42
C LEU A 602 43.30 33.99 -3.46
N GLY A 603 42.81 33.00 -2.69
CA GLY A 603 43.40 31.68 -2.71
C GLY A 603 44.71 31.64 -1.94
N ARG A 604 45.24 30.46 -1.69
CA ARG A 604 46.52 30.28 -1.01
C ARG A 604 47.57 31.24 -1.57
N GLU A 605 47.71 31.30 -2.89
CA GLU A 605 48.79 32.07 -3.52
C GLU A 605 48.58 33.57 -3.33
N GLY A 606 47.34 34.06 -3.51
CA GLY A 606 47.05 35.48 -3.41
C GLY A 606 47.11 35.98 -1.96
N LEU A 607 46.74 35.12 -1.01
CA LEU A 607 46.84 35.45 0.39
C LEU A 607 48.29 35.50 0.81
N ALA A 608 49.06 34.47 0.42
CA ALA A 608 50.48 34.37 0.72
C ALA A 608 51.21 35.65 0.31
N LYS A 609 50.90 36.13 -0.89
CA LYS A 609 51.56 37.30 -1.43
C LYS A 609 51.07 38.58 -0.76
N SER A 610 49.77 38.65 -0.43
CA SER A 610 49.18 39.81 0.21
C SER A 610 49.61 39.95 1.67
N LEU A 611 49.91 38.83 2.34
CA LEU A 611 50.00 38.80 3.79
C LEU A 611 51.17 39.63 4.35
N PRO A 612 52.40 39.68 3.76
CA PRO A 612 53.48 40.48 4.37
C PRO A 612 53.04 41.90 4.73
N ALA A 613 52.41 42.60 3.77
CA ALA A 613 51.95 43.96 4.00
C ALA A 613 50.89 44.00 5.10
N LEU A 614 50.01 42.99 5.17
CA LEU A 614 48.95 42.99 6.17
C LEU A 614 49.52 42.68 7.54
N LEU A 615 50.41 41.68 7.63
CA LEU A 615 51.06 41.32 8.88
C LEU A 615 51.85 42.51 9.46
N GLU A 616 52.37 43.39 8.60
CA GLU A 616 53.07 44.59 9.04
C GLU A 616 52.09 45.58 9.67
N GLU A 617 51.00 45.96 8.96
CA GLU A 617 49.99 46.85 9.54
C GLU A 617 49.53 46.35 10.91
N LEU A 618 49.30 45.05 11.05
CA LEU A 618 48.69 44.55 12.27
C LEU A 618 49.75 44.23 13.32
N GLY A 619 51.03 44.47 13.01
CA GLY A 619 52.09 44.26 13.98
C GLY A 619 52.24 42.81 14.41
N ILE A 620 52.02 41.88 13.46
CA ILE A 620 52.26 40.47 13.75
C ILE A 620 53.62 40.10 13.19
N GLU A 621 54.50 39.63 14.07
CA GLU A 621 55.91 39.39 13.75
C GLU A 621 56.06 37.98 13.17
N THR A 622 56.76 37.89 12.04
CA THR A 622 57.16 36.60 11.48
C THR A 622 58.65 36.68 11.08
N SER A 623 59.24 35.51 10.77
CA SER A 623 60.61 35.43 10.29
C SER A 623 60.77 36.25 9.00
N ALA A 624 62.01 36.63 8.68
CA ALA A 624 62.27 37.40 7.47
C ALA A 624 63.08 36.59 6.46
N GLU A 625 63.39 35.33 6.81
CA GLU A 625 64.12 34.42 5.93
C GLU A 625 63.30 34.15 4.68
N ASP A 626 63.98 34.15 3.53
CA ASP A 626 63.36 33.80 2.25
C ASP A 626 62.80 32.39 2.27
N ASP A 627 63.36 31.51 3.11
CA ASP A 627 63.01 30.09 3.11
C ASP A 627 61.91 29.76 4.13
N ARG A 628 61.20 30.77 4.64
CA ARG A 628 60.38 30.57 5.84
C ARG A 628 59.15 29.70 5.55
N GLY A 629 58.77 29.57 4.28
CA GLY A 629 57.60 28.79 3.91
C GLY A 629 57.89 27.34 3.53
N GLU A 630 59.18 26.96 3.45
CA GLU A 630 59.55 25.64 2.96
C GLU A 630 59.26 24.56 4.00
N VAL A 631 59.29 24.94 5.28
CA VAL A 631 59.10 23.97 6.35
C VAL A 631 57.92 24.45 7.20
N LEU A 632 57.17 23.48 7.72
CA LEU A 632 56.18 23.76 8.75
C LEU A 632 56.78 23.32 10.08
N ARG A 633 56.79 24.27 11.02
CA ARG A 633 57.25 24.09 12.38
C ARG A 633 56.04 23.91 13.30
N VAL A 634 56.03 22.82 14.07
CA VAL A 634 54.93 22.52 14.95
C VAL A 634 55.55 22.14 16.28
N GLU A 635 55.17 22.85 17.38
CA GLU A 635 55.78 22.62 18.70
C GLU A 635 54.77 22.11 19.71
N ARG A 636 55.20 21.17 20.56
CA ARG A 636 54.48 20.75 21.74
C ARG A 636 55.34 21.01 22.99
N ALA A 637 54.72 21.42 24.10
CA ALA A 637 55.46 21.72 25.34
C ALA A 637 54.56 21.42 26.52
N ASP A 638 55.18 21.05 27.64
CA ASP A 638 54.45 20.93 28.90
C ASP A 638 54.31 22.33 29.48
N GLU A 639 53.59 22.46 30.59
CA GLU A 639 53.17 23.77 31.06
C GLU A 639 54.39 24.56 31.53
N THR A 640 55.36 23.85 32.15
CA THR A 640 56.65 24.38 32.55
C THR A 640 57.37 25.04 31.38
N GLY A 641 57.48 24.31 30.26
CA GLY A 641 58.48 24.58 29.22
C GLY A 641 59.68 23.63 29.33
N GLU A 642 59.59 22.64 30.22
CA GLU A 642 60.68 21.71 30.53
C GLU A 642 60.87 20.64 29.44
N ASN A 643 59.74 20.21 28.83
CA ASN A 643 59.74 19.23 27.75
C ASN A 643 59.13 19.92 26.54
N HIS A 644 59.97 20.51 25.71
CA HIS A 644 59.55 21.27 24.55
C HIS A 644 60.11 20.54 23.31
N PHE A 645 59.22 20.14 22.39
CA PHE A 645 59.64 19.46 21.17
C PHE A 645 59.28 20.30 19.96
N VAL A 646 60.10 20.23 18.92
CA VAL A 646 59.85 20.91 17.66
C VAL A 646 59.87 19.85 16.54
N PHE A 647 58.80 19.80 15.73
CA PHE A 647 58.67 18.96 14.55
C PHE A 647 58.83 19.86 13.33
N LEU A 648 59.68 19.45 12.36
CA LEU A 648 59.97 20.22 11.16
C LEU A 648 59.67 19.38 9.90
N PHE A 649 58.63 19.76 9.16
CA PHE A 649 58.09 19.02 8.02
C PHE A 649 58.42 19.80 6.75
N ASN A 650 59.09 19.16 5.80
CA ASN A 650 59.27 19.75 4.49
C ASN A 650 57.91 19.75 3.79
N ARG A 651 57.58 20.88 3.18
CA ARG A 651 56.31 21.10 2.51
C ARG A 651 56.53 21.07 0.99
N THR A 652 57.77 20.77 0.56
CA THR A 652 58.16 21.07 -0.81
C THR A 652 58.72 19.82 -1.51
N HIS A 653 59.01 19.99 -2.80
CA HIS A 653 59.67 18.94 -3.59
C HIS A 653 61.18 19.23 -3.74
N ASP A 654 61.71 20.11 -2.88
CA ASP A 654 63.14 20.39 -2.82
C ASP A 654 63.68 19.88 -1.49
N VAL A 655 65.00 19.85 -1.37
CA VAL A 655 65.64 19.54 -0.11
C VAL A 655 65.56 20.81 0.73
N ALA A 656 65.07 20.70 1.96
CA ALA A 656 65.02 21.87 2.83
C ALA A 656 66.12 21.76 3.88
N VAL A 657 66.84 22.87 4.08
CA VAL A 657 67.89 22.90 5.09
C VAL A 657 67.40 23.69 6.30
N VAL A 658 67.42 23.10 7.50
CA VAL A 658 67.01 23.78 8.72
C VAL A 658 68.15 23.78 9.75
N ASP A 659 68.04 24.64 10.79
CA ASP A 659 68.92 24.58 11.96
C ASP A 659 68.38 23.55 12.94
N VAL A 660 69.25 22.79 13.56
CA VAL A 660 68.88 21.83 14.60
C VAL A 660 69.14 22.50 15.95
N GLU A 661 68.06 22.88 16.67
CA GLU A 661 68.17 23.70 17.87
C GLU A 661 68.15 22.85 19.13
N GLY A 662 68.27 21.53 19.03
CA GLY A 662 68.26 20.72 20.22
C GLY A 662 68.70 19.31 19.86
N GLU A 663 68.39 18.34 20.70
CA GLU A 663 68.78 16.96 20.45
C GLU A 663 67.86 16.35 19.39
N PRO A 664 68.38 15.85 18.24
CA PRO A 664 67.57 15.14 17.26
C PRO A 664 67.17 13.79 17.82
N LEU A 665 65.87 13.50 17.84
CA LEU A 665 65.37 12.24 18.37
C LEU A 665 64.92 11.34 17.21
N VAL A 666 64.31 11.94 16.19
CA VAL A 666 63.71 11.15 15.12
C VAL A 666 63.96 11.92 13.83
N ALA A 667 64.53 11.21 12.86
CA ALA A 667 64.73 11.73 11.52
C ALA A 667 64.19 10.69 10.55
N SER A 668 63.43 11.16 9.58
CA SER A 668 62.88 10.35 8.52
C SER A 668 63.13 11.13 7.25
N LEU A 669 63.97 10.59 6.35
CA LEU A 669 64.37 11.29 5.14
C LEU A 669 64.94 12.65 5.49
N ALA A 670 65.74 12.62 6.58
CA ALA A 670 66.43 13.79 7.07
C ALA A 670 67.81 13.37 7.57
N GLN A 671 68.80 14.21 7.26
CA GLN A 671 70.18 13.92 7.59
C GLN A 671 70.76 15.07 8.40
N VAL A 672 71.23 14.75 9.61
CA VAL A 672 71.80 15.74 10.52
C VAL A 672 73.31 15.81 10.31
N ASN A 673 73.83 17.02 10.11
CA ASN A 673 75.23 17.35 10.23
C ASN A 673 75.55 17.82 11.65
N GLU A 674 76.07 16.92 12.49
CA GLU A 674 76.18 17.15 13.92
C GLU A 674 77.17 18.25 14.27
N SER A 675 78.08 18.60 13.35
CA SER A 675 79.13 19.57 13.66
C SER A 675 78.63 20.98 13.33
N GLU A 676 77.84 21.11 12.24
CA GLU A 676 77.28 22.39 11.82
C GLU A 676 75.91 22.64 12.48
N HIS A 677 75.38 21.64 13.19
CA HIS A 677 74.04 21.71 13.77
C HIS A 677 72.98 22.10 12.71
N THR A 678 73.00 21.45 11.54
CA THR A 678 72.00 21.63 10.48
C THR A 678 71.48 20.27 10.00
N ALA A 679 70.32 20.29 9.29
CA ALA A 679 69.80 19.07 8.69
C ALA A 679 69.24 19.35 7.29
N ALA A 680 69.50 18.37 6.42
CA ALA A 680 68.95 18.32 5.08
C ALA A 680 67.71 17.42 5.11
N ILE A 681 66.55 18.05 4.94
CA ILE A 681 65.28 17.32 4.93
C ILE A 681 64.82 17.09 3.48
N GLN A 682 64.67 15.81 3.12
CA GLN A 682 64.26 15.48 1.77
C GLN A 682 62.76 15.79 1.59
N PRO A 683 62.20 15.78 0.36
CA PRO A 683 60.75 15.75 0.16
C PRO A 683 60.13 14.63 1.00
N ASN A 684 59.00 14.96 1.66
CA ASN A 684 58.27 14.03 2.52
C ASN A 684 59.07 13.66 3.77
N GLY A 685 60.04 14.52 4.11
CA GLY A 685 60.90 14.27 5.26
C GLY A 685 60.42 15.00 6.50
N VAL A 686 60.85 14.49 7.67
CA VAL A 686 60.61 15.15 8.95
C VAL A 686 61.77 14.97 9.94
N LEU A 687 62.00 16.01 10.76
CA LEU A 687 62.94 15.97 11.88
C LEU A 687 62.24 16.43 13.15
N VAL A 688 62.30 15.59 14.18
CA VAL A 688 61.83 15.92 15.52
C VAL A 688 63.03 16.21 16.45
N VAL A 689 63.03 17.39 17.09
CA VAL A 689 64.07 17.81 18.04
C VAL A 689 63.45 18.06 19.43
N LYS A 690 64.21 17.77 20.50
CA LYS A 690 63.88 18.21 21.85
C LYS A 690 64.83 19.32 22.35
N LEU A 691 64.30 20.48 22.78
CA LEU A 691 65.16 21.59 23.23
C LEU A 691 65.67 21.37 24.66
N MET B 1 -41.66 21.25 -5.16
CA MET B 1 -41.05 20.18 -5.99
C MET B 1 -42.03 19.84 -7.11
N GLU B 2 -41.63 20.13 -8.36
CA GLU B 2 -42.44 19.84 -9.53
C GLU B 2 -42.24 18.39 -9.98
N HIS B 3 -43.30 17.80 -10.53
CA HIS B 3 -43.19 16.55 -11.27
C HIS B 3 -42.91 16.89 -12.71
N ARG B 4 -42.36 15.92 -13.46
CA ARG B 4 -42.26 16.04 -14.91
C ARG B 4 -43.63 15.82 -15.52
N ALA B 5 -43.85 16.40 -16.71
CA ALA B 5 -45.03 16.13 -17.51
C ALA B 5 -45.20 14.61 -17.68
N PHE B 6 -46.39 14.10 -17.40
CA PHE B 6 -46.69 12.69 -17.54
C PHE B 6 -46.58 12.27 -19.01
N LYS B 7 -45.96 11.11 -19.26
CA LYS B 7 -45.89 10.52 -20.59
C LYS B 7 -46.04 9.02 -20.40
N TRP B 8 -46.70 8.33 -21.34
CA TRP B 8 -46.93 6.91 -21.23
C TRP B 8 -46.49 6.25 -22.53
N PRO B 9 -45.99 5.00 -22.53
CA PRO B 9 -45.55 4.35 -23.76
C PRO B 9 -46.74 4.13 -24.71
N GLN B 10 -46.63 4.65 -25.94
CA GLN B 10 -47.71 4.72 -26.90
C GLN B 10 -47.71 3.46 -27.78
N PRO B 11 -48.85 3.07 -28.39
CA PRO B 11 -48.93 1.84 -29.18
C PRO B 11 -48.09 1.87 -30.45
N LEU B 12 -47.73 0.67 -30.94
CA LEU B 12 -47.09 0.57 -32.25
C LEU B 12 -48.00 1.15 -33.34
N ALA B 13 -47.39 1.70 -34.40
CA ALA B 13 -48.14 2.27 -35.51
C ALA B 13 -49.21 1.26 -35.93
N GLY B 14 -50.47 1.72 -36.01
CA GLY B 14 -51.56 0.89 -36.46
C GLY B 14 -52.09 -0.06 -35.39
N ASN B 15 -51.68 0.11 -34.13
CA ASN B 15 -52.28 -0.63 -33.03
C ASN B 15 -53.09 0.33 -32.17
N LYS B 16 -53.96 -0.23 -31.32
CA LYS B 16 -54.80 0.57 -30.46
C LYS B 16 -54.34 0.38 -29.00
N PRO B 17 -54.62 1.37 -28.11
CA PRO B 17 -54.22 1.28 -26.71
C PRO B 17 -54.58 -0.07 -26.12
N ARG B 18 -53.65 -0.65 -25.35
CA ARG B 18 -53.88 -1.84 -24.56
C ARG B 18 -53.27 -1.66 -23.17
N ILE B 19 -53.71 -2.49 -22.23
CA ILE B 19 -52.98 -2.73 -21.01
C ILE B 19 -51.69 -3.43 -21.41
N TRP B 20 -50.53 -2.77 -21.21
CA TRP B 20 -49.26 -3.39 -21.59
C TRP B 20 -49.12 -4.68 -20.79
N TYR B 21 -48.81 -5.80 -21.47
CA TYR B 21 -48.63 -7.08 -20.80
C TYR B 21 -47.37 -7.76 -21.36
N GLY B 22 -46.56 -8.29 -20.45
CA GLY B 22 -45.24 -8.80 -20.82
C GLY B 22 -44.29 -8.99 -19.65
N GLY B 23 -43.00 -8.78 -19.95
CA GLY B 23 -41.94 -9.06 -18.99
C GLY B 23 -40.55 -8.76 -19.56
N ASP B 24 -39.58 -8.91 -18.65
CA ASP B 24 -38.18 -8.86 -19.03
C ASP B 24 -37.95 -10.02 -20.00
N TYR B 25 -37.34 -9.70 -21.12
CA TYR B 25 -37.01 -10.71 -22.12
C TYR B 25 -35.50 -10.70 -22.37
N ASN B 26 -34.90 -11.88 -22.23
CA ASN B 26 -33.46 -12.06 -22.33
C ASN B 26 -33.10 -13.09 -23.40
N PRO B 27 -33.29 -12.77 -24.71
CA PRO B 27 -32.92 -13.67 -25.79
C PRO B 27 -31.42 -14.00 -25.81
N ASP B 28 -30.60 -13.11 -25.22
CA ASP B 28 -29.14 -13.26 -25.22
C ASP B 28 -28.70 -14.44 -24.36
N GLN B 29 -29.59 -15.04 -23.56
CA GLN B 29 -29.26 -16.27 -22.84
C GLN B 29 -29.62 -17.55 -23.60
N TRP B 30 -30.15 -17.41 -24.84
CA TRP B 30 -30.74 -18.54 -25.55
C TRP B 30 -30.25 -18.62 -27.00
N PRO B 31 -30.12 -19.85 -27.54
CA PRO B 31 -29.89 -20.02 -28.97
C PRO B 31 -30.91 -19.21 -29.77
N GLU B 32 -30.47 -18.60 -30.88
CA GLU B 32 -31.32 -17.76 -31.71
C GLU B 32 -32.56 -18.53 -32.21
N GLU B 33 -32.49 -19.85 -32.39
CA GLU B 33 -33.65 -20.62 -32.84
C GLU B 33 -34.79 -20.56 -31.81
N VAL B 34 -34.49 -20.24 -30.55
CA VAL B 34 -35.52 -20.22 -29.52
C VAL B 34 -36.37 -18.95 -29.67
N TRP B 35 -35.86 -17.93 -30.37
CA TRP B 35 -36.51 -16.63 -30.38
C TRP B 35 -37.83 -16.67 -31.13
N ASP B 36 -37.93 -17.56 -32.14
CA ASP B 36 -39.17 -17.75 -32.88
C ASP B 36 -40.23 -18.40 -31.99
N GLU B 37 -39.85 -19.44 -31.23
CA GLU B 37 -40.74 -20.08 -30.27
C GLU B 37 -41.25 -19.04 -29.27
N ASP B 38 -40.35 -18.18 -28.76
CA ASP B 38 -40.74 -17.14 -27.82
C ASP B 38 -41.82 -16.25 -28.42
N VAL B 39 -41.61 -15.74 -29.65
CA VAL B 39 -42.55 -14.80 -30.25
C VAL B 39 -43.93 -15.45 -30.45
N ALA B 40 -43.96 -16.75 -30.82
CA ALA B 40 -45.22 -17.46 -30.98
C ALA B 40 -45.94 -17.61 -29.65
N LEU B 41 -45.22 -17.94 -28.58
CA LEU B 41 -45.87 -18.18 -27.30
C LEU B 41 -46.37 -16.85 -26.72
N MET B 42 -45.63 -15.77 -27.01
CA MET B 42 -46.03 -14.42 -26.61
C MET B 42 -47.39 -14.09 -27.23
N GLN B 43 -47.54 -14.40 -28.54
CA GLN B 43 -48.78 -14.15 -29.27
C GLN B 43 -49.93 -14.93 -28.62
N GLN B 44 -49.69 -16.20 -28.31
CA GLN B 44 -50.69 -17.04 -27.67
C GLN B 44 -51.10 -16.47 -26.30
N ALA B 45 -50.13 -15.87 -25.58
CA ALA B 45 -50.33 -15.41 -24.22
C ALA B 45 -51.02 -14.05 -24.19
N GLY B 46 -50.97 -13.29 -25.29
CA GLY B 46 -51.48 -11.94 -25.32
C GLY B 46 -50.46 -10.88 -24.90
N VAL B 47 -49.16 -11.24 -24.91
CA VAL B 47 -48.08 -10.35 -24.54
C VAL B 47 -47.89 -9.35 -25.67
N ASN B 48 -47.84 -8.06 -25.35
CA ASN B 48 -47.74 -7.01 -26.36
C ASN B 48 -46.61 -6.02 -26.04
N LEU B 49 -45.84 -6.30 -24.99
CA LEU B 49 -44.66 -5.48 -24.70
C LEU B 49 -43.64 -6.29 -23.91
N VAL B 50 -42.36 -6.15 -24.29
CA VAL B 50 -41.28 -6.76 -23.51
C VAL B 50 -40.17 -5.74 -23.27
N SER B 51 -39.45 -5.98 -22.17
CA SER B 51 -38.33 -5.16 -21.72
C SER B 51 -36.98 -5.86 -22.01
N VAL B 52 -36.18 -5.24 -22.90
CA VAL B 52 -35.02 -5.96 -23.44
C VAL B 52 -33.70 -5.23 -23.12
N ALA B 53 -32.61 -6.05 -23.05
CA ALA B 53 -31.22 -5.60 -22.98
C ALA B 53 -30.82 -5.04 -21.61
N ILE B 54 -31.57 -5.31 -20.54
CA ILE B 54 -31.39 -4.60 -19.28
C ILE B 54 -29.97 -4.86 -18.73
N PHE B 55 -29.49 -6.12 -18.82
CA PHE B 55 -28.16 -6.49 -18.34
C PHE B 55 -27.26 -6.98 -19.50
N SER B 56 -27.30 -6.29 -20.64
CA SER B 56 -26.69 -6.76 -21.87
C SER B 56 -25.38 -6.04 -22.20
N TRP B 57 -24.81 -5.26 -21.25
CA TRP B 57 -23.64 -4.44 -21.53
C TRP B 57 -22.53 -5.29 -22.16
N ALA B 58 -22.27 -6.47 -21.60
CA ALA B 58 -21.16 -7.30 -22.04
C ALA B 58 -21.39 -7.87 -23.45
N LYS B 59 -22.65 -7.85 -23.94
CA LYS B 59 -22.92 -8.28 -25.29
C LYS B 59 -22.95 -7.06 -26.22
N LEU B 60 -23.39 -5.89 -25.74
CA LEU B 60 -23.51 -4.69 -26.57
C LEU B 60 -22.17 -3.98 -26.79
N GLU B 61 -21.29 -4.02 -25.77
CA GLU B 61 -19.96 -3.44 -25.84
C GLU B 61 -19.00 -4.51 -25.30
N PRO B 62 -18.67 -5.54 -26.11
CA PRO B 62 -18.01 -6.74 -25.61
C PRO B 62 -16.53 -6.47 -25.25
N GLU B 63 -16.00 -5.38 -25.78
CA GLU B 63 -14.74 -4.83 -25.31
C GLU B 63 -14.86 -3.32 -25.51
N GLU B 64 -13.96 -2.55 -24.87
CA GLU B 64 -14.09 -1.11 -24.80
C GLU B 64 -14.06 -0.51 -26.19
N GLY B 65 -15.09 0.29 -26.53
CA GLY B 65 -15.14 1.03 -27.78
C GLY B 65 -15.54 0.15 -28.98
N VAL B 66 -15.94 -1.09 -28.74
CA VAL B 66 -16.45 -1.96 -29.79
C VAL B 66 -17.91 -2.30 -29.44
N TYR B 67 -18.79 -2.03 -30.40
CA TYR B 67 -20.25 -2.11 -30.22
C TYR B 67 -20.85 -3.17 -31.15
N ASP B 68 -21.65 -4.07 -30.58
CA ASP B 68 -22.28 -5.15 -31.32
C ASP B 68 -23.80 -5.06 -31.15
N PHE B 69 -24.48 -4.34 -32.05
CA PHE B 69 -25.93 -4.11 -31.99
C PHE B 69 -26.76 -5.05 -32.89
N ASP B 70 -26.12 -5.77 -33.83
CA ASP B 70 -26.89 -6.51 -34.85
C ASP B 70 -27.81 -7.56 -34.22
N TRP B 71 -27.38 -8.34 -33.22
CA TRP B 71 -28.27 -9.28 -32.56
C TRP B 71 -29.54 -8.60 -32.02
N LEU B 72 -29.38 -7.42 -31.40
CA LEU B 72 -30.50 -6.75 -30.76
C LEU B 72 -31.44 -6.15 -31.82
N ASP B 73 -30.87 -5.60 -32.89
CA ASP B 73 -31.68 -5.13 -34.01
C ASP B 73 -32.59 -6.25 -34.53
N ARG B 74 -32.07 -7.48 -34.57
CA ARG B 74 -32.77 -8.66 -35.06
C ARG B 74 -33.89 -9.07 -34.10
N VAL B 75 -33.63 -9.13 -32.79
CA VAL B 75 -34.71 -9.50 -31.88
C VAL B 75 -35.82 -8.45 -31.93
N ILE B 76 -35.44 -7.16 -32.00
CA ILE B 76 -36.41 -6.09 -31.96
C ILE B 76 -37.28 -6.13 -33.22
N ASP B 77 -36.66 -6.46 -34.35
CA ASP B 77 -37.37 -6.51 -35.63
C ASP B 77 -38.36 -7.66 -35.61
N LYS B 78 -37.96 -8.80 -35.03
CA LYS B 78 -38.81 -9.96 -34.88
C LYS B 78 -40.03 -9.62 -34.00
N LEU B 79 -39.77 -8.97 -32.85
CA LEU B 79 -40.82 -8.63 -31.89
C LEU B 79 -41.78 -7.64 -32.55
N GLY B 80 -41.24 -6.58 -33.14
CA GLY B 80 -42.04 -5.53 -33.75
C GLY B 80 -42.91 -6.03 -34.89
N LYS B 81 -42.32 -6.80 -35.80
CA LYS B 81 -43.08 -7.39 -36.90
C LYS B 81 -44.24 -8.26 -36.38
N ALA B 82 -44.04 -8.97 -35.27
CA ALA B 82 -45.10 -9.75 -34.64
C ALA B 82 -46.05 -8.89 -33.78
N GLY B 83 -45.98 -7.56 -33.87
CA GLY B 83 -46.88 -6.70 -33.11
C GLY B 83 -46.53 -6.53 -31.63
N ILE B 84 -45.26 -6.78 -31.22
CA ILE B 84 -44.87 -6.71 -29.81
C ILE B 84 -43.91 -5.55 -29.62
N ALA B 85 -44.25 -4.67 -28.66
CA ALA B 85 -43.54 -3.41 -28.48
C ALA B 85 -42.31 -3.65 -27.59
N VAL B 86 -41.33 -2.76 -27.74
CA VAL B 86 -40.10 -2.90 -26.99
C VAL B 86 -39.93 -1.73 -26.04
N ASP B 87 -39.80 -2.10 -24.76
CA ASP B 87 -39.26 -1.20 -23.74
C ASP B 87 -37.76 -1.43 -23.61
N LEU B 88 -36.96 -0.52 -24.20
CA LEU B 88 -35.54 -0.77 -24.45
C LEU B 88 -34.70 -0.21 -23.29
N ALA B 89 -33.88 -1.08 -22.70
CA ALA B 89 -32.94 -0.66 -21.64
C ALA B 89 -31.83 0.21 -22.20
N SER B 90 -31.29 1.07 -21.31
CA SER B 90 -30.01 1.73 -21.55
C SER B 90 -28.91 0.68 -21.67
N GLY B 91 -29.05 -0.46 -20.96
CA GLY B 91 -28.05 -1.50 -20.90
C GLY B 91 -26.97 -1.26 -19.82
N THR B 92 -27.12 -0.17 -19.04
CA THR B 92 -26.10 0.30 -18.11
C THR B 92 -26.30 -0.21 -16.68
N ALA B 93 -27.21 -1.15 -16.48
CA ALA B 93 -27.46 -1.68 -15.14
C ALA B 93 -26.18 -2.13 -14.45
N SER B 94 -25.29 -2.87 -15.16
CA SER B 94 -24.18 -3.55 -14.53
C SER B 94 -23.05 -3.66 -15.54
N PRO B 95 -21.78 -3.32 -15.17
CA PRO B 95 -20.69 -3.29 -16.13
C PRO B 95 -20.10 -4.66 -16.47
N PRO B 96 -19.50 -4.77 -17.66
CA PRO B 96 -18.72 -5.96 -18.01
C PRO B 96 -17.39 -6.09 -17.28
N MET B 97 -16.86 -7.32 -17.26
CA MET B 97 -15.60 -7.60 -16.58
C MET B 97 -14.47 -6.75 -17.13
N TRP B 98 -14.42 -6.56 -18.45
CA TRP B 98 -13.29 -5.80 -18.99
C TRP B 98 -13.20 -4.44 -18.29
N MET B 99 -14.35 -3.86 -17.97
CA MET B 99 -14.39 -2.49 -17.48
C MET B 99 -13.89 -2.44 -16.04
N THR B 100 -14.28 -3.40 -15.20
CA THR B 100 -13.86 -3.38 -13.81
C THR B 100 -12.40 -3.85 -13.65
N GLN B 101 -11.93 -4.73 -14.55
CA GLN B 101 -10.51 -5.07 -14.62
C GLN B 101 -9.68 -3.84 -15.00
N ALA B 102 -10.10 -3.06 -16.00
CA ALA B 102 -9.31 -1.89 -16.37
C ALA B 102 -9.45 -0.75 -15.34
N HIS B 103 -10.61 -0.60 -14.67
CA HIS B 103 -10.80 0.49 -13.73
C HIS B 103 -11.43 -0.03 -12.45
N PRO B 104 -10.64 -0.62 -11.53
CA PRO B 104 -11.21 -1.12 -10.27
C PRO B 104 -11.74 0.00 -9.35
N GLU B 105 -11.48 1.26 -9.68
CA GLU B 105 -11.98 2.40 -8.92
C GLU B 105 -13.50 2.61 -9.12
N ILE B 106 -14.08 1.83 -10.03
CA ILE B 106 -15.51 1.79 -10.23
C ILE B 106 -16.17 1.06 -9.07
N LEU B 107 -15.52 0.05 -8.51
CA LEU B 107 -16.20 -0.79 -7.52
C LEU B 107 -16.50 -0.03 -6.22
N TRP B 108 -17.73 -0.19 -5.71
CA TRP B 108 -18.12 0.42 -4.43
C TRP B 108 -17.42 -0.29 -3.28
N VAL B 109 -17.28 0.48 -2.18
CA VAL B 109 -16.49 0.11 -1.02
C VAL B 109 -17.41 0.10 0.18
N ASP B 110 -17.30 -0.94 1.00
CA ASP B 110 -18.14 -1.08 2.16
C ASP B 110 -17.59 -0.28 3.35
N TYR B 111 -18.33 -0.34 4.47
CA TYR B 111 -18.06 0.52 5.62
C TYR B 111 -16.70 0.20 6.26
N ARG B 112 -16.16 -1.00 5.99
CA ARG B 112 -14.89 -1.43 6.51
C ARG B 112 -13.76 -1.24 5.50
N GLY B 113 -14.03 -0.62 4.35
CA GLY B 113 -13.02 -0.41 3.34
C GLY B 113 -12.84 -1.60 2.39
N ASP B 114 -13.64 -2.68 2.51
CA ASP B 114 -13.56 -3.83 1.62
C ASP B 114 -14.30 -3.53 0.31
N VAL B 115 -13.65 -3.90 -0.82
CA VAL B 115 -14.10 -3.51 -2.14
C VAL B 115 -15.01 -4.61 -2.67
N CYS B 116 -16.25 -4.22 -3.02
CA CYS B 116 -17.20 -5.12 -3.65
C CYS B 116 -16.67 -5.57 -5.00
N GLN B 117 -16.57 -6.90 -5.17
CA GLN B 117 -16.03 -7.47 -6.41
C GLN B 117 -17.13 -7.76 -7.44
N PRO B 118 -16.78 -7.89 -8.75
CA PRO B 118 -17.68 -8.53 -9.73
C PRO B 118 -18.02 -9.94 -9.26
N GLY B 119 -19.09 -10.52 -9.81
CA GLY B 119 -19.54 -11.85 -9.46
C GLY B 119 -21.07 -11.98 -9.47
N ALA B 120 -21.74 -10.84 -9.20
CA ALA B 120 -23.19 -10.70 -9.27
C ALA B 120 -23.49 -9.45 -10.09
N ARG B 121 -24.08 -8.39 -9.52
CA ARG B 121 -24.37 -7.22 -10.33
C ARG B 121 -24.41 -5.94 -9.51
N GLN B 122 -24.37 -4.82 -10.27
CA GLN B 122 -24.54 -3.44 -9.85
C GLN B 122 -23.40 -3.02 -8.90
N HIS B 123 -22.18 -3.53 -9.11
CA HIS B 123 -21.07 -3.31 -8.21
C HIS B 123 -20.32 -2.05 -8.62
N TRP B 124 -21.04 -0.93 -8.82
CA TRP B 124 -20.45 0.34 -9.16
C TRP B 124 -20.81 1.41 -8.11
N ARG B 125 -19.94 2.42 -7.92
CA ARG B 125 -20.17 3.55 -7.03
C ARG B 125 -21.03 4.62 -7.72
N ALA B 126 -22.06 5.11 -7.00
CA ALA B 126 -22.90 6.15 -7.53
C ALA B 126 -22.11 7.38 -7.91
N THR B 127 -21.02 7.69 -7.18
CA THR B 127 -20.32 8.93 -7.43
C THR B 127 -18.99 8.73 -8.18
N SER B 128 -18.76 7.55 -8.78
CA SER B 128 -17.60 7.32 -9.66
C SER B 128 -17.67 8.16 -10.94
N PRO B 129 -16.73 9.10 -11.18
CA PRO B 129 -16.76 9.88 -12.42
C PRO B 129 -16.43 9.00 -13.63
N VAL B 130 -15.66 7.92 -13.40
CA VAL B 130 -15.20 7.05 -14.47
C VAL B 130 -16.38 6.24 -14.99
N PHE B 131 -17.11 5.60 -14.06
CA PHE B 131 -18.31 4.85 -14.38
C PHE B 131 -19.38 5.71 -15.05
N LEU B 132 -19.56 6.95 -14.58
CA LEU B 132 -20.49 7.86 -15.25
C LEU B 132 -20.07 8.07 -16.70
N ASP B 133 -18.77 8.17 -16.99
CA ASP B 133 -18.31 8.36 -18.35
C ASP B 133 -18.72 7.17 -19.23
N TYR B 134 -18.57 5.94 -18.69
CA TYR B 134 -18.85 4.72 -19.41
C TYR B 134 -20.36 4.56 -19.64
N ALA B 135 -21.15 4.84 -18.60
CA ALA B 135 -22.60 4.75 -18.68
C ALA B 135 -23.15 5.76 -19.69
N LEU B 136 -22.75 7.02 -19.62
CA LEU B 136 -23.29 8.01 -20.55
C LEU B 136 -22.89 7.68 -21.98
N ASN B 137 -21.69 7.12 -22.15
CA ASN B 137 -21.26 6.72 -23.48
C ASN B 137 -22.18 5.62 -24.04
N LEU B 138 -22.44 4.53 -23.30
CA LEU B 138 -23.34 3.52 -23.78
C LEU B 138 -24.74 4.12 -24.03
N CYS B 139 -25.21 5.03 -23.16
CA CYS B 139 -26.51 5.66 -23.33
C CYS B 139 -26.58 6.38 -24.66
N ARG B 140 -25.56 7.15 -25.01
CA ARG B 140 -25.58 7.90 -26.25
C ARG B 140 -25.45 6.97 -27.47
N LYS B 141 -24.74 5.83 -27.33
CA LYS B 141 -24.58 4.90 -28.44
C LYS B 141 -25.91 4.18 -28.72
N MET B 142 -26.59 3.72 -27.66
CA MET B 142 -27.90 3.11 -27.74
C MET B 142 -28.93 4.09 -28.31
N ALA B 143 -28.97 5.32 -27.79
CA ALA B 143 -29.93 6.30 -28.25
C ALA B 143 -29.72 6.61 -29.73
N GLU B 144 -28.48 6.79 -30.15
CA GLU B 144 -28.19 7.13 -31.53
C GLU B 144 -28.66 6.02 -32.48
N HIS B 145 -28.55 4.75 -32.06
CA HIS B 145 -28.82 3.62 -32.92
C HIS B 145 -30.30 3.25 -32.95
N TYR B 146 -31.06 3.62 -31.90
CA TYR B 146 -32.46 3.21 -31.80
C TYR B 146 -33.43 4.40 -31.83
N LYS B 147 -32.89 5.61 -31.99
CA LYS B 147 -33.60 6.85 -32.18
C LYS B 147 -34.80 6.71 -33.11
N ASP B 148 -34.58 6.11 -34.29
CA ASP B 148 -35.60 6.03 -35.33
C ASP B 148 -36.16 4.61 -35.49
N ASN B 149 -36.05 3.77 -34.47
CA ASN B 149 -36.61 2.44 -34.53
C ASN B 149 -38.10 2.52 -34.17
N PRO B 150 -39.02 2.06 -35.05
CA PRO B 150 -40.44 2.24 -34.81
C PRO B 150 -41.02 1.32 -33.74
N TYR B 151 -40.28 0.27 -33.34
CA TYR B 151 -40.77 -0.69 -32.36
C TYR B 151 -40.38 -0.39 -30.91
N VAL B 152 -39.49 0.60 -30.71
CA VAL B 152 -39.09 0.99 -29.37
C VAL B 152 -39.99 2.12 -28.90
N VAL B 153 -40.75 1.84 -27.85
CA VAL B 153 -41.81 2.74 -27.38
C VAL B 153 -41.39 3.48 -26.10
N SER B 154 -40.31 3.04 -25.42
CA SER B 154 -39.89 3.61 -24.15
C SER B 154 -38.45 3.23 -23.84
N TRP B 155 -37.85 3.99 -22.91
CA TRP B 155 -36.56 3.68 -22.30
C TRP B 155 -36.76 3.16 -20.88
N HIS B 156 -36.10 2.05 -20.58
CA HIS B 156 -35.97 1.53 -19.24
C HIS B 156 -34.54 1.85 -18.74
N VAL B 157 -34.41 2.91 -17.93
CA VAL B 157 -33.09 3.45 -17.61
C VAL B 157 -32.48 2.57 -16.53
N SER B 158 -31.34 1.93 -16.83
CA SER B 158 -30.61 1.14 -15.87
C SER B 158 -31.52 0.06 -15.32
N ASN B 159 -31.44 -0.23 -14.03
CA ASN B 159 -32.33 -1.18 -13.37
C ASN B 159 -32.17 -1.06 -11.85
N ALA B 160 -33.30 -0.85 -11.14
CA ALA B 160 -33.43 -0.90 -9.69
C ALA B 160 -32.22 -0.28 -8.97
N TYR B 161 -31.89 0.97 -9.30
CA TYR B 161 -30.84 1.70 -8.63
C TYR B 161 -30.86 1.45 -7.12
N GLY B 162 -29.67 1.20 -6.56
CA GLY B 162 -29.46 1.16 -5.13
C GLY B 162 -29.86 -0.16 -4.51
N CYS B 163 -30.32 -1.14 -5.32
CA CYS B 163 -30.69 -2.41 -4.72
C CYS B 163 -29.48 -3.04 -4.03
N HIS B 164 -28.29 -2.85 -4.64
CA HIS B 164 -27.05 -3.42 -4.14
C HIS B 164 -26.04 -2.33 -3.78
N ASN B 165 -26.11 -1.17 -4.47
CA ASN B 165 -25.10 -0.14 -4.41
C ASN B 165 -25.62 1.14 -3.73
N ARG B 166 -26.54 1.00 -2.77
CA ARG B 166 -27.13 2.17 -2.08
C ARG B 166 -25.99 2.97 -1.43
N PHE B 167 -25.14 2.23 -0.72
CA PHE B 167 -24.06 2.79 0.09
C PHE B 167 -22.69 2.52 -0.50
N ASP B 168 -21.90 3.59 -0.64
CA ASP B 168 -20.49 3.53 -0.98
C ASP B 168 -19.71 4.38 0.04
N TYR B 169 -18.59 3.85 0.54
CA TYR B 169 -17.72 4.50 1.52
C TYR B 169 -16.36 4.88 0.90
N SER B 170 -16.32 4.89 -0.44
CA SER B 170 -15.13 5.26 -1.17
C SER B 170 -14.75 6.71 -0.94
N GLU B 171 -13.57 7.05 -1.46
CA GLU B 171 -13.08 8.41 -1.50
C GLU B 171 -13.99 9.28 -2.36
N ASP B 172 -14.59 8.69 -3.41
CA ASP B 172 -15.48 9.45 -4.26
C ASP B 172 -16.73 9.85 -3.46
N ALA B 173 -17.22 8.94 -2.63
CA ALA B 173 -18.38 9.21 -1.79
C ALA B 173 -18.03 10.25 -0.70
N GLU B 174 -16.81 10.19 -0.17
CA GLU B 174 -16.37 11.13 0.84
C GLU B 174 -16.41 12.54 0.30
N ARG B 175 -15.84 12.77 -0.88
CA ARG B 175 -15.81 14.11 -1.45
C ARG B 175 -17.22 14.58 -1.80
N ALA B 176 -18.05 13.69 -2.35
CA ALA B 176 -19.40 14.05 -2.75
C ALA B 176 -20.28 14.36 -1.53
N PHE B 177 -20.20 13.57 -0.45
CA PHE B 177 -20.94 13.85 0.78
C PHE B 177 -20.58 15.22 1.36
N GLN B 178 -19.30 15.60 1.33
CA GLN B 178 -18.83 16.92 1.73
C GLN B 178 -19.49 18.00 0.88
N LYS B 179 -19.56 17.81 -0.43
CA LYS B 179 -20.13 18.84 -1.28
C LYS B 179 -21.66 18.87 -1.15
N TRP B 180 -22.27 17.71 -0.88
CA TRP B 180 -23.71 17.66 -0.62
C TRP B 180 -24.01 18.43 0.67
N CYS B 181 -23.17 18.23 1.71
CA CYS B 181 -23.37 18.87 3.00
C CYS B 181 -23.25 20.38 2.88
N GLU B 182 -22.33 20.84 2.05
CA GLU B 182 -22.10 22.25 1.84
C GLU B 182 -23.27 22.92 1.11
N LYS B 183 -23.79 22.25 0.10
CA LYS B 183 -24.96 22.72 -0.62
C LYS B 183 -26.15 22.82 0.34
N LYS B 184 -26.37 21.78 1.17
CA LYS B 184 -27.49 21.74 2.07
C LYS B 184 -27.38 22.80 3.16
N TYR B 185 -26.19 22.92 3.82
CA TYR B 185 -26.07 23.68 5.06
C TYR B 185 -25.35 25.02 4.90
N GLY B 186 -24.56 25.23 3.86
CA GLY B 186 -23.96 26.52 3.65
C GLY B 186 -22.68 26.70 4.49
N THR B 187 -22.74 26.49 5.81
CA THR B 187 -21.61 26.72 6.69
C THR B 187 -21.40 25.49 7.59
N ILE B 188 -20.17 25.30 8.08
CA ILE B 188 -19.87 24.12 8.87
C ILE B 188 -20.55 24.19 10.23
N ASP B 189 -20.77 25.40 10.77
CA ASP B 189 -21.50 25.51 12.02
C ASP B 189 -22.97 25.14 11.86
N ALA B 190 -23.58 25.38 10.69
CA ALA B 190 -24.89 24.79 10.39
C ALA B 190 -24.84 23.26 10.52
N VAL B 191 -23.77 22.63 9.98
CA VAL B 191 -23.64 21.18 10.06
C VAL B 191 -23.45 20.77 11.51
N ASN B 192 -22.51 21.42 12.23
CA ASN B 192 -22.27 21.10 13.63
C ASN B 192 -23.58 21.16 14.44
N ASP B 193 -24.36 22.23 14.24
CA ASP B 193 -25.63 22.34 14.97
C ASP B 193 -26.64 21.26 14.54
N ALA B 194 -26.84 21.05 13.25
CA ALA B 194 -27.71 19.96 12.79
C ALA B 194 -27.36 18.62 13.43
N TRP B 195 -26.07 18.25 13.45
CA TRP B 195 -25.67 16.93 13.91
C TRP B 195 -25.42 16.83 15.41
N GLY B 196 -25.56 17.94 16.16
CA GLY B 196 -25.31 17.91 17.59
C GLY B 196 -23.87 17.49 17.95
N THR B 197 -22.91 18.12 17.30
CA THR B 197 -21.52 17.65 17.36
C THR B 197 -20.76 18.08 18.61
N ALA B 198 -21.39 18.92 19.46
CA ALA B 198 -20.81 19.26 20.74
C ALA B 198 -20.80 18.01 21.61
N PHE B 199 -21.64 17.03 21.31
CA PHE B 199 -21.64 15.75 22.03
C PHE B 199 -20.50 14.86 21.48
N TRP B 200 -19.77 14.18 22.37
CA TRP B 200 -18.66 13.25 22.10
C TRP B 200 -17.51 13.84 21.26
N ALA B 201 -17.28 15.17 21.35
CA ALA B 201 -16.14 15.84 20.72
C ALA B 201 -16.07 15.60 19.21
N GLN B 202 -17.22 15.78 18.57
CA GLN B 202 -17.32 15.57 17.13
C GLN B 202 -17.35 16.90 16.38
N ARG B 203 -17.10 18.00 17.05
CA ARG B 203 -17.23 19.31 16.39
C ARG B 203 -16.16 19.47 15.33
N MET B 204 -16.52 20.09 14.20
CA MET B 204 -15.67 20.11 13.03
C MET B 204 -15.35 21.55 12.69
N ASN B 205 -14.11 21.76 12.22
CA ASN B 205 -13.61 23.09 11.88
C ASN B 205 -13.95 23.48 10.45
N ASN B 206 -14.18 22.48 9.59
CA ASN B 206 -14.42 22.79 8.18
C ASN B 206 -15.00 21.56 7.48
N PHE B 207 -15.32 21.72 6.20
CA PHE B 207 -16.03 20.66 5.48
C PHE B 207 -15.13 19.45 5.21
N SER B 208 -13.80 19.65 5.24
CA SER B 208 -12.88 18.56 4.98
C SER B 208 -12.85 17.60 6.16
N GLU B 209 -13.45 17.95 7.31
CA GLU B 209 -13.52 17.04 8.44
C GLU B 209 -14.81 16.21 8.45
N ILE B 210 -15.65 16.30 7.40
CA ILE B 210 -16.80 15.41 7.27
C ILE B 210 -16.35 14.11 6.60
N ILE B 211 -16.44 13.00 7.34
CA ILE B 211 -16.19 11.70 6.74
C ILE B 211 -17.52 10.92 6.67
N PRO B 212 -17.63 9.93 5.76
CA PRO B 212 -18.78 9.03 5.75
C PRO B 212 -18.81 8.21 7.02
N PRO B 213 -20.00 7.74 7.44
CA PRO B 213 -20.12 6.92 8.64
C PRO B 213 -19.52 5.52 8.45
N ARG B 214 -18.18 5.46 8.41
CA ARG B 214 -17.48 4.21 8.23
C ARG B 214 -17.51 3.43 9.54
N PHE B 215 -16.90 2.24 9.55
CA PHE B 215 -16.71 1.38 10.70
C PHE B 215 -16.20 2.13 11.95
N ILE B 216 -16.87 1.94 13.10
CA ILE B 216 -16.57 2.61 14.37
C ILE B 216 -16.53 1.56 15.47
N GLY B 217 -16.45 0.30 15.05
CA GLY B 217 -16.44 -0.81 15.99
C GLY B 217 -17.84 -1.38 16.17
N ASP B 218 -17.93 -2.71 16.14
CA ASP B 218 -19.18 -3.43 16.30
C ASP B 218 -19.85 -2.96 17.58
N GLY B 219 -21.16 -2.68 17.50
CA GLY B 219 -21.91 -2.34 18.70
C GLY B 219 -21.89 -0.84 19.06
N ASN B 220 -21.08 -0.02 18.39
CA ASN B 220 -20.94 1.38 18.82
C ASN B 220 -21.97 2.21 18.08
N PHE B 221 -22.19 3.46 18.56
CA PHE B 221 -23.31 4.26 18.13
C PHE B 221 -22.88 5.42 17.24
N MET B 222 -23.31 5.38 15.97
CA MET B 222 -23.02 6.45 15.03
C MET B 222 -23.82 7.71 15.37
N ASN B 223 -23.35 8.86 14.90
CA ASN B 223 -24.09 10.10 15.04
C ASN B 223 -25.42 9.96 14.28
N PRO B 224 -26.59 10.07 14.94
CA PRO B 224 -27.87 9.83 14.25
C PRO B 224 -28.16 10.85 13.15
N GLY B 225 -27.99 12.14 13.44
CA GLY B 225 -28.18 13.20 12.43
C GLY B 225 -27.39 12.94 11.16
N LYS B 226 -26.09 12.59 11.34
CA LYS B 226 -25.21 12.35 10.23
C LYS B 226 -25.70 11.15 9.42
N LEU B 227 -26.01 10.03 10.10
CA LEU B 227 -26.46 8.80 9.48
C LEU B 227 -27.74 9.04 8.67
N LEU B 228 -28.65 9.86 9.20
CA LEU B 228 -29.87 10.20 8.51
C LEU B 228 -29.54 11.02 7.27
N ASP B 229 -28.56 11.94 7.35
CA ASP B 229 -28.17 12.71 6.19
C ASP B 229 -27.40 11.82 5.20
N TRP B 230 -26.79 10.72 5.68
CA TRP B 230 -26.05 9.78 4.80
C TRP B 230 -27.02 9.02 3.89
N LYS B 231 -28.20 8.67 4.44
CA LYS B 231 -29.27 8.00 3.71
C LYS B 231 -29.87 8.96 2.68
N ARG B 232 -30.07 10.22 3.08
CA ARG B 232 -30.54 11.21 2.14
C ARG B 232 -29.56 11.37 0.99
N PHE B 233 -28.28 11.62 1.33
CA PHE B 233 -27.22 11.80 0.34
C PHE B 233 -27.16 10.63 -0.64
N SER B 234 -27.23 9.41 -0.13
CA SER B 234 -27.01 8.21 -0.88
C SER B 234 -28.14 8.04 -1.91
N SER B 235 -29.40 8.33 -1.47
CA SER B 235 -30.54 8.39 -2.37
C SER B 235 -30.33 9.49 -3.41
N ASP B 236 -29.82 10.66 -3.01
CA ASP B 236 -29.68 11.78 -3.94
C ASP B 236 -28.57 11.50 -4.95
N ALA B 237 -27.56 10.74 -4.54
CA ALA B 237 -26.42 10.54 -5.43
C ALA B 237 -26.84 9.65 -6.61
N LEU B 238 -27.48 8.55 -6.29
CA LEU B 238 -28.09 7.69 -7.31
C LEU B 238 -29.12 8.44 -8.18
N LEU B 239 -29.91 9.37 -7.60
CA LEU B 239 -30.87 10.15 -8.34
C LEU B 239 -30.19 11.07 -9.36
N ASP B 240 -29.05 11.66 -8.98
CA ASP B 240 -28.27 12.48 -9.91
C ASP B 240 -27.72 11.65 -11.07
N PHE B 241 -27.42 10.37 -10.78
CA PHE B 241 -26.89 9.46 -11.79
C PHE B 241 -28.00 9.08 -12.78
N TYR B 242 -29.15 8.67 -12.25
CA TYR B 242 -30.35 8.48 -13.04
C TYR B 242 -30.59 9.70 -13.94
N LYS B 243 -30.60 10.89 -13.35
CA LYS B 243 -30.93 12.05 -14.13
C LYS B 243 -29.97 12.21 -15.29
N ALA B 244 -28.68 11.97 -15.02
CA ALA B 244 -27.64 12.14 -16.02
C ALA B 244 -27.86 11.18 -17.20
N GLU B 245 -28.16 9.91 -16.92
CA GLU B 245 -28.35 8.90 -17.97
C GLU B 245 -29.64 9.21 -18.74
N ARG B 246 -30.70 9.53 -17.98
CA ARG B 246 -31.97 9.93 -18.55
C ARG B 246 -31.74 11.04 -19.57
N ASP B 247 -31.05 12.12 -19.19
CA ASP B 247 -30.90 13.28 -20.06
C ASP B 247 -30.04 12.94 -21.28
N ALA B 248 -29.10 11.99 -21.10
CA ALA B 248 -28.24 11.60 -22.22
C ALA B 248 -29.08 10.88 -23.30
N LEU B 249 -29.96 9.98 -22.87
CA LEU B 249 -30.86 9.29 -23.80
C LEU B 249 -31.78 10.28 -24.48
N LEU B 250 -32.44 11.16 -23.70
CA LEU B 250 -33.53 11.97 -24.21
C LEU B 250 -33.04 13.04 -25.19
N GLU B 251 -31.81 13.48 -25.03
CA GLU B 251 -31.29 14.54 -25.87
C GLU B 251 -31.15 14.05 -27.32
N ILE B 252 -31.06 12.72 -27.51
CA ILE B 252 -30.85 12.12 -28.82
C ILE B 252 -32.13 11.44 -29.32
N ALA B 253 -32.74 10.66 -28.44
CA ALA B 253 -33.91 9.83 -28.71
C ALA B 253 -35.01 10.11 -27.70
N PRO B 254 -35.73 11.25 -27.82
CA PRO B 254 -36.79 11.57 -26.87
C PRO B 254 -37.94 10.57 -27.02
N LYS B 255 -38.18 9.83 -25.94
CA LYS B 255 -39.21 8.81 -25.85
C LYS B 255 -39.63 8.76 -24.39
N PRO B 256 -40.85 8.31 -24.06
CA PRO B 256 -41.23 8.05 -22.66
C PRO B 256 -40.14 7.24 -21.97
N GLN B 257 -39.82 7.61 -20.71
CA GLN B 257 -38.71 7.03 -19.96
C GLN B 257 -39.11 6.85 -18.50
N THR B 258 -38.73 5.71 -17.93
CA THR B 258 -38.84 5.46 -16.51
C THR B 258 -37.57 4.77 -16.00
N THR B 259 -37.51 4.61 -14.67
CA THR B 259 -36.67 3.62 -14.05
C THR B 259 -37.52 2.92 -13.00
N ASN B 260 -37.22 1.65 -12.73
CA ASN B 260 -38.05 0.83 -11.91
C ASN B 260 -37.72 0.98 -10.42
N PHE B 261 -38.75 1.22 -9.62
CA PHE B 261 -38.60 1.41 -8.18
C PHE B 261 -38.81 0.06 -7.52
N MET B 262 -38.59 0.00 -6.21
CA MET B 262 -38.83 -1.22 -5.44
C MET B 262 -39.73 -0.88 -4.27
N VAL B 263 -40.90 -0.30 -4.58
CA VAL B 263 -41.91 0.02 -3.58
C VAL B 263 -42.56 -1.23 -3.01
N SER B 264 -42.43 -1.39 -1.72
CA SER B 264 -43.10 -2.39 -0.91
C SER B 264 -43.16 -1.84 0.52
N ALA B 265 -43.77 -2.59 1.44
CA ALA B 265 -44.06 -2.03 2.76
C ALA B 265 -42.74 -1.71 3.49
N GLY B 266 -41.78 -2.66 3.40
CA GLY B 266 -40.53 -2.62 4.12
C GLY B 266 -39.34 -2.03 3.37
N CYS B 267 -39.47 -1.52 2.14
CA CYS B 267 -38.29 -1.14 1.37
C CYS B 267 -38.14 0.36 1.24
N THR B 268 -37.03 0.89 1.79
CA THR B 268 -36.78 2.32 1.80
C THR B 268 -35.34 2.62 1.39
N VAL B 269 -34.78 1.90 0.41
CA VAL B 269 -33.40 2.11 0.05
C VAL B 269 -33.26 3.50 -0.57
N LEU B 270 -34.33 3.98 -1.22
CA LEU B 270 -34.37 5.32 -1.79
C LEU B 270 -35.64 6.04 -1.29
N ASP B 271 -35.67 7.38 -1.44
CA ASP B 271 -36.88 8.16 -1.26
C ASP B 271 -37.69 8.12 -2.57
N TYR B 272 -38.46 7.05 -2.70
CA TYR B 272 -39.16 6.79 -3.96
C TYR B 272 -40.13 7.92 -4.33
N ASP B 273 -40.67 8.63 -3.32
CA ASP B 273 -41.58 9.72 -3.63
C ASP B 273 -40.81 10.84 -4.30
N LYS B 274 -39.61 11.16 -3.75
CA LYS B 274 -38.78 12.16 -4.40
C LYS B 274 -38.44 11.69 -5.82
N TRP B 275 -38.05 10.42 -5.96
CA TRP B 275 -37.63 9.89 -7.26
C TRP B 275 -38.78 9.96 -8.27
N GLY B 276 -40.01 9.85 -7.73
CA GLY B 276 -41.22 9.95 -8.54
C GLY B 276 -41.26 11.26 -9.33
N HIS B 277 -40.53 12.27 -8.87
CA HIS B 277 -40.59 13.57 -9.54
C HIS B 277 -39.73 13.60 -10.81
N ASP B 278 -38.92 12.57 -11.05
CA ASP B 278 -38.00 12.62 -12.17
C ASP B 278 -38.27 11.55 -13.24
N VAL B 279 -39.20 10.62 -12.98
CA VAL B 279 -39.67 9.70 -14.01
C VAL B 279 -40.77 10.36 -14.86
N ASP B 280 -40.91 9.94 -16.14
CA ASP B 280 -42.04 10.36 -16.96
C ASP B 280 -43.32 9.69 -16.48
N PHE B 281 -43.20 8.45 -16.06
CA PHE B 281 -44.26 7.69 -15.42
C PHE B 281 -43.60 6.78 -14.39
N VAL B 282 -44.33 6.47 -13.34
CA VAL B 282 -43.88 5.57 -12.28
C VAL B 282 -43.93 4.13 -12.76
N SER B 283 -42.82 3.40 -12.54
CA SER B 283 -42.74 1.97 -12.75
C SER B 283 -42.27 1.32 -11.46
N ASN B 284 -42.70 0.09 -11.21
CA ASN B 284 -42.41 -0.53 -9.93
C ASN B 284 -42.25 -2.03 -10.04
N ASP B 285 -41.38 -2.55 -9.16
CA ASP B 285 -41.19 -3.98 -8.99
C ASP B 285 -41.71 -4.35 -7.62
N HIS B 286 -42.54 -5.40 -7.54
CA HIS B 286 -43.05 -5.87 -6.25
C HIS B 286 -43.15 -7.38 -6.28
N TYR B 287 -42.72 -8.04 -5.20
CA TYR B 287 -42.79 -9.47 -5.09
C TYR B 287 -43.49 -9.86 -3.80
N PHE B 288 -44.36 -10.87 -3.89
CA PHE B 288 -45.23 -11.17 -2.78
C PHE B 288 -44.44 -11.35 -1.49
N SER B 289 -45.08 -10.95 -0.39
CA SER B 289 -44.61 -11.26 0.95
C SER B 289 -45.18 -12.62 1.39
N PRO B 290 -44.36 -13.60 1.82
CA PRO B 290 -44.89 -14.91 2.22
C PRO B 290 -45.88 -14.98 3.38
N GLY B 291 -46.82 -15.93 3.26
CA GLY B 291 -47.77 -16.30 4.30
C GLY B 291 -48.98 -15.36 4.29
N GLU B 292 -49.50 -15.13 5.50
CA GLU B 292 -50.78 -14.48 5.76
C GLU B 292 -50.81 -13.10 5.13
N ALA B 293 -49.66 -12.41 5.07
CA ALA B 293 -49.63 -11.02 4.67
C ALA B 293 -49.57 -10.84 3.17
N HIS B 294 -49.51 -11.93 2.39
CA HIS B 294 -49.38 -11.87 0.94
C HIS B 294 -50.29 -10.83 0.31
N PHE B 295 -51.61 -11.04 0.40
CA PHE B 295 -52.54 -10.21 -0.36
C PHE B 295 -52.51 -8.76 0.15
N ASP B 296 -52.72 -8.57 1.45
CA ASP B 296 -52.85 -7.23 2.00
C ASP B 296 -51.61 -6.37 1.69
N GLU B 297 -50.42 -6.94 1.95
CA GLU B 297 -49.18 -6.18 1.76
C GLU B 297 -49.07 -5.76 0.31
N MET B 298 -49.53 -6.62 -0.60
CA MET B 298 -49.41 -6.34 -2.03
C MET B 298 -50.35 -5.21 -2.45
N ALA B 299 -51.60 -5.30 -1.98
CA ALA B 299 -52.57 -4.22 -2.18
C ALA B 299 -52.02 -2.91 -1.63
N TYR B 300 -51.44 -2.97 -0.43
CA TYR B 300 -50.84 -1.80 0.21
C TYR B 300 -49.74 -1.17 -0.66
N ALA B 301 -48.81 -2.03 -1.12
CA ALA B 301 -47.68 -1.56 -1.91
C ALA B 301 -48.13 -0.90 -3.19
N ALA B 302 -49.12 -1.53 -3.85
CA ALA B 302 -49.61 -0.99 -5.09
C ALA B 302 -50.32 0.34 -4.82
N CYS B 303 -51.03 0.39 -3.70
CA CYS B 303 -51.68 1.63 -3.28
C CYS B 303 -50.64 2.74 -3.08
N LEU B 304 -49.53 2.42 -2.40
CA LEU B 304 -48.45 3.41 -2.17
C LEU B 304 -47.84 3.82 -3.50
N THR B 305 -47.68 2.83 -4.42
CA THR B 305 -47.17 3.16 -5.73
C THR B 305 -48.10 4.17 -6.40
N ASP B 306 -49.42 3.93 -6.31
CA ASP B 306 -50.37 4.88 -6.88
C ASP B 306 -50.24 6.26 -6.22
N GLY B 307 -50.10 6.29 -4.90
CA GLY B 307 -49.79 7.53 -4.19
C GLY B 307 -48.55 8.29 -4.70
N ILE B 308 -47.47 7.52 -4.98
CA ILE B 308 -46.25 8.13 -5.49
C ILE B 308 -46.54 8.70 -6.89
N ALA B 309 -47.39 8.00 -7.65
CA ALA B 309 -47.80 8.47 -8.98
C ALA B 309 -48.81 9.62 -8.94
N ARG B 310 -49.28 10.03 -7.76
CA ARG B 310 -50.27 11.10 -7.62
C ARG B 310 -51.54 10.73 -8.41
N LYS B 311 -51.96 9.45 -8.32
CA LYS B 311 -53.11 8.87 -9.01
C LYS B 311 -53.03 8.83 -10.53
N ASN B 312 -51.88 9.21 -11.11
CA ASN B 312 -51.61 8.93 -12.51
C ASN B 312 -51.50 7.42 -12.67
N PRO B 313 -51.86 6.88 -13.87
CA PRO B 313 -51.67 5.46 -14.13
C PRO B 313 -50.16 5.13 -14.06
N TRP B 314 -49.83 3.94 -13.59
CA TRP B 314 -48.46 3.52 -13.36
C TRP B 314 -48.23 2.13 -13.96
N PHE B 315 -46.97 1.68 -13.93
CA PHE B 315 -46.51 0.54 -14.73
C PHE B 315 -45.97 -0.53 -13.79
N LEU B 316 -46.55 -1.74 -13.76
CA LEU B 316 -45.96 -2.77 -12.95
C LEU B 316 -44.85 -3.40 -13.80
N MET B 317 -43.60 -3.03 -13.52
CA MET B 317 -42.49 -3.53 -14.32
C MET B 317 -42.16 -4.95 -13.93
N ALA B 318 -42.46 -5.40 -12.71
CA ALA B 318 -42.17 -6.79 -12.40
C ALA B 318 -42.90 -7.31 -11.19
N HIS B 319 -43.08 -8.64 -11.18
CA HIS B 319 -43.57 -9.46 -10.07
C HIS B 319 -43.36 -10.92 -10.46
N SER B 320 -43.66 -11.90 -9.60
CA SER B 320 -43.42 -13.28 -9.96
C SER B 320 -44.70 -14.04 -10.33
N THR B 321 -44.57 -14.99 -11.27
CA THR B 321 -45.66 -15.91 -11.61
C THR B 321 -45.80 -16.92 -10.49
N SER B 322 -44.70 -17.21 -9.80
CA SER B 322 -44.73 -18.07 -8.63
C SER B 322 -43.54 -17.72 -7.71
N ALA B 323 -42.75 -18.72 -7.31
CA ALA B 323 -41.64 -18.52 -6.38
C ALA B 323 -40.57 -17.59 -6.95
N VAL B 324 -39.90 -16.82 -6.07
CA VAL B 324 -38.67 -16.13 -6.43
C VAL B 324 -37.49 -17.06 -6.07
N ASN B 325 -36.27 -16.53 -6.23
CA ASN B 325 -35.02 -17.25 -5.95
C ASN B 325 -34.32 -16.79 -4.68
N TRP B 326 -34.68 -15.61 -4.15
CA TRP B 326 -33.77 -14.84 -3.31
C TRP B 326 -34.11 -14.88 -1.83
N ARG B 327 -35.09 -15.71 -1.43
CA ARG B 327 -35.43 -15.85 -0.03
C ARG B 327 -34.81 -17.13 0.53
N PRO B 328 -34.62 -17.23 1.86
CA PRO B 328 -34.17 -18.49 2.47
C PRO B 328 -35.06 -19.67 2.11
N THR B 329 -36.39 -19.44 2.10
CA THR B 329 -37.36 -20.45 1.67
C THR B 329 -38.29 -19.87 0.61
N ASN B 330 -38.22 -20.37 -0.63
CA ASN B 330 -38.87 -19.69 -1.72
C ASN B 330 -40.22 -20.35 -2.00
N TYR B 331 -41.22 -20.00 -1.16
CA TYR B 331 -42.58 -20.50 -1.26
C TYR B 331 -43.10 -20.27 -2.68
N ARG B 332 -43.99 -21.17 -3.15
CA ARG B 332 -44.68 -20.96 -4.42
C ARG B 332 -46.02 -20.26 -4.17
N LEU B 333 -46.59 -19.71 -5.24
CA LEU B 333 -47.97 -19.22 -5.30
C LEU B 333 -48.96 -20.38 -5.39
N GLU B 334 -50.14 -20.17 -4.78
CA GLU B 334 -51.22 -21.14 -4.77
C GLU B 334 -52.13 -20.94 -5.98
N PRO B 335 -53.01 -21.92 -6.28
CA PRO B 335 -53.92 -21.79 -7.43
C PRO B 335 -54.73 -20.50 -7.38
N GLY B 336 -54.74 -19.77 -8.51
CA GLY B 336 -55.48 -18.52 -8.61
C GLY B 336 -54.64 -17.25 -8.35
N GLU B 337 -53.54 -17.38 -7.60
CA GLU B 337 -52.81 -16.20 -7.14
C GLU B 337 -52.14 -15.47 -8.30
N LEU B 338 -51.76 -16.20 -9.35
CA LEU B 338 -51.08 -15.55 -10.46
C LEU B 338 -52.00 -14.48 -11.02
N VAL B 339 -53.23 -14.88 -11.37
CA VAL B 339 -54.19 -13.95 -11.95
C VAL B 339 -54.54 -12.89 -10.92
N ARG B 340 -54.81 -13.31 -9.69
CA ARG B 340 -55.31 -12.40 -8.66
C ARG B 340 -54.32 -11.27 -8.37
N ASP B 341 -53.04 -11.63 -8.23
CA ASP B 341 -52.01 -10.65 -7.84
C ASP B 341 -51.90 -9.60 -8.94
N SER B 342 -52.00 -10.03 -10.21
CA SER B 342 -51.89 -9.11 -11.32
C SER B 342 -53.06 -8.14 -11.33
N LEU B 343 -54.25 -8.67 -10.98
CA LEU B 343 -55.44 -7.83 -10.95
C LEU B 343 -55.43 -6.94 -9.70
N ALA B 344 -54.72 -7.33 -8.63
CA ALA B 344 -54.55 -6.43 -7.48
C ALA B 344 -53.84 -5.14 -7.88
N HIS B 345 -52.74 -5.26 -8.64
CA HIS B 345 -51.95 -4.12 -9.07
C HIS B 345 -52.74 -3.28 -10.07
N LEU B 346 -53.43 -3.98 -10.99
CA LEU B 346 -54.32 -3.31 -11.94
C LEU B 346 -55.38 -2.48 -11.21
N ALA B 347 -55.96 -3.06 -10.18
CA ALA B 347 -57.04 -2.42 -9.42
C ALA B 347 -56.55 -1.15 -8.75
N MET B 348 -55.25 -1.12 -8.39
CA MET B 348 -54.69 0.01 -7.67
C MET B 348 -54.09 1.02 -8.62
N GLY B 349 -54.39 0.88 -9.91
CA GLY B 349 -54.16 1.95 -10.87
C GLY B 349 -53.19 1.56 -12.00
N ALA B 350 -52.64 0.34 -11.99
CA ALA B 350 -51.67 -0.02 -13.04
C ALA B 350 -52.34 -0.17 -14.42
N ASP B 351 -51.75 0.45 -15.47
CA ASP B 351 -52.12 0.26 -16.87
C ASP B 351 -51.08 -0.58 -17.63
N ALA B 352 -50.24 -1.31 -16.88
CA ALA B 352 -49.26 -2.23 -17.45
C ALA B 352 -48.95 -3.27 -16.41
N ILE B 353 -48.94 -4.52 -16.84
CA ILE B 353 -48.70 -5.66 -15.97
C ILE B 353 -47.56 -6.48 -16.58
N CYS B 354 -46.39 -6.51 -15.92
CA CYS B 354 -45.23 -7.23 -16.44
C CYS B 354 -44.55 -8.04 -15.37
N TYR B 355 -43.81 -9.06 -15.82
CA TYR B 355 -43.19 -10.04 -14.96
C TYR B 355 -41.66 -10.07 -15.17
N PHE B 356 -40.96 -10.41 -14.09
CA PHE B 356 -39.63 -10.96 -14.22
C PHE B 356 -39.80 -12.46 -14.10
N GLN B 357 -39.59 -13.24 -15.19
CA GLN B 357 -39.24 -12.80 -16.53
C GLN B 357 -40.03 -13.67 -17.52
N TRP B 358 -39.79 -13.48 -18.81
CA TRP B 358 -40.47 -14.23 -19.88
C TRP B 358 -40.14 -15.72 -19.82
N ARG B 359 -38.86 -16.09 -20.03
CA ARG B 359 -38.47 -17.49 -19.98
C ARG B 359 -37.52 -17.72 -18.82
N GLN B 360 -37.79 -18.80 -18.06
CA GLN B 360 -37.00 -19.15 -16.90
C GLN B 360 -35.59 -19.54 -17.35
N SER B 361 -34.58 -18.84 -16.80
CA SER B 361 -33.15 -19.12 -17.03
C SER B 361 -32.83 -20.54 -16.59
N LYS B 362 -32.03 -21.26 -17.41
CA LYS B 362 -31.61 -22.62 -17.05
C LYS B 362 -30.26 -22.61 -16.33
N ALA B 363 -29.57 -21.47 -16.42
CA ALA B 363 -28.31 -21.24 -15.70
C ALA B 363 -28.22 -19.83 -15.09
N GLY B 364 -27.36 -19.71 -14.08
CA GLY B 364 -27.09 -18.42 -13.46
C GLY B 364 -27.88 -18.25 -12.16
N ALA B 365 -27.64 -17.14 -11.45
CA ALA B 365 -28.04 -17.04 -10.05
C ALA B 365 -29.56 -16.98 -9.89
N GLU B 366 -30.29 -16.65 -10.98
CA GLU B 366 -31.77 -16.59 -10.94
C GLU B 366 -32.45 -17.75 -11.68
N LYS B 367 -31.78 -18.90 -11.80
CA LYS B 367 -32.32 -20.04 -12.50
C LYS B 367 -33.55 -20.59 -11.77
N TRP B 368 -33.62 -20.38 -10.45
CA TRP B 368 -34.74 -20.88 -9.70
C TRP B 368 -35.84 -19.82 -9.51
N HIS B 369 -35.71 -18.67 -10.17
CA HIS B 369 -36.76 -17.68 -10.22
C HIS B 369 -37.82 -18.13 -11.25
N SER B 370 -39.10 -18.05 -10.86
CA SER B 370 -40.21 -18.43 -11.71
C SER B 370 -40.30 -17.50 -12.93
N ALA B 371 -40.92 -17.97 -14.01
CA ALA B 371 -41.13 -17.12 -15.16
C ALA B 371 -42.49 -17.46 -15.79
N MET B 372 -42.79 -16.74 -16.85
CA MET B 372 -44.00 -16.90 -17.63
C MET B 372 -43.96 -18.23 -18.40
N VAL B 373 -42.79 -18.56 -18.99
CA VAL B 373 -42.51 -19.89 -19.50
C VAL B 373 -41.55 -20.63 -18.58
N PRO B 374 -42.03 -21.52 -17.68
CA PRO B 374 -41.12 -22.25 -16.79
C PRO B 374 -40.10 -23.16 -17.47
N HIS B 375 -39.24 -23.75 -16.65
CA HIS B 375 -38.37 -24.82 -17.12
C HIS B 375 -39.23 -25.88 -17.83
N ALA B 376 -40.39 -26.20 -17.23
CA ALA B 376 -41.30 -27.26 -17.68
C ALA B 376 -41.86 -26.98 -19.07
N GLY B 377 -41.81 -25.71 -19.49
CA GLY B 377 -42.24 -25.29 -20.79
C GLY B 377 -43.71 -24.82 -20.82
N PRO B 378 -44.27 -24.58 -22.02
CA PRO B 378 -45.63 -24.05 -22.16
C PRO B 378 -46.74 -25.00 -21.69
N ASP B 379 -46.40 -26.28 -21.51
CA ASP B 379 -47.32 -27.28 -21.04
C ASP B 379 -47.24 -27.31 -19.53
N SER B 380 -47.81 -26.24 -18.95
CA SER B 380 -47.73 -26.01 -17.51
C SER B 380 -48.92 -25.16 -17.07
N GLN B 381 -49.34 -25.35 -15.82
CA GLN B 381 -50.37 -24.52 -15.21
C GLN B 381 -50.03 -23.04 -15.28
N ILE B 382 -48.74 -22.69 -15.05
CA ILE B 382 -48.33 -21.30 -15.07
C ILE B 382 -48.54 -20.70 -16.46
N PHE B 383 -48.08 -21.37 -17.51
CA PHE B 383 -48.24 -20.76 -18.84
C PHE B 383 -49.73 -20.66 -19.19
N ARG B 384 -50.55 -21.61 -18.74
CA ARG B 384 -51.99 -21.53 -18.97
C ARG B 384 -52.59 -20.32 -18.23
N ASP B 385 -52.18 -20.10 -16.97
CA ASP B 385 -52.65 -18.94 -16.22
C ASP B 385 -52.16 -17.65 -16.89
N VAL B 386 -50.94 -17.64 -17.44
CA VAL B 386 -50.39 -16.47 -18.11
C VAL B 386 -51.26 -16.09 -19.31
N CYS B 387 -51.69 -17.12 -20.07
CA CYS B 387 -52.57 -16.93 -21.23
C CYS B 387 -53.96 -16.44 -20.79
N GLU B 388 -54.54 -17.04 -19.77
CA GLU B 388 -55.82 -16.59 -19.24
C GLU B 388 -55.73 -15.12 -18.85
N LEU B 389 -54.66 -14.76 -18.10
CA LEU B 389 -54.54 -13.39 -17.63
C LEU B 389 -54.49 -12.47 -18.84
N GLY B 390 -53.75 -12.84 -19.90
CA GLY B 390 -53.66 -11.97 -21.07
C GLY B 390 -55.02 -11.75 -21.75
N ALA B 391 -55.87 -12.78 -21.66
CA ALA B 391 -57.22 -12.71 -22.23
C ALA B 391 -58.06 -11.70 -21.42
N ASP B 392 -58.00 -11.84 -20.09
CA ASP B 392 -58.61 -10.92 -19.13
C ASP B 392 -58.21 -9.46 -19.39
N LEU B 393 -56.91 -9.21 -19.65
CA LEU B 393 -56.43 -7.84 -19.78
C LEU B 393 -56.89 -7.20 -21.07
N ASN B 394 -56.96 -7.97 -22.17
CA ASN B 394 -57.54 -7.44 -23.40
C ASN B 394 -59.01 -7.05 -23.19
N LYS B 395 -59.73 -7.90 -22.48
CA LYS B 395 -61.13 -7.67 -22.17
C LYS B 395 -61.28 -6.32 -21.45
N LEU B 396 -60.57 -6.17 -20.33
CA LEU B 396 -60.75 -4.99 -19.49
C LEU B 396 -60.41 -3.73 -20.28
N ALA B 397 -59.48 -3.81 -21.23
CA ALA B 397 -59.19 -2.65 -22.08
C ALA B 397 -60.34 -2.39 -23.06
N ASP B 398 -60.88 -3.46 -23.65
CA ASP B 398 -62.02 -3.35 -24.55
C ASP B 398 -63.15 -2.61 -23.83
N GLU B 399 -63.32 -2.87 -22.53
CA GLU B 399 -64.39 -2.30 -21.72
C GLU B 399 -64.09 -0.90 -21.16
N GLY B 400 -62.90 -0.33 -21.45
CA GLY B 400 -62.57 1.06 -21.20
C GLY B 400 -61.84 1.36 -19.88
N LEU B 401 -61.13 0.37 -19.29
CA LEU B 401 -60.37 0.57 -18.05
C LEU B 401 -59.20 1.53 -18.22
N LEU B 402 -58.54 1.56 -19.39
CA LEU B 402 -57.36 2.39 -19.56
C LEU B 402 -57.63 3.82 -19.13
N SER B 403 -56.64 4.43 -18.45
CA SER B 403 -56.63 5.81 -17.97
C SER B 403 -57.63 6.07 -16.84
N THR B 404 -58.44 5.09 -16.42
CA THR B 404 -59.21 5.31 -15.21
C THR B 404 -58.23 5.43 -14.04
N LYS B 405 -58.62 6.17 -12.98
CA LYS B 405 -57.77 6.40 -11.81
C LYS B 405 -58.36 5.72 -10.59
N LEU B 406 -57.49 5.36 -9.64
CA LEU B 406 -57.91 4.77 -8.39
C LEU B 406 -58.71 5.83 -7.61
N VAL B 407 -59.87 5.43 -7.06
CA VAL B 407 -60.78 6.42 -6.51
C VAL B 407 -60.22 6.91 -5.17
N LYS B 408 -60.42 8.22 -4.96
CA LYS B 408 -60.04 8.91 -3.73
C LYS B 408 -60.73 8.25 -2.55
N SER B 409 -59.91 7.78 -1.59
CA SER B 409 -60.42 7.18 -0.37
C SER B 409 -60.95 8.29 0.55
N LYS B 410 -61.63 7.86 1.61
CA LYS B 410 -61.97 8.74 2.72
C LYS B 410 -60.77 8.98 3.63
N VAL B 411 -59.81 8.05 3.61
CA VAL B 411 -58.69 8.06 4.52
C VAL B 411 -57.39 8.11 3.71
N ALA B 412 -56.47 9.01 4.08
CA ALA B 412 -55.07 8.98 3.65
C ALA B 412 -54.15 8.51 4.77
N ILE B 413 -53.40 7.42 4.53
CA ILE B 413 -52.35 6.95 5.42
C ILE B 413 -51.02 7.55 4.98
N VAL B 414 -50.35 8.30 5.88
CA VAL B 414 -49.15 9.04 5.50
C VAL B 414 -47.92 8.15 5.63
N PHE B 415 -47.10 8.16 4.57
CA PHE B 415 -45.82 7.44 4.53
C PHE B 415 -44.68 8.44 4.30
N ASP B 416 -43.58 8.30 5.04
CA ASP B 416 -42.41 9.16 4.89
C ASP B 416 -41.12 8.31 4.91
N TYR B 417 -40.42 8.31 3.77
CA TYR B 417 -39.19 7.53 3.63
C TYR B 417 -38.17 7.98 4.70
N GLU B 418 -38.05 9.31 4.88
CA GLU B 418 -37.12 9.87 5.86
C GLU B 418 -37.47 9.48 7.30
N SER B 419 -38.76 9.30 7.62
CA SER B 419 -39.17 8.93 8.95
C SER B 419 -38.73 7.51 9.28
N GLN B 420 -38.86 6.61 8.30
CA GLN B 420 -38.32 5.28 8.45
C GLN B 420 -36.80 5.35 8.75
N TRP B 421 -36.05 6.14 7.99
CA TRP B 421 -34.61 6.28 8.19
C TRP B 421 -34.31 6.73 9.63
N ALA B 422 -35.13 7.67 10.17
CA ALA B 422 -34.90 8.17 11.52
C ALA B 422 -35.15 7.07 12.55
N THR B 423 -36.04 6.13 12.22
CA THR B 423 -36.34 5.06 13.17
C THR B 423 -35.32 3.94 13.10
N GLU B 424 -34.38 4.03 12.16
CA GLU B 424 -33.39 2.98 11.99
C GLU B 424 -32.16 3.16 12.89
N HIS B 425 -32.08 4.23 13.68
CA HIS B 425 -30.89 4.39 14.50
C HIS B 425 -30.85 3.27 15.55
N THR B 426 -29.63 2.87 15.91
CA THR B 426 -29.44 1.75 16.83
C THR B 426 -29.60 2.18 18.30
N ALA B 427 -29.77 3.49 18.57
CA ALA B 427 -29.99 3.92 19.96
C ALA B 427 -31.31 4.64 20.15
N THR B 428 -32.35 4.13 19.49
CA THR B 428 -33.72 4.59 19.70
C THR B 428 -34.28 3.91 20.93
N PRO B 429 -35.49 4.30 21.41
CA PRO B 429 -36.10 3.61 22.53
C PRO B 429 -36.20 2.10 22.34
N THR B 430 -36.41 1.65 21.10
CA THR B 430 -36.42 0.22 20.86
C THR B 430 -36.28 -0.08 19.37
N GLN B 431 -35.41 -1.06 19.08
CA GLN B 431 -35.17 -1.57 17.75
C GLN B 431 -36.40 -2.30 17.18
N GLU B 432 -37.38 -2.66 18.02
CA GLU B 432 -38.58 -3.34 17.59
C GLU B 432 -39.56 -2.39 16.89
N VAL B 433 -39.31 -1.09 16.89
CA VAL B 433 -40.26 -0.15 16.35
C VAL B 433 -39.60 0.59 15.21
N ARG B 434 -40.16 0.48 14.01
CA ARG B 434 -39.74 1.26 12.87
C ARG B 434 -40.99 1.90 12.31
N HIS B 435 -40.83 2.98 11.55
CA HIS B 435 -41.96 3.63 10.92
C HIS B 435 -42.82 2.69 10.06
N TRP B 436 -42.19 1.88 9.21
CA TRP B 436 -42.87 1.26 8.06
C TRP B 436 -44.02 0.33 8.43
N THR B 437 -43.96 -0.36 9.58
CA THR B 437 -44.94 -1.38 9.90
C THR B 437 -46.30 -0.75 10.26
N GLU B 438 -46.32 0.45 10.83
CA GLU B 438 -47.55 1.02 11.35
C GLU B 438 -48.52 1.36 10.21
N PRO B 439 -48.12 2.07 9.12
CA PRO B 439 -49.07 2.36 8.05
C PRO B 439 -49.67 1.10 7.42
N LEU B 440 -48.91 0.01 7.38
CA LEU B 440 -49.43 -1.24 6.83
C LEU B 440 -50.43 -1.84 7.80
N ASP B 441 -50.15 -1.80 9.11
CA ASP B 441 -51.11 -2.25 10.11
C ASP B 441 -52.44 -1.48 10.00
N TRP B 442 -52.38 -0.17 9.70
CA TRP B 442 -53.59 0.64 9.64
C TRP B 442 -54.40 0.31 8.39
N PHE B 443 -53.72 0.09 7.26
CA PHE B 443 -54.37 -0.33 6.02
C PHE B 443 -55.12 -1.63 6.20
N ARG B 444 -54.51 -2.58 6.90
CA ARG B 444 -55.14 -3.86 7.14
C ARG B 444 -56.36 -3.69 8.07
N ALA B 445 -56.22 -2.91 9.14
CA ALA B 445 -57.29 -2.72 10.11
C ALA B 445 -58.48 -1.95 9.51
N LEU B 446 -58.21 -0.96 8.66
CA LEU B 446 -59.26 -0.19 8.03
C LEU B 446 -60.05 -1.09 7.05
N ALA B 447 -59.34 -1.94 6.31
CA ALA B 447 -59.96 -2.95 5.46
C ALA B 447 -60.78 -3.93 6.31
N ASP B 448 -60.29 -4.34 7.49
CA ASP B 448 -61.09 -5.17 8.39
C ASP B 448 -62.42 -4.49 8.74
N ASN B 449 -62.48 -3.15 8.63
CA ASN B 449 -63.65 -2.38 8.98
C ASN B 449 -64.38 -1.94 7.72
N GLY B 450 -64.05 -2.52 6.55
CA GLY B 450 -64.76 -2.26 5.32
C GLY B 450 -64.32 -0.97 4.63
N LEU B 451 -63.09 -0.51 4.86
CA LEU B 451 -62.68 0.73 4.23
C LEU B 451 -61.30 0.50 3.60
N THR B 452 -61.16 0.99 2.36
CA THR B 452 -59.95 0.89 1.56
C THR B 452 -59.24 2.23 1.58
N ALA B 453 -58.12 2.29 2.34
CA ALA B 453 -57.39 3.52 2.50
C ALA B 453 -56.58 3.81 1.25
N ASP B 454 -56.38 5.10 0.97
CA ASP B 454 -55.27 5.54 0.14
C ASP B 454 -54.00 5.64 1.01
N VAL B 455 -52.84 5.40 0.40
CA VAL B 455 -51.56 5.54 1.08
C VAL B 455 -50.84 6.69 0.39
N VAL B 456 -50.58 7.78 1.14
CA VAL B 456 -50.21 9.05 0.53
C VAL B 456 -48.85 9.49 1.08
N PRO B 457 -47.81 9.62 0.22
CA PRO B 457 -46.54 10.20 0.69
C PRO B 457 -46.71 11.55 1.38
N VAL B 458 -45.81 11.82 2.35
CA VAL B 458 -45.95 13.01 3.17
C VAL B 458 -45.94 14.28 2.30
N ARG B 459 -45.24 14.33 1.17
CA ARG B 459 -45.25 15.55 0.37
C ARG B 459 -46.59 15.69 -0.36
N GLY B 460 -47.34 14.58 -0.44
CA GLY B 460 -48.53 14.53 -1.25
C GLY B 460 -49.73 15.18 -0.55
N PRO B 461 -50.90 15.22 -1.21
CA PRO B 461 -52.04 16.01 -0.73
C PRO B 461 -52.95 15.30 0.26
N TRP B 462 -52.35 14.71 1.30
CA TRP B 462 -53.11 14.05 2.35
C TRP B 462 -54.01 15.05 3.09
N ASP B 463 -53.67 16.35 3.00
CA ASP B 463 -54.42 17.38 3.71
C ASP B 463 -55.72 17.70 2.98
N GLU B 464 -55.96 17.05 1.83
CA GLU B 464 -57.22 17.19 1.13
C GLU B 464 -58.20 16.09 1.49
N TYR B 465 -57.83 15.16 2.35
CA TYR B 465 -58.68 14.02 2.64
C TYR B 465 -59.56 14.28 3.86
N GLU B 466 -60.68 13.57 3.91
CA GLU B 466 -61.63 13.61 5.02
C GLU B 466 -60.98 13.14 6.33
N ALA B 467 -60.09 12.15 6.24
CA ALA B 467 -59.39 11.63 7.40
C ALA B 467 -57.96 11.25 7.04
N VAL B 468 -57.06 11.38 8.02
CA VAL B 468 -55.62 11.20 7.81
C VAL B 468 -55.06 10.39 8.96
N VAL B 469 -54.09 9.51 8.64
CA VAL B 469 -53.33 8.77 9.64
C VAL B 469 -51.85 9.18 9.54
N LEU B 470 -51.31 9.59 10.69
CA LEU B 470 -49.88 9.70 10.97
C LEU B 470 -49.45 8.46 11.74
N PRO B 471 -48.91 7.43 11.03
CA PRO B 471 -48.58 6.13 11.63
C PRO B 471 -47.10 5.99 12.01
N SER B 472 -46.80 6.06 13.32
CA SER B 472 -45.42 6.13 13.80
C SER B 472 -44.59 7.02 12.86
N LEU B 473 -45.10 8.21 12.58
CA LEU B 473 -44.41 9.16 11.71
C LEU B 473 -43.42 10.01 12.52
N ALA B 474 -42.20 9.46 12.70
CA ALA B 474 -41.24 9.96 13.69
C ALA B 474 -40.81 11.39 13.44
N ILE B 475 -40.66 11.80 12.18
CA ILE B 475 -40.33 13.18 11.87
C ILE B 475 -41.60 14.02 11.70
N LEU B 476 -41.66 15.17 12.37
CA LEU B 476 -42.47 16.26 11.88
C LEU B 476 -41.60 17.51 11.77
N SER B 477 -41.40 18.00 10.55
CA SER B 477 -40.77 19.29 10.36
C SER B 477 -41.69 20.42 10.81
N GLU B 478 -41.14 21.63 10.92
CA GLU B 478 -41.92 22.84 11.10
C GLU B 478 -43.05 22.87 10.07
N GLN B 479 -42.71 22.63 8.80
CA GLN B 479 -43.65 22.73 7.68
C GLN B 479 -44.77 21.71 7.85
N THR B 480 -44.41 20.45 8.15
CA THR B 480 -45.41 19.40 8.28
C THR B 480 -46.28 19.67 9.50
N THR B 481 -45.68 20.11 10.60
CA THR B 481 -46.41 20.45 11.82
C THR B 481 -47.52 21.45 11.51
N ARG B 482 -47.22 22.49 10.70
CA ARG B 482 -48.14 23.55 10.33
C ARG B 482 -49.26 22.99 9.46
N ARG B 483 -48.91 22.06 8.56
CA ARG B 483 -49.92 21.42 7.72
C ARG B 483 -50.86 20.60 8.59
N VAL B 484 -50.31 19.88 9.56
CA VAL B 484 -51.16 19.04 10.39
C VAL B 484 -52.11 19.93 11.22
N ARG B 485 -51.57 20.99 11.85
CA ARG B 485 -52.37 21.79 12.78
C ARG B 485 -53.53 22.42 12.00
N GLU B 486 -53.21 23.09 10.89
CA GLU B 486 -54.19 23.72 10.02
C GLU B 486 -55.18 22.70 9.47
N TYR B 487 -54.70 21.53 9.01
CA TYR B 487 -55.58 20.45 8.58
C TYR B 487 -56.70 20.23 9.61
N VAL B 488 -56.34 20.00 10.89
CA VAL B 488 -57.31 19.62 11.92
C VAL B 488 -58.19 20.84 12.28
N ALA B 489 -57.57 21.98 12.58
CA ALA B 489 -58.30 23.22 12.84
C ALA B 489 -59.43 23.43 11.82
N ASN B 490 -59.22 23.03 10.56
CA ASN B 490 -60.15 23.38 9.48
C ASN B 490 -61.22 22.31 9.21
N GLY B 491 -61.29 21.28 10.05
CA GLY B 491 -62.36 20.31 9.90
C GLY B 491 -61.87 18.89 9.69
N GLY B 492 -60.54 18.68 9.70
CA GLY B 492 -60.01 17.37 9.36
C GLY B 492 -60.15 16.42 10.53
N LYS B 493 -60.10 15.12 10.24
CA LYS B 493 -60.15 14.09 11.26
C LYS B 493 -58.84 13.30 11.22
N LEU B 494 -58.03 13.43 12.29
CA LEU B 494 -56.67 12.96 12.31
C LEU B 494 -56.55 11.81 13.31
N PHE B 495 -55.82 10.77 12.92
CA PHE B 495 -55.36 9.74 13.84
C PHE B 495 -53.84 9.86 13.97
N VAL B 496 -53.34 9.82 15.21
CA VAL B 496 -51.91 9.96 15.51
C VAL B 496 -51.51 8.81 16.42
N THR B 497 -50.35 8.17 16.14
CA THR B 497 -49.90 7.08 16.97
C THR B 497 -48.60 7.42 17.70
N TYR B 498 -48.30 6.59 18.70
CA TYR B 498 -46.99 6.47 19.31
C TYR B 498 -45.92 6.54 18.22
N TYR B 499 -44.78 7.16 18.57
CA TYR B 499 -43.63 7.26 17.69
C TYR B 499 -43.87 8.26 16.55
N THR B 500 -44.80 9.18 16.76
CA THR B 500 -45.06 10.26 15.81
C THR B 500 -44.55 11.57 16.38
N GLY B 501 -43.98 12.40 15.51
CA GLY B 501 -43.54 13.73 15.88
C GLY B 501 -42.47 13.78 16.98
N LEU B 502 -41.64 12.74 17.12
CA LEU B 502 -40.58 12.74 18.13
C LEU B 502 -39.53 13.81 17.83
N VAL B 503 -39.21 14.01 16.56
CA VAL B 503 -38.07 14.81 16.13
C VAL B 503 -38.47 15.68 14.97
N ASP B 504 -37.68 16.71 14.70
CA ASP B 504 -37.77 17.50 13.49
C ASP B 504 -36.91 16.85 12.41
N ASP B 505 -36.66 17.59 11.31
CA ASP B 505 -36.02 17.01 10.14
C ASP B 505 -34.48 17.02 10.25
N ARG B 506 -33.93 17.57 11.32
CA ARG B 506 -32.52 17.41 11.62
C ARG B 506 -32.32 16.28 12.62
N ASP B 507 -33.40 15.63 13.07
CA ASP B 507 -33.34 14.58 14.09
C ASP B 507 -33.11 15.15 15.50
N HIS B 508 -33.49 16.42 15.72
CA HIS B 508 -33.53 17.01 17.06
C HIS B 508 -34.88 16.78 17.70
N VAL B 509 -34.90 16.36 18.96
CA VAL B 509 -36.14 16.05 19.67
C VAL B 509 -36.91 17.35 19.95
N TRP B 510 -38.22 17.32 19.66
CA TRP B 510 -39.16 18.38 20.07
C TRP B 510 -39.35 18.27 21.58
N LEU B 511 -38.96 19.32 22.33
CA LEU B 511 -38.92 19.30 23.79
C LEU B 511 -40.28 19.69 24.40
N GLY B 512 -40.47 19.43 25.70
CA GLY B 512 -41.67 19.89 26.40
C GLY B 512 -42.69 18.78 26.71
N GLY B 513 -42.43 17.55 26.20
CA GLY B 513 -43.37 16.45 26.30
C GLY B 513 -43.75 15.98 24.89
N TYR B 514 -43.77 14.67 24.65
CA TYR B 514 -43.97 14.19 23.28
C TYR B 514 -45.49 14.19 23.01
N PRO B 515 -46.01 14.29 21.75
CA PRO B 515 -45.28 14.75 20.57
C PRO B 515 -45.14 16.27 20.56
N GLY B 516 -43.88 16.71 20.66
CA GLY B 516 -43.57 18.03 21.16
C GLY B 516 -43.97 19.16 20.23
N SER B 517 -44.23 18.90 18.95
CA SER B 517 -44.62 20.00 18.07
C SER B 517 -46.15 20.08 17.92
N ILE B 518 -46.92 19.11 18.40
CA ILE B 518 -48.38 19.11 18.17
C ILE B 518 -49.17 18.69 19.41
N ARG B 519 -48.66 18.97 20.64
CA ARG B 519 -49.35 18.57 21.86
C ARG B 519 -50.75 19.21 21.93
N ASP B 520 -50.92 20.40 21.32
CA ASP B 520 -52.19 21.11 21.33
C ASP B 520 -53.23 20.39 20.46
N VAL B 521 -52.77 19.88 19.30
CA VAL B 521 -53.63 19.20 18.34
C VAL B 521 -54.16 17.90 18.96
N VAL B 522 -53.28 17.14 19.60
CA VAL B 522 -53.67 15.82 20.08
C VAL B 522 -54.22 15.87 21.50
N GLY B 523 -53.93 16.95 22.24
CA GLY B 523 -54.51 17.14 23.57
C GLY B 523 -53.97 16.14 24.58
N VAL B 524 -52.74 15.64 24.33
CA VAL B 524 -52.07 14.83 25.32
C VAL B 524 -50.63 15.32 25.47
N ARG B 525 -50.02 14.83 26.55
CA ARG B 525 -48.61 15.03 26.85
C ARG B 525 -48.05 13.70 27.32
N VAL B 526 -47.01 13.23 26.60
CA VAL B 526 -46.28 12.04 26.96
C VAL B 526 -44.94 12.47 27.57
N GLU B 527 -44.61 11.91 28.74
CA GLU B 527 -43.40 12.26 29.49
C GLU B 527 -42.27 11.29 29.17
N GLU B 528 -42.60 10.00 28.98
CA GLU B 528 -41.61 8.99 28.63
C GLU B 528 -42.31 7.78 27.98
N PHE B 529 -41.51 6.76 27.64
CA PHE B 529 -41.98 5.61 26.89
C PHE B 529 -41.77 4.36 27.71
N ALA B 530 -42.59 3.34 27.46
CA ALA B 530 -42.34 2.04 28.05
C ALA B 530 -42.24 1.01 26.94
N PRO B 531 -41.05 0.80 26.33
CA PRO B 531 -40.84 -0.32 25.43
C PRO B 531 -41.05 -1.64 26.17
N MET B 532 -41.45 -2.65 25.40
CA MET B 532 -41.78 -3.95 25.91
C MET B 532 -41.09 -5.00 25.05
N GLY B 533 -40.86 -6.17 25.63
CA GLY B 533 -40.19 -7.26 24.96
C GLY B 533 -39.97 -8.42 25.91
N THR B 534 -39.21 -9.42 25.47
CA THR B 534 -38.99 -10.65 26.21
C THR B 534 -37.50 -11.02 26.20
N ASP B 535 -36.61 -10.04 26.16
CA ASP B 535 -35.19 -10.37 26.01
C ASP B 535 -34.52 -10.61 27.36
N ALA B 536 -35.26 -10.62 28.49
CA ALA B 536 -34.73 -11.21 29.72
C ALA B 536 -35.87 -11.73 30.58
N PRO B 537 -35.64 -12.69 31.49
CA PRO B 537 -36.73 -13.17 32.36
C PRO B 537 -37.39 -11.99 33.08
N GLY B 538 -38.73 -11.94 32.98
CA GLY B 538 -39.56 -11.03 33.76
C GLY B 538 -39.68 -9.61 33.21
N THR B 539 -39.25 -9.35 31.96
CA THR B 539 -39.45 -8.05 31.34
C THR B 539 -40.94 -7.92 31.05
N MET B 540 -41.42 -6.68 30.99
CA MET B 540 -42.81 -6.43 30.68
C MET B 540 -43.00 -6.58 29.16
N ASP B 541 -43.88 -7.51 28.77
CA ASP B 541 -44.02 -7.90 27.36
C ASP B 541 -45.40 -7.56 26.79
N HIS B 542 -46.34 -7.09 27.61
CA HIS B 542 -47.63 -6.61 27.09
C HIS B 542 -48.31 -5.72 28.12
N LEU B 543 -49.22 -4.87 27.64
CA LEU B 543 -50.19 -4.15 28.46
C LEU B 543 -51.60 -4.32 27.90
N ASP B 544 -52.51 -4.87 28.70
CA ASP B 544 -53.92 -4.96 28.30
C ASP B 544 -54.57 -3.57 28.27
N LEU B 545 -55.55 -3.40 27.38
CA LEU B 545 -56.40 -2.22 27.37
C LEU B 545 -57.81 -2.61 27.79
N ASP B 546 -58.62 -1.61 28.19
CA ASP B 546 -59.97 -1.84 28.73
C ASP B 546 -61.01 -1.89 27.62
N ASN B 547 -60.59 -1.86 26.33
CA ASN B 547 -61.48 -2.06 25.20
C ASN B 547 -61.25 -3.46 24.62
N GLY B 548 -60.65 -4.38 25.41
CA GLY B 548 -60.47 -5.76 24.99
C GLY B 548 -59.26 -6.02 24.07
N THR B 549 -58.35 -5.03 23.92
CA THR B 549 -57.16 -5.17 23.08
C THR B 549 -55.92 -5.25 23.95
N VAL B 550 -54.79 -5.61 23.30
CA VAL B 550 -53.52 -5.81 23.97
C VAL B 550 -52.39 -5.12 23.21
N ALA B 551 -51.63 -4.29 23.96
CA ALA B 551 -50.47 -3.62 23.41
C ALA B 551 -49.23 -4.50 23.57
N HIS B 552 -48.35 -4.39 22.58
CA HIS B 552 -47.04 -5.05 22.64
C HIS B 552 -45.99 -4.06 22.14
N ASP B 553 -44.72 -4.34 22.49
CA ASP B 553 -43.53 -3.66 21.95
C ASP B 553 -43.34 -2.23 22.47
N PHE B 554 -44.41 -1.41 22.57
CA PHE B 554 -44.24 -0.01 22.93
C PHE B 554 -45.54 0.57 23.50
N ALA B 555 -45.43 1.39 24.57
CA ALA B 555 -46.55 2.17 25.09
C ALA B 555 -46.05 3.54 25.54
N ASP B 556 -46.85 4.59 25.26
CA ASP B 556 -46.60 5.92 25.77
C ASP B 556 -47.02 6.02 27.25
N VAL B 557 -46.28 6.84 28.04
CA VAL B 557 -46.72 7.26 29.36
C VAL B 557 -47.37 8.63 29.23
N ILE B 558 -48.71 8.65 29.11
CA ILE B 558 -49.49 9.87 28.96
C ILE B 558 -49.77 10.41 30.37
N THR B 559 -49.36 11.64 30.66
CA THR B 559 -49.48 12.06 32.06
C THR B 559 -50.48 13.20 32.20
N SER B 560 -50.90 13.79 31.08
CA SER B 560 -51.96 14.78 31.11
C SER B 560 -52.80 14.68 29.83
N VAL B 561 -54.08 15.08 29.97
CA VAL B 561 -55.05 15.10 28.87
C VAL B 561 -55.75 16.46 28.92
N ALA B 562 -55.86 17.13 27.77
CA ALA B 562 -56.42 18.46 27.70
C ALA B 562 -57.93 18.44 28.02
N ASP B 563 -58.46 19.61 28.42
CA ASP B 563 -59.87 19.73 28.76
C ASP B 563 -60.75 19.55 27.53
N THR B 564 -60.21 19.77 26.32
CA THR B 564 -60.94 19.58 25.08
C THR B 564 -60.94 18.14 24.58
N ALA B 565 -60.43 17.21 25.40
CA ALA B 565 -60.22 15.84 24.97
C ALA B 565 -60.76 14.92 26.04
N HIS B 566 -60.90 13.63 25.69
CA HIS B 566 -61.34 12.64 26.65
C HIS B 566 -60.67 11.31 26.32
N VAL B 567 -60.69 10.40 27.30
CA VAL B 567 -60.04 9.10 27.14
C VAL B 567 -61.07 8.09 26.62
N VAL B 568 -60.70 7.38 25.55
CA VAL B 568 -61.54 6.35 24.96
C VAL B 568 -61.16 4.98 25.52
N ALA B 569 -59.88 4.74 25.77
CA ALA B 569 -59.49 3.51 26.41
C ALA B 569 -58.28 3.78 27.31
N SER B 570 -58.14 2.93 28.32
CA SER B 570 -57.12 3.02 29.35
C SER B 570 -56.44 1.68 29.49
N PHE B 571 -55.19 1.67 29.97
CA PHE B 571 -54.50 0.42 30.21
C PHE B 571 -54.99 -0.22 31.51
N LYS B 572 -54.87 -1.55 31.61
CA LYS B 572 -55.07 -2.30 32.84
C LYS B 572 -53.80 -3.10 33.10
N ALA B 573 -53.19 -2.93 34.28
CA ALA B 573 -51.89 -3.57 34.52
C ALA B 573 -51.69 -3.84 36.00
N ASP B 574 -50.68 -4.64 36.34
CA ASP B 574 -50.23 -4.79 37.71
C ASP B 574 -49.85 -3.41 38.26
N LYS B 575 -50.13 -3.19 39.55
CA LYS B 575 -50.10 -1.84 40.11
C LYS B 575 -48.67 -1.29 40.09
N TRP B 576 -47.66 -2.15 40.25
CA TRP B 576 -46.28 -1.70 40.39
C TRP B 576 -45.67 -1.20 39.09
N THR B 577 -46.36 -1.33 37.95
CA THR B 577 -45.88 -0.86 36.65
C THR B 577 -46.17 0.60 36.40
N GLY B 578 -47.15 1.15 37.15
CA GLY B 578 -47.62 2.51 36.96
C GLY B 578 -48.65 2.68 35.82
N PHE B 579 -49.04 1.59 35.16
CA PHE B 579 -49.88 1.70 33.97
C PHE B 579 -51.37 1.47 34.28
N ASP B 580 -51.71 1.00 35.49
CA ASP B 580 -53.08 0.64 35.77
C ASP B 580 -53.95 1.89 35.79
N GLY B 581 -54.90 1.99 34.86
CA GLY B 581 -55.77 3.13 34.74
C GLY B 581 -55.24 4.25 33.83
N ALA B 582 -53.99 4.14 33.37
CA ALA B 582 -53.41 5.21 32.60
C ALA B 582 -54.08 5.33 31.24
N PRO B 583 -54.12 6.55 30.62
CA PRO B 583 -54.69 6.72 29.31
C PRO B 583 -53.93 5.96 28.21
N ALA B 584 -54.69 5.33 27.27
CA ALA B 584 -54.15 4.57 26.15
C ALA B 584 -54.57 5.21 24.83
N ILE B 585 -55.88 5.48 24.68
CA ILE B 585 -56.44 6.06 23.47
C ILE B 585 -57.30 7.25 23.87
N THR B 586 -57.17 8.38 23.14
CA THR B 586 -57.86 9.60 23.48
C THR B 586 -58.37 10.24 22.20
N VAL B 587 -59.36 11.14 22.35
CA VAL B 587 -59.80 11.96 21.25
C VAL B 587 -59.86 13.40 21.73
N ASN B 588 -59.56 14.31 20.83
CA ASN B 588 -59.49 15.71 21.20
C ASN B 588 -60.22 16.53 20.17
N ASP B 589 -60.95 17.55 20.64
CA ASP B 589 -61.56 18.51 19.76
C ASP B 589 -60.58 19.64 19.55
N PHE B 590 -60.33 20.03 18.29
CA PHE B 590 -59.35 21.06 17.99
C PHE B 590 -59.85 21.87 16.81
N GLY B 591 -60.23 23.14 17.07
CA GLY B 591 -60.94 23.94 16.08
C GLY B 591 -62.19 23.21 15.57
N ASP B 592 -62.36 23.15 14.25
CA ASP B 592 -63.50 22.46 13.64
C ASP B 592 -63.30 20.95 13.56
N GLY B 593 -62.10 20.46 13.90
CA GLY B 593 -61.73 19.08 13.64
C GLY B 593 -61.58 18.27 14.92
N LYS B 594 -61.06 17.04 14.75
CA LYS B 594 -60.74 16.13 15.84
C LYS B 594 -59.44 15.37 15.56
N ALA B 595 -58.76 14.95 16.64
CA ALA B 595 -57.57 14.11 16.56
C ALA B 595 -57.62 12.99 17.60
N ALA B 596 -57.53 11.75 17.14
CA ALA B 596 -57.36 10.61 18.04
C ALA B 596 -55.87 10.38 18.29
N TYR B 597 -55.51 9.89 19.48
CA TYR B 597 -54.13 9.56 19.77
C TYR B 597 -54.11 8.12 20.25
N VAL B 598 -53.33 7.26 19.57
CA VAL B 598 -53.24 5.86 19.95
C VAL B 598 -51.83 5.64 20.49
N GLY B 599 -51.71 5.63 21.83
CA GLY B 599 -50.41 5.67 22.46
C GLY B 599 -49.86 4.29 22.81
N ALA B 600 -50.08 3.30 21.92
CA ALA B 600 -49.46 2.00 22.06
C ALA B 600 -49.55 1.31 20.71
N ARG B 601 -48.71 0.29 20.51
CA ARG B 601 -48.79 -0.52 19.31
C ARG B 601 -49.82 -1.63 19.55
N LEU B 602 -50.90 -1.57 18.76
CA LEU B 602 -52.04 -2.46 18.95
C LEU B 602 -52.11 -3.52 17.85
N GLY B 603 -51.36 -3.33 16.75
CA GLY B 603 -51.31 -4.32 15.70
C GLY B 603 -52.54 -4.23 14.80
N ARG B 604 -52.51 -4.94 13.66
CA ARG B 604 -53.69 -5.02 12.81
C ARG B 604 -54.95 -5.32 13.63
N GLU B 605 -54.85 -6.34 14.49
CA GLU B 605 -55.97 -6.91 15.19
C GLU B 605 -56.51 -5.93 16.23
N GLY B 606 -55.57 -5.28 16.95
CA GLY B 606 -55.92 -4.36 18.02
C GLY B 606 -56.48 -3.08 17.43
N LEU B 607 -55.94 -2.61 16.29
CA LEU B 607 -56.52 -1.44 15.65
C LEU B 607 -57.90 -1.80 15.07
N ALA B 608 -58.04 -3.04 14.55
CA ALA B 608 -59.30 -3.45 13.93
C ALA B 608 -60.44 -3.33 14.93
N LYS B 609 -60.20 -3.85 16.15
CA LYS B 609 -61.18 -3.90 17.21
C LYS B 609 -61.40 -2.52 17.83
N SER B 610 -60.39 -1.63 17.79
CA SER B 610 -60.47 -0.31 18.41
C SER B 610 -61.16 0.69 17.49
N LEU B 611 -61.15 0.41 16.18
CA LEU B 611 -61.57 1.40 15.20
C LEU B 611 -63.07 1.71 15.19
N PRO B 612 -64.03 0.79 15.45
CA PRO B 612 -65.45 1.19 15.41
C PRO B 612 -65.70 2.44 16.26
N ALA B 613 -65.24 2.37 17.52
CA ALA B 613 -65.38 3.47 18.46
C ALA B 613 -64.76 4.76 17.94
N LEU B 614 -63.59 4.69 17.26
CA LEU B 614 -62.89 5.90 16.82
C LEU B 614 -63.52 6.47 15.56
N LEU B 615 -63.86 5.58 14.61
CA LEU B 615 -64.56 5.98 13.39
C LEU B 615 -65.85 6.71 13.76
N GLU B 616 -66.54 6.23 14.77
CA GLU B 616 -67.75 6.91 15.22
C GLU B 616 -67.43 8.30 15.76
N GLU B 617 -66.44 8.39 16.66
CA GLU B 617 -66.10 9.67 17.27
C GLU B 617 -65.69 10.70 16.20
N LEU B 618 -65.06 10.25 15.10
CA LEU B 618 -64.52 11.18 14.10
C LEU B 618 -65.50 11.36 12.94
N GLY B 619 -66.62 10.64 13.01
CA GLY B 619 -67.71 10.83 12.08
C GLY B 619 -67.39 10.24 10.70
N ILE B 620 -66.72 9.09 10.69
CA ILE B 620 -66.33 8.50 9.42
C ILE B 620 -67.20 7.26 9.21
N GLU B 621 -68.02 7.24 8.14
CA GLU B 621 -69.01 6.18 8.01
C GLU B 621 -68.40 4.99 7.28
N THR B 622 -68.61 3.79 7.81
CA THR B 622 -68.37 2.54 7.11
C THR B 622 -69.62 1.66 7.22
N SER B 623 -69.70 0.67 6.33
CA SER B 623 -70.71 -0.39 6.42
C SER B 623 -70.76 -0.96 7.83
N ALA B 624 -71.93 -1.50 8.21
CA ALA B 624 -72.15 -2.07 9.52
C ALA B 624 -72.19 -3.60 9.45
N GLU B 625 -72.16 -4.14 8.22
CA GLU B 625 -72.23 -5.58 7.92
C GLU B 625 -71.09 -6.33 8.61
N ASP B 626 -71.41 -7.47 9.24
CA ASP B 626 -70.45 -8.27 9.95
C ASP B 626 -69.37 -8.80 9.02
N ASP B 627 -69.64 -8.83 7.71
CA ASP B 627 -68.73 -9.45 6.75
C ASP B 627 -67.94 -8.39 5.98
N ARG B 628 -67.92 -7.13 6.44
CA ARG B 628 -67.37 -6.05 5.64
C ARG B 628 -65.85 -6.20 5.45
N GLY B 629 -65.20 -7.02 6.29
CA GLY B 629 -63.76 -7.21 6.20
C GLY B 629 -63.33 -8.39 5.33
N GLU B 630 -64.30 -9.18 4.85
CA GLU B 630 -63.98 -10.42 4.14
C GLU B 630 -63.39 -10.10 2.77
N VAL B 631 -63.75 -8.95 2.22
CA VAL B 631 -63.38 -8.66 0.85
C VAL B 631 -62.77 -7.28 0.81
N LEU B 632 -61.75 -7.10 -0.05
CA LEU B 632 -61.21 -5.78 -0.28
C LEU B 632 -61.82 -5.29 -1.58
N ARG B 633 -62.42 -4.11 -1.51
CA ARG B 633 -63.08 -3.50 -2.64
C ARG B 633 -62.18 -2.36 -3.13
N VAL B 634 -61.79 -2.39 -4.40
CA VAL B 634 -60.95 -1.37 -4.97
C VAL B 634 -61.64 -0.88 -6.22
N GLU B 635 -61.64 0.43 -6.45
CA GLU B 635 -62.43 0.97 -7.54
C GLU B 635 -61.56 1.89 -8.36
N ARG B 636 -61.82 1.93 -9.68
CA ARG B 636 -61.21 2.86 -10.60
C ARG B 636 -62.28 3.55 -11.42
N ALA B 637 -62.07 4.80 -11.80
CA ALA B 637 -63.06 5.51 -12.58
C ALA B 637 -62.43 6.68 -13.28
N ASP B 638 -63.02 7.09 -14.41
CA ASP B 638 -62.55 8.25 -15.15
C ASP B 638 -63.16 9.50 -14.53
N GLU B 639 -62.83 10.65 -15.12
CA GLU B 639 -63.14 11.97 -14.60
C GLU B 639 -64.66 12.19 -14.54
N THR B 640 -65.38 11.77 -15.59
CA THR B 640 -66.82 11.94 -15.69
C THR B 640 -67.58 10.94 -14.80
N GLY B 641 -66.96 9.81 -14.45
CA GLY B 641 -67.67 8.72 -13.78
C GLY B 641 -68.28 7.70 -14.75
N GLU B 642 -68.22 7.99 -16.07
CA GLU B 642 -68.86 7.16 -17.11
C GLU B 642 -68.35 5.72 -17.16
N ASN B 643 -67.05 5.50 -16.86
CA ASN B 643 -66.47 4.17 -16.81
C ASN B 643 -65.99 3.95 -15.39
N HIS B 644 -66.64 3.03 -14.67
CA HIS B 644 -66.37 2.87 -13.25
C HIS B 644 -66.32 1.37 -12.97
N PHE B 645 -65.18 0.90 -12.43
CA PHE B 645 -64.97 -0.51 -12.27
C PHE B 645 -64.80 -0.81 -10.80
N VAL B 646 -65.21 -2.01 -10.41
CA VAL B 646 -65.09 -2.42 -9.03
C VAL B 646 -64.43 -3.78 -9.00
N PHE B 647 -63.31 -3.88 -8.26
CA PHE B 647 -62.60 -5.12 -8.05
C PHE B 647 -62.86 -5.59 -6.63
N LEU B 648 -63.13 -6.88 -6.47
CA LEU B 648 -63.50 -7.46 -5.18
C LEU B 648 -62.60 -8.67 -4.93
N PHE B 649 -61.70 -8.56 -3.93
CA PHE B 649 -60.73 -9.61 -3.62
C PHE B 649 -61.13 -10.30 -2.33
N ASN B 650 -61.26 -11.62 -2.33
CA ASN B 650 -61.40 -12.35 -1.08
C ASN B 650 -60.09 -12.25 -0.31
N ARG B 651 -60.21 -11.87 0.98
CA ARG B 651 -59.05 -11.70 1.84
C ARG B 651 -58.90 -12.94 2.74
N THR B 652 -59.78 -13.93 2.62
CA THR B 652 -59.85 -15.01 3.63
C THR B 652 -59.68 -16.39 3.02
N HIS B 653 -59.63 -17.40 3.92
CA HIS B 653 -59.68 -18.81 3.53
C HIS B 653 -61.11 -19.39 3.65
N ASP B 654 -62.14 -18.53 3.54
CA ASP B 654 -63.52 -18.96 3.47
C ASP B 654 -64.09 -18.47 2.15
N VAL B 655 -65.21 -19.06 1.72
CA VAL B 655 -65.92 -18.53 0.56
C VAL B 655 -66.60 -17.24 0.99
N ALA B 656 -66.46 -16.19 0.20
CA ALA B 656 -67.07 -14.92 0.49
C ALA B 656 -68.18 -14.64 -0.53
N VAL B 657 -69.36 -14.23 -0.03
CA VAL B 657 -70.51 -13.88 -0.86
C VAL B 657 -70.59 -12.37 -1.01
N VAL B 658 -70.76 -11.87 -2.24
CA VAL B 658 -70.86 -10.44 -2.47
C VAL B 658 -72.07 -10.15 -3.36
N ASP B 659 -72.49 -8.88 -3.41
CA ASP B 659 -73.45 -8.42 -4.41
C ASP B 659 -72.72 -8.08 -5.70
N VAL B 660 -73.39 -8.35 -6.83
CA VAL B 660 -72.93 -7.97 -8.14
C VAL B 660 -73.69 -6.71 -8.51
N GLU B 661 -72.98 -5.63 -8.79
CA GLU B 661 -73.60 -4.32 -8.87
C GLU B 661 -73.43 -3.77 -10.29
N GLY B 662 -73.11 -4.66 -11.21
CA GLY B 662 -73.07 -4.29 -12.61
C GLY B 662 -72.64 -5.49 -13.45
N GLU B 663 -72.15 -5.23 -14.66
CA GLU B 663 -71.77 -6.29 -15.59
C GLU B 663 -70.50 -6.99 -15.08
N PRO B 664 -70.53 -8.29 -14.74
CA PRO B 664 -69.30 -9.03 -14.46
C PRO B 664 -68.43 -9.10 -15.71
N LEU B 665 -67.15 -8.74 -15.57
CA LEU B 665 -66.20 -8.76 -16.67
C LEU B 665 -65.19 -9.88 -16.47
N VAL B 666 -64.70 -10.08 -15.23
CA VAL B 666 -63.72 -11.12 -14.96
C VAL B 666 -64.03 -11.79 -13.64
N ALA B 667 -64.00 -13.11 -13.65
CA ALA B 667 -64.31 -13.89 -12.48
C ALA B 667 -63.29 -15.01 -12.38
N SER B 668 -62.24 -14.81 -11.57
CA SER B 668 -61.29 -15.84 -11.25
C SER B 668 -61.62 -16.48 -9.89
N LEU B 669 -61.83 -17.80 -9.86
CA LEU B 669 -62.28 -18.52 -8.67
C LEU B 669 -63.47 -17.82 -8.01
N ALA B 670 -64.36 -17.27 -8.85
CA ALA B 670 -65.62 -16.68 -8.41
C ALA B 670 -66.75 -17.19 -9.33
N GLN B 671 -67.91 -17.50 -8.73
CA GLN B 671 -69.09 -17.99 -9.44
C GLN B 671 -70.25 -17.02 -9.23
N VAL B 672 -70.62 -16.27 -10.28
CA VAL B 672 -71.80 -15.41 -10.26
C VAL B 672 -73.07 -16.25 -10.35
N ASN B 673 -74.07 -15.91 -9.51
CA ASN B 673 -75.45 -16.39 -9.64
C ASN B 673 -76.30 -15.23 -10.16
N GLU B 674 -76.60 -15.21 -11.46
CA GLU B 674 -77.24 -14.05 -12.08
C GLU B 674 -78.68 -13.89 -11.59
N SER B 675 -79.29 -14.95 -11.05
CA SER B 675 -80.65 -14.85 -10.53
C SER B 675 -80.68 -13.80 -9.42
N GLU B 676 -79.89 -14.06 -8.37
CA GLU B 676 -79.96 -13.31 -7.13
C GLU B 676 -78.92 -12.17 -7.13
N HIS B 677 -78.21 -11.99 -8.26
CA HIS B 677 -77.21 -10.93 -8.38
C HIS B 677 -76.18 -11.03 -7.24
N THR B 678 -75.75 -12.26 -6.92
CA THR B 678 -74.71 -12.52 -5.94
C THR B 678 -73.54 -13.24 -6.62
N ALA B 679 -72.39 -13.28 -5.95
CA ALA B 679 -71.25 -14.08 -6.41
C ALA B 679 -70.60 -14.76 -5.21
N ALA B 680 -70.14 -15.97 -5.41
CA ALA B 680 -69.41 -16.69 -4.37
C ALA B 680 -67.92 -16.71 -4.78
N ILE B 681 -67.07 -16.00 -4.02
CA ILE B 681 -65.63 -15.90 -4.29
C ILE B 681 -64.92 -16.92 -3.40
N GLN B 682 -64.17 -17.83 -4.04
CA GLN B 682 -63.38 -18.81 -3.34
C GLN B 682 -62.14 -18.11 -2.73
N PRO B 683 -61.43 -18.75 -1.78
CA PRO B 683 -60.10 -18.27 -1.38
C PRO B 683 -59.26 -17.95 -2.61
N ASN B 684 -58.59 -16.79 -2.58
CA ASN B 684 -57.67 -16.34 -3.61
C ASN B 684 -58.39 -15.94 -4.87
N GLY B 685 -59.70 -15.69 -4.74
CA GLY B 685 -60.52 -15.29 -5.87
C GLY B 685 -60.70 -13.78 -5.96
N VAL B 686 -61.13 -13.33 -7.14
CA VAL B 686 -61.45 -11.94 -7.45
C VAL B 686 -62.60 -11.90 -8.47
N LEU B 687 -63.50 -10.91 -8.29
CA LEU B 687 -64.50 -10.54 -9.28
C LEU B 687 -64.31 -9.08 -9.66
N VAL B 688 -64.38 -8.79 -10.97
CA VAL B 688 -64.29 -7.44 -11.47
C VAL B 688 -65.59 -7.08 -12.22
N VAL B 689 -66.28 -6.02 -11.80
CA VAL B 689 -67.53 -5.63 -12.44
C VAL B 689 -67.38 -4.22 -12.98
N LYS B 690 -68.11 -3.91 -14.05
CA LYS B 690 -68.30 -2.54 -14.46
C LYS B 690 -69.73 -2.07 -14.12
N LEU B 691 -69.90 -0.83 -13.63
CA LEU B 691 -71.20 -0.35 -13.19
C LEU B 691 -71.93 0.32 -14.34
N MET C 1 31.79 -28.10 -20.30
CA MET C 1 30.62 -27.52 -21.01
C MET C 1 30.65 -27.96 -22.48
N GLU C 2 29.54 -28.61 -22.93
CA GLU C 2 29.39 -29.01 -24.32
C GLU C 2 28.69 -27.90 -25.08
N HIS C 3 29.11 -27.67 -26.34
CA HIS C 3 28.31 -26.90 -27.27
C HIS C 3 27.25 -27.80 -27.88
N ARG C 4 26.17 -27.17 -28.37
CA ARG C 4 25.19 -27.89 -29.17
C ARG C 4 25.79 -28.20 -30.54
N ALA C 5 25.24 -29.21 -31.24
CA ALA C 5 25.75 -29.50 -32.56
C ALA C 5 25.48 -28.28 -33.42
N PHE C 6 26.44 -27.92 -34.26
CA PHE C 6 26.28 -26.80 -35.17
C PHE C 6 25.17 -27.09 -36.19
N LYS C 7 24.23 -26.16 -36.35
CA LYS C 7 23.30 -26.13 -37.47
C LYS C 7 23.36 -24.74 -38.09
N TRP C 8 23.17 -24.67 -39.39
CA TRP C 8 23.17 -23.42 -40.13
C TRP C 8 21.87 -23.33 -40.92
N PRO C 9 21.29 -22.14 -41.20
CA PRO C 9 20.09 -22.06 -42.02
C PRO C 9 20.42 -22.47 -43.46
N GLN C 10 19.56 -23.35 -44.01
CA GLN C 10 19.75 -24.03 -45.29
C GLN C 10 19.02 -23.30 -46.41
N PRO C 11 19.44 -23.45 -47.66
CA PRO C 11 18.79 -22.70 -48.75
C PRO C 11 17.35 -23.17 -48.93
N LEU C 12 16.54 -22.34 -49.57
CA LEU C 12 15.23 -22.75 -50.07
C LEU C 12 15.41 -23.82 -51.16
N ALA C 13 14.42 -24.73 -51.30
CA ALA C 13 14.45 -25.73 -52.36
C ALA C 13 14.82 -25.08 -53.68
N GLY C 14 15.85 -25.63 -54.34
CA GLY C 14 16.24 -25.18 -55.68
C GLY C 14 17.28 -24.06 -55.70
N ASN C 15 17.64 -23.51 -54.54
CA ASN C 15 18.67 -22.48 -54.47
C ASN C 15 19.99 -23.12 -54.04
N LYS C 16 21.11 -22.55 -54.50
CA LYS C 16 22.43 -22.97 -54.04
C LYS C 16 22.77 -22.27 -52.71
N PRO C 17 23.66 -22.81 -51.86
CA PRO C 17 24.15 -22.05 -50.71
C PRO C 17 24.66 -20.67 -51.14
N ARG C 18 24.37 -19.65 -50.31
CA ARG C 18 24.81 -18.29 -50.52
C ARG C 18 25.28 -17.67 -49.20
N ILE C 19 26.00 -16.56 -49.30
CA ILE C 19 26.23 -15.72 -48.14
C ILE C 19 24.89 -15.02 -47.87
N TRP C 20 24.21 -15.46 -46.80
CA TRP C 20 22.92 -14.84 -46.46
C TRP C 20 23.11 -13.33 -46.36
N TYR C 21 22.29 -12.57 -47.07
CA TYR C 21 22.35 -11.11 -47.13
C TYR C 21 20.95 -10.53 -46.99
N GLY C 22 20.78 -9.59 -46.04
CA GLY C 22 19.48 -8.96 -45.85
C GLY C 22 19.41 -8.17 -44.54
N GLY C 23 18.30 -8.35 -43.81
CA GLY C 23 18.09 -7.58 -42.59
C GLY C 23 16.71 -7.76 -41.98
N ASP C 24 16.50 -7.07 -40.85
CA ASP C 24 15.22 -7.00 -40.20
C ASP C 24 14.25 -6.39 -41.18
N TYR C 25 13.09 -7.05 -41.33
CA TYR C 25 12.01 -6.59 -42.19
C TYR C 25 10.74 -6.41 -41.35
N ASN C 26 10.12 -5.23 -41.51
CA ASN C 26 9.04 -4.81 -40.65
C ASN C 26 7.84 -4.39 -41.51
N PRO C 27 7.26 -5.33 -42.31
CA PRO C 27 6.14 -4.98 -43.19
C PRO C 27 4.94 -4.40 -42.43
N ASP C 28 4.71 -4.91 -41.21
CA ASP C 28 3.62 -4.46 -40.35
C ASP C 28 3.66 -2.96 -40.05
N GLN C 29 4.74 -2.26 -40.39
CA GLN C 29 4.77 -0.81 -40.24
C GLN C 29 4.37 -0.09 -41.52
N TRP C 30 4.02 -0.82 -42.60
CA TRP C 30 3.77 -0.14 -43.87
C TRP C 30 2.45 -0.62 -44.50
N PRO C 31 1.83 0.18 -45.38
CA PRO C 31 0.72 -0.29 -46.23
C PRO C 31 1.13 -1.50 -47.08
N GLU C 32 0.19 -2.42 -47.30
CA GLU C 32 0.48 -3.70 -47.91
C GLU C 32 0.93 -3.52 -49.36
N GLU C 33 0.53 -2.43 -50.03
CA GLU C 33 0.99 -2.17 -51.38
C GLU C 33 2.51 -1.97 -51.43
N VAL C 34 3.11 -1.46 -50.33
CA VAL C 34 4.54 -1.21 -50.26
C VAL C 34 5.32 -2.53 -50.30
N TRP C 35 4.72 -3.63 -49.85
CA TRP C 35 5.45 -4.90 -49.78
C TRP C 35 5.94 -5.33 -51.17
N ASP C 36 5.18 -4.99 -52.24
CA ASP C 36 5.59 -5.36 -53.59
C ASP C 36 6.86 -4.58 -53.98
N GLU C 37 6.94 -3.27 -53.67
CA GLU C 37 8.16 -2.48 -53.90
C GLU C 37 9.32 -3.09 -53.11
N ASP C 38 9.09 -3.46 -51.84
CA ASP C 38 10.14 -4.05 -51.02
C ASP C 38 10.77 -5.22 -51.77
N VAL C 39 9.91 -6.14 -52.25
CA VAL C 39 10.39 -7.40 -52.80
C VAL C 39 11.22 -7.13 -54.06
N ALA C 40 10.76 -6.21 -54.92
CA ALA C 40 11.49 -5.85 -56.13
C ALA C 40 12.86 -5.25 -55.80
N LEU C 41 12.90 -4.36 -54.81
CA LEU C 41 14.14 -3.75 -54.37
C LEU C 41 15.06 -4.81 -53.74
N MET C 42 14.54 -5.76 -52.96
CA MET C 42 15.38 -6.81 -52.41
C MET C 42 16.09 -7.59 -53.51
N GLN C 43 15.36 -7.90 -54.59
CA GLN C 43 15.90 -8.66 -55.70
C GLN C 43 17.00 -7.85 -56.41
N GLN C 44 16.73 -6.57 -56.66
CA GLN C 44 17.73 -5.67 -57.22
C GLN C 44 18.98 -5.63 -56.32
N ALA C 45 18.79 -5.70 -54.99
CA ALA C 45 19.91 -5.57 -54.07
C ALA C 45 20.65 -6.89 -53.89
N GLY C 46 20.09 -8.01 -54.38
CA GLY C 46 20.65 -9.32 -54.09
C GLY C 46 20.38 -9.80 -52.66
N VAL C 47 19.40 -9.21 -51.98
CA VAL C 47 18.97 -9.75 -50.69
C VAL C 47 18.32 -11.11 -50.83
N ASN C 48 18.63 -12.02 -49.91
CA ASN C 48 18.14 -13.37 -50.02
C ASN C 48 17.70 -13.93 -48.67
N LEU C 49 17.73 -13.11 -47.60
CA LEU C 49 17.15 -13.53 -46.34
C LEU C 49 16.69 -12.29 -45.55
N VAL C 50 15.53 -12.40 -44.88
CA VAL C 50 15.01 -11.32 -44.04
C VAL C 50 14.52 -11.92 -42.72
N SER C 51 14.59 -11.08 -41.66
CA SER C 51 14.23 -11.50 -40.30
C SER C 51 12.94 -10.75 -39.93
N VAL C 52 11.86 -11.52 -39.71
CA VAL C 52 10.50 -10.98 -39.69
C VAL C 52 9.86 -11.29 -38.34
N ALA C 53 8.94 -10.39 -37.93
CA ALA C 53 8.03 -10.53 -36.80
C ALA C 53 8.68 -10.26 -35.43
N ILE C 54 9.88 -9.69 -35.40
CA ILE C 54 10.67 -9.69 -34.17
C ILE C 54 9.87 -8.99 -33.04
N PHE C 55 9.25 -7.84 -33.36
CA PHE C 55 8.47 -7.07 -32.39
C PHE C 55 6.98 -7.03 -32.73
N SER C 56 6.45 -8.16 -33.24
CA SER C 56 5.11 -8.19 -33.85
C SER C 56 4.04 -8.76 -32.91
N TRP C 57 4.29 -8.90 -31.60
CA TRP C 57 3.38 -9.54 -30.67
C TRP C 57 2.01 -8.86 -30.70
N ALA C 58 1.98 -7.52 -30.76
CA ALA C 58 0.73 -6.79 -30.66
C ALA C 58 -0.13 -6.99 -31.92
N LYS C 59 0.49 -7.50 -33.00
CA LYS C 59 -0.25 -7.81 -34.22
C LYS C 59 -0.60 -9.31 -34.32
N LEU C 60 0.22 -10.18 -33.75
CA LEU C 60 0.01 -11.62 -33.80
C LEU C 60 -1.01 -12.08 -32.77
N GLU C 61 -0.98 -11.43 -31.61
CA GLU C 61 -1.94 -11.70 -30.55
C GLU C 61 -2.52 -10.35 -30.13
N PRO C 62 -3.46 -9.78 -30.90
CA PRO C 62 -3.90 -8.41 -30.69
C PRO C 62 -4.74 -8.25 -29.43
N GLU C 63 -5.16 -9.38 -28.85
CA GLU C 63 -5.82 -9.44 -27.56
C GLU C 63 -5.49 -10.80 -26.99
N GLU C 64 -5.63 -11.02 -25.68
CA GLU C 64 -5.33 -12.34 -25.12
C GLU C 64 -6.16 -13.43 -25.83
N GLY C 65 -5.48 -14.44 -26.38
CA GLY C 65 -6.10 -15.67 -26.86
C GLY C 65 -6.67 -15.57 -28.27
N VAL C 66 -6.47 -14.42 -28.93
CA VAL C 66 -6.88 -14.16 -30.29
C VAL C 66 -5.59 -14.03 -31.11
N TYR C 67 -5.46 -14.85 -32.16
CA TYR C 67 -4.26 -14.90 -32.99
C TYR C 67 -4.59 -14.41 -34.39
N ASP C 68 -3.74 -13.56 -34.96
CA ASP C 68 -3.93 -13.09 -36.32
C ASP C 68 -2.65 -13.33 -37.14
N PHE C 69 -2.63 -14.39 -37.95
CA PHE C 69 -1.44 -14.79 -38.70
C PHE C 69 -1.48 -14.44 -40.18
N ASP C 70 -2.62 -13.96 -40.70
CA ASP C 70 -2.84 -13.96 -42.14
C ASP C 70 -1.90 -12.96 -42.83
N TRP C 71 -1.76 -11.78 -42.22
CA TRP C 71 -0.85 -10.78 -42.74
C TRP C 71 0.55 -11.40 -42.93
N LEU C 72 0.94 -12.30 -42.01
CA LEU C 72 2.31 -12.78 -41.97
C LEU C 72 2.51 -13.90 -43.00
N ASP C 73 1.52 -14.80 -43.07
CA ASP C 73 1.46 -15.81 -44.11
C ASP C 73 1.59 -15.17 -45.50
N ARG C 74 0.88 -14.07 -45.75
CA ARG C 74 0.95 -13.38 -47.03
C ARG C 74 2.35 -12.84 -47.28
N VAL C 75 2.93 -12.14 -46.29
CA VAL C 75 4.23 -11.54 -46.52
C VAL C 75 5.28 -12.64 -46.79
N ILE C 76 5.21 -13.74 -46.04
CA ILE C 76 6.16 -14.84 -46.14
C ILE C 76 6.05 -15.51 -47.52
N ASP C 77 4.82 -15.66 -48.01
CA ASP C 77 4.58 -16.22 -49.33
C ASP C 77 5.12 -15.27 -50.39
N LYS C 78 4.98 -13.95 -50.24
CA LYS C 78 5.53 -13.02 -51.22
C LYS C 78 7.05 -13.16 -51.31
N LEU C 79 7.68 -13.30 -50.14
CA LEU C 79 9.13 -13.37 -50.07
C LEU C 79 9.59 -14.70 -50.70
N GLY C 80 9.12 -15.82 -50.15
CA GLY C 80 9.56 -17.15 -50.56
C GLY C 80 9.41 -17.37 -52.07
N LYS C 81 8.27 -16.95 -52.64
CA LYS C 81 8.01 -17.07 -54.07
C LYS C 81 8.99 -16.23 -54.87
N ALA C 82 9.60 -15.22 -54.24
CA ALA C 82 10.54 -14.37 -54.96
C ALA C 82 11.97 -14.85 -54.68
N GLY C 83 12.08 -16.01 -54.02
CA GLY C 83 13.35 -16.64 -53.72
C GLY C 83 14.04 -16.10 -52.47
N ILE C 84 13.33 -15.34 -51.61
CA ILE C 84 13.89 -14.77 -50.38
C ILE C 84 13.51 -15.65 -49.17
N ALA C 85 14.49 -16.14 -48.41
CA ALA C 85 14.19 -16.98 -47.25
C ALA C 85 13.82 -16.11 -46.06
N VAL C 86 13.28 -16.76 -45.02
CA VAL C 86 12.75 -16.02 -43.88
C VAL C 86 13.33 -16.61 -42.60
N ASP C 87 13.95 -15.71 -41.82
CA ASP C 87 14.36 -16.07 -40.48
C ASP C 87 13.23 -15.56 -39.60
N LEU C 88 12.45 -16.46 -39.03
CA LEU C 88 11.22 -16.03 -38.40
C LEU C 88 11.42 -15.88 -36.91
N ALA C 89 11.02 -14.73 -36.38
CA ALA C 89 11.11 -14.49 -34.94
C ALA C 89 10.06 -15.29 -34.17
N SER C 90 10.32 -15.56 -32.90
CA SER C 90 9.31 -16.08 -32.00
C SER C 90 8.21 -15.03 -31.75
N GLY C 91 8.49 -13.75 -32.04
CA GLY C 91 7.61 -12.63 -31.80
C GLY C 91 7.57 -12.18 -30.32
N THR C 92 8.34 -12.86 -29.44
CA THR C 92 8.22 -12.71 -28.00
C THR C 92 9.17 -11.64 -27.42
N ALA C 93 9.73 -10.74 -28.26
CA ALA C 93 10.77 -9.83 -27.82
C ALA C 93 10.24 -8.89 -26.75
N SER C 94 9.02 -8.37 -27.00
CA SER C 94 8.42 -7.32 -26.19
C SER C 94 6.89 -7.49 -26.14
N PRO C 95 6.24 -7.41 -24.96
CA PRO C 95 4.81 -7.67 -24.85
C PRO C 95 3.92 -6.50 -25.24
N PRO C 96 2.69 -6.81 -25.71
CA PRO C 96 1.71 -5.76 -25.98
C PRO C 96 1.14 -5.16 -24.70
N MET C 97 0.58 -3.97 -24.89
CA MET C 97 -0.03 -3.21 -23.80
C MET C 97 -1.10 -3.98 -23.02
N TRP C 98 -1.92 -4.81 -23.70
CA TRP C 98 -3.01 -5.45 -23.02
C TRP C 98 -2.49 -6.40 -21.94
N MET C 99 -1.32 -6.98 -22.19
CA MET C 99 -0.75 -7.97 -21.31
C MET C 99 -0.19 -7.34 -20.02
N THR C 100 0.50 -6.20 -20.15
CA THR C 100 1.08 -5.52 -18.99
C THR C 100 0.02 -4.73 -18.21
N GLN C 101 -1.05 -4.26 -18.90
CA GLN C 101 -2.22 -3.69 -18.22
C GLN C 101 -2.85 -4.74 -17.32
N ALA C 102 -3.12 -5.93 -17.86
CA ALA C 102 -3.72 -7.01 -17.09
C ALA C 102 -2.77 -7.60 -16.05
N HIS C 103 -1.46 -7.64 -16.33
CA HIS C 103 -0.51 -8.28 -15.44
C HIS C 103 0.69 -7.38 -15.22
N PRO C 104 0.52 -6.32 -14.39
CA PRO C 104 1.65 -5.45 -14.07
C PRO C 104 2.88 -6.11 -13.44
N GLU C 105 2.70 -7.27 -12.82
CA GLU C 105 3.76 -8.01 -12.15
C GLU C 105 4.78 -8.57 -13.16
N ILE C 106 4.49 -8.48 -14.47
CA ILE C 106 5.44 -8.80 -15.53
C ILE C 106 6.60 -7.80 -15.54
N LEU C 107 6.34 -6.57 -15.10
CA LEU C 107 7.25 -5.45 -15.32
C LEU C 107 8.45 -5.55 -14.38
N TRP C 108 9.67 -5.34 -14.94
CA TRP C 108 10.89 -5.37 -14.13
C TRP C 108 10.96 -4.12 -13.22
N VAL C 109 11.64 -4.32 -12.08
CA VAL C 109 11.80 -3.37 -10.98
C VAL C 109 13.28 -3.00 -10.80
N ASP C 110 13.57 -1.68 -10.74
CA ASP C 110 14.90 -1.14 -10.52
C ASP C 110 15.33 -1.24 -9.07
N TYR C 111 16.61 -0.87 -8.83
CA TYR C 111 17.28 -1.07 -7.54
C TYR C 111 16.61 -0.28 -6.41
N ARG C 112 15.91 0.79 -6.75
CA ARG C 112 15.16 1.62 -5.79
C ARG C 112 13.71 1.20 -5.64
N GLY C 113 13.26 0.19 -6.42
CA GLY C 113 11.90 -0.32 -6.34
C GLY C 113 10.94 0.32 -7.32
N ASP C 114 11.42 1.18 -8.22
CA ASP C 114 10.56 1.81 -9.21
C ASP C 114 10.38 0.84 -10.38
N VAL C 115 9.12 0.69 -10.82
CA VAL C 115 8.72 -0.28 -11.83
C VAL C 115 8.94 0.34 -13.21
N CYS C 116 9.73 -0.33 -14.06
CA CYS C 116 9.84 0.03 -15.47
C CYS C 116 8.47 -0.08 -16.15
N GLN C 117 8.06 0.99 -16.84
CA GLN C 117 6.76 1.00 -17.49
C GLN C 117 6.90 0.60 -18.97
N PRO C 118 5.79 0.24 -19.64
CA PRO C 118 5.75 0.20 -21.11
C PRO C 118 6.02 1.59 -21.67
N GLY C 119 6.30 1.65 -22.97
CA GLY C 119 6.59 2.89 -23.67
C GLY C 119 7.81 2.77 -24.59
N ALA C 120 8.68 1.79 -24.29
CA ALA C 120 9.80 1.47 -25.19
C ALA C 120 9.75 -0.03 -25.44
N ARG C 121 10.72 -0.83 -24.97
CA ARG C 121 10.62 -2.26 -25.19
C ARG C 121 11.32 -3.08 -24.11
N GLN C 122 10.95 -4.36 -24.07
CA GLN C 122 11.63 -5.38 -23.29
C GLN C 122 11.51 -5.14 -21.79
N HIS C 123 10.34 -4.62 -21.39
CA HIS C 123 10.09 -4.21 -20.02
C HIS C 123 9.60 -5.39 -19.19
N TRP C 124 10.19 -6.57 -19.33
CA TRP C 124 9.71 -7.73 -18.61
C TRP C 124 10.76 -8.32 -17.70
N ARG C 125 10.31 -9.05 -16.68
CA ARG C 125 11.20 -9.66 -15.73
C ARG C 125 11.64 -11.03 -16.23
N ALA C 126 12.95 -11.30 -16.19
CA ALA C 126 13.48 -12.60 -16.61
C ALA C 126 12.91 -13.74 -15.78
N THR C 127 12.57 -13.49 -14.51
CA THR C 127 12.14 -14.59 -13.65
C THR C 127 10.62 -14.58 -13.40
N SER C 128 9.88 -13.79 -14.18
CA SER C 128 8.40 -13.75 -14.03
C SER C 128 7.77 -15.04 -14.54
N PRO C 129 7.10 -15.85 -13.70
CA PRO C 129 6.41 -17.03 -14.22
C PRO C 129 5.24 -16.70 -15.17
N VAL C 130 4.48 -15.63 -14.90
CA VAL C 130 3.37 -15.25 -15.76
C VAL C 130 3.89 -14.86 -17.16
N PHE C 131 5.02 -14.13 -17.24
CA PHE C 131 5.53 -13.76 -18.55
C PHE C 131 6.06 -14.99 -19.27
N LEU C 132 6.62 -15.95 -18.52
CA LEU C 132 7.09 -17.18 -19.15
C LEU C 132 5.90 -17.87 -19.81
N ASP C 133 4.77 -17.94 -19.09
CA ASP C 133 3.55 -18.56 -19.62
C ASP C 133 3.18 -17.94 -20.95
N TYR C 134 3.07 -16.60 -21.00
CA TYR C 134 2.68 -15.90 -22.21
C TYR C 134 3.65 -16.14 -23.35
N ALA C 135 4.96 -16.13 -23.06
CA ALA C 135 5.98 -16.27 -24.10
C ALA C 135 5.98 -17.68 -24.68
N LEU C 136 5.91 -18.71 -23.83
CA LEU C 136 5.90 -20.07 -24.31
C LEU C 136 4.63 -20.35 -25.14
N ASN C 137 3.49 -19.76 -24.72
CA ASN C 137 2.25 -19.88 -25.46
C ASN C 137 2.44 -19.33 -26.87
N LEU C 138 2.97 -18.12 -27.02
CA LEU C 138 3.11 -17.59 -28.37
C LEU C 138 4.12 -18.40 -29.19
N CYS C 139 5.20 -18.86 -28.54
CA CYS C 139 6.16 -19.71 -29.23
C CYS C 139 5.42 -20.89 -29.85
N ARG C 140 4.61 -21.60 -29.06
CA ARG C 140 3.92 -22.78 -29.55
C ARG C 140 2.92 -22.46 -30.65
N LYS C 141 2.17 -21.36 -30.53
CA LYS C 141 1.27 -20.97 -31.59
C LYS C 141 2.03 -20.71 -32.89
N MET C 142 3.18 -20.04 -32.80
CA MET C 142 3.95 -19.70 -34.00
C MET C 142 4.56 -20.97 -34.62
N ALA C 143 5.11 -21.85 -33.78
CA ALA C 143 5.69 -23.10 -34.21
C ALA C 143 4.63 -24.00 -34.85
N GLU C 144 3.46 -24.11 -34.22
CA GLU C 144 2.40 -24.96 -34.76
C GLU C 144 1.97 -24.45 -36.13
N HIS C 145 1.93 -23.14 -36.30
CA HIS C 145 1.45 -22.55 -37.54
C HIS C 145 2.49 -22.58 -38.66
N TYR C 146 3.78 -22.55 -38.32
CA TYR C 146 4.80 -22.37 -39.34
C TYR C 146 5.71 -23.59 -39.48
N LYS C 147 5.39 -24.70 -38.79
CA LYS C 147 6.28 -25.85 -38.73
C LYS C 147 6.49 -26.47 -40.13
N ASP C 148 5.51 -26.36 -41.03
CA ASP C 148 5.62 -26.92 -42.38
C ASP C 148 5.74 -25.80 -43.42
N ASN C 149 6.00 -24.57 -43.01
CA ASN C 149 6.18 -23.53 -44.01
C ASN C 149 7.57 -23.68 -44.63
N PRO C 150 7.69 -23.96 -45.94
CA PRO C 150 8.98 -24.23 -46.53
C PRO C 150 9.83 -22.98 -46.73
N TYR C 151 9.29 -21.78 -46.51
CA TYR C 151 10.09 -20.59 -46.67
C TYR C 151 10.77 -20.12 -45.36
N VAL C 152 10.50 -20.78 -44.24
CA VAL C 152 11.09 -20.41 -42.97
C VAL C 152 12.30 -21.32 -42.72
N VAL C 153 13.49 -20.69 -42.76
CA VAL C 153 14.76 -21.39 -42.73
C VAL C 153 15.34 -21.47 -41.32
N SER C 154 14.87 -20.62 -40.40
CA SER C 154 15.38 -20.60 -39.04
C SER C 154 14.43 -19.84 -38.09
N TRP C 155 14.71 -19.97 -36.79
CA TRP C 155 14.08 -19.24 -35.70
C TRP C 155 15.03 -18.16 -35.15
N HIS C 156 14.53 -16.95 -34.95
CA HIS C 156 15.19 -15.85 -34.27
C HIS C 156 14.53 -15.70 -32.91
N VAL C 157 15.05 -16.38 -31.88
CA VAL C 157 14.35 -16.43 -30.61
C VAL C 157 14.48 -15.07 -29.89
N SER C 158 13.34 -14.42 -29.65
CA SER C 158 13.24 -13.14 -28.94
C SER C 158 14.05 -12.08 -29.67
N ASN C 159 14.79 -11.25 -28.91
CA ASN C 159 15.71 -10.30 -29.49
C ASN C 159 16.60 -9.69 -28.39
N ALA C 160 17.93 -9.81 -28.57
CA ALA C 160 18.90 -9.09 -27.73
C ALA C 160 18.50 -9.14 -26.28
N TYR C 161 18.49 -10.33 -25.71
CA TYR C 161 18.11 -10.48 -24.32
C TYR C 161 19.01 -9.63 -23.43
N GLY C 162 18.43 -8.96 -22.43
CA GLY C 162 19.24 -8.31 -21.42
C GLY C 162 19.69 -6.92 -21.81
N CYS C 163 19.41 -6.47 -23.04
CA CYS C 163 19.83 -5.12 -23.43
C CYS C 163 19.16 -4.07 -22.52
N HIS C 164 17.89 -4.30 -22.16
CA HIS C 164 17.14 -3.40 -21.29
C HIS C 164 16.76 -4.06 -19.97
N ASN C 165 16.65 -5.38 -19.94
CA ASN C 165 16.12 -6.11 -18.80
C ASN C 165 17.14 -7.02 -18.14
N ARG C 166 18.42 -6.63 -18.22
CA ARG C 166 19.49 -7.38 -17.58
C ARG C 166 19.23 -7.59 -16.09
N PHE C 167 18.86 -6.48 -15.44
CA PHE C 167 18.69 -6.46 -13.99
C PHE C 167 17.23 -6.20 -13.63
N ASP C 168 16.76 -7.00 -12.69
CA ASP C 168 15.46 -6.89 -12.07
C ASP C 168 15.63 -7.13 -10.59
N TYR C 169 14.95 -6.28 -9.79
CA TYR C 169 15.05 -6.31 -8.34
C TYR C 169 13.71 -6.65 -7.68
N SER C 170 12.78 -7.25 -8.43
CA SER C 170 11.47 -7.65 -7.93
C SER C 170 11.59 -8.82 -6.95
N GLU C 171 10.46 -9.19 -6.34
CA GLU C 171 10.37 -10.37 -5.48
C GLU C 171 10.66 -11.66 -6.25
N ASP C 172 10.33 -11.66 -7.55
CA ASP C 172 10.61 -12.84 -8.37
C ASP C 172 12.13 -13.07 -8.42
N ALA C 173 12.86 -12.01 -8.77
CA ALA C 173 14.32 -12.02 -8.79
C ALA C 173 14.92 -12.41 -7.44
N GLU C 174 14.34 -11.94 -6.33
CA GLU C 174 14.84 -12.22 -5.00
C GLU C 174 14.78 -13.72 -4.70
N ARG C 175 13.64 -14.32 -5.01
CA ARG C 175 13.40 -15.74 -4.77
C ARG C 175 14.33 -16.57 -5.69
N ALA C 176 14.46 -16.14 -6.95
CA ALA C 176 15.27 -16.85 -7.93
C ALA C 176 16.76 -16.78 -7.55
N PHE C 177 17.20 -15.63 -7.03
CA PHE C 177 18.59 -15.45 -6.61
C PHE C 177 18.92 -16.33 -5.40
N GLN C 178 18.00 -16.45 -4.46
CA GLN C 178 18.16 -17.36 -3.33
C GLN C 178 18.39 -18.80 -3.82
N LYS C 179 17.58 -19.24 -4.80
CA LYS C 179 17.61 -20.62 -5.26
C LYS C 179 18.89 -20.85 -6.07
N TRP C 180 19.27 -19.84 -6.87
CA TRP C 180 20.52 -19.81 -7.61
C TRP C 180 21.71 -19.98 -6.67
N CYS C 181 21.73 -19.26 -5.51
CA CYS C 181 22.83 -19.31 -4.57
C CYS C 181 22.88 -20.68 -3.91
N GLU C 182 21.70 -21.23 -3.62
CA GLU C 182 21.63 -22.54 -2.98
C GLU C 182 22.11 -23.63 -3.96
N LYS C 183 21.83 -23.48 -5.26
CA LYS C 183 22.29 -24.46 -6.24
C LYS C 183 23.81 -24.38 -6.40
N LYS C 184 24.34 -23.17 -6.56
CA LYS C 184 25.77 -22.94 -6.67
C LYS C 184 26.52 -23.33 -5.39
N TYR C 185 26.03 -23.01 -4.17
CA TYR C 185 26.89 -23.09 -2.98
C TYR C 185 26.53 -24.22 -2.04
N GLY C 186 25.29 -24.72 -2.06
CA GLY C 186 24.89 -25.79 -1.15
C GLY C 186 24.44 -25.31 0.23
N THR C 187 25.33 -24.65 0.98
CA THR C 187 25.12 -24.26 2.36
C THR C 187 25.29 -22.74 2.52
N ILE C 188 24.58 -22.18 3.50
CA ILE C 188 24.62 -20.75 3.72
C ILE C 188 26.05 -20.40 4.17
N ASP C 189 26.67 -21.28 4.93
CA ASP C 189 28.07 -21.09 5.34
C ASP C 189 29.01 -20.92 4.16
N ALA C 190 28.81 -21.69 3.06
CA ALA C 190 29.63 -21.50 1.87
C ALA C 190 29.36 -20.14 1.22
N VAL C 191 28.11 -19.64 1.29
CA VAL C 191 27.83 -18.30 0.75
C VAL C 191 28.55 -17.26 1.61
N ASN C 192 28.42 -17.41 2.94
CA ASN C 192 29.06 -16.49 3.90
C ASN C 192 30.57 -16.40 3.66
N ASP C 193 31.23 -17.56 3.44
CA ASP C 193 32.67 -17.57 3.16
C ASP C 193 32.98 -16.90 1.83
N ALA C 194 32.24 -17.24 0.77
CA ALA C 194 32.50 -16.70 -0.55
C ALA C 194 32.40 -15.19 -0.53
N TRP C 195 31.35 -14.67 0.08
CA TRP C 195 31.08 -13.24 -0.02
C TRP C 195 31.83 -12.44 1.06
N GLY C 196 32.51 -13.14 1.97
CA GLY C 196 33.31 -12.48 2.99
C GLY C 196 32.42 -11.72 4.00
N THR C 197 31.38 -12.37 4.50
CA THR C 197 30.30 -11.63 5.17
C THR C 197 30.62 -11.33 6.64
N ALA C 198 31.79 -11.76 7.15
CA ALA C 198 32.21 -11.36 8.49
C ALA C 198 32.48 -9.85 8.55
N PHE C 199 32.77 -9.28 7.39
CA PHE C 199 32.95 -7.86 7.23
C PHE C 199 31.60 -7.13 7.26
N TRP C 200 31.53 -6.02 8.01
CA TRP C 200 30.35 -5.15 8.12
C TRP C 200 29.10 -5.91 8.54
N ALA C 201 29.24 -6.91 9.42
CA ALA C 201 28.09 -7.55 10.02
C ALA C 201 27.08 -8.05 8.98
N GLN C 202 27.56 -8.69 7.90
CA GLN C 202 26.67 -9.17 6.84
C GLN C 202 26.41 -10.67 6.91
N ARG C 203 26.82 -11.36 7.97
CA ARG C 203 26.67 -12.82 8.03
C ARG C 203 25.19 -13.25 8.06
N MET C 204 24.82 -14.27 7.26
CA MET C 204 23.44 -14.70 7.11
C MET C 204 23.25 -16.04 7.81
N ASN C 205 22.05 -16.21 8.39
CA ASN C 205 21.69 -17.42 9.11
C ASN C 205 21.11 -18.48 8.17
N ASN C 206 20.60 -18.04 7.03
CA ASN C 206 19.92 -18.95 6.09
C ASN C 206 19.74 -18.23 4.75
N PHE C 207 19.25 -18.97 3.74
CA PHE C 207 19.12 -18.49 2.37
C PHE C 207 18.04 -17.41 2.25
N SER C 208 17.06 -17.43 3.17
CA SER C 208 16.00 -16.43 3.14
C SER C 208 16.54 -15.03 3.47
N GLU C 209 17.76 -14.94 4.04
CA GLU C 209 18.39 -13.69 4.36
C GLU C 209 19.19 -13.15 3.18
N ILE C 210 19.19 -13.83 2.02
CA ILE C 210 19.85 -13.24 0.87
C ILE C 210 18.86 -12.33 0.17
N ILE C 211 19.27 -11.08 -0.09
CA ILE C 211 18.45 -10.17 -0.86
C ILE C 211 19.22 -9.69 -2.06
N PRO C 212 18.55 -9.21 -3.12
CA PRO C 212 19.27 -8.56 -4.23
C PRO C 212 20.06 -7.35 -3.75
N PRO C 213 21.11 -6.95 -4.48
CA PRO C 213 21.83 -5.71 -4.18
C PRO C 213 21.04 -4.48 -4.59
N ARG C 214 19.97 -4.26 -3.82
CA ARG C 214 19.15 -3.07 -3.94
C ARG C 214 19.85 -1.81 -3.39
N PHE C 215 19.22 -0.66 -3.62
CA PHE C 215 19.63 0.66 -3.14
C PHE C 215 20.12 0.60 -1.70
N ILE C 216 21.37 1.07 -1.50
CA ILE C 216 22.03 1.17 -0.20
C ILE C 216 22.50 2.61 0.07
N GLY C 217 21.98 3.57 -0.70
CA GLY C 217 22.45 4.94 -0.63
C GLY C 217 23.49 5.27 -1.68
N ASP C 218 23.36 6.46 -2.28
CA ASP C 218 24.27 6.90 -3.34
C ASP C 218 25.69 6.91 -2.79
N GLY C 219 26.66 6.30 -3.49
CA GLY C 219 28.04 6.43 -3.04
C GLY C 219 28.46 5.36 -2.02
N ASN C 220 27.55 4.52 -1.54
CA ASN C 220 27.95 3.46 -0.62
C ASN C 220 28.41 2.22 -1.40
N PHE C 221 28.93 1.19 -0.71
CA PHE C 221 29.74 0.15 -1.34
C PHE C 221 29.13 -1.22 -1.10
N MET C 222 28.55 -1.80 -2.18
CA MET C 222 27.94 -3.12 -2.19
C MET C 222 29.00 -4.20 -1.90
N ASN C 223 28.58 -5.29 -1.30
CA ASN C 223 29.46 -6.42 -1.13
C ASN C 223 29.89 -6.95 -2.51
N PRO C 224 31.22 -6.96 -2.81
CA PRO C 224 31.72 -7.18 -4.17
C PRO C 224 31.48 -8.59 -4.70
N GLY C 225 31.55 -9.59 -3.80
CA GLY C 225 31.33 -10.97 -4.16
C GLY C 225 29.88 -11.25 -4.51
N LYS C 226 28.97 -10.65 -3.72
CA LYS C 226 27.55 -10.71 -4.02
C LYS C 226 27.26 -9.99 -5.34
N LEU C 227 27.82 -8.81 -5.58
CA LEU C 227 27.53 -8.12 -6.82
C LEU C 227 27.98 -8.96 -8.02
N LEU C 228 29.16 -9.59 -7.91
CA LEU C 228 29.67 -10.42 -9.01
C LEU C 228 28.71 -11.59 -9.30
N ASP C 229 28.32 -12.34 -8.26
CA ASP C 229 27.30 -13.34 -8.33
C ASP C 229 25.96 -12.80 -8.85
N TRP C 230 25.56 -11.57 -8.49
CA TRP C 230 24.34 -10.98 -9.05
C TRP C 230 24.40 -10.88 -10.58
N LYS C 231 25.58 -10.56 -11.13
CA LYS C 231 25.72 -10.38 -12.55
C LYS C 231 25.74 -11.73 -13.26
N ARG C 232 26.39 -12.72 -12.62
CA ARG C 232 26.34 -14.13 -13.00
C ARG C 232 24.89 -14.62 -13.07
N PHE C 233 24.16 -14.44 -11.95
CA PHE C 233 22.76 -14.83 -11.83
C PHE C 233 21.90 -14.18 -12.90
N SER C 234 22.10 -12.87 -13.12
CA SER C 234 21.26 -12.16 -14.06
C SER C 234 21.40 -12.74 -15.48
N SER C 235 22.64 -13.00 -15.89
CA SER C 235 22.92 -13.62 -17.18
C SER C 235 22.32 -15.02 -17.22
N ASP C 236 22.46 -15.81 -16.15
CA ASP C 236 21.92 -17.15 -16.09
C ASP C 236 20.39 -17.18 -16.19
N ALA C 237 19.71 -16.24 -15.54
CA ALA C 237 18.24 -16.23 -15.58
C ALA C 237 17.74 -15.94 -17.00
N LEU C 238 18.36 -14.98 -17.68
CA LEU C 238 17.96 -14.74 -19.05
C LEU C 238 18.27 -15.95 -19.94
N LEU C 239 19.38 -16.66 -19.64
CA LEU C 239 19.78 -17.87 -20.37
C LEU C 239 18.72 -18.97 -20.18
N ASP C 240 18.18 -19.13 -18.97
CA ASP C 240 17.16 -20.13 -18.72
C ASP C 240 15.85 -19.82 -19.45
N PHE C 241 15.55 -18.53 -19.55
CA PHE C 241 14.40 -18.06 -20.31
C PHE C 241 14.60 -18.39 -21.80
N TYR C 242 15.76 -18.02 -22.37
CA TYR C 242 16.10 -18.35 -23.75
C TYR C 242 15.96 -19.85 -24.02
N LYS C 243 16.44 -20.70 -23.12
CA LYS C 243 16.37 -22.14 -23.32
C LYS C 243 14.93 -22.66 -23.31
N ALA C 244 14.07 -22.12 -22.44
CA ALA C 244 12.65 -22.46 -22.40
C ALA C 244 11.92 -22.12 -23.71
N GLU C 245 12.12 -20.92 -24.26
CA GLU C 245 11.52 -20.50 -25.51
C GLU C 245 12.03 -21.40 -26.65
N ARG C 246 13.36 -21.55 -26.74
CA ARG C 246 14.02 -22.42 -27.72
C ARG C 246 13.39 -23.81 -27.71
N ASP C 247 13.34 -24.46 -26.54
CA ASP C 247 12.88 -25.82 -26.44
C ASP C 247 11.41 -25.90 -26.85
N ALA C 248 10.61 -24.86 -26.54
CA ALA C 248 9.20 -24.85 -26.94
C ALA C 248 9.04 -24.69 -28.44
N LEU C 249 9.82 -23.85 -29.13
CA LEU C 249 9.75 -23.82 -30.58
C LEU C 249 10.17 -25.18 -31.18
N LEU C 250 11.27 -25.75 -30.69
CA LEU C 250 11.91 -26.89 -31.37
C LEU C 250 11.14 -28.19 -31.16
N GLU C 251 10.42 -28.35 -30.04
CA GLU C 251 9.66 -29.57 -29.82
C GLU C 251 8.57 -29.70 -30.90
N ILE C 252 8.13 -28.57 -31.48
CA ILE C 252 7.05 -28.54 -32.48
C ILE C 252 7.63 -28.40 -33.88
N ALA C 253 8.57 -27.44 -34.04
CA ALA C 253 9.10 -27.01 -35.31
C ALA C 253 10.63 -27.01 -35.31
N PRO C 254 11.30 -28.18 -35.31
CA PRO C 254 12.76 -28.24 -35.30
C PRO C 254 13.27 -27.58 -36.57
N LYS C 255 13.87 -26.39 -36.43
CA LYS C 255 14.59 -25.71 -37.48
C LYS C 255 15.88 -25.18 -36.85
N PRO C 256 16.90 -24.76 -37.62
CA PRO C 256 18.06 -24.10 -37.03
C PRO C 256 17.63 -22.83 -36.26
N GLN C 257 18.22 -22.60 -35.06
CA GLN C 257 17.78 -21.54 -34.15
C GLN C 257 18.99 -20.81 -33.52
N THR C 258 18.86 -19.48 -33.40
CA THR C 258 19.81 -18.65 -32.68
C THR C 258 19.03 -17.61 -31.86
N THR C 259 19.76 -16.86 -31.03
CA THR C 259 19.31 -15.58 -30.50
C THR C 259 20.50 -14.63 -30.64
N ASN C 260 20.23 -13.37 -30.95
CA ASN C 260 21.25 -12.42 -31.32
C ASN C 260 21.95 -11.88 -30.06
N PHE C 261 23.28 -12.01 -30.07
CA PHE C 261 24.17 -11.40 -29.09
C PHE C 261 24.47 -9.93 -29.43
N MET C 262 25.18 -9.27 -28.47
CA MET C 262 25.61 -7.90 -28.61
C MET C 262 27.12 -7.83 -28.28
N VAL C 263 27.92 -8.68 -28.94
CA VAL C 263 29.37 -8.73 -28.76
C VAL C 263 29.97 -7.48 -29.39
N SER C 264 30.65 -6.72 -28.52
CA SER C 264 31.47 -5.60 -28.90
C SER C 264 32.54 -5.44 -27.81
N ALA C 265 33.53 -4.56 -28.04
CA ALA C 265 34.66 -4.47 -27.10
C ALA C 265 34.17 -4.27 -25.66
N GLY C 266 33.21 -3.36 -25.49
CA GLY C 266 32.80 -2.90 -24.16
C GLY C 266 31.48 -3.45 -23.61
N CYS C 267 30.77 -4.33 -24.34
CA CYS C 267 29.47 -4.80 -23.87
C CYS C 267 29.58 -6.18 -23.22
N THR C 268 29.15 -6.28 -21.97
CA THR C 268 29.27 -7.50 -21.18
C THR C 268 27.99 -7.71 -20.37
N VAL C 269 26.83 -7.39 -20.95
CA VAL C 269 25.57 -7.53 -20.20
C VAL C 269 25.29 -8.98 -19.86
N LEU C 270 25.77 -9.92 -20.72
CA LEU C 270 25.70 -11.36 -20.51
C LEU C 270 27.09 -11.96 -20.71
N ASP C 271 27.34 -13.15 -20.15
CA ASP C 271 28.50 -13.95 -20.49
C ASP C 271 28.24 -14.62 -21.85
N TYR C 272 28.46 -13.88 -22.93
CA TYR C 272 28.12 -14.35 -24.25
C TYR C 272 28.87 -15.63 -24.62
N ASP C 273 30.07 -15.90 -24.06
CA ASP C 273 30.73 -17.14 -24.40
C ASP C 273 29.95 -18.31 -23.82
N LYS C 274 29.43 -18.15 -22.60
CA LYS C 274 28.58 -19.18 -22.00
C LYS C 274 27.31 -19.41 -22.81
N TRP C 275 26.69 -18.32 -23.27
CA TRP C 275 25.45 -18.34 -24.03
C TRP C 275 25.70 -19.01 -25.40
N GLY C 276 26.95 -18.92 -25.86
CA GLY C 276 27.38 -19.54 -27.10
C GLY C 276 27.20 -21.05 -27.10
N HIS C 277 27.14 -21.66 -25.92
CA HIS C 277 26.92 -23.11 -25.83
C HIS C 277 25.46 -23.53 -26.06
N ASP C 278 24.51 -22.58 -26.25
CA ASP C 278 23.11 -22.96 -26.25
C ASP C 278 22.42 -22.56 -27.55
N VAL C 279 23.12 -21.83 -28.41
CA VAL C 279 22.69 -21.51 -29.76
C VAL C 279 23.16 -22.64 -30.68
N ASP C 280 22.47 -22.78 -31.80
CA ASP C 280 22.86 -23.74 -32.81
C ASP C 280 23.96 -23.11 -33.67
N PHE C 281 23.76 -21.83 -33.99
CA PHE C 281 24.79 -21.00 -34.58
C PHE C 281 24.83 -19.64 -33.88
N VAL C 282 26.03 -19.04 -33.82
CA VAL C 282 26.22 -17.77 -33.15
C VAL C 282 25.78 -16.68 -34.11
N SER C 283 24.96 -15.74 -33.59
CA SER C 283 24.58 -14.55 -34.31
C SER C 283 24.84 -13.34 -33.42
N ASN C 284 25.05 -12.17 -34.05
CA ASN C 284 25.52 -11.02 -33.33
C ASN C 284 25.09 -9.72 -33.99
N ASP C 285 24.84 -8.73 -33.13
CA ASP C 285 24.63 -7.34 -33.50
C ASP C 285 25.86 -6.52 -33.15
N HIS C 286 26.35 -5.69 -34.09
CA HIS C 286 27.49 -4.86 -33.84
C HIS C 286 27.32 -3.55 -34.61
N TYR C 287 27.54 -2.45 -33.91
CA TYR C 287 27.46 -1.12 -34.48
C TYR C 287 28.81 -0.43 -34.30
N PHE C 288 29.19 0.43 -35.24
CA PHE C 288 30.51 1.01 -35.26
C PHE C 288 30.73 1.93 -34.04
N SER C 289 31.97 1.91 -33.48
CA SER C 289 32.41 2.88 -32.49
C SER C 289 32.82 4.17 -33.22
N PRO C 290 32.30 5.37 -32.87
CA PRO C 290 32.67 6.58 -33.60
C PRO C 290 34.15 6.94 -33.49
N GLY C 291 34.63 7.70 -34.48
CA GLY C 291 35.99 8.22 -34.55
C GLY C 291 37.04 7.19 -34.99
N GLU C 292 38.24 7.38 -34.44
CA GLU C 292 39.46 6.67 -34.80
C GLU C 292 39.32 5.16 -34.59
N ALA C 293 38.66 4.71 -33.52
CA ALA C 293 38.58 3.28 -33.21
C ALA C 293 37.61 2.47 -34.09
N HIS C 294 36.87 3.11 -35.03
CA HIS C 294 35.81 2.46 -35.82
C HIS C 294 36.28 1.13 -36.40
N PHE C 295 37.30 1.18 -37.26
CA PHE C 295 37.67 -0.03 -37.99
C PHE C 295 38.19 -1.11 -37.05
N ASP C 296 39.24 -0.77 -36.27
CA ASP C 296 39.94 -1.69 -35.39
C ASP C 296 38.96 -2.37 -34.40
N GLU C 297 38.06 -1.60 -33.77
CA GLU C 297 37.20 -2.20 -32.74
C GLU C 297 36.17 -3.14 -33.37
N MET C 298 35.71 -2.78 -34.56
CA MET C 298 34.80 -3.65 -35.31
C MET C 298 35.45 -4.98 -35.69
N ALA C 299 36.67 -4.90 -36.24
CA ALA C 299 37.46 -6.11 -36.50
C ALA C 299 37.64 -6.92 -35.22
N TYR C 300 37.98 -6.25 -34.10
CA TYR C 300 38.23 -6.98 -32.86
C TYR C 300 36.94 -7.71 -32.43
N ALA C 301 35.80 -7.01 -32.51
CA ALA C 301 34.52 -7.58 -32.08
C ALA C 301 34.12 -8.78 -32.93
N ALA C 302 34.24 -8.62 -34.25
CA ALA C 302 34.04 -9.74 -35.17
C ALA C 302 34.93 -10.94 -34.81
N CYS C 303 36.20 -10.64 -34.49
CA CYS C 303 37.17 -11.64 -34.11
C CYS C 303 36.74 -12.38 -32.84
N LEU C 304 36.27 -11.64 -31.83
CA LEU C 304 35.77 -12.25 -30.59
C LEU C 304 34.53 -13.11 -30.87
N THR C 305 33.66 -12.62 -31.76
CA THR C 305 32.47 -13.38 -32.14
C THR C 305 32.92 -14.75 -32.68
N ASP C 306 33.95 -14.71 -33.55
CA ASP C 306 34.47 -15.93 -34.17
C ASP C 306 35.03 -16.83 -33.07
N GLY C 307 35.66 -16.22 -32.03
CA GLY C 307 36.17 -17.01 -30.92
C GLY C 307 35.08 -17.69 -30.12
N ILE C 308 34.01 -16.94 -29.81
CA ILE C 308 32.84 -17.49 -29.15
C ILE C 308 32.27 -18.64 -29.99
N ALA C 309 32.24 -18.43 -31.30
CA ALA C 309 31.78 -19.48 -32.23
C ALA C 309 32.78 -20.63 -32.39
N ARG C 310 33.94 -20.59 -31.72
CA ARG C 310 34.95 -21.64 -31.80
C ARG C 310 35.34 -21.90 -33.26
N LYS C 311 35.44 -20.84 -34.07
CA LYS C 311 35.86 -20.85 -35.47
C LYS C 311 34.82 -21.44 -36.44
N ASN C 312 33.62 -21.84 -35.98
CA ASN C 312 32.52 -22.13 -36.90
C ASN C 312 32.04 -20.85 -37.56
N PRO C 313 31.43 -20.92 -38.76
CA PRO C 313 30.84 -19.73 -39.36
C PRO C 313 29.77 -19.21 -38.39
N TRP C 314 29.48 -17.92 -38.52
CA TRP C 314 28.60 -17.19 -37.61
C TRP C 314 27.85 -16.15 -38.44
N PHE C 315 26.79 -15.58 -37.81
CA PHE C 315 25.76 -14.83 -38.49
C PHE C 315 25.81 -13.43 -37.94
N LEU C 316 26.11 -12.44 -38.81
CA LEU C 316 25.97 -11.05 -38.45
C LEU C 316 24.50 -10.70 -38.65
N MET C 317 23.78 -10.61 -37.53
CA MET C 317 22.34 -10.36 -37.55
C MET C 317 22.06 -8.88 -37.76
N ALA C 318 22.95 -7.99 -37.28
CA ALA C 318 22.69 -6.57 -37.44
C ALA C 318 23.96 -5.74 -37.40
N HIS C 319 23.95 -4.66 -38.18
CA HIS C 319 24.89 -3.55 -38.15
C HIS C 319 24.16 -2.45 -38.89
N SER C 320 24.78 -1.29 -39.12
CA SER C 320 24.12 -0.15 -39.71
C SER C 320 24.78 0.26 -41.03
N THR C 321 23.94 0.68 -41.99
CA THR C 321 24.42 1.20 -43.27
C THR C 321 25.07 2.57 -43.10
N SER C 322 24.60 3.30 -42.08
CA SER C 322 25.14 4.59 -41.73
C SER C 322 24.84 4.87 -40.25
N ALA C 323 24.25 6.02 -39.95
CA ALA C 323 24.07 6.47 -38.57
C ALA C 323 23.11 5.58 -37.80
N VAL C 324 23.33 5.45 -36.49
CA VAL C 324 22.33 4.85 -35.63
C VAL C 324 21.49 5.98 -35.02
N ASN C 325 20.56 5.63 -34.12
CA ASN C 325 19.67 6.59 -33.48
C ASN C 325 19.99 6.86 -32.00
N TRP C 326 20.76 5.95 -31.38
CA TRP C 326 20.80 5.81 -29.93
C TRP C 326 22.03 6.46 -29.28
N ARG C 327 22.88 7.17 -30.05
CA ARG C 327 24.01 7.89 -29.45
C ARG C 327 23.63 9.36 -29.27
N PRO C 328 24.33 10.11 -28.38
CA PRO C 328 24.09 11.55 -28.25
C PRO C 328 24.37 12.33 -29.53
N THR C 329 25.39 11.88 -30.27
CA THR C 329 25.73 12.43 -31.58
C THR C 329 25.85 11.28 -32.57
N ASN C 330 24.91 11.15 -33.49
CA ASN C 330 24.83 10.01 -34.40
C ASN C 330 25.56 10.32 -35.71
N TYR C 331 26.89 10.18 -35.64
CA TYR C 331 27.78 10.27 -36.78
C TYR C 331 27.32 9.34 -37.89
N ARG C 332 27.46 9.80 -39.15
CA ARG C 332 27.22 8.96 -40.33
C ARG C 332 28.47 8.17 -40.68
N LEU C 333 28.32 7.20 -41.60
CA LEU C 333 29.45 6.54 -42.23
C LEU C 333 29.94 7.35 -43.43
N GLU C 334 31.26 7.26 -43.65
CA GLU C 334 31.94 7.91 -44.77
C GLU C 334 31.88 7.00 -46.00
N PRO C 335 32.06 7.55 -47.22
CA PRO C 335 32.13 6.75 -48.44
C PRO C 335 32.97 5.50 -48.28
N GLY C 336 32.41 4.37 -48.72
CA GLY C 336 33.09 3.09 -48.80
C GLY C 336 32.93 2.27 -47.53
N GLU C 337 32.47 2.88 -46.43
CA GLU C 337 32.50 2.17 -45.15
C GLU C 337 31.41 1.12 -45.07
N LEU C 338 30.31 1.34 -45.80
CA LEU C 338 29.24 0.37 -45.82
C LEU C 338 29.81 -0.97 -46.29
N VAL C 339 30.45 -0.97 -47.46
CA VAL C 339 30.99 -2.20 -48.02
C VAL C 339 32.09 -2.77 -47.12
N ARG C 340 33.02 -1.89 -46.71
CA ARG C 340 34.21 -2.29 -45.96
C ARG C 340 33.79 -2.95 -44.65
N ASP C 341 32.86 -2.30 -43.94
CA ASP C 341 32.39 -2.80 -42.65
C ASP C 341 31.80 -4.20 -42.81
N SER C 342 30.97 -4.39 -43.85
CA SER C 342 30.39 -5.70 -44.07
C SER C 342 31.48 -6.73 -44.35
N LEU C 343 32.44 -6.34 -45.17
CA LEU C 343 33.53 -7.25 -45.52
C LEU C 343 34.47 -7.55 -44.34
N ALA C 344 34.52 -6.64 -43.33
CA ALA C 344 35.29 -6.93 -42.13
C ALA C 344 34.69 -8.07 -41.33
N HIS C 345 33.36 -8.03 -41.10
CA HIS C 345 32.71 -9.15 -40.42
C HIS C 345 32.86 -10.44 -41.23
N LEU C 346 32.77 -10.30 -42.55
CA LEU C 346 32.90 -11.48 -43.41
C LEU C 346 34.32 -12.04 -43.26
N ALA C 347 35.33 -11.18 -43.39
CA ALA C 347 36.72 -11.65 -43.26
C ALA C 347 36.90 -12.39 -41.94
N MET C 348 36.27 -11.91 -40.86
CA MET C 348 36.43 -12.52 -39.55
C MET C 348 35.57 -13.75 -39.35
N GLY C 349 34.87 -14.21 -40.42
CA GLY C 349 34.30 -15.55 -40.41
C GLY C 349 32.77 -15.63 -40.56
N ALA C 350 32.11 -14.49 -40.77
CA ALA C 350 30.67 -14.48 -40.95
C ALA C 350 30.32 -15.13 -42.30
N ASP C 351 29.25 -15.95 -42.33
CA ASP C 351 28.67 -16.46 -43.58
C ASP C 351 27.27 -15.85 -43.80
N ALA C 352 26.96 -14.79 -43.04
CA ALA C 352 25.72 -14.05 -43.19
C ALA C 352 25.96 -12.59 -42.79
N ILE C 353 25.45 -11.67 -43.60
CA ILE C 353 25.65 -10.24 -43.48
C ILE C 353 24.27 -9.58 -43.48
N CYS C 354 23.80 -9.12 -42.29
CA CYS C 354 22.46 -8.56 -42.17
C CYS C 354 22.48 -7.21 -41.44
N TYR C 355 21.54 -6.34 -41.81
CA TYR C 355 21.41 -5.01 -41.27
C TYR C 355 20.12 -4.85 -40.44
N PHE C 356 20.18 -4.00 -39.39
CA PHE C 356 18.99 -3.29 -38.93
C PHE C 356 18.93 -1.97 -39.68
N GLN C 357 17.95 -1.75 -40.57
CA GLN C 357 16.89 -2.69 -40.96
C GLN C 357 16.68 -2.47 -42.46
N TRP C 358 15.74 -3.22 -43.08
CA TRP C 358 15.55 -3.12 -44.52
C TRP C 358 15.09 -1.72 -44.93
N ARG C 359 13.96 -1.24 -44.36
CA ARG C 359 13.41 0.08 -44.69
C ARG C 359 13.35 0.98 -43.45
N GLN C 360 13.71 2.25 -43.67
CA GLN C 360 13.83 3.22 -42.59
C GLN C 360 12.43 3.59 -42.11
N SER C 361 12.20 3.39 -40.81
CA SER C 361 10.94 3.78 -40.20
C SER C 361 10.75 5.28 -40.33
N LYS C 362 9.50 5.69 -40.59
CA LYS C 362 9.13 7.08 -40.73
C LYS C 362 8.51 7.60 -39.42
N ALA C 363 8.27 6.70 -38.45
CA ALA C 363 7.71 7.07 -37.17
C ALA C 363 8.21 6.10 -36.11
N GLY C 364 8.22 6.58 -34.85
CA GLY C 364 8.69 5.78 -33.74
C GLY C 364 10.14 6.12 -33.37
N ALA C 365 10.65 5.46 -32.32
CA ALA C 365 11.87 5.88 -31.63
C ALA C 365 13.11 5.61 -32.48
N GLU C 366 12.99 4.72 -33.49
CA GLU C 366 14.15 4.45 -34.35
C GLU C 366 13.96 5.03 -35.74
N LYS C 367 13.14 6.07 -35.85
CA LYS C 367 12.94 6.65 -37.17
C LYS C 367 14.23 7.26 -37.74
N TRP C 368 15.19 7.67 -36.89
CA TRP C 368 16.42 8.28 -37.37
C TRP C 368 17.57 7.27 -37.53
N HIS C 369 17.33 6.00 -37.18
CA HIS C 369 18.25 4.92 -37.46
C HIS C 369 18.29 4.63 -38.96
N SER C 370 19.51 4.57 -39.51
CA SER C 370 19.70 4.35 -40.94
C SER C 370 19.17 2.98 -41.33
N ALA C 371 18.98 2.82 -42.65
CA ALA C 371 18.54 1.53 -43.18
C ALA C 371 19.08 1.28 -44.60
N MET C 372 18.73 0.09 -45.12
CA MET C 372 19.08 -0.34 -46.47
C MET C 372 18.34 0.48 -47.51
N VAL C 373 17.06 0.79 -47.23
CA VAL C 373 16.31 1.78 -48.00
C VAL C 373 16.04 2.98 -47.09
N PRO C 374 16.75 4.12 -47.28
CA PRO C 374 16.56 5.29 -46.42
C PRO C 374 15.22 5.97 -46.70
N HIS C 375 14.87 6.93 -45.83
CA HIS C 375 13.74 7.80 -46.06
C HIS C 375 13.80 8.34 -47.49
N ALA C 376 15.01 8.65 -47.95
CA ALA C 376 15.19 9.26 -49.25
C ALA C 376 14.75 8.32 -50.37
N GLY C 377 14.69 7.00 -50.06
CA GLY C 377 14.25 6.01 -51.02
C GLY C 377 15.42 5.35 -51.78
N PRO C 378 15.12 4.52 -52.80
CA PRO C 378 16.18 3.77 -53.49
C PRO C 378 17.10 4.62 -54.37
N ASP C 379 16.70 5.86 -54.67
CA ASP C 379 17.60 6.78 -55.35
C ASP C 379 18.51 7.43 -54.32
N SER C 380 19.51 6.67 -53.88
CA SER C 380 20.34 7.13 -52.79
C SER C 380 21.69 6.43 -52.88
N GLN C 381 22.75 7.11 -52.42
CA GLN C 381 24.04 6.46 -52.36
C GLN C 381 23.97 5.21 -51.46
N ILE C 382 23.22 5.26 -50.36
CA ILE C 382 23.14 4.09 -49.50
C ILE C 382 22.56 2.90 -50.27
N PHE C 383 21.50 3.10 -51.05
CA PHE C 383 20.90 1.92 -51.67
C PHE C 383 21.84 1.37 -52.75
N ARG C 384 22.55 2.25 -53.46
CA ARG C 384 23.51 1.81 -54.46
C ARG C 384 24.60 0.96 -53.81
N ASP C 385 25.12 1.37 -52.64
CA ASP C 385 26.16 0.58 -51.98
C ASP C 385 25.61 -0.75 -51.47
N VAL C 386 24.34 -0.76 -51.04
CA VAL C 386 23.69 -2.01 -50.63
C VAL C 386 23.62 -2.99 -51.81
N CYS C 387 23.33 -2.47 -53.01
CA CYS C 387 23.24 -3.32 -54.21
C CYS C 387 24.62 -3.84 -54.64
N GLU C 388 25.62 -2.94 -54.64
CA GLU C 388 27.01 -3.31 -54.93
C GLU C 388 27.49 -4.37 -53.94
N LEU C 389 27.12 -4.21 -52.66
CA LEU C 389 27.55 -5.19 -51.69
C LEU C 389 26.91 -6.54 -51.99
N GLY C 390 25.65 -6.54 -52.40
CA GLY C 390 24.96 -7.81 -52.68
C GLY C 390 25.68 -8.62 -53.77
N ALA C 391 26.12 -7.89 -54.80
CA ALA C 391 26.86 -8.44 -55.92
C ALA C 391 28.18 -9.02 -55.45
N ASP C 392 28.90 -8.26 -54.58
CA ASP C 392 30.17 -8.72 -54.03
C ASP C 392 29.96 -10.01 -53.24
N LEU C 393 28.88 -10.13 -52.45
CA LEU C 393 28.70 -11.35 -51.66
C LEU C 393 28.35 -12.54 -52.56
N ASN C 394 27.65 -12.28 -53.68
CA ASN C 394 27.35 -13.34 -54.64
C ASN C 394 28.66 -13.83 -55.27
N LYS C 395 29.50 -12.87 -55.66
CA LYS C 395 30.80 -13.15 -56.25
C LYS C 395 31.63 -14.03 -55.31
N LEU C 396 31.69 -13.66 -54.02
CA LEU C 396 32.54 -14.34 -53.06
C LEU C 396 32.04 -15.74 -52.76
N ALA C 397 30.73 -15.95 -52.75
CA ALA C 397 30.20 -17.30 -52.59
C ALA C 397 30.51 -18.18 -53.83
N ASP C 398 30.41 -17.57 -55.02
CA ASP C 398 30.74 -18.23 -56.29
C ASP C 398 32.19 -18.73 -56.28
N GLU C 399 33.08 -18.00 -55.61
CA GLU C 399 34.49 -18.33 -55.60
C GLU C 399 34.82 -19.28 -54.46
N GLY C 400 33.86 -19.70 -53.64
CA GLY C 400 34.08 -20.76 -52.65
C GLY C 400 34.31 -20.28 -51.21
N LEU C 401 33.87 -19.07 -50.82
CA LEU C 401 34.16 -18.58 -49.47
C LEU C 401 33.44 -19.36 -48.36
N LEU C 402 32.27 -19.91 -48.66
CA LEU C 402 31.38 -20.40 -47.63
C LEU C 402 32.00 -21.56 -46.90
N SER C 403 31.81 -21.57 -45.58
CA SER C 403 32.31 -22.60 -44.69
C SER C 403 33.83 -22.56 -44.50
N THR C 404 34.54 -21.67 -45.16
CA THR C 404 35.92 -21.39 -44.76
C THR C 404 35.91 -20.79 -43.36
N LYS C 405 37.06 -20.93 -42.67
CA LYS C 405 37.23 -20.52 -41.30
C LYS C 405 38.38 -19.52 -41.18
N LEU C 406 38.20 -18.62 -40.20
CA LEU C 406 39.23 -17.68 -39.82
C LEU C 406 40.47 -18.49 -39.43
N VAL C 407 41.57 -18.19 -40.12
CA VAL C 407 42.84 -18.85 -39.85
C VAL C 407 43.29 -18.62 -38.40
N LYS C 408 43.87 -19.69 -37.83
CA LYS C 408 44.44 -19.67 -36.49
C LYS C 408 45.64 -18.73 -36.42
N SER C 409 45.59 -17.79 -35.47
CA SER C 409 46.63 -16.79 -35.31
C SER C 409 47.82 -17.39 -34.56
N LYS C 410 48.96 -16.70 -34.61
CA LYS C 410 50.04 -16.98 -33.66
C LYS C 410 49.68 -16.63 -32.21
N VAL C 411 48.82 -15.61 -32.03
CA VAL C 411 48.54 -15.02 -30.72
C VAL C 411 47.04 -15.16 -30.38
N ALA C 412 46.71 -15.75 -29.21
CA ALA C 412 45.38 -15.68 -28.60
C ALA C 412 45.35 -14.62 -27.49
N ILE C 413 44.47 -13.62 -27.64
CA ILE C 413 44.15 -12.64 -26.61
C ILE C 413 42.95 -13.14 -25.81
N VAL C 414 43.11 -13.35 -24.51
CA VAL C 414 42.08 -13.97 -23.68
C VAL C 414 41.08 -12.91 -23.23
N PHE C 415 39.78 -13.24 -23.34
CA PHE C 415 38.67 -12.40 -22.90
C PHE C 415 37.82 -13.18 -21.89
N ASP C 416 37.51 -12.55 -20.75
CA ASP C 416 36.68 -13.17 -19.71
C ASP C 416 35.58 -12.21 -19.25
N TYR C 417 34.30 -12.52 -19.58
CA TYR C 417 33.15 -11.69 -19.20
C TYR C 417 33.14 -11.41 -17.69
N GLU C 418 33.34 -12.47 -16.89
CA GLU C 418 33.37 -12.42 -15.45
C GLU C 418 34.48 -11.50 -14.92
N SER C 419 35.68 -11.53 -15.55
CA SER C 419 36.76 -10.63 -15.19
C SER C 419 36.36 -9.16 -15.37
N GLN C 420 35.64 -8.85 -16.46
CA GLN C 420 35.11 -7.51 -16.62
C GLN C 420 34.15 -7.18 -15.46
N TRP C 421 33.26 -8.10 -15.10
CA TRP C 421 32.37 -7.85 -13.97
C TRP C 421 33.17 -7.56 -12.67
N ALA C 422 34.20 -8.37 -12.36
CA ALA C 422 35.06 -8.16 -11.20
C ALA C 422 35.68 -6.77 -11.19
N THR C 423 36.03 -6.23 -12.38
CA THR C 423 36.63 -4.91 -12.42
C THR C 423 35.62 -3.79 -12.26
N GLU C 424 34.31 -4.10 -12.21
CA GLU C 424 33.27 -3.09 -12.18
C GLU C 424 32.97 -2.60 -10.76
N HIS C 425 33.41 -3.28 -9.70
CA HIS C 425 33.14 -2.80 -8.36
C HIS C 425 33.66 -1.37 -8.13
N THR C 426 32.93 -0.62 -7.29
CA THR C 426 33.16 0.81 -7.11
C THR C 426 34.31 1.08 -6.14
N ALA C 427 34.85 0.04 -5.46
CA ALA C 427 35.95 0.20 -4.51
C ALA C 427 37.21 -0.59 -4.93
N THR C 428 37.43 -0.67 -6.25
CA THR C 428 38.68 -1.20 -6.80
C THR C 428 39.80 -0.18 -6.67
N PRO C 429 41.08 -0.52 -6.97
CA PRO C 429 42.12 0.50 -6.93
C PRO C 429 41.84 1.72 -7.80
N THR C 430 41.12 1.54 -8.91
CA THR C 430 40.71 2.68 -9.73
C THR C 430 39.60 2.32 -10.73
N GLN C 431 38.63 3.24 -10.81
CA GLN C 431 37.51 3.15 -11.73
C GLN C 431 37.95 3.37 -13.18
N GLU C 432 39.20 3.83 -13.38
CA GLU C 432 39.68 4.05 -14.73
C GLU C 432 40.09 2.73 -15.38
N VAL C 433 40.22 1.65 -14.58
CA VAL C 433 40.67 0.39 -15.11
C VAL C 433 39.56 -0.64 -15.05
N ARG C 434 39.24 -1.13 -16.26
CA ARG C 434 38.35 -2.25 -16.46
C ARG C 434 39.05 -3.27 -17.38
N HIS C 435 38.71 -4.55 -17.19
CA HIS C 435 39.19 -5.63 -18.06
C HIS C 435 39.14 -5.26 -19.54
N TRP C 436 38.00 -4.76 -20.02
CA TRP C 436 37.69 -4.82 -21.43
C TRP C 436 38.65 -4.01 -22.30
N THR C 437 39.23 -2.92 -21.83
CA THR C 437 39.98 -2.04 -22.74
C THR C 437 41.33 -2.67 -23.11
N GLU C 438 41.89 -3.55 -22.26
CA GLU C 438 43.27 -4.03 -22.45
C GLU C 438 43.35 -4.99 -23.64
N PRO C 439 42.49 -6.03 -23.75
CA PRO C 439 42.52 -6.91 -24.93
C PRO C 439 42.41 -6.13 -26.24
N LEU C 440 41.58 -5.11 -26.28
CA LEU C 440 41.44 -4.30 -27.49
C LEU C 440 42.75 -3.58 -27.79
N ASP C 441 43.36 -3.00 -26.74
CA ASP C 441 44.62 -2.29 -26.89
C ASP C 441 45.67 -3.24 -27.50
N TRP C 442 45.76 -4.48 -27.01
CA TRP C 442 46.72 -5.46 -27.50
C TRP C 442 46.44 -5.86 -28.94
N PHE C 443 45.14 -6.01 -29.30
CA PHE C 443 44.75 -6.34 -30.64
C PHE C 443 45.24 -5.25 -31.59
N ARG C 444 45.04 -3.99 -31.21
CA ARG C 444 45.44 -2.89 -32.09
C ARG C 444 46.97 -2.79 -32.18
N ALA C 445 47.65 -3.05 -31.05
CA ALA C 445 49.10 -2.85 -31.02
C ALA C 445 49.80 -3.99 -31.79
N LEU C 446 49.27 -5.21 -31.65
CA LEU C 446 49.74 -6.35 -32.43
C LEU C 446 49.52 -6.10 -33.92
N ALA C 447 48.43 -5.44 -34.30
CA ALA C 447 48.19 -5.08 -35.70
C ALA C 447 49.16 -4.02 -36.17
N ASP C 448 49.58 -3.12 -35.26
CA ASP C 448 50.58 -2.13 -35.59
C ASP C 448 51.91 -2.81 -35.94
N ASN C 449 52.18 -3.97 -35.34
CA ASN C 449 53.39 -4.75 -35.56
C ASN C 449 53.17 -5.85 -36.64
N GLY C 450 52.08 -5.76 -37.41
CA GLY C 450 51.78 -6.62 -38.54
C GLY C 450 51.32 -8.01 -38.14
N LEU C 451 50.76 -8.17 -36.94
CA LEU C 451 50.20 -9.46 -36.56
C LEU C 451 48.70 -9.30 -36.25
N THR C 452 47.86 -10.12 -36.93
CA THR C 452 46.45 -10.26 -36.60
C THR C 452 46.22 -11.35 -35.55
N ALA C 453 45.83 -10.93 -34.32
CA ALA C 453 45.57 -11.85 -33.24
C ALA C 453 44.20 -12.52 -33.42
N ASP C 454 44.02 -13.69 -32.79
CA ASP C 454 42.70 -14.20 -32.47
C ASP C 454 42.31 -13.69 -31.07
N VAL C 455 40.97 -13.61 -30.81
CA VAL C 455 40.45 -13.24 -29.50
C VAL C 455 39.69 -14.45 -28.99
N VAL C 456 40.14 -15.02 -27.88
CA VAL C 456 39.69 -16.32 -27.47
C VAL C 456 39.12 -16.20 -26.05
N PRO C 457 37.82 -16.51 -25.87
CA PRO C 457 37.25 -16.58 -24.52
C PRO C 457 38.05 -17.52 -23.64
N VAL C 458 38.09 -17.17 -22.36
CA VAL C 458 38.90 -17.89 -21.38
C VAL C 458 38.56 -19.39 -21.37
N ARG C 459 37.31 -19.79 -21.62
CA ARG C 459 37.01 -21.22 -21.60
C ARG C 459 37.59 -21.88 -22.85
N GLY C 460 37.86 -21.07 -23.88
CA GLY C 460 38.28 -21.58 -25.18
C GLY C 460 39.75 -22.03 -25.20
N PRO C 461 40.18 -22.60 -26.36
CA PRO C 461 41.51 -23.23 -26.47
C PRO C 461 42.73 -22.31 -26.68
N TRP C 462 42.91 -21.29 -25.83
CA TRP C 462 44.01 -20.33 -25.97
C TRP C 462 45.33 -21.04 -25.67
N ASP C 463 45.28 -22.12 -24.87
CA ASP C 463 46.46 -22.85 -24.46
C ASP C 463 47.04 -23.73 -25.59
N GLU C 464 46.39 -23.70 -26.76
CA GLU C 464 46.88 -24.39 -27.94
C GLU C 464 47.64 -23.41 -28.83
N TYR C 465 47.73 -22.14 -28.44
CA TYR C 465 48.33 -21.15 -29.31
C TYR C 465 49.84 -21.00 -29.04
N GLU C 466 50.53 -20.37 -30.00
CA GLU C 466 51.98 -20.17 -29.95
C GLU C 466 52.30 -19.16 -28.83
N ALA C 467 51.42 -18.17 -28.69
CA ALA C 467 51.55 -17.10 -27.71
C ALA C 467 50.16 -16.70 -27.25
N VAL C 468 50.08 -16.12 -26.06
CA VAL C 468 48.84 -15.89 -25.32
C VAL C 468 49.00 -14.58 -24.54
N VAL C 469 47.95 -13.73 -24.56
CA VAL C 469 47.94 -12.49 -23.80
C VAL C 469 46.88 -12.62 -22.70
N LEU C 470 47.28 -12.37 -21.45
CA LEU C 470 46.31 -12.22 -20.37
C LEU C 470 46.18 -10.74 -20.09
N PRO C 471 45.11 -10.04 -20.60
CA PRO C 471 45.07 -8.59 -20.58
C PRO C 471 44.12 -8.05 -19.51
N SER C 472 44.71 -7.51 -18.43
CA SER C 472 43.95 -7.11 -17.25
C SER C 472 42.92 -8.17 -16.88
N LEU C 473 43.41 -9.42 -16.79
CA LEU C 473 42.51 -10.54 -16.62
C LEU C 473 42.38 -10.76 -15.13
N ALA C 474 41.46 -9.99 -14.50
CA ALA C 474 41.48 -9.78 -13.06
C ALA C 474 41.25 -11.06 -12.26
N ILE C 475 40.43 -11.98 -12.80
CA ILE C 475 40.19 -13.27 -12.15
C ILE C 475 41.16 -14.28 -12.76
N LEU C 476 41.81 -15.06 -11.89
CA LEU C 476 42.35 -16.35 -12.24
C LEU C 476 41.87 -17.36 -11.21
N SER C 477 41.00 -18.29 -11.61
CA SER C 477 40.64 -19.38 -10.73
C SER C 477 41.83 -20.32 -10.54
N GLU C 478 41.70 -21.24 -9.61
CA GLU C 478 42.64 -22.32 -9.45
C GLU C 478 42.80 -23.08 -10.77
N GLN C 479 41.67 -23.40 -11.45
CA GLN C 479 41.71 -24.14 -12.70
C GLN C 479 42.42 -23.32 -13.78
N THR C 480 42.09 -22.04 -13.91
CA THR C 480 42.74 -21.21 -14.93
C THR C 480 44.23 -21.03 -14.60
N THR C 481 44.56 -20.93 -13.30
CA THR C 481 45.95 -20.84 -12.85
C THR C 481 46.76 -22.04 -13.35
N ARG C 482 46.26 -23.27 -13.07
CA ARG C 482 46.89 -24.51 -13.50
C ARG C 482 47.10 -24.51 -15.01
N ARG C 483 46.10 -24.02 -15.76
CA ARG C 483 46.18 -23.99 -17.21
C ARG C 483 47.27 -23.02 -17.66
N VAL C 484 47.41 -21.88 -16.99
CA VAL C 484 48.43 -20.89 -17.32
C VAL C 484 49.82 -21.44 -17.02
N ARG C 485 49.96 -22.10 -15.85
CA ARG C 485 51.25 -22.64 -15.44
C ARG C 485 51.70 -23.72 -16.44
N GLU C 486 50.81 -24.67 -16.77
CA GLU C 486 51.12 -25.75 -17.68
C GLU C 486 51.43 -25.22 -19.07
N TYR C 487 50.64 -24.26 -19.55
CA TYR C 487 50.93 -23.63 -20.83
C TYR C 487 52.37 -23.16 -20.95
N VAL C 488 52.83 -22.32 -20.02
CA VAL C 488 54.17 -21.75 -20.13
C VAL C 488 55.22 -22.85 -19.92
N ALA C 489 55.00 -23.76 -18.96
CA ALA C 489 55.99 -24.75 -18.61
C ALA C 489 56.30 -25.67 -19.79
N ASN C 490 55.34 -25.83 -20.69
CA ASN C 490 55.48 -26.73 -21.84
C ASN C 490 55.82 -25.97 -23.11
N GLY C 491 56.17 -24.69 -23.02
CA GLY C 491 56.75 -24.00 -24.16
C GLY C 491 55.97 -22.80 -24.62
N GLY C 492 54.83 -22.52 -23.95
CA GLY C 492 54.08 -21.32 -24.25
C GLY C 492 54.86 -20.02 -24.07
N LYS C 493 54.48 -19.04 -24.88
CA LYS C 493 54.96 -17.66 -24.79
C LYS C 493 53.80 -16.77 -24.30
N LEU C 494 53.90 -16.26 -23.07
CA LEU C 494 52.79 -15.60 -22.38
C LEU C 494 53.09 -14.12 -22.18
N PHE C 495 52.09 -13.26 -22.42
CA PHE C 495 52.15 -11.89 -22.00
C PHE C 495 51.12 -11.70 -20.91
N VAL C 496 51.54 -11.08 -19.79
CA VAL C 496 50.67 -10.84 -18.64
C VAL C 496 50.72 -9.36 -18.29
N THR C 497 49.55 -8.74 -18.00
CA THR C 497 49.54 -7.32 -17.67
C THR C 497 49.10 -7.06 -16.22
N TYR C 498 49.34 -5.82 -15.82
CA TYR C 498 48.76 -5.22 -14.61
C TYR C 498 47.28 -5.55 -14.56
N TYR C 499 46.74 -5.66 -13.32
CA TYR C 499 45.35 -5.99 -13.10
C TYR C 499 45.04 -7.42 -13.54
N THR C 500 46.08 -8.26 -13.73
CA THR C 500 45.81 -9.66 -13.98
C THR C 500 46.01 -10.50 -12.71
N GLY C 501 45.12 -11.45 -12.47
CA GLY C 501 45.22 -12.43 -11.40
C GLY C 501 45.19 -11.83 -9.99
N LEU C 502 44.45 -10.73 -9.81
CA LEU C 502 44.25 -10.12 -8.50
C LEU C 502 43.48 -11.06 -7.59
N VAL C 503 42.41 -11.68 -8.14
CA VAL C 503 41.44 -12.44 -7.36
C VAL C 503 41.17 -13.81 -7.98
N ASP C 504 40.58 -14.70 -7.17
CA ASP C 504 39.99 -15.95 -7.63
C ASP C 504 38.54 -15.70 -8.09
N ASP C 505 37.81 -16.79 -8.36
CA ASP C 505 36.47 -16.71 -8.93
C ASP C 505 35.42 -16.38 -7.86
N ARG C 506 35.81 -16.30 -6.58
CA ARG C 506 34.97 -15.78 -5.50
C ARG C 506 35.23 -14.29 -5.23
N ASP C 507 36.12 -13.66 -6.01
CA ASP C 507 36.64 -12.32 -5.77
C ASP C 507 37.45 -12.20 -4.46
N HIS C 508 37.98 -13.32 -3.95
CA HIS C 508 38.99 -13.27 -2.89
C HIS C 508 40.36 -12.95 -3.49
N VAL C 509 41.12 -12.06 -2.82
CA VAL C 509 42.44 -11.65 -3.29
C VAL C 509 43.43 -12.79 -3.05
N TRP C 510 44.26 -13.09 -4.06
CA TRP C 510 45.36 -14.03 -3.87
C TRP C 510 46.47 -13.30 -3.12
N LEU C 511 46.86 -13.86 -1.99
CA LEU C 511 47.75 -13.19 -1.03
C LEU C 511 49.21 -13.48 -1.38
N GLY C 512 50.12 -12.72 -0.74
CA GLY C 512 51.55 -12.97 -0.82
C GLY C 512 52.30 -12.03 -1.77
N GLY C 513 51.58 -11.12 -2.43
CA GLY C 513 52.09 -10.24 -3.48
C GLY C 513 51.37 -10.56 -4.81
N TYR C 514 51.15 -9.55 -5.65
CA TYR C 514 50.35 -9.74 -6.85
C TYR C 514 51.30 -10.11 -7.98
N PRO C 515 50.88 -10.85 -9.04
CA PRO C 515 49.65 -11.65 -9.05
C PRO C 515 49.87 -12.97 -8.31
N GLY C 516 49.02 -13.20 -7.32
CA GLY C 516 49.34 -14.08 -6.20
C GLY C 516 49.19 -15.58 -6.47
N SER C 517 48.54 -15.97 -7.58
CA SER C 517 48.48 -17.38 -7.96
C SER C 517 49.62 -17.74 -8.92
N ILE C 518 50.20 -16.77 -9.62
CA ILE C 518 51.18 -17.08 -10.66
C ILE C 518 52.50 -16.31 -10.50
N ARG C 519 52.97 -15.99 -9.28
CA ARG C 519 54.22 -15.22 -9.15
C ARG C 519 55.43 -15.95 -9.74
N ASP C 520 55.52 -17.27 -9.52
CA ASP C 520 56.55 -18.14 -10.12
C ASP C 520 56.57 -18.04 -11.64
N VAL C 521 55.39 -17.99 -12.27
CA VAL C 521 55.31 -17.97 -13.73
C VAL C 521 55.85 -16.65 -14.27
N VAL C 522 55.44 -15.51 -13.72
CA VAL C 522 55.81 -14.22 -14.31
C VAL C 522 57.14 -13.73 -13.70
N GLY C 523 57.57 -14.34 -12.61
CA GLY C 523 58.90 -14.06 -12.04
C GLY C 523 59.04 -12.67 -11.40
N VAL C 524 57.90 -12.09 -11.00
CA VAL C 524 57.89 -10.80 -10.34
C VAL C 524 56.99 -10.87 -9.11
N ARG C 525 57.14 -9.88 -8.23
CA ARG C 525 56.29 -9.73 -7.07
C ARG C 525 55.90 -8.25 -6.94
N VAL C 526 54.58 -7.99 -6.95
CA VAL C 526 54.02 -6.66 -6.82
C VAL C 526 53.51 -6.51 -5.39
N GLU C 527 53.91 -5.44 -4.71
CA GLU C 527 53.52 -5.23 -3.32
C GLU C 527 52.26 -4.36 -3.23
N GLU C 528 52.07 -3.46 -4.20
CA GLU C 528 51.01 -2.49 -4.13
C GLU C 528 50.92 -1.79 -5.48
N PHE C 529 49.88 -0.96 -5.67
CA PHE C 529 49.64 -0.30 -6.95
C PHE C 529 49.83 1.20 -6.84
N ALA C 530 50.02 1.83 -7.98
CA ALA C 530 50.04 3.27 -8.06
C ALA C 530 49.10 3.74 -9.14
N PRO C 531 47.79 3.89 -8.80
CA PRO C 531 46.84 4.52 -9.70
C PRO C 531 47.29 5.94 -9.98
N MET C 532 46.93 6.41 -11.15
CA MET C 532 47.37 7.70 -11.63
C MET C 532 46.17 8.44 -12.20
N GLY C 533 46.23 9.77 -12.22
CA GLY C 533 45.18 10.55 -12.83
C GLY C 533 45.30 12.04 -12.51
N THR C 534 44.19 12.78 -12.73
CA THR C 534 44.19 14.22 -12.74
C THR C 534 43.02 14.80 -11.94
N ASP C 535 42.59 14.15 -10.85
CA ASP C 535 41.33 14.57 -10.25
C ASP C 535 41.58 15.49 -9.03
N ALA C 536 42.85 15.86 -8.77
CA ALA C 536 43.17 17.00 -7.91
C ALA C 536 44.50 17.62 -8.37
N PRO C 537 44.77 18.92 -8.06
CA PRO C 537 46.04 19.51 -8.47
C PRO C 537 47.17 18.69 -7.85
N GLY C 538 48.16 18.37 -8.71
CA GLY C 538 49.43 17.83 -8.26
C GLY C 538 49.41 16.31 -8.12
N THR C 539 48.32 15.64 -8.56
CA THR C 539 48.28 14.18 -8.52
C THR C 539 49.25 13.61 -9.57
N MET C 540 49.74 12.40 -9.35
CA MET C 540 50.65 11.80 -10.31
C MET C 540 49.84 11.26 -11.50
N ASP C 541 50.06 11.82 -12.70
CA ASP C 541 49.22 11.57 -13.85
C ASP C 541 49.93 10.74 -14.95
N HIS C 542 51.23 10.42 -14.79
CA HIS C 542 51.93 9.56 -15.74
C HIS C 542 53.26 9.12 -15.17
N LEU C 543 53.82 8.04 -15.73
CA LEU C 543 55.18 7.60 -15.44
C LEU C 543 55.86 7.27 -16.77
N ASP C 544 56.95 7.96 -17.07
CA ASP C 544 57.77 7.66 -18.23
C ASP C 544 58.52 6.33 -18.05
N LEU C 545 58.77 5.65 -19.18
CA LEU C 545 59.56 4.42 -19.24
C LEU C 545 60.82 4.69 -20.06
N ASP C 546 61.88 3.92 -19.80
CA ASP C 546 63.18 4.13 -20.47
C ASP C 546 63.21 3.45 -21.84
N ASN C 547 62.04 3.04 -22.40
CA ASN C 547 61.98 2.53 -23.77
C ASN C 547 61.30 3.55 -24.68
N GLY C 548 61.13 4.78 -24.18
CA GLY C 548 60.47 5.85 -24.89
C GLY C 548 58.94 5.77 -24.89
N THR C 549 58.33 4.99 -23.98
CA THR C 549 56.87 4.97 -23.79
C THR C 549 56.48 5.65 -22.46
N VAL C 550 55.16 5.89 -22.27
CA VAL C 550 54.60 6.60 -21.11
C VAL C 550 53.40 5.83 -20.56
N ALA C 551 53.44 5.50 -19.27
CA ALA C 551 52.33 4.84 -18.60
C ALA C 551 51.36 5.89 -18.08
N HIS C 552 50.05 5.57 -18.15
CA HIS C 552 48.98 6.36 -17.55
C HIS C 552 48.04 5.45 -16.74
N ASP C 553 47.24 6.06 -15.83
CA ASP C 553 46.12 5.47 -15.12
C ASP C 553 46.53 4.44 -14.08
N PHE C 554 47.56 3.62 -14.35
CA PHE C 554 47.95 2.56 -13.41
C PHE C 554 49.37 2.07 -13.64
N ALA C 555 50.14 1.90 -12.54
CA ALA C 555 51.41 1.17 -12.58
C ALA C 555 51.51 0.25 -11.39
N ASP C 556 52.20 -0.88 -11.56
CA ASP C 556 52.48 -1.81 -10.48
C ASP C 556 53.76 -1.33 -9.76
N VAL C 557 53.87 -1.63 -8.47
CA VAL C 557 55.11 -1.46 -7.71
C VAL C 557 55.76 -2.84 -7.56
N ILE C 558 56.67 -3.15 -8.52
CA ILE C 558 57.41 -4.41 -8.54
C ILE C 558 58.59 -4.24 -7.60
N THR C 559 58.69 -5.09 -6.59
CA THR C 559 59.73 -4.97 -5.59
C THR C 559 60.71 -6.14 -5.62
N SER C 560 60.45 -7.20 -6.40
CA SER C 560 61.47 -8.21 -6.65
C SER C 560 61.30 -8.86 -8.02
N VAL C 561 62.43 -9.31 -8.60
CA VAL C 561 62.48 -10.01 -9.89
C VAL C 561 63.25 -11.31 -9.68
N ALA C 562 62.75 -12.41 -10.23
CA ALA C 562 63.34 -13.71 -9.96
C ALA C 562 64.66 -13.84 -10.73
N ASP C 563 65.48 -14.81 -10.33
CA ASP C 563 66.81 -15.00 -10.92
C ASP C 563 66.67 -15.46 -12.38
N THR C 564 65.56 -16.14 -12.68
CA THR C 564 65.19 -16.58 -14.02
C THR C 564 64.69 -15.43 -14.89
N ALA C 565 64.44 -14.24 -14.32
CA ALA C 565 63.89 -13.15 -15.08
C ALA C 565 64.91 -12.05 -15.25
N HIS C 566 64.59 -11.09 -16.12
CA HIS C 566 65.37 -9.89 -16.33
C HIS C 566 64.46 -8.74 -16.73
N VAL C 567 64.94 -7.50 -16.55
CA VAL C 567 64.15 -6.31 -16.75
C VAL C 567 64.39 -5.79 -18.16
N VAL C 568 63.31 -5.58 -18.92
CA VAL C 568 63.42 -5.06 -20.27
C VAL C 568 63.25 -3.55 -20.30
N ALA C 569 62.37 -3.02 -19.44
CA ALA C 569 62.19 -1.58 -19.34
C ALA C 569 61.92 -1.17 -17.88
N SER C 570 62.39 0.04 -17.55
CA SER C 570 62.34 0.59 -16.21
C SER C 570 61.61 1.91 -16.25
N PHE C 571 61.00 2.29 -15.12
CA PHE C 571 60.42 3.62 -15.03
C PHE C 571 61.52 4.65 -14.82
N LYS C 572 61.27 5.87 -15.33
CA LYS C 572 62.01 7.07 -15.04
C LYS C 572 61.06 8.11 -14.40
N ALA C 573 61.44 8.69 -13.24
CA ALA C 573 60.52 9.55 -12.49
C ALA C 573 61.25 10.45 -11.50
N ASP C 574 60.54 11.45 -10.94
CA ASP C 574 61.04 12.23 -9.80
C ASP C 574 61.30 11.30 -8.64
N LYS C 575 62.37 11.52 -7.86
CA LYS C 575 62.87 10.50 -6.95
C LYS C 575 61.90 10.24 -5.80
N TRP C 576 61.11 11.28 -5.45
CA TRP C 576 60.20 11.23 -4.31
C TRP C 576 59.00 10.30 -4.58
N THR C 577 58.78 9.95 -5.85
CA THR C 577 57.69 9.04 -6.22
C THR C 577 57.98 7.60 -5.82
N GLY C 578 59.29 7.27 -5.67
CA GLY C 578 59.70 5.90 -5.48
C GLY C 578 59.80 5.10 -6.80
N PHE C 579 59.58 5.72 -7.96
CA PHE C 579 59.52 4.95 -9.19
C PHE C 579 60.79 5.06 -10.05
N ASP C 580 61.74 5.97 -9.74
CA ASP C 580 62.90 6.12 -10.60
C ASP C 580 63.70 4.82 -10.61
N GLY C 581 63.79 4.19 -11.78
CA GLY C 581 64.62 3.00 -11.94
C GLY C 581 63.92 1.74 -11.50
N ALA C 582 62.63 1.84 -11.16
CA ALA C 582 61.91 0.65 -10.78
C ALA C 582 61.51 -0.11 -12.06
N PRO C 583 61.40 -1.44 -11.95
CA PRO C 583 61.01 -2.32 -13.07
C PRO C 583 59.60 -2.06 -13.60
N ALA C 584 59.46 -2.04 -14.94
CA ALA C 584 58.19 -1.76 -15.60
C ALA C 584 57.75 -2.95 -16.47
N ILE C 585 58.68 -3.53 -17.25
CA ILE C 585 58.43 -4.65 -18.16
C ILE C 585 59.53 -5.69 -17.96
N THR C 586 59.14 -6.93 -17.69
CA THR C 586 60.11 -7.99 -17.45
C THR C 586 59.83 -9.18 -18.36
N VAL C 587 60.83 -10.07 -18.51
CA VAL C 587 60.64 -11.39 -19.08
C VAL C 587 61.22 -12.46 -18.17
N ASN C 588 60.44 -13.49 -17.92
CA ASN C 588 60.86 -14.60 -17.10
C ASN C 588 60.98 -15.87 -17.95
N ASP C 589 62.03 -16.67 -17.71
CA ASP C 589 62.10 -18.02 -18.21
C ASP C 589 61.45 -18.95 -17.19
N PHE C 590 60.47 -19.75 -17.66
CA PHE C 590 59.71 -20.66 -16.83
C PHE C 590 59.49 -21.96 -17.61
N GLY C 591 60.02 -23.08 -17.09
CA GLY C 591 60.12 -24.33 -17.81
C GLY C 591 60.72 -24.15 -19.22
N ASP C 592 60.02 -24.67 -20.25
CA ASP C 592 60.47 -24.53 -21.63
C ASP C 592 59.99 -23.23 -22.26
N GLY C 593 59.18 -22.43 -21.54
CA GLY C 593 58.64 -21.22 -22.12
C GLY C 593 59.09 -19.93 -21.44
N LYS C 594 58.41 -18.84 -21.81
CA LYS C 594 58.66 -17.51 -21.29
C LYS C 594 57.34 -16.80 -20.95
N ALA C 595 57.40 -15.89 -19.96
CA ALA C 595 56.30 -15.04 -19.55
C ALA C 595 56.81 -13.61 -19.43
N ALA C 596 56.30 -12.72 -20.27
CA ALA C 596 56.59 -11.31 -20.17
C ALA C 596 55.57 -10.66 -19.22
N TYR C 597 55.99 -9.72 -18.35
CA TYR C 597 55.06 -8.99 -17.47
C TYR C 597 55.09 -7.51 -17.82
N VAL C 598 53.93 -6.92 -18.15
CA VAL C 598 53.87 -5.50 -18.45
C VAL C 598 53.14 -4.82 -17.28
N GLY C 599 53.86 -4.13 -16.38
CA GLY C 599 53.29 -3.67 -15.12
C GLY C 599 52.76 -2.24 -15.14
N ALA C 600 52.21 -1.82 -16.28
CA ALA C 600 51.54 -0.54 -16.42
C ALA C 600 50.68 -0.50 -17.69
N ARG C 601 49.75 0.46 -17.71
CA ARG C 601 48.94 0.73 -18.88
C ARG C 601 49.72 1.59 -19.84
N LEU C 602 50.13 0.98 -20.97
CA LEU C 602 50.85 1.70 -21.99
C LEU C 602 49.95 2.15 -23.13
N GLY C 603 48.72 1.62 -23.22
CA GLY C 603 47.82 2.00 -24.30
C GLY C 603 48.24 1.34 -25.63
N ARG C 604 47.48 1.58 -26.69
CA ARG C 604 47.84 1.05 -28.01
C ARG C 604 49.24 1.52 -28.40
N GLU C 605 49.49 2.83 -28.28
CA GLU C 605 50.73 3.44 -28.73
C GLU C 605 51.94 2.89 -27.96
N GLY C 606 51.84 2.80 -26.64
CA GLY C 606 52.95 2.32 -25.82
C GLY C 606 53.19 0.83 -26.02
N LEU C 607 52.11 0.06 -26.18
CA LEU C 607 52.25 -1.38 -26.43
C LEU C 607 52.90 -1.60 -27.81
N ALA C 608 52.50 -0.80 -28.80
CA ALA C 608 53.00 -0.92 -30.15
C ALA C 608 54.54 -0.74 -30.19
N LYS C 609 55.00 0.33 -29.53
CA LYS C 609 56.42 0.66 -29.45
C LYS C 609 57.17 -0.34 -28.58
N SER C 610 56.56 -0.89 -27.52
CA SER C 610 57.21 -1.88 -26.68
C SER C 610 57.33 -3.25 -27.32
N LEU C 611 56.45 -3.59 -28.29
CA LEU C 611 56.30 -4.97 -28.70
C LEU C 611 57.48 -5.52 -29.53
N PRO C 612 58.14 -4.79 -30.46
CA PRO C 612 59.30 -5.34 -31.17
C PRO C 612 60.28 -6.09 -30.27
N ALA C 613 60.71 -5.45 -29.16
CA ALA C 613 61.64 -6.08 -28.23
C ALA C 613 61.03 -7.31 -27.59
N LEU C 614 59.76 -7.24 -27.17
CA LEU C 614 59.14 -8.38 -26.51
C LEU C 614 58.94 -9.55 -27.48
N LEU C 615 58.52 -9.24 -28.72
CA LEU C 615 58.32 -10.29 -29.72
C LEU C 615 59.64 -11.01 -29.98
N GLU C 616 60.74 -10.24 -30.05
CA GLU C 616 62.07 -10.82 -30.22
C GLU C 616 62.41 -11.71 -29.02
N GLU C 617 62.26 -11.26 -27.78
CA GLU C 617 62.53 -12.09 -26.61
C GLU C 617 61.73 -13.38 -26.65
N LEU C 618 60.46 -13.32 -27.09
CA LEU C 618 59.58 -14.49 -27.01
C LEU C 618 59.65 -15.33 -28.27
N GLY C 619 60.42 -14.88 -29.27
CA GLY C 619 60.64 -15.72 -30.44
C GLY C 619 59.40 -15.78 -31.31
N ILE C 620 58.69 -14.66 -31.38
CA ILE C 620 57.50 -14.55 -32.20
C ILE C 620 57.85 -13.68 -33.38
N GLU C 621 57.73 -14.23 -34.61
CA GLU C 621 58.24 -13.58 -35.80
C GLU C 621 57.16 -12.71 -36.39
N THR C 622 57.53 -11.55 -36.94
CA THR C 622 56.64 -10.73 -37.74
C THR C 622 57.44 -10.14 -38.90
N SER C 623 56.75 -9.43 -39.79
CA SER C 623 57.38 -8.69 -40.88
C SER C 623 58.42 -7.72 -40.34
N ALA C 624 59.42 -7.41 -41.16
CA ALA C 624 60.38 -6.35 -40.87
C ALA C 624 59.92 -5.02 -41.46
N GLU C 625 58.82 -5.02 -42.22
CA GLU C 625 58.47 -3.88 -43.05
C GLU C 625 57.99 -2.69 -42.23
N ASP C 626 58.48 -1.51 -42.61
CA ASP C 626 58.11 -0.23 -42.02
C ASP C 626 56.60 -0.05 -42.09
N ASP C 627 55.97 -0.57 -43.16
CA ASP C 627 54.56 -0.32 -43.47
C ASP C 627 53.67 -1.45 -42.94
N ARG C 628 54.21 -2.36 -42.11
CA ARG C 628 53.49 -3.55 -41.67
C ARG C 628 52.18 -3.29 -40.91
N GLY C 629 51.94 -2.08 -40.40
CA GLY C 629 50.72 -1.81 -39.63
C GLY C 629 49.69 -0.97 -40.38
N GLU C 630 50.01 -0.53 -41.60
CA GLU C 630 49.10 0.23 -42.42
C GLU C 630 47.83 -0.56 -42.76
N VAL C 631 47.94 -1.90 -42.80
CA VAL C 631 46.87 -2.73 -43.34
C VAL C 631 46.62 -3.89 -42.38
N LEU C 632 45.34 -4.23 -42.16
CA LEU C 632 45.00 -5.44 -41.42
C LEU C 632 44.75 -6.56 -42.42
N ARG C 633 45.47 -7.67 -42.26
CA ARG C 633 45.39 -8.86 -43.09
C ARG C 633 44.58 -9.90 -42.36
N VAL C 634 43.48 -10.32 -42.98
CA VAL C 634 42.64 -11.31 -42.35
C VAL C 634 42.44 -12.44 -43.36
N GLU C 635 42.57 -13.69 -42.89
CA GLU C 635 42.58 -14.84 -43.77
C GLU C 635 41.53 -15.86 -43.34
N ARG C 636 40.80 -16.39 -44.35
CA ARG C 636 39.96 -17.58 -44.20
C ARG C 636 40.38 -18.69 -45.18
N ALA C 637 40.28 -19.96 -44.73
CA ALA C 637 40.62 -21.10 -45.54
C ALA C 637 39.86 -22.34 -45.06
N ASP C 638 39.69 -23.30 -45.98
CA ASP C 638 39.10 -24.59 -45.63
C ASP C 638 40.14 -25.46 -44.96
N GLU C 639 39.71 -26.62 -44.46
CA GLU C 639 40.60 -27.49 -43.71
C GLU C 639 41.79 -27.95 -44.55
N THR C 640 41.61 -27.98 -45.88
CA THR C 640 42.62 -28.45 -46.83
C THR C 640 43.61 -27.36 -47.16
N GLY C 641 43.13 -26.11 -47.25
CA GLY C 641 43.95 -25.01 -47.73
C GLY C 641 43.64 -24.68 -49.19
N GLU C 642 42.76 -25.48 -49.81
CA GLU C 642 42.47 -25.37 -51.24
C GLU C 642 41.72 -24.08 -51.59
N ASN C 643 40.92 -23.59 -50.65
CA ASN C 643 40.23 -22.33 -50.80
C ASN C 643 40.70 -21.44 -49.66
N HIS C 644 41.45 -20.40 -50.04
CA HIS C 644 42.28 -19.63 -49.14
C HIS C 644 42.15 -18.18 -49.60
N PHE C 645 41.47 -17.36 -48.79
CA PHE C 645 41.16 -15.99 -49.12
C PHE C 645 41.95 -15.07 -48.18
N VAL C 646 42.31 -13.91 -48.72
CA VAL C 646 43.03 -12.91 -47.98
C VAL C 646 42.29 -11.59 -48.15
N PHE C 647 41.93 -10.97 -47.01
CA PHE C 647 41.32 -9.66 -46.98
C PHE C 647 42.31 -8.63 -46.43
N LEU C 648 42.41 -7.50 -47.11
CA LEU C 648 43.38 -6.48 -46.84
C LEU C 648 42.63 -5.16 -46.67
N PHE C 649 42.55 -4.70 -45.41
CA PHE C 649 41.92 -3.44 -45.04
C PHE C 649 42.95 -2.38 -44.66
N ASN C 650 42.83 -1.22 -45.29
CA ASN C 650 43.59 -0.07 -44.92
C ASN C 650 43.14 0.42 -43.55
N ARG C 651 44.08 0.67 -42.62
CA ARG C 651 43.72 1.15 -41.29
C ARG C 651 43.96 2.64 -41.14
N THR C 652 44.30 3.35 -42.22
CA THR C 652 44.87 4.68 -42.08
C THR C 652 44.15 5.67 -42.98
N HIS C 653 44.54 6.93 -42.89
CA HIS C 653 44.06 7.97 -43.77
C HIS C 653 45.08 8.27 -44.87
N ASP C 654 45.97 7.30 -45.16
CA ASP C 654 46.91 7.41 -46.28
C ASP C 654 46.57 6.34 -47.31
N VAL C 655 47.05 6.47 -48.54
CA VAL C 655 46.95 5.40 -49.52
C VAL C 655 47.92 4.29 -49.14
N ALA C 656 47.42 3.09 -48.86
CA ALA C 656 48.28 1.96 -48.55
C ALA C 656 48.60 1.19 -49.83
N VAL C 657 49.89 0.89 -50.08
CA VAL C 657 50.27 0.05 -51.22
C VAL C 657 50.55 -1.36 -50.72
N VAL C 658 50.07 -2.37 -51.46
CA VAL C 658 50.16 -3.76 -51.03
C VAL C 658 50.49 -4.63 -52.23
N ASP C 659 50.94 -5.86 -51.93
CA ASP C 659 51.22 -6.89 -52.92
C ASP C 659 49.98 -7.76 -53.15
N VAL C 660 49.61 -7.94 -54.42
CA VAL C 660 48.47 -8.75 -54.82
C VAL C 660 48.97 -10.17 -55.04
N GLU C 661 48.49 -11.12 -54.23
CA GLU C 661 49.16 -12.41 -54.08
C GLU C 661 48.25 -13.54 -54.55
N GLY C 662 47.33 -13.23 -55.46
CA GLY C 662 46.35 -14.19 -55.92
C GLY C 662 45.41 -13.50 -56.88
N GLU C 663 44.22 -14.07 -57.11
CA GLU C 663 43.28 -13.43 -58.00
C GLU C 663 42.51 -12.38 -57.19
N PRO C 664 42.49 -11.11 -57.61
CA PRO C 664 41.59 -10.12 -56.99
C PRO C 664 40.14 -10.43 -57.33
N LEU C 665 39.30 -10.58 -56.28
CA LEU C 665 37.87 -10.86 -56.40
C LEU C 665 37.03 -9.60 -56.16
N VAL C 666 37.31 -8.88 -55.08
CA VAL C 666 36.60 -7.67 -54.73
C VAL C 666 37.61 -6.57 -54.39
N ALA C 667 37.38 -5.39 -54.96
CA ALA C 667 38.19 -4.22 -54.75
C ALA C 667 37.25 -3.04 -54.51
N SER C 668 37.17 -2.61 -53.24
CA SER C 668 36.43 -1.42 -52.83
C SER C 668 37.40 -0.32 -52.41
N LEU C 669 37.35 0.82 -53.13
CA LEU C 669 38.29 1.92 -53.01
C LEU C 669 39.72 1.38 -53.04
N ALA C 670 39.98 0.47 -53.98
CA ALA C 670 41.28 -0.13 -54.22
C ALA C 670 41.47 -0.25 -55.73
N GLN C 671 42.71 -0.05 -56.20
CA GLN C 671 43.02 -0.14 -57.61
C GLN C 671 44.17 -1.13 -57.79
N VAL C 672 43.93 -2.26 -58.48
CA VAL C 672 44.98 -3.22 -58.77
C VAL C 672 45.76 -2.75 -60.00
N ASN C 673 47.10 -2.76 -59.87
CA ASN C 673 48.01 -2.66 -61.01
C ASN C 673 48.35 -4.08 -61.44
N GLU C 674 47.73 -4.55 -62.55
CA GLU C 674 47.81 -5.94 -63.00
C GLU C 674 49.25 -6.43 -63.01
N SER C 675 50.10 -5.62 -63.68
CA SER C 675 51.41 -6.07 -64.13
C SER C 675 52.44 -5.95 -63.01
N GLU C 676 52.32 -4.94 -62.14
CA GLU C 676 53.19 -4.86 -60.97
C GLU C 676 52.75 -5.86 -59.89
N HIS C 677 51.52 -6.39 -60.00
CA HIS C 677 50.91 -7.24 -58.98
C HIS C 677 50.87 -6.51 -57.63
N THR C 678 50.61 -5.20 -57.69
CA THR C 678 50.43 -4.35 -56.53
C THR C 678 49.06 -3.70 -56.60
N ALA C 679 48.66 -3.05 -55.50
CA ALA C 679 47.38 -2.37 -55.42
C ALA C 679 47.45 -1.17 -54.48
N ALA C 680 46.87 -0.04 -54.92
CA ALA C 680 46.70 1.16 -54.13
C ALA C 680 45.36 1.14 -53.42
N ILE C 681 45.36 0.95 -52.08
CA ILE C 681 44.15 1.01 -51.26
C ILE C 681 43.96 2.39 -50.64
N GLN C 682 42.86 3.03 -51.01
CA GLN C 682 42.50 4.34 -50.50
C GLN C 682 42.04 4.20 -49.05
N PRO C 683 41.95 5.31 -48.29
CA PRO C 683 41.36 5.27 -46.96
C PRO C 683 39.99 4.60 -47.02
N ASN C 684 39.75 3.68 -46.07
CA ASN C 684 38.47 3.00 -45.92
C ASN C 684 38.28 1.98 -47.04
N GLY C 685 39.39 1.61 -47.69
CA GLY C 685 39.36 0.69 -48.82
C GLY C 685 39.62 -0.73 -48.36
N VAL C 686 39.28 -1.71 -49.21
CA VAL C 686 39.58 -3.11 -48.94
C VAL C 686 39.78 -3.88 -50.25
N LEU C 687 40.74 -4.82 -50.25
CA LEU C 687 40.97 -5.72 -51.36
C LEU C 687 40.81 -7.14 -50.86
N VAL C 688 40.08 -7.98 -51.62
CA VAL C 688 39.91 -9.39 -51.31
C VAL C 688 40.48 -10.21 -52.47
N VAL C 689 41.29 -11.23 -52.15
CA VAL C 689 42.02 -12.04 -53.13
C VAL C 689 41.83 -13.51 -52.76
N LYS C 690 41.88 -14.37 -53.78
CA LYS C 690 41.98 -15.80 -53.57
C LYS C 690 43.33 -16.29 -54.07
N LEU C 691 44.05 -17.04 -53.24
CA LEU C 691 45.42 -17.44 -53.55
C LEU C 691 45.40 -18.58 -54.57
N MET D 1 0.30 -6.25 46.58
CA MET D 1 -0.12 -4.97 45.94
C MET D 1 -0.57 -3.99 47.02
N GLU D 2 -0.08 -2.75 46.95
CA GLU D 2 -0.48 -1.69 47.86
C GLU D 2 -1.53 -0.79 47.21
N HIS D 3 -2.50 -0.30 48.01
CA HIS D 3 -3.43 0.72 47.58
C HIS D 3 -2.85 2.12 47.80
N ARG D 4 -3.31 3.08 46.99
CA ARG D 4 -3.00 4.47 47.26
C ARG D 4 -3.72 4.90 48.54
N ALA D 5 -3.23 5.95 49.19
CA ALA D 5 -3.91 6.48 50.35
C ALA D 5 -5.30 6.97 49.94
N PHE D 6 -6.31 6.58 50.72
CA PHE D 6 -7.68 7.04 50.48
C PHE D 6 -7.77 8.58 50.50
N LYS D 7 -8.40 9.15 49.48
CA LYS D 7 -8.73 10.57 49.46
C LYS D 7 -10.17 10.73 48.98
N TRP D 8 -10.90 11.72 49.48
CA TRP D 8 -12.28 11.95 49.07
C TRP D 8 -12.47 13.42 48.69
N PRO D 9 -13.29 13.76 47.67
CA PRO D 9 -13.51 15.18 47.34
C PRO D 9 -14.15 15.88 48.55
N GLN D 10 -13.58 17.03 48.92
CA GLN D 10 -13.92 17.73 50.15
C GLN D 10 -14.91 18.85 49.86
N PRO D 11 -15.63 19.36 50.91
CA PRO D 11 -16.64 20.40 50.70
C PRO D 11 -16.05 21.70 50.21
N LEU D 12 -16.82 22.50 49.50
CA LEU D 12 -16.46 23.88 49.24
C LEU D 12 -16.48 24.66 50.57
N ALA D 13 -15.76 25.77 50.62
CA ALA D 13 -15.75 26.61 51.80
C ALA D 13 -17.18 27.07 52.07
N GLY D 14 -17.57 26.99 53.35
CA GLY D 14 -18.90 27.42 53.75
C GLY D 14 -19.93 26.28 53.72
N ASN D 15 -19.50 25.04 53.40
CA ASN D 15 -20.43 23.93 53.32
C ASN D 15 -20.00 22.81 54.23
N LYS D 16 -20.97 22.10 54.78
CA LYS D 16 -20.70 20.88 55.54
C LYS D 16 -20.43 19.74 54.57
N PRO D 17 -19.88 18.60 55.02
CA PRO D 17 -19.87 17.36 54.23
C PRO D 17 -21.30 16.91 53.95
N ARG D 18 -21.52 16.40 52.72
CA ARG D 18 -22.79 15.92 52.23
C ARG D 18 -22.52 14.63 51.44
N ILE D 19 -23.56 13.76 51.35
CA ILE D 19 -23.59 12.77 50.28
C ILE D 19 -23.57 13.57 48.97
N TRP D 20 -22.50 13.46 48.19
CA TRP D 20 -22.47 14.16 46.91
C TRP D 20 -23.65 13.65 46.06
N TYR D 21 -24.26 14.55 45.30
CA TYR D 21 -25.50 14.26 44.59
C TYR D 21 -25.50 15.16 43.37
N GLY D 22 -25.62 14.54 42.19
CA GLY D 22 -25.66 15.30 40.94
C GLY D 22 -25.43 14.37 39.75
N GLY D 23 -24.62 14.81 38.79
CA GLY D 23 -24.31 13.96 37.64
C GLY D 23 -23.49 14.69 36.60
N ASP D 24 -23.24 14.01 35.47
CA ASP D 24 -22.54 14.62 34.35
C ASP D 24 -23.32 15.84 33.89
N TYR D 25 -22.62 16.94 33.62
CA TYR D 25 -23.26 18.17 33.20
C TYR D 25 -22.58 18.61 31.92
N ASN D 26 -23.36 19.01 30.91
CA ASN D 26 -22.82 19.23 29.59
C ASN D 26 -23.33 20.54 29.02
N PRO D 27 -22.94 21.65 29.66
CA PRO D 27 -23.40 22.97 29.26
C PRO D 27 -22.95 23.36 27.86
N ASP D 28 -21.90 22.69 27.35
CA ASP D 28 -21.39 22.99 26.02
C ASP D 28 -22.37 22.51 24.94
N GLN D 29 -23.39 21.73 25.31
CA GLN D 29 -24.43 21.32 24.37
C GLN D 29 -25.65 22.26 24.32
N TRP D 30 -25.68 23.35 25.10
CA TRP D 30 -26.88 24.18 25.21
C TRP D 30 -26.54 25.66 25.10
N PRO D 31 -27.49 26.53 24.72
CA PRO D 31 -27.23 27.97 24.76
C PRO D 31 -27.04 28.41 26.22
N GLU D 32 -26.29 29.50 26.43
CA GLU D 32 -25.90 29.90 27.77
C GLU D 32 -27.10 30.27 28.65
N GLU D 33 -28.19 30.75 28.04
CA GLU D 33 -29.40 31.09 28.77
C GLU D 33 -29.85 29.89 29.61
N VAL D 34 -29.63 28.67 29.10
CA VAL D 34 -30.10 27.48 29.79
C VAL D 34 -29.31 27.27 31.08
N TRP D 35 -28.04 27.75 31.13
CA TRP D 35 -27.20 27.50 32.29
C TRP D 35 -27.84 28.10 33.56
N ASP D 36 -28.44 29.29 33.42
CA ASP D 36 -29.17 29.90 34.53
C ASP D 36 -30.26 28.97 35.05
N GLU D 37 -31.02 28.39 34.11
CA GLU D 37 -32.09 27.48 34.44
C GLU D 37 -31.51 26.24 35.11
N ASP D 38 -30.40 25.71 34.58
CA ASP D 38 -29.76 24.54 35.17
C ASP D 38 -29.45 24.77 36.65
N VAL D 39 -28.78 25.87 36.95
CA VAL D 39 -28.33 26.13 38.30
C VAL D 39 -29.53 26.29 39.26
N ALA D 40 -30.60 26.92 38.79
CA ALA D 40 -31.81 27.10 39.61
C ALA D 40 -32.49 25.76 39.89
N LEU D 41 -32.58 24.91 38.84
CA LEU D 41 -33.14 23.58 39.01
C LEU D 41 -32.27 22.73 39.93
N MET D 42 -30.93 22.85 39.82
CA MET D 42 -30.07 22.08 40.68
C MET D 42 -30.30 22.42 42.15
N GLN D 43 -30.50 23.70 42.44
CA GLN D 43 -30.86 24.12 43.80
C GLN D 43 -32.10 23.37 44.26
N GLN D 44 -33.11 23.33 43.40
CA GLN D 44 -34.37 22.70 43.77
C GLN D 44 -34.18 21.22 44.05
N ALA D 45 -33.27 20.58 43.29
CA ALA D 45 -33.07 19.15 43.36
C ALA D 45 -32.22 18.72 44.55
N GLY D 46 -31.49 19.67 45.15
CA GLY D 46 -30.52 19.37 46.17
C GLY D 46 -29.21 18.84 45.56
N VAL D 47 -28.95 19.20 44.28
CA VAL D 47 -27.72 18.83 43.60
C VAL D 47 -26.58 19.70 44.13
N ASN D 48 -25.45 19.05 44.47
CA ASN D 48 -24.33 19.71 45.14
C ASN D 48 -22.97 19.37 44.50
N LEU D 49 -22.96 18.59 43.40
CA LEU D 49 -21.72 18.28 42.67
C LEU D 49 -22.08 17.88 41.23
N VAL D 50 -21.41 18.45 40.22
CA VAL D 50 -21.52 17.97 38.84
C VAL D 50 -20.13 17.65 38.27
N SER D 51 -20.09 16.79 37.22
CA SER D 51 -18.87 16.36 36.53
C SER D 51 -18.87 16.95 35.13
N VAL D 52 -17.93 17.83 34.88
CA VAL D 52 -17.96 18.71 33.71
C VAL D 52 -16.74 18.44 32.81
N ALA D 53 -16.86 18.77 31.52
CA ALA D 53 -15.82 18.79 30.49
C ALA D 53 -15.42 17.37 30.00
N ILE D 54 -16.16 16.31 30.32
CA ILE D 54 -15.67 14.95 30.11
C ILE D 54 -15.39 14.65 28.63
N PHE D 55 -16.21 15.17 27.70
CA PHE D 55 -16.05 14.99 26.25
C PHE D 55 -15.82 16.34 25.54
N SER D 56 -15.23 17.29 26.26
CA SER D 56 -15.13 18.66 25.75
C SER D 56 -13.84 19.01 24.99
N TRP D 57 -13.02 18.01 24.56
CA TRP D 57 -11.73 18.28 23.94
C TRP D 57 -11.89 19.16 22.71
N ALA D 58 -12.92 18.94 21.88
CA ALA D 58 -13.04 19.74 20.67
C ALA D 58 -13.45 21.18 20.97
N LYS D 59 -13.92 21.45 22.19
CA LYS D 59 -14.23 22.82 22.59
C LYS D 59 -13.03 23.43 23.33
N LEU D 60 -12.29 22.63 24.11
CA LEU D 60 -11.17 23.09 24.92
C LEU D 60 -9.92 23.35 24.08
N GLU D 61 -9.68 22.47 23.09
CA GLU D 61 -8.56 22.61 22.15
C GLU D 61 -9.14 22.55 20.74
N PRO D 62 -9.79 23.64 20.27
CA PRO D 62 -10.53 23.67 19.00
C PRO D 62 -9.68 23.40 17.76
N GLU D 63 -8.37 23.58 17.91
CA GLU D 63 -7.40 23.40 16.84
C GLU D 63 -6.08 23.10 17.56
N GLU D 64 -5.15 22.36 16.94
CA GLU D 64 -3.94 21.99 17.65
C GLU D 64 -3.27 23.25 18.25
N GLY D 65 -3.03 23.16 19.55
CA GLY D 65 -2.20 24.15 20.23
C GLY D 65 -2.91 25.50 20.49
N VAL D 66 -4.23 25.54 20.32
CA VAL D 66 -5.06 26.69 20.64
C VAL D 66 -6.06 26.25 21.71
N TYR D 67 -6.12 26.98 22.83
CA TYR D 67 -6.85 26.58 24.02
C TYR D 67 -7.95 27.60 24.30
N ASP D 68 -9.16 27.12 24.55
CA ASP D 68 -10.33 27.98 24.78
C ASP D 68 -10.97 27.55 26.10
N PHE D 69 -10.55 28.18 27.20
CA PHE D 69 -11.01 27.82 28.53
C PHE D 69 -12.12 28.74 29.04
N ASP D 70 -12.41 29.86 28.37
CA ASP D 70 -13.23 30.90 29.03
C ASP D 70 -14.65 30.44 29.34
N TRP D 71 -15.30 29.71 28.41
CA TRP D 71 -16.64 29.17 28.61
C TRP D 71 -16.67 28.29 29.86
N LEU D 72 -15.60 27.52 30.10
CA LEU D 72 -15.55 26.57 31.21
C LEU D 72 -15.30 27.33 32.52
N ASP D 73 -14.53 28.41 32.44
CA ASP D 73 -14.27 29.22 33.63
C ASP D 73 -15.61 29.80 34.11
N ARG D 74 -16.43 30.27 33.17
CA ARG D 74 -17.71 30.91 33.47
C ARG D 74 -18.71 29.91 34.05
N VAL D 75 -18.80 28.70 33.50
CA VAL D 75 -19.75 27.74 34.02
C VAL D 75 -19.32 27.24 35.41
N ILE D 76 -18.01 27.01 35.62
CA ILE D 76 -17.51 26.60 36.92
C ILE D 76 -17.78 27.73 37.96
N ASP D 77 -17.60 28.98 37.57
CA ASP D 77 -17.78 30.10 38.48
C ASP D 77 -19.24 30.20 38.91
N LYS D 78 -20.12 29.99 37.92
CA LYS D 78 -21.56 29.99 38.11
C LYS D 78 -21.95 28.88 39.09
N LEU D 79 -21.51 27.66 38.82
CA LEU D 79 -21.79 26.53 39.70
C LEU D 79 -21.25 26.78 41.11
N GLY D 80 -19.95 27.09 41.20
CA GLY D 80 -19.29 27.24 42.49
C GLY D 80 -19.92 28.34 43.37
N LYS D 81 -20.14 29.51 42.77
CA LYS D 81 -20.73 30.62 43.50
C LYS D 81 -22.10 30.21 44.02
N ALA D 82 -22.78 29.30 43.32
CA ALA D 82 -24.08 28.81 43.73
C ALA D 82 -23.94 27.61 44.67
N GLY D 83 -22.75 27.32 45.15
CA GLY D 83 -22.64 26.25 46.13
C GLY D 83 -22.50 24.84 45.55
N ILE D 84 -22.28 24.77 44.23
CA ILE D 84 -22.21 23.47 43.57
C ILE D 84 -20.77 23.19 43.16
N ALA D 85 -20.30 22.06 43.67
CA ALA D 85 -18.92 21.59 43.48
C ALA D 85 -18.77 20.96 42.10
N VAL D 86 -17.51 20.93 41.64
CA VAL D 86 -17.17 20.52 40.29
C VAL D 86 -16.09 19.46 40.36
N ASP D 87 -16.48 18.29 39.84
CA ASP D 87 -15.58 17.21 39.54
C ASP D 87 -15.12 17.42 38.09
N LEU D 88 -13.88 17.84 37.92
CA LEU D 88 -13.46 18.33 36.61
C LEU D 88 -12.73 17.21 35.88
N ALA D 89 -13.15 16.98 34.63
CA ALA D 89 -12.51 15.98 33.81
C ALA D 89 -11.19 16.51 33.28
N SER D 90 -10.34 15.54 32.94
CA SER D 90 -9.16 15.78 32.13
C SER D 90 -9.56 16.40 30.79
N GLY D 91 -10.74 15.99 30.29
CA GLY D 91 -11.16 16.36 28.95
C GLY D 91 -10.62 15.40 27.87
N THR D 92 -9.89 14.36 28.27
CA THR D 92 -9.10 13.56 27.34
C THR D 92 -9.79 12.27 26.90
N ALA D 93 -11.09 12.14 27.21
CA ALA D 93 -11.80 10.88 27.00
C ALA D 93 -11.83 10.50 25.52
N SER D 94 -11.92 11.48 24.60
CA SER D 94 -12.12 11.21 23.19
C SER D 94 -11.58 12.38 22.37
N PRO D 95 -10.80 12.12 21.30
CA PRO D 95 -10.10 13.20 20.64
C PRO D 95 -10.95 13.91 19.61
N PRO D 96 -10.66 15.20 19.33
CA PRO D 96 -11.28 15.88 18.20
C PRO D 96 -10.87 15.39 16.83
N MET D 97 -11.69 15.77 15.84
CA MET D 97 -11.49 15.36 14.45
C MET D 97 -10.16 15.88 13.91
N TRP D 98 -9.77 17.14 14.23
CA TRP D 98 -8.52 17.69 13.70
C TRP D 98 -7.34 16.77 14.00
N MET D 99 -7.42 16.08 15.14
CA MET D 99 -6.30 15.31 15.66
C MET D 99 -6.21 13.97 14.91
N THR D 100 -7.35 13.34 14.66
CA THR D 100 -7.34 12.04 13.99
C THR D 100 -7.13 12.23 12.50
N GLN D 101 -7.54 13.38 11.94
CA GLN D 101 -7.23 13.71 10.56
C GLN D 101 -5.73 13.87 10.36
N ALA D 102 -5.05 14.59 11.26
CA ALA D 102 -3.61 14.82 11.16
C ALA D 102 -2.83 13.56 11.51
N HIS D 103 -3.40 12.68 12.36
CA HIS D 103 -2.68 11.54 12.91
C HIS D 103 -3.56 10.29 12.92
N PRO D 104 -3.83 9.69 11.73
CA PRO D 104 -4.62 8.47 11.68
C PRO D 104 -4.05 7.33 12.53
N GLU D 105 -2.74 7.40 12.83
CA GLU D 105 -2.06 6.36 13.58
C GLU D 105 -2.56 6.27 15.03
N ILE D 106 -3.35 7.27 15.48
CA ILE D 106 -4.02 7.20 16.78
C ILE D 106 -5.11 6.12 16.88
N LEU D 107 -5.77 5.82 15.75
CA LEU D 107 -7.00 5.02 15.73
C LEU D 107 -6.67 3.54 16.01
N TRP D 108 -7.46 2.90 16.88
CA TRP D 108 -7.24 1.50 17.17
C TRP D 108 -7.68 0.62 15.98
N VAL D 109 -7.14 -0.60 15.93
CA VAL D 109 -7.20 -1.50 14.78
C VAL D 109 -7.78 -2.82 15.28
N ASP D 110 -8.77 -3.37 14.53
CA ASP D 110 -9.44 -4.58 14.97
C ASP D 110 -8.62 -5.82 14.56
N TYR D 111 -9.14 -6.98 14.94
CA TYR D 111 -8.44 -8.24 14.78
C TYR D 111 -8.15 -8.58 13.30
N ARG D 112 -8.95 -8.01 12.39
CA ARG D 112 -8.81 -8.23 10.95
C ARG D 112 -8.05 -7.10 10.28
N GLY D 113 -7.59 -6.13 11.06
CA GLY D 113 -6.78 -5.06 10.54
C GLY D 113 -7.57 -3.85 10.07
N ASP D 114 -8.87 -3.82 10.38
CA ASP D 114 -9.68 -2.71 9.95
C ASP D 114 -9.60 -1.63 11.03
N VAL D 115 -9.50 -0.36 10.60
CA VAL D 115 -9.17 0.74 11.50
C VAL D 115 -10.47 1.38 11.98
N CYS D 116 -10.68 1.37 13.29
CA CYS D 116 -11.79 2.11 13.89
C CYS D 116 -11.75 3.60 13.53
N GLN D 117 -12.79 4.13 12.90
CA GLN D 117 -12.84 5.55 12.55
C GLN D 117 -13.52 6.36 13.64
N PRO D 118 -13.39 7.71 13.59
CA PRO D 118 -14.21 8.65 14.36
C PRO D 118 -15.66 8.51 13.92
N GLY D 119 -16.58 9.07 14.72
CA GLY D 119 -18.01 8.97 14.49
C GLY D 119 -18.79 8.64 15.76
N ALA D 120 -18.12 7.97 16.69
CA ALA D 120 -18.61 7.73 18.03
C ALA D 120 -17.57 8.29 19.02
N ARG D 121 -17.01 7.44 19.89
CA ARG D 121 -16.04 7.93 20.88
C ARG D 121 -14.98 6.90 21.21
N GLN D 122 -13.85 7.36 21.80
CA GLN D 122 -12.83 6.53 22.41
C GLN D 122 -12.10 5.68 21.36
N HIS D 123 -11.93 6.24 20.16
CA HIS D 123 -11.34 5.52 19.04
C HIS D 123 -9.81 5.67 19.00
N TRP D 124 -9.12 5.50 20.14
CA TRP D 124 -7.68 5.68 20.26
C TRP D 124 -7.01 4.41 20.81
N ARG D 125 -5.75 4.17 20.38
CA ARG D 125 -4.98 3.05 20.87
C ARG D 125 -4.39 3.34 22.25
N ALA D 126 -4.48 2.36 23.17
CA ALA D 126 -3.93 2.48 24.50
C ALA D 126 -2.40 2.65 24.47
N THR D 127 -1.73 2.06 23.46
CA THR D 127 -0.28 2.15 23.38
C THR D 127 0.20 3.13 22.31
N SER D 128 -0.66 4.01 21.77
CA SER D 128 -0.20 5.06 20.85
C SER D 128 0.69 6.08 21.55
N PRO D 129 1.98 6.21 21.16
CA PRO D 129 2.81 7.25 21.75
C PRO D 129 2.36 8.65 21.33
N VAL D 130 1.80 8.80 20.13
CA VAL D 130 1.35 10.13 19.71
C VAL D 130 0.09 10.52 20.48
N PHE D 131 -0.82 9.58 20.73
CA PHE D 131 -2.01 9.96 21.47
C PHE D 131 -1.66 10.31 22.92
N LEU D 132 -0.74 9.54 23.52
CA LEU D 132 -0.26 9.85 24.86
C LEU D 132 0.28 11.28 24.92
N ASP D 133 1.08 11.69 23.94
CA ASP D 133 1.57 13.06 23.89
C ASP D 133 0.40 14.05 23.92
N TYR D 134 -0.60 13.88 23.05
CA TYR D 134 -1.71 14.81 22.99
C TYR D 134 -2.45 14.87 24.32
N ALA D 135 -2.68 13.70 24.95
CA ALA D 135 -3.44 13.57 26.17
C ALA D 135 -2.73 14.23 27.35
N LEU D 136 -1.43 13.92 27.53
CA LEU D 136 -0.64 14.52 28.59
C LEU D 136 -0.59 16.03 28.39
N ASN D 137 -0.45 16.53 27.16
CA ASN D 137 -0.43 17.97 26.96
C ASN D 137 -1.73 18.60 27.51
N LEU D 138 -2.92 18.05 27.14
CA LEU D 138 -4.16 18.67 27.58
C LEU D 138 -4.28 18.53 29.10
N CYS D 139 -3.92 17.37 29.68
CA CYS D 139 -3.90 17.22 31.12
C CYS D 139 -3.11 18.38 31.78
N ARG D 140 -1.92 18.70 31.26
CA ARG D 140 -1.08 19.72 31.88
C ARG D 140 -1.68 21.11 31.67
N LYS D 141 -2.26 21.38 30.50
CA LYS D 141 -2.89 22.66 30.25
C LYS D 141 -4.11 22.88 31.19
N MET D 142 -4.88 21.80 31.42
CA MET D 142 -6.05 21.85 32.29
C MET D 142 -5.59 22.02 33.75
N ALA D 143 -4.62 21.22 34.17
CA ALA D 143 -4.13 21.28 35.55
C ALA D 143 -3.57 22.67 35.86
N GLU D 144 -2.85 23.23 34.90
CA GLU D 144 -2.23 24.52 35.06
C GLU D 144 -3.34 25.57 35.22
N HIS D 145 -4.36 25.52 34.37
CA HIS D 145 -5.44 26.51 34.40
C HIS D 145 -6.29 26.44 35.68
N TYR D 146 -6.48 25.26 36.27
CA TYR D 146 -7.47 25.06 37.31
C TYR D 146 -6.85 24.67 38.65
N LYS D 147 -5.51 24.69 38.75
CA LYS D 147 -4.83 24.26 39.96
C LYS D 147 -5.29 25.09 41.18
N ASP D 148 -5.55 26.39 41.01
CA ASP D 148 -5.92 27.17 42.18
C ASP D 148 -7.41 27.54 42.20
N ASN D 149 -8.25 26.86 41.40
CA ASN D 149 -9.69 27.10 41.39
C ASN D 149 -10.29 26.39 42.60
N PRO D 150 -10.85 27.10 43.59
CA PRO D 150 -11.36 26.43 44.78
C PRO D 150 -12.69 25.68 44.59
N TYR D 151 -13.35 25.89 43.44
CA TYR D 151 -14.60 25.19 43.14
C TYR D 151 -14.38 23.80 42.53
N VAL D 152 -13.16 23.50 42.07
CA VAL D 152 -12.84 22.19 41.52
C VAL D 152 -12.38 21.29 42.66
N VAL D 153 -13.14 20.25 42.98
CA VAL D 153 -12.88 19.47 44.19
C VAL D 153 -12.23 18.12 43.89
N SER D 154 -12.19 17.73 42.62
CA SER D 154 -11.61 16.46 42.24
C SER D 154 -11.38 16.40 40.74
N TRP D 155 -10.48 15.49 40.33
CA TRP D 155 -10.23 15.16 38.94
C TRP D 155 -10.95 13.88 38.55
N HIS D 156 -11.59 13.94 37.37
CA HIS D 156 -12.26 12.80 36.74
C HIS D 156 -11.44 12.42 35.51
N VAL D 157 -10.59 11.41 35.67
CA VAL D 157 -9.56 11.18 34.67
C VAL D 157 -10.17 10.39 33.50
N SER D 158 -10.20 11.05 32.34
CA SER D 158 -10.70 10.48 31.09
C SER D 158 -12.18 10.07 31.24
N ASN D 159 -12.55 8.89 30.71
CA ASN D 159 -13.88 8.31 30.91
C ASN D 159 -13.93 6.83 30.52
N ALA D 160 -14.29 5.97 31.49
CA ALA D 160 -14.57 4.56 31.29
C ALA D 160 -13.59 3.93 30.32
N TYR D 161 -12.32 3.95 30.68
CA TYR D 161 -11.32 3.33 29.85
C TYR D 161 -11.75 1.93 29.41
N GLY D 162 -11.50 1.59 28.13
CA GLY D 162 -11.63 0.21 27.68
C GLY D 162 -13.07 -0.16 27.28
N CYS D 163 -14.01 0.78 27.39
CA CYS D 163 -15.39 0.45 27.06
C CYS D 163 -15.51 0.16 25.56
N HIS D 164 -14.82 0.95 24.72
CA HIS D 164 -14.72 0.74 23.29
C HIS D 164 -13.31 0.33 22.85
N ASN D 165 -12.27 0.75 23.57
CA ASN D 165 -10.89 0.50 23.10
C ASN D 165 -10.12 -0.49 23.95
N ARG D 166 -10.77 -1.50 24.50
CA ARG D 166 -10.12 -2.55 25.26
C ARG D 166 -9.03 -3.23 24.43
N PHE D 167 -9.41 -3.60 23.20
CA PHE D 167 -8.52 -4.34 22.30
C PHE D 167 -8.04 -3.48 21.13
N ASP D 168 -6.71 -3.47 20.91
CA ASP D 168 -6.08 -2.91 19.73
C ASP D 168 -5.06 -3.93 19.19
N TYR D 169 -5.05 -4.14 17.88
CA TYR D 169 -4.20 -5.13 17.20
C TYR D 169 -3.18 -4.43 16.28
N SER D 170 -2.95 -3.12 16.52
CA SER D 170 -2.04 -2.31 15.71
C SER D 170 -0.60 -2.75 15.96
N GLU D 171 0.32 -2.16 15.22
CA GLU D 171 1.75 -2.44 15.39
C GLU D 171 2.25 -1.86 16.72
N ASP D 172 1.57 -0.81 17.25
CA ASP D 172 1.93 -0.32 18.58
C ASP D 172 1.64 -1.40 19.62
N ALA D 173 0.47 -2.01 19.54
CA ALA D 173 0.08 -3.04 20.51
C ALA D 173 0.98 -4.27 20.40
N GLU D 174 1.36 -4.60 19.15
CA GLU D 174 2.23 -5.74 18.91
C GLU D 174 3.55 -5.54 19.68
N ARG D 175 4.14 -4.36 19.50
CA ARG D 175 5.42 -4.07 20.17
C ARG D 175 5.23 -4.03 21.69
N ALA D 176 4.10 -3.46 22.17
CA ALA D 176 3.93 -3.29 23.60
C ALA D 176 3.69 -4.65 24.24
N PHE D 177 3.00 -5.55 23.52
CA PHE D 177 2.71 -6.87 24.04
C PHE D 177 4.00 -7.70 24.14
N GLN D 178 4.86 -7.60 23.14
CA GLN D 178 6.18 -8.24 23.22
C GLN D 178 6.92 -7.78 24.48
N LYS D 179 6.95 -6.47 24.72
CA LYS D 179 7.67 -5.98 25.90
C LYS D 179 6.99 -6.44 27.19
N TRP D 180 5.64 -6.51 27.19
CA TRP D 180 4.90 -6.91 28.36
C TRP D 180 5.26 -8.35 28.72
N CYS D 181 5.31 -9.21 27.69
CA CYS D 181 5.67 -10.61 27.87
C CYS D 181 7.12 -10.75 28.36
N GLU D 182 8.01 -9.91 27.83
CA GLU D 182 9.39 -9.95 28.29
C GLU D 182 9.47 -9.59 29.78
N LYS D 183 8.73 -8.56 30.23
CA LYS D 183 8.85 -8.14 31.62
C LYS D 183 8.27 -9.24 32.49
N LYS D 184 7.18 -9.88 32.03
CA LYS D 184 6.49 -10.84 32.84
C LYS D 184 7.32 -12.12 32.91
N TYR D 185 7.86 -12.60 31.78
CA TYR D 185 8.38 -13.95 31.72
C TYR D 185 9.92 -13.98 31.67
N GLY D 186 10.56 -12.89 31.26
CA GLY D 186 12.03 -12.86 31.26
C GLY D 186 12.64 -13.53 30.03
N THR D 187 12.36 -14.81 29.77
CA THR D 187 12.91 -15.51 28.61
C THR D 187 11.80 -16.08 27.72
N ILE D 188 12.13 -16.26 26.43
CA ILE D 188 11.13 -16.76 25.49
C ILE D 188 10.76 -18.21 25.84
N ASP D 189 11.68 -18.95 26.46
CA ASP D 189 11.37 -20.32 26.87
C ASP D 189 10.27 -20.36 27.93
N ALA D 190 10.27 -19.39 28.85
CA ALA D 190 9.22 -19.36 29.85
C ALA D 190 7.86 -19.05 29.19
N VAL D 191 7.84 -18.22 28.14
CA VAL D 191 6.63 -17.94 27.39
C VAL D 191 6.13 -19.21 26.69
N ASN D 192 7.03 -19.91 26.00
CA ASN D 192 6.70 -21.14 25.30
C ASN D 192 6.10 -22.16 26.27
N ASP D 193 6.67 -22.30 27.48
CA ASP D 193 6.11 -23.23 28.46
C ASP D 193 4.74 -22.73 28.94
N ALA D 194 4.60 -21.42 29.24
CA ALA D 194 3.33 -20.92 29.77
C ALA D 194 2.17 -21.18 28.81
N TRP D 195 2.39 -20.88 27.53
CA TRP D 195 1.38 -20.94 26.48
C TRP D 195 1.28 -22.33 25.81
N GLY D 196 2.11 -23.29 26.25
CA GLY D 196 2.08 -24.65 25.73
C GLY D 196 2.29 -24.72 24.21
N THR D 197 3.31 -24.01 23.72
CA THR D 197 3.50 -23.80 22.30
C THR D 197 4.09 -25.02 21.56
N ALA D 198 4.41 -26.11 22.26
CA ALA D 198 4.81 -27.37 21.60
C ALA D 198 3.62 -27.93 20.80
N PHE D 199 2.41 -27.55 21.22
CA PHE D 199 1.17 -27.91 20.55
C PHE D 199 0.98 -27.01 19.31
N TRP D 200 0.67 -27.64 18.16
CA TRP D 200 0.34 -27.00 16.89
C TRP D 200 1.48 -26.12 16.33
N ALA D 201 2.74 -26.51 16.60
CA ALA D 201 3.90 -25.89 15.97
C ALA D 201 3.97 -24.38 16.19
N GLN D 202 3.72 -23.96 17.44
CA GLN D 202 3.64 -22.55 17.80
C GLN D 202 4.89 -22.09 18.57
N ARG D 203 5.89 -22.96 18.73
CA ARG D 203 7.10 -22.63 19.49
C ARG D 203 7.87 -21.45 18.86
N MET D 204 8.26 -20.48 19.70
CA MET D 204 8.90 -19.27 19.18
C MET D 204 10.39 -19.27 19.55
N ASN D 205 11.22 -18.68 18.67
CA ASN D 205 12.65 -18.59 18.89
C ASN D 205 13.05 -17.36 19.70
N ASN D 206 12.21 -16.33 19.68
CA ASN D 206 12.51 -15.08 20.35
C ASN D 206 11.21 -14.29 20.54
N PHE D 207 11.30 -13.14 21.22
CA PHE D 207 10.15 -12.31 21.53
C PHE D 207 9.64 -11.62 20.28
N SER D 208 10.43 -11.49 19.21
CA SER D 208 9.92 -10.83 18.01
C SER D 208 8.93 -11.73 17.28
N GLU D 209 8.78 -12.99 17.72
CA GLU D 209 7.83 -13.92 17.11
C GLU D 209 6.51 -13.99 17.89
N ILE D 210 6.33 -13.11 18.89
CA ILE D 210 5.01 -12.91 19.51
C ILE D 210 4.21 -11.87 18.71
N ILE D 211 3.05 -12.30 18.22
CA ILE D 211 2.11 -11.39 17.58
C ILE D 211 0.84 -11.39 18.42
N PRO D 212 0.04 -10.32 18.31
CA PRO D 212 -1.31 -10.32 18.89
C PRO D 212 -2.22 -11.45 18.37
N PRO D 213 -3.24 -11.88 19.14
CA PRO D 213 -4.19 -12.88 18.65
C PRO D 213 -5.12 -12.31 17.59
N ARG D 214 -4.56 -12.02 16.41
CA ARG D 214 -5.29 -11.49 15.27
C ARG D 214 -6.14 -12.59 14.62
N PHE D 215 -6.90 -12.19 13.59
CA PHE D 215 -7.77 -13.04 12.77
C PHE D 215 -7.10 -14.36 12.40
N ILE D 216 -7.63 -15.50 12.86
CA ILE D 216 -7.12 -16.82 12.48
C ILE D 216 -8.18 -17.63 11.69
N GLY D 217 -9.18 -16.94 11.15
CA GLY D 217 -10.29 -17.62 10.49
C GLY D 217 -11.46 -17.91 11.43
N ASP D 218 -12.67 -17.67 10.90
CA ASP D 218 -13.87 -17.79 11.71
C ASP D 218 -14.00 -19.22 12.23
N GLY D 219 -14.22 -19.35 13.54
CA GLY D 219 -14.47 -20.66 14.11
C GLY D 219 -13.21 -21.44 14.48
N ASN D 220 -12.00 -20.89 14.27
CA ASN D 220 -10.76 -21.54 14.69
C ASN D 220 -10.38 -21.14 16.12
N PHE D 221 -9.45 -21.91 16.72
CA PHE D 221 -9.22 -21.86 18.16
C PHE D 221 -7.87 -21.21 18.46
N MET D 222 -7.90 -20.05 19.12
CA MET D 222 -6.72 -19.31 19.52
C MET D 222 -6.02 -20.02 20.68
N ASN D 223 -4.70 -19.78 20.84
CA ASN D 223 -3.96 -20.33 21.96
C ASN D 223 -4.58 -19.76 23.24
N PRO D 224 -5.05 -20.60 24.19
CA PRO D 224 -5.77 -20.09 25.36
C PRO D 224 -4.89 -19.32 26.36
N GLY D 225 -3.68 -19.84 26.59
CA GLY D 225 -2.71 -19.18 27.45
C GLY D 225 -2.40 -17.77 26.93
N LYS D 226 -2.21 -17.65 25.62
CA LYS D 226 -1.91 -16.38 24.99
C LYS D 226 -3.11 -15.44 25.06
N LEU D 227 -4.33 -15.96 24.81
CA LEU D 227 -5.49 -15.09 24.82
C LEU D 227 -5.72 -14.54 26.23
N LEU D 228 -5.55 -15.37 27.27
CA LEU D 228 -5.61 -14.93 28.65
C LEU D 228 -4.61 -13.80 28.94
N ASP D 229 -3.36 -13.93 28.48
CA ASP D 229 -2.36 -12.90 28.66
C ASP D 229 -2.67 -11.66 27.82
N TRP D 230 -3.30 -11.82 26.65
CA TRP D 230 -3.77 -10.68 25.84
C TRP D 230 -4.79 -9.82 26.60
N LYS D 231 -5.58 -10.47 27.43
CA LYS D 231 -6.61 -9.76 28.19
C LYS D 231 -5.96 -9.05 29.38
N ARG D 232 -5.01 -9.71 30.05
CA ARG D 232 -4.22 -9.11 31.12
C ARG D 232 -3.48 -7.89 30.59
N PHE D 233 -2.74 -8.09 29.49
CA PHE D 233 -1.97 -7.07 28.81
C PHE D 233 -2.84 -5.85 28.46
N SER D 234 -4.03 -6.10 27.91
CA SER D 234 -4.89 -5.04 27.39
C SER D 234 -5.37 -4.14 28.54
N SER D 235 -5.69 -4.78 29.66
CA SER D 235 -6.06 -4.10 30.90
C SER D 235 -4.86 -3.31 31.46
N ASP D 236 -3.66 -3.91 31.48
CA ASP D 236 -2.47 -3.26 31.99
C ASP D 236 -2.07 -2.08 31.10
N ALA D 237 -2.32 -2.16 29.79
CA ALA D 237 -1.91 -1.07 28.92
C ALA D 237 -2.76 0.18 29.17
N LEU D 238 -4.07 -0.02 29.35
CA LEU D 238 -4.93 1.09 29.67
C LEU D 238 -4.63 1.62 31.08
N LEU D 239 -4.34 0.73 32.02
CA LEU D 239 -3.94 1.11 33.36
C LEU D 239 -2.69 2.01 33.36
N ASP D 240 -1.69 1.66 32.53
CA ASP D 240 -0.51 2.52 32.41
C ASP D 240 -0.86 3.86 31.77
N PHE D 241 -1.82 3.88 30.85
CA PHE D 241 -2.22 5.14 30.24
C PHE D 241 -2.88 6.04 31.30
N TYR D 242 -3.75 5.47 32.13
CA TYR D 242 -4.45 6.16 33.19
C TYR D 242 -3.44 6.75 34.20
N LYS D 243 -2.52 5.91 34.69
CA LYS D 243 -1.45 6.31 35.59
C LYS D 243 -0.69 7.53 35.03
N ALA D 244 -0.40 7.51 33.74
CA ALA D 244 0.28 8.62 33.09
C ALA D 244 -0.55 9.90 33.18
N GLU D 245 -1.83 9.84 32.78
CA GLU D 245 -2.74 10.98 32.88
C GLU D 245 -2.88 11.51 34.32
N ARG D 246 -3.15 10.63 35.27
CA ARG D 246 -3.23 10.93 36.68
C ARG D 246 -1.97 11.70 37.13
N ASP D 247 -0.77 11.15 36.85
CA ASP D 247 0.48 11.75 37.31
C ASP D 247 0.68 13.10 36.64
N ALA D 248 0.28 13.28 35.38
CA ALA D 248 0.48 14.58 34.75
C ALA D 248 -0.39 15.64 35.41
N LEU D 249 -1.63 15.25 35.80
CA LEU D 249 -2.50 16.20 36.49
C LEU D 249 -1.94 16.53 37.87
N LEU D 250 -1.64 15.50 38.65
CA LEU D 250 -1.32 15.63 40.06
C LEU D 250 0.02 16.32 40.28
N GLU D 251 0.98 16.16 39.35
CA GLU D 251 2.25 16.85 39.44
C GLU D 251 2.03 18.36 39.47
N ILE D 252 0.90 18.86 38.98
CA ILE D 252 0.67 20.29 38.87
C ILE D 252 -0.42 20.74 39.84
N ALA D 253 -1.54 20.02 39.83
CA ALA D 253 -2.75 20.32 40.58
C ALA D 253 -3.16 19.11 41.39
N PRO D 254 -2.54 18.80 42.55
CA PRO D 254 -2.94 17.64 43.35
C PRO D 254 -4.32 17.98 43.92
N LYS D 255 -5.29 17.15 43.54
CA LYS D 255 -6.65 17.14 44.07
C LYS D 255 -7.00 15.67 44.17
N PRO D 256 -8.00 15.27 44.97
CA PRO D 256 -8.48 13.88 44.94
C PRO D 256 -8.85 13.52 43.49
N GLN D 257 -8.59 12.28 43.09
CA GLN D 257 -8.68 11.90 41.68
C GLN D 257 -9.20 10.48 41.57
N THR D 258 -9.99 10.27 40.51
CA THR D 258 -10.54 8.96 40.18
C THR D 258 -10.69 8.82 38.66
N THR D 259 -10.98 7.58 38.29
CA THR D 259 -11.52 7.28 36.99
C THR D 259 -12.66 6.29 37.19
N ASN D 260 -13.69 6.41 36.34
CA ASN D 260 -14.92 5.67 36.55
C ASN D 260 -14.83 4.27 35.96
N PHE D 261 -15.08 3.26 36.81
CA PHE D 261 -15.13 1.86 36.48
C PHE D 261 -16.52 1.48 35.94
N MET D 262 -16.63 0.25 35.41
CA MET D 262 -17.90 -0.30 34.94
C MET D 262 -18.15 -1.64 35.63
N VAL D 263 -18.13 -1.65 36.97
CA VAL D 263 -18.40 -2.86 37.75
C VAL D 263 -19.89 -3.21 37.66
N SER D 264 -20.17 -4.37 37.02
CA SER D 264 -21.48 -5.01 37.02
C SER D 264 -21.25 -6.53 37.05
N ALA D 265 -22.33 -7.30 37.18
CA ALA D 265 -22.14 -8.74 37.38
C ALA D 265 -21.33 -9.34 36.23
N GLY D 266 -21.59 -8.93 34.99
CA GLY D 266 -21.00 -9.58 33.81
C GLY D 266 -20.00 -8.73 33.02
N CYS D 267 -19.59 -7.55 33.53
CA CYS D 267 -18.60 -6.72 32.83
C CYS D 267 -17.20 -6.97 33.40
N THR D 268 -16.32 -7.51 32.55
CA THR D 268 -14.94 -7.78 32.93
C THR D 268 -13.98 -7.20 31.90
N VAL D 269 -14.25 -6.00 31.43
CA VAL D 269 -13.39 -5.40 30.42
C VAL D 269 -11.96 -5.20 30.96
N LEU D 270 -11.83 -4.81 32.24
CA LEU D 270 -10.56 -4.58 32.91
C LEU D 270 -10.57 -5.41 34.19
N ASP D 271 -9.36 -5.63 34.76
CA ASP D 271 -9.26 -6.16 36.11
C ASP D 271 -9.48 -5.03 37.09
N TYR D 272 -10.77 -4.74 37.37
CA TYR D 272 -11.15 -3.56 38.15
C TYR D 272 -10.57 -3.64 39.56
N ASP D 273 -10.40 -4.82 40.14
CA ASP D 273 -9.84 -4.85 41.47
C ASP D 273 -8.40 -4.35 41.43
N LYS D 274 -7.64 -4.74 40.39
CA LYS D 274 -6.27 -4.26 40.21
C LYS D 274 -6.28 -2.75 40.01
N TRP D 275 -7.18 -2.27 39.16
CA TRP D 275 -7.29 -0.85 38.91
C TRP D 275 -7.64 -0.08 40.18
N GLY D 276 -8.36 -0.75 41.11
CA GLY D 276 -8.70 -0.23 42.43
C GLY D 276 -7.48 0.28 43.23
N HIS D 277 -6.29 -0.20 42.87
CA HIS D 277 -5.07 0.11 43.59
C HIS D 277 -4.49 1.46 43.17
N ASP D 278 -4.99 2.06 42.06
CA ASP D 278 -4.39 3.25 41.48
C ASP D 278 -5.29 4.49 41.51
N VAL D 279 -6.51 4.36 42.04
CA VAL D 279 -7.42 5.49 42.22
C VAL D 279 -7.32 5.96 43.68
N ASP D 280 -7.63 7.23 43.93
CA ASP D 280 -7.64 7.74 45.30
C ASP D 280 -8.88 7.24 46.03
N PHE D 281 -9.97 7.14 45.26
CA PHE D 281 -11.28 6.65 45.68
C PHE D 281 -11.94 5.99 44.46
N VAL D 282 -12.61 4.85 44.74
CA VAL D 282 -13.31 4.08 43.72
C VAL D 282 -14.57 4.82 43.26
N SER D 283 -14.74 4.95 41.94
CA SER D 283 -15.96 5.46 41.35
C SER D 283 -16.50 4.44 40.34
N ASN D 284 -17.83 4.37 40.18
CA ASN D 284 -18.41 3.33 39.37
C ASN D 284 -19.61 3.82 38.58
N ASP D 285 -19.72 3.28 37.37
CA ASP D 285 -20.90 3.38 36.54
C ASP D 285 -21.63 2.05 36.54
N HIS D 286 -22.95 2.09 36.85
CA HIS D 286 -23.79 0.90 36.82
C HIS D 286 -25.22 1.24 36.42
N TYR D 287 -25.72 0.46 35.46
CA TYR D 287 -27.06 0.59 34.88
C TYR D 287 -27.82 -0.71 35.09
N PHE D 288 -29.12 -0.55 35.39
CA PHE D 288 -29.96 -1.67 35.80
C PHE D 288 -29.98 -2.77 34.73
N SER D 289 -30.01 -4.01 35.22
CA SER D 289 -30.30 -5.18 34.42
C SER D 289 -31.80 -5.30 34.16
N PRO D 290 -32.30 -5.40 32.90
CA PRO D 290 -33.72 -5.61 32.65
C PRO D 290 -34.37 -6.82 33.30
N GLY D 291 -35.61 -6.61 33.78
CA GLY D 291 -36.48 -7.69 34.18
C GLY D 291 -36.25 -8.08 35.63
N GLU D 292 -36.51 -9.36 35.92
CA GLU D 292 -36.54 -9.90 37.27
C GLU D 292 -35.24 -9.65 38.02
N ALA D 293 -34.09 -9.67 37.33
CA ALA D 293 -32.79 -9.52 38.00
C ALA D 293 -32.47 -8.08 38.43
N HIS D 294 -33.22 -7.05 37.98
CA HIS D 294 -32.92 -5.64 38.25
C HIS D 294 -32.38 -5.37 39.66
N PHE D 295 -33.18 -5.62 40.70
CA PHE D 295 -32.79 -5.19 42.03
C PHE D 295 -31.58 -5.97 42.52
N ASP D 296 -31.66 -7.31 42.51
CA ASP D 296 -30.63 -8.18 43.04
C ASP D 296 -29.28 -7.93 42.35
N GLU D 297 -29.25 -7.72 41.03
CA GLU D 297 -27.96 -7.60 40.36
C GLU D 297 -27.33 -6.26 40.70
N MET D 298 -28.18 -5.23 40.85
CA MET D 298 -27.69 -3.91 41.24
C MET D 298 -27.08 -3.97 42.65
N ALA D 299 -27.77 -4.62 43.59
CA ALA D 299 -27.25 -4.76 44.93
C ALA D 299 -25.95 -5.54 44.94
N TYR D 300 -25.86 -6.60 44.12
CA TYR D 300 -24.65 -7.40 43.96
C TYR D 300 -23.53 -6.53 43.40
N ALA D 301 -23.81 -5.75 42.36
CA ALA D 301 -22.79 -4.91 41.74
C ALA D 301 -22.22 -3.89 42.72
N ALA D 302 -23.11 -3.19 43.44
CA ALA D 302 -22.70 -2.24 44.43
C ALA D 302 -21.88 -2.91 45.54
N CYS D 303 -22.25 -4.15 45.91
CA CYS D 303 -21.54 -4.90 46.94
C CYS D 303 -20.10 -5.24 46.51
N LEU D 304 -19.97 -5.71 45.26
CA LEU D 304 -18.67 -5.93 44.64
C LEU D 304 -17.90 -4.61 44.55
N THR D 305 -18.56 -3.48 44.25
CA THR D 305 -17.83 -2.21 44.19
C THR D 305 -17.20 -1.93 45.57
N ASP D 306 -17.97 -2.18 46.63
CA ASP D 306 -17.50 -1.99 48.00
C ASP D 306 -16.34 -2.92 48.33
N GLY D 307 -16.39 -4.17 47.86
CA GLY D 307 -15.30 -5.10 48.04
C GLY D 307 -14.00 -4.61 47.40
N ILE D 308 -14.12 -4.10 46.16
CA ILE D 308 -13.02 -3.48 45.42
C ILE D 308 -12.44 -2.32 46.23
N ALA D 309 -13.34 -1.54 46.85
CA ALA D 309 -12.93 -0.38 47.64
C ALA D 309 -12.40 -0.79 49.02
N ARG D 310 -12.39 -2.11 49.30
CA ARG D 310 -12.00 -2.67 50.59
C ARG D 310 -12.77 -1.99 51.73
N LYS D 311 -14.08 -1.78 51.53
CA LYS D 311 -15.03 -1.21 52.49
C LYS D 311 -14.80 0.27 52.78
N ASN D 312 -13.92 0.96 52.05
CA ASN D 312 -13.95 2.41 52.12
C ASN D 312 -15.20 2.90 51.40
N PRO D 313 -15.69 4.11 51.76
CA PRO D 313 -16.67 4.82 50.94
C PRO D 313 -16.23 4.87 49.47
N TRP D 314 -17.23 4.81 48.59
CA TRP D 314 -17.05 4.83 47.16
C TRP D 314 -18.07 5.76 46.49
N PHE D 315 -17.81 6.10 45.23
CA PHE D 315 -18.53 7.15 44.54
C PHE D 315 -19.36 6.50 43.42
N LEU D 316 -20.70 6.62 43.46
CA LEU D 316 -21.50 6.20 42.30
C LEU D 316 -21.47 7.33 41.27
N MET D 317 -20.67 7.18 40.22
CA MET D 317 -20.46 8.23 39.23
C MET D 317 -21.61 8.29 38.21
N ALA D 318 -22.28 7.16 37.97
CA ALA D 318 -23.34 7.12 36.97
C ALA D 318 -24.32 5.96 37.21
N HIS D 319 -25.60 6.28 36.95
CA HIS D 319 -26.70 5.35 36.77
C HIS D 319 -27.76 6.10 35.98
N SER D 320 -28.93 5.48 35.73
CA SER D 320 -30.00 6.12 34.96
C SER D 320 -31.21 6.42 35.87
N THR D 321 -31.86 7.55 35.60
CA THR D 321 -33.17 7.88 36.16
C THR D 321 -34.27 6.95 35.63
N SER D 322 -34.10 6.50 34.38
CA SER D 322 -35.04 5.59 33.74
C SER D 322 -34.30 4.83 32.62
N ALA D 323 -34.81 4.88 31.39
CA ALA D 323 -34.23 4.12 30.32
C ALA D 323 -32.84 4.66 29.93
N VAL D 324 -32.00 3.72 29.52
CA VAL D 324 -30.80 4.04 28.77
C VAL D 324 -31.12 4.01 27.26
N ASN D 325 -30.09 4.24 26.43
CA ASN D 325 -30.21 4.37 24.98
C ASN D 325 -29.61 3.17 24.25
N TRP D 326 -28.80 2.35 24.95
CA TRP D 326 -27.87 1.46 24.27
C TRP D 326 -28.35 0.01 24.22
N ARG D 327 -29.54 -0.31 24.77
CA ARG D 327 -30.03 -1.68 24.65
C ARG D 327 -30.90 -1.82 23.39
N PRO D 328 -31.09 -3.05 22.86
CA PRO D 328 -32.04 -3.29 21.77
C PRO D 328 -33.49 -2.89 22.12
N THR D 329 -33.88 -3.13 23.37
CA THR D 329 -35.15 -2.66 23.92
C THR D 329 -34.89 -1.90 25.23
N ASN D 330 -35.07 -0.57 25.17
CA ASN D 330 -34.74 0.28 26.31
C ASN D 330 -35.94 0.49 27.25
N TYR D 331 -36.18 -0.53 28.09
CA TYR D 331 -37.18 -0.51 29.14
C TYR D 331 -37.00 0.71 30.04
N ARG D 332 -38.12 1.23 30.55
CA ARG D 332 -38.13 2.32 31.50
C ARG D 332 -38.10 1.75 32.91
N LEU D 333 -37.80 2.61 33.89
CA LEU D 333 -37.96 2.25 35.29
C LEU D 333 -39.42 2.41 35.72
N GLU D 334 -39.81 1.62 36.70
CA GLU D 334 -41.15 1.65 37.27
C GLU D 334 -41.22 2.68 38.40
N PRO D 335 -42.43 3.07 38.85
CA PRO D 335 -42.54 3.99 39.99
C PRO D 335 -41.81 3.48 41.20
N GLY D 336 -41.07 4.38 41.87
CA GLY D 336 -40.37 4.02 43.08
C GLY D 336 -38.90 3.65 42.85
N GLU D 337 -38.56 3.20 41.65
CA GLU D 337 -37.26 2.57 41.39
C GLU D 337 -36.14 3.61 41.30
N LEU D 338 -36.41 4.83 40.79
CA LEU D 338 -35.39 5.87 40.80
C LEU D 338 -34.81 6.08 42.20
N VAL D 339 -35.68 6.26 43.20
CA VAL D 339 -35.24 6.50 44.57
C VAL D 339 -34.66 5.19 45.14
N ARG D 340 -35.33 4.05 44.90
CA ARG D 340 -34.89 2.79 45.46
C ARG D 340 -33.50 2.38 44.96
N ASP D 341 -33.24 2.53 43.65
CA ASP D 341 -31.95 2.16 43.08
C ASP D 341 -30.81 3.01 43.69
N SER D 342 -31.03 4.33 43.79
CA SER D 342 -30.04 5.20 44.39
C SER D 342 -29.75 4.77 45.83
N LEU D 343 -30.78 4.41 46.61
CA LEU D 343 -30.53 4.03 48.00
C LEU D 343 -29.87 2.66 48.10
N ALA D 344 -29.98 1.83 47.05
CA ALA D 344 -29.34 0.52 47.02
C ALA D 344 -27.81 0.66 46.97
N HIS D 345 -27.33 1.62 46.14
CA HIS D 345 -25.91 1.92 46.06
C HIS D 345 -25.45 2.52 47.39
N LEU D 346 -26.27 3.40 47.97
CA LEU D 346 -25.96 4.07 49.22
C LEU D 346 -25.83 3.02 50.30
N ALA D 347 -26.72 2.06 50.30
CA ALA D 347 -26.74 1.05 51.36
C ALA D 347 -25.46 0.23 51.30
N MET D 348 -24.95 -0.01 50.08
CA MET D 348 -23.76 -0.85 49.90
C MET D 348 -22.47 -0.03 50.02
N GLY D 349 -22.55 1.24 50.49
CA GLY D 349 -21.37 1.94 50.94
C GLY D 349 -21.03 3.24 50.18
N ALA D 350 -21.79 3.61 49.14
CA ALA D 350 -21.52 4.88 48.45
C ALA D 350 -21.79 6.10 49.34
N ASP D 351 -20.95 7.13 49.24
CA ASP D 351 -21.19 8.45 49.86
C ASP D 351 -21.28 9.50 48.77
N ALA D 352 -21.53 9.03 47.56
CA ALA D 352 -21.92 9.91 46.47
C ALA D 352 -22.87 9.16 45.52
N ILE D 353 -23.84 9.89 44.97
CA ILE D 353 -24.89 9.33 44.12
C ILE D 353 -25.02 10.25 42.92
N CYS D 354 -24.57 9.80 41.74
CA CYS D 354 -24.60 10.65 40.56
C CYS D 354 -25.19 9.90 39.35
N TYR D 355 -25.72 10.67 38.40
CA TYR D 355 -26.41 10.15 37.24
C TYR D 355 -25.71 10.56 35.94
N PHE D 356 -25.75 9.67 34.93
CA PHE D 356 -25.64 10.17 33.57
C PHE D 356 -27.07 10.41 33.09
N GLN D 357 -27.47 11.63 32.75
CA GLN D 357 -26.78 12.89 32.94
C GLN D 357 -27.78 13.92 33.53
N TRP D 358 -27.32 15.15 33.76
CA TRP D 358 -28.18 16.19 34.31
C TRP D 358 -29.38 16.49 33.41
N ARG D 359 -29.12 16.98 32.19
CA ARG D 359 -30.17 17.34 31.26
C ARG D 359 -30.11 16.44 30.02
N GLN D 360 -31.27 15.85 29.66
CA GLN D 360 -31.38 15.00 28.48
C GLN D 360 -30.97 15.76 27.21
N SER D 361 -30.01 15.19 26.45
CA SER D 361 -29.57 15.79 25.19
C SER D 361 -30.70 15.71 24.17
N LYS D 362 -30.80 16.74 23.31
CA LYS D 362 -31.82 16.78 22.30
C LYS D 362 -31.30 16.30 20.93
N ALA D 363 -29.98 16.05 20.82
CA ALA D 363 -29.40 15.56 19.60
C ALA D 363 -28.18 14.72 19.93
N GLY D 364 -27.81 13.85 18.97
CA GLY D 364 -26.68 12.96 19.16
C GLY D 364 -27.14 11.61 19.67
N ALA D 365 -26.20 10.67 19.73
CA ALA D 365 -26.43 9.24 19.90
C ALA D 365 -27.05 8.89 21.24
N GLU D 366 -27.03 9.82 22.20
CA GLU D 366 -27.60 9.47 23.51
C GLU D 366 -28.82 10.34 23.82
N LYS D 367 -29.38 10.98 22.81
CA LYS D 367 -30.57 11.79 22.97
C LYS D 367 -31.71 11.02 23.63
N TRP D 368 -31.78 9.68 23.50
CA TRP D 368 -32.85 8.90 24.12
C TRP D 368 -32.43 8.27 25.44
N HIS D 369 -31.25 8.60 25.95
CA HIS D 369 -30.87 8.21 27.30
C HIS D 369 -31.56 9.14 28.30
N SER D 370 -32.15 8.58 29.37
CA SER D 370 -32.90 9.38 30.35
C SER D 370 -31.95 10.34 31.06
N ALA D 371 -32.51 11.37 31.69
CA ALA D 371 -31.70 12.31 32.45
C ALA D 371 -32.46 12.72 33.70
N MET D 372 -31.85 13.59 34.50
CA MET D 372 -32.49 14.14 35.70
C MET D 372 -33.51 15.19 35.31
N VAL D 373 -33.19 15.98 34.27
CA VAL D 373 -34.14 16.86 33.63
C VAL D 373 -34.49 16.26 32.25
N PRO D 374 -35.66 15.59 32.09
CA PRO D 374 -36.02 14.96 30.83
C PRO D 374 -36.27 15.97 29.71
N HIS D 375 -36.41 15.45 28.48
CA HIS D 375 -36.85 16.28 27.38
C HIS D 375 -38.14 17.01 27.78
N ALA D 376 -38.96 16.35 28.60
CA ALA D 376 -40.27 16.89 29.00
C ALA D 376 -40.11 18.09 29.95
N GLY D 377 -38.96 18.21 30.61
CA GLY D 377 -38.68 19.36 31.48
C GLY D 377 -38.89 19.03 32.96
N PRO D 378 -38.69 20.03 33.85
CA PRO D 378 -38.82 19.82 35.28
C PRO D 378 -40.26 19.54 35.73
N ASP D 379 -41.24 19.79 34.85
CA ASP D 379 -42.61 19.36 35.10
C ASP D 379 -42.77 17.88 34.71
N SER D 380 -42.22 16.99 35.54
CA SER D 380 -42.20 15.57 35.21
C SER D 380 -42.10 14.76 36.49
N GLN D 381 -42.59 13.53 36.45
CA GLN D 381 -42.38 12.61 37.57
C GLN D 381 -40.89 12.39 37.84
N ILE D 382 -40.07 12.26 36.77
CA ILE D 382 -38.64 12.02 36.99
C ILE D 382 -38.01 13.14 37.83
N PHE D 383 -38.13 14.41 37.37
CA PHE D 383 -37.58 15.53 38.11
C PHE D 383 -38.11 15.61 39.54
N ARG D 384 -39.41 15.35 39.76
CA ARG D 384 -39.97 15.35 41.11
C ARG D 384 -39.32 14.26 41.95
N ASP D 385 -39.09 13.08 41.37
CA ASP D 385 -38.41 12.02 42.11
C ASP D 385 -36.94 12.40 42.37
N VAL D 386 -36.30 13.11 41.42
CA VAL D 386 -34.92 13.55 41.58
C VAL D 386 -34.86 14.49 42.80
N CYS D 387 -35.84 15.39 42.91
CA CYS D 387 -35.93 16.34 44.02
C CYS D 387 -36.16 15.61 45.35
N GLU D 388 -37.02 14.60 45.35
CA GLU D 388 -37.29 13.82 46.55
C GLU D 388 -36.03 13.09 47.02
N LEU D 389 -35.24 12.54 46.09
CA LEU D 389 -34.03 11.84 46.45
C LEU D 389 -33.01 12.81 47.06
N GLY D 390 -32.87 14.00 46.45
CA GLY D 390 -32.06 15.09 46.98
C GLY D 390 -32.35 15.33 48.47
N ALA D 391 -33.62 15.48 48.82
CA ALA D 391 -33.98 15.76 50.21
C ALA D 391 -33.67 14.54 51.08
N ASP D 392 -33.91 13.32 50.54
CA ASP D 392 -33.60 12.13 51.32
C ASP D 392 -32.10 12.06 51.63
N LEU D 393 -31.24 12.51 50.71
CA LEU D 393 -29.81 12.36 50.87
C LEU D 393 -29.29 13.42 51.87
N ASN D 394 -29.83 14.64 51.80
CA ASN D 394 -29.63 15.65 52.85
C ASN D 394 -30.02 15.08 54.21
N LYS D 395 -31.18 14.44 54.30
CA LYS D 395 -31.64 13.89 55.56
C LYS D 395 -30.67 12.84 56.09
N LEU D 396 -30.18 11.93 55.25
CA LEU D 396 -29.42 10.81 55.79
C LEU D 396 -28.02 11.28 56.26
N ALA D 397 -27.46 12.31 55.61
CA ALA D 397 -26.20 12.90 56.01
C ALA D 397 -26.37 13.60 57.37
N ASP D 398 -27.47 14.34 57.52
CA ASP D 398 -27.82 15.01 58.75
C ASP D 398 -27.82 14.00 59.90
N GLU D 399 -28.16 12.74 59.62
CA GLU D 399 -28.27 11.76 60.68
C GLU D 399 -27.00 10.95 60.86
N GLY D 400 -25.94 11.27 60.11
CA GLY D 400 -24.59 10.74 60.36
C GLY D 400 -24.19 9.51 59.52
N LEU D 401 -24.75 9.34 58.31
CA LEU D 401 -24.43 8.18 57.47
C LEU D 401 -23.01 8.24 56.88
N LEU D 402 -22.54 9.44 56.51
CA LEU D 402 -21.23 9.61 55.88
C LEU D 402 -20.12 8.88 56.64
N SER D 403 -19.25 8.18 55.88
CA SER D 403 -18.04 7.50 56.37
C SER D 403 -18.37 6.23 57.14
N THR D 404 -19.65 5.90 57.36
CA THR D 404 -20.02 4.57 57.85
C THR D 404 -19.69 3.59 56.74
N LYS D 405 -19.44 2.33 57.10
CA LYS D 405 -19.02 1.32 56.15
C LYS D 405 -20.04 0.20 56.10
N LEU D 406 -20.05 -0.53 54.98
CA LEU D 406 -20.86 -1.73 54.86
C LEU D 406 -20.35 -2.76 55.85
N VAL D 407 -21.26 -3.22 56.68
CA VAL D 407 -20.94 -4.16 57.74
C VAL D 407 -20.39 -5.45 57.14
N LYS D 408 -19.53 -6.12 57.90
CA LYS D 408 -18.91 -7.34 57.44
C LYS D 408 -19.94 -8.45 57.50
N SER D 409 -20.11 -9.15 56.38
CA SER D 409 -21.02 -10.27 56.27
C SER D 409 -20.42 -11.51 56.94
N LYS D 410 -21.25 -12.53 57.17
CA LYS D 410 -20.73 -13.82 57.59
C LYS D 410 -20.07 -14.56 56.42
N VAL D 411 -20.41 -14.17 55.17
CA VAL D 411 -20.02 -14.92 53.99
C VAL D 411 -19.34 -13.97 53.00
N ALA D 412 -18.19 -14.42 52.47
CA ALA D 412 -17.49 -13.78 51.36
C ALA D 412 -17.62 -14.61 50.08
N ILE D 413 -18.18 -13.98 49.03
CA ILE D 413 -18.27 -14.57 47.70
C ILE D 413 -17.10 -14.05 46.88
N VAL D 414 -16.24 -14.96 46.41
CA VAL D 414 -14.99 -14.57 45.77
C VAL D 414 -15.24 -14.32 44.30
N PHE D 415 -14.81 -13.14 43.84
CA PHE D 415 -14.81 -12.79 42.42
C PHE D 415 -13.37 -12.60 41.89
N ASP D 416 -13.09 -13.11 40.68
CA ASP D 416 -11.77 -13.06 40.06
C ASP D 416 -11.92 -12.70 38.57
N TYR D 417 -11.55 -11.47 38.22
CA TYR D 417 -11.65 -11.04 36.83
C TYR D 417 -10.93 -12.02 35.88
N GLU D 418 -9.73 -12.48 36.29
CA GLU D 418 -8.95 -13.38 35.45
C GLU D 418 -9.65 -14.73 35.29
N SER D 419 -10.33 -15.25 36.34
CA SER D 419 -11.05 -16.49 36.18
C SER D 419 -12.14 -16.34 35.12
N GLN D 420 -12.81 -15.18 35.09
CA GLN D 420 -13.76 -14.92 34.02
C GLN D 420 -13.03 -15.02 32.67
N TRP D 421 -11.88 -14.38 32.55
CA TRP D 421 -11.14 -14.42 31.28
C TRP D 421 -10.84 -15.86 30.86
N ALA D 422 -10.36 -16.68 31.79
CA ALA D 422 -10.02 -18.08 31.53
C ALA D 422 -11.24 -18.85 31.04
N THR D 423 -12.46 -18.51 31.51
CA THR D 423 -13.67 -19.26 31.12
C THR D 423 -14.25 -18.80 29.78
N GLU D 424 -13.68 -17.75 29.19
CA GLU D 424 -14.10 -17.22 27.89
C GLU D 424 -13.50 -17.93 26.67
N HIS D 425 -12.54 -18.85 26.85
CA HIS D 425 -11.95 -19.53 25.70
C HIS D 425 -13.06 -20.30 24.97
N THR D 426 -12.94 -20.40 23.62
CA THR D 426 -13.96 -21.01 22.78
C THR D 426 -13.88 -22.54 22.78
N ALA D 427 -12.91 -23.14 23.49
CA ALA D 427 -12.72 -24.58 23.49
C ALA D 427 -12.70 -25.13 24.91
N THR D 428 -13.49 -24.48 25.79
CA THR D 428 -13.76 -24.95 27.13
C THR D 428 -14.79 -26.08 27.07
N PRO D 429 -15.04 -26.81 28.17
CA PRO D 429 -16.10 -27.82 28.16
C PRO D 429 -17.45 -27.32 27.65
N THR D 430 -17.79 -26.05 27.90
CA THR D 430 -19.04 -25.53 27.39
C THR D 430 -19.05 -23.99 27.42
N GLN D 431 -19.50 -23.37 26.32
CA GLN D 431 -19.67 -21.93 26.27
C GLN D 431 -20.80 -21.47 27.18
N GLU D 432 -21.60 -22.39 27.72
CA GLU D 432 -22.76 -22.00 28.52
C GLU D 432 -22.28 -21.68 29.94
N VAL D 433 -21.02 -21.99 30.27
CA VAL D 433 -20.53 -21.73 31.61
C VAL D 433 -19.43 -20.68 31.57
N ARG D 434 -19.64 -19.58 32.32
CA ARG D 434 -18.65 -18.56 32.61
C ARG D 434 -18.60 -18.36 34.14
N HIS D 435 -17.47 -17.85 34.62
CA HIS D 435 -17.28 -17.57 36.03
C HIS D 435 -18.38 -16.66 36.58
N TRP D 436 -18.72 -15.57 35.86
CA TRP D 436 -19.38 -14.43 36.46
C TRP D 436 -20.78 -14.73 36.97
N THR D 437 -21.49 -15.69 36.37
CA THR D 437 -22.89 -15.93 36.71
C THR D 437 -23.01 -16.61 38.07
N GLU D 438 -22.00 -17.39 38.48
CA GLU D 438 -22.13 -18.22 39.68
C GLU D 438 -22.06 -17.38 40.97
N PRO D 439 -21.13 -16.42 41.16
CA PRO D 439 -21.17 -15.56 42.35
C PRO D 439 -22.51 -14.83 42.53
N LEU D 440 -23.08 -14.33 41.43
CA LEU D 440 -24.38 -13.67 41.48
C LEU D 440 -25.49 -14.63 41.91
N ASP D 441 -25.51 -15.85 41.36
CA ASP D 441 -26.48 -16.86 41.77
C ASP D 441 -26.40 -17.13 43.26
N TRP D 442 -25.17 -17.21 43.81
CA TRP D 442 -24.97 -17.43 45.24
C TRP D 442 -25.47 -16.26 46.08
N PHE D 443 -25.23 -15.04 45.58
CA PHE D 443 -25.67 -13.85 46.30
C PHE D 443 -27.18 -13.91 46.48
N ARG D 444 -27.88 -14.26 45.39
CA ARG D 444 -29.34 -14.23 45.35
C ARG D 444 -29.90 -15.36 46.22
N ALA D 445 -29.30 -16.55 46.10
CA ALA D 445 -29.73 -17.72 46.86
C ALA D 445 -29.50 -17.49 48.37
N LEU D 446 -28.39 -16.83 48.73
CA LEU D 446 -28.09 -16.59 50.13
C LEU D 446 -29.06 -15.58 50.71
N ALA D 447 -29.42 -14.56 49.91
CA ALA D 447 -30.44 -13.60 50.29
C ALA D 447 -31.80 -14.28 50.46
N ASP D 448 -32.11 -15.27 49.61
CA ASP D 448 -33.35 -16.03 49.70
C ASP D 448 -33.37 -16.80 51.02
N ASN D 449 -32.20 -17.04 51.61
CA ASN D 449 -32.12 -17.69 52.91
C ASN D 449 -31.89 -16.69 54.05
N GLY D 450 -32.00 -15.38 53.77
CA GLY D 450 -31.93 -14.39 54.83
C GLY D 450 -30.52 -13.91 55.18
N LEU D 451 -29.58 -14.03 54.24
CA LEU D 451 -28.20 -13.65 54.52
C LEU D 451 -27.70 -12.75 53.38
N THR D 452 -27.20 -11.55 53.73
CA THR D 452 -26.61 -10.66 52.77
C THR D 452 -25.12 -10.89 52.74
N ALA D 453 -24.60 -11.45 51.64
CA ALA D 453 -23.18 -11.76 51.52
C ALA D 453 -22.40 -10.50 51.17
N ASP D 454 -21.11 -10.50 51.52
CA ASP D 454 -20.15 -9.59 50.90
C ASP D 454 -19.60 -10.23 49.63
N VAL D 455 -19.28 -9.39 48.63
CA VAL D 455 -18.57 -9.88 47.45
C VAL D 455 -17.14 -9.36 47.49
N VAL D 456 -16.17 -10.29 47.56
CA VAL D 456 -14.78 -9.96 47.87
C VAL D 456 -13.87 -10.40 46.71
N PRO D 457 -13.18 -9.47 46.02
CA PRO D 457 -12.18 -9.84 45.02
C PRO D 457 -11.14 -10.79 45.62
N VAL D 458 -10.61 -11.67 44.74
CA VAL D 458 -9.76 -12.77 45.13
C VAL D 458 -8.50 -12.29 45.87
N ARG D 459 -7.99 -11.08 45.54
CA ARG D 459 -6.87 -10.50 46.25
C ARG D 459 -7.26 -10.06 47.67
N GLY D 460 -8.56 -9.87 47.92
CA GLY D 460 -9.03 -9.23 49.12
C GLY D 460 -9.13 -10.20 50.29
N PRO D 461 -9.55 -9.71 51.48
CA PRO D 461 -9.47 -10.51 52.71
C PRO D 461 -10.61 -11.50 52.96
N TRP D 462 -10.94 -12.30 51.94
CA TRP D 462 -11.97 -13.31 52.05
C TRP D 462 -11.60 -14.35 53.11
N ASP D 463 -10.30 -14.51 53.36
CA ASP D 463 -9.88 -15.54 54.29
C ASP D 463 -10.07 -15.09 55.74
N GLU D 464 -10.56 -13.86 55.97
CA GLU D 464 -10.91 -13.40 57.31
C GLU D 464 -12.39 -13.67 57.65
N TYR D 465 -13.15 -14.28 56.73
CA TYR D 465 -14.60 -14.41 56.92
C TYR D 465 -14.93 -15.75 57.55
N GLU D 466 -16.16 -15.83 58.11
CA GLU D 466 -16.65 -17.03 58.76
C GLU D 466 -16.90 -18.11 57.71
N ALA D 467 -17.49 -17.72 56.57
CA ALA D 467 -17.67 -18.62 55.43
C ALA D 467 -17.23 -17.95 54.14
N VAL D 468 -16.83 -18.78 53.16
CA VAL D 468 -16.32 -18.33 51.86
C VAL D 468 -16.90 -19.20 50.74
N VAL D 469 -17.30 -18.57 49.62
CA VAL D 469 -17.75 -19.26 48.42
C VAL D 469 -16.73 -19.10 47.29
N LEU D 470 -16.32 -20.24 46.73
CA LEU D 470 -15.56 -20.30 45.50
C LEU D 470 -16.51 -20.70 44.37
N PRO D 471 -16.97 -19.69 43.57
CA PRO D 471 -18.03 -19.86 42.57
C PRO D 471 -17.54 -19.88 41.13
N SER D 472 -17.49 -21.11 40.58
CA SER D 472 -16.89 -21.38 39.29
C SER D 472 -15.60 -20.57 39.15
N LEU D 473 -14.75 -20.67 40.19
CA LEU D 473 -13.50 -19.94 40.26
C LEU D 473 -12.45 -20.74 39.52
N ALA D 474 -12.38 -20.57 38.20
CA ALA D 474 -11.72 -21.53 37.32
C ALA D 474 -10.23 -21.62 37.62
N ILE D 475 -9.63 -20.45 37.94
CA ILE D 475 -8.22 -20.34 38.28
C ILE D 475 -8.03 -20.45 39.80
N LEU D 476 -7.08 -21.31 40.19
CA LEU D 476 -6.46 -21.29 41.51
C LEU D 476 -4.95 -21.37 41.33
N SER D 477 -4.26 -20.25 41.61
CA SER D 477 -2.81 -20.19 41.63
C SER D 477 -2.28 -21.05 42.77
N GLU D 478 -0.96 -21.27 42.76
CA GLU D 478 -0.29 -21.95 43.86
C GLU D 478 -0.57 -21.13 45.13
N GLN D 479 -0.50 -19.79 45.02
CA GLN D 479 -0.73 -18.95 46.18
C GLN D 479 -2.17 -19.06 46.65
N THR D 480 -3.16 -18.96 45.74
CA THR D 480 -4.53 -18.97 46.18
C THR D 480 -4.85 -20.36 46.76
N THR D 481 -4.23 -21.40 46.18
CA THR D 481 -4.43 -22.76 46.67
C THR D 481 -4.02 -22.83 48.15
N ARG D 482 -2.86 -22.27 48.48
CA ARG D 482 -2.36 -22.30 49.84
C ARG D 482 -3.34 -21.55 50.75
N ARG D 483 -3.79 -20.36 50.33
CA ARG D 483 -4.75 -19.59 51.12
C ARG D 483 -6.00 -20.40 51.44
N VAL D 484 -6.50 -21.14 50.45
CA VAL D 484 -7.75 -21.86 50.59
C VAL D 484 -7.56 -22.98 51.62
N ARG D 485 -6.43 -23.70 51.52
CA ARG D 485 -6.18 -24.86 52.35
C ARG D 485 -5.99 -24.40 53.79
N GLU D 486 -5.28 -23.29 54.00
CA GLU D 486 -5.02 -22.79 55.34
C GLU D 486 -6.34 -22.29 55.94
N TYR D 487 -7.15 -21.59 55.12
CA TYR D 487 -8.45 -21.10 55.56
C TYR D 487 -9.28 -22.22 56.17
N VAL D 488 -9.40 -23.35 55.47
CA VAL D 488 -10.29 -24.41 55.91
C VAL D 488 -9.68 -25.10 57.15
N ALA D 489 -8.37 -25.33 57.11
CA ALA D 489 -7.70 -26.07 58.16
C ALA D 489 -7.94 -25.38 59.49
N ASN D 490 -7.90 -24.04 59.48
CA ASN D 490 -7.93 -23.27 60.72
C ASN D 490 -9.34 -22.94 61.22
N GLY D 491 -10.40 -23.55 60.65
CA GLY D 491 -11.76 -23.34 61.12
C GLY D 491 -12.67 -22.64 60.11
N GLY D 492 -12.14 -22.32 58.92
CA GLY D 492 -12.92 -21.74 57.84
C GLY D 492 -14.03 -22.67 57.36
N LYS D 493 -15.12 -22.09 56.86
CA LYS D 493 -16.25 -22.85 56.32
C LYS D 493 -16.41 -22.50 54.83
N LEU D 494 -16.08 -23.46 53.96
CA LEU D 494 -15.88 -23.19 52.54
C LEU D 494 -16.93 -23.89 51.67
N PHE D 495 -17.49 -23.19 50.67
CA PHE D 495 -18.33 -23.79 49.64
C PHE D 495 -17.58 -23.73 48.32
N VAL D 496 -17.56 -24.83 47.57
CA VAL D 496 -16.81 -24.93 46.33
C VAL D 496 -17.74 -25.46 45.26
N THR D 497 -17.70 -24.86 44.05
CA THR D 497 -18.58 -25.30 42.97
C THR D 497 -17.82 -25.95 41.80
N TYR D 498 -18.59 -26.60 40.92
CA TYR D 498 -18.21 -26.98 39.57
C TYR D 498 -17.47 -25.78 38.94
N TYR D 499 -16.46 -26.11 38.09
CA TYR D 499 -15.62 -25.16 37.36
C TYR D 499 -14.75 -24.34 38.31
N THR D 500 -14.47 -24.85 39.52
CA THR D 500 -13.49 -24.25 40.40
C THR D 500 -12.18 -25.04 40.30
N GLY D 501 -11.06 -24.30 40.21
CA GLY D 501 -9.73 -24.85 40.37
C GLY D 501 -9.32 -25.75 39.19
N LEU D 502 -9.89 -25.48 38.02
CA LEU D 502 -9.54 -26.26 36.83
C LEU D 502 -8.08 -26.04 36.46
N VAL D 503 -7.63 -24.78 36.56
CA VAL D 503 -6.33 -24.41 36.02
C VAL D 503 -5.57 -23.57 37.03
N ASP D 504 -4.26 -23.47 36.82
CA ASP D 504 -3.40 -22.51 37.47
C ASP D 504 -3.44 -21.20 36.69
N ASP D 505 -2.54 -20.27 37.02
CA ASP D 505 -2.62 -18.89 36.52
C ASP D 505 -1.96 -18.75 35.15
N ARG D 506 -1.35 -19.85 34.67
CA ARG D 506 -0.87 -19.94 33.28
C ARG D 506 -1.94 -20.56 32.37
N ASP D 507 -3.09 -20.94 32.95
CA ASP D 507 -4.12 -21.73 32.24
C ASP D 507 -3.67 -23.18 31.98
N HIS D 508 -2.73 -23.70 32.76
CA HIS D 508 -2.43 -25.13 32.72
C HIS D 508 -3.35 -25.90 33.66
N VAL D 509 -3.89 -27.03 33.19
CA VAL D 509 -4.81 -27.84 33.97
C VAL D 509 -4.07 -28.51 35.12
N TRP D 510 -4.66 -28.43 36.32
CA TRP D 510 -4.19 -29.20 37.46
C TRP D 510 -4.60 -30.66 37.28
N LEU D 511 -3.62 -31.56 37.26
CA LEU D 511 -3.83 -32.94 36.86
C LEU D 511 -4.15 -33.82 38.06
N GLY D 512 -4.62 -35.04 37.77
CA GLY D 512 -4.84 -36.06 38.78
C GLY D 512 -6.30 -36.20 39.15
N GLY D 513 -7.16 -35.36 38.57
CA GLY D 513 -8.55 -35.31 38.97
C GLY D 513 -8.93 -33.92 39.47
N TYR D 514 -10.07 -33.41 39.00
CA TYR D 514 -10.50 -32.06 39.34
C TYR D 514 -11.19 -32.10 40.70
N PRO D 515 -11.13 -31.02 41.51
CA PRO D 515 -10.21 -29.89 41.33
C PRO D 515 -8.76 -30.17 41.79
N GLY D 516 -7.82 -30.11 40.84
CA GLY D 516 -6.55 -30.79 40.96
C GLY D 516 -5.61 -30.23 42.04
N SER D 517 -5.83 -29.01 42.53
CA SER D 517 -4.94 -28.46 43.55
C SER D 517 -5.52 -28.60 44.94
N ILE D 518 -6.80 -28.99 45.07
CA ILE D 518 -7.46 -28.98 46.38
C ILE D 518 -8.35 -30.23 46.59
N ARG D 519 -7.98 -31.36 46.00
CA ARG D 519 -8.79 -32.57 46.20
C ARG D 519 -8.82 -32.97 47.67
N ASP D 520 -7.76 -32.69 48.44
CA ASP D 520 -7.72 -33.01 49.87
C ASP D 520 -8.76 -32.18 50.63
N VAL D 521 -8.86 -30.89 50.28
CA VAL D 521 -9.71 -29.94 50.98
C VAL D 521 -11.17 -30.31 50.75
N VAL D 522 -11.58 -30.58 49.50
CA VAL D 522 -12.98 -30.81 49.19
C VAL D 522 -13.34 -32.29 49.37
N GLY D 523 -12.34 -33.18 49.43
CA GLY D 523 -12.57 -34.58 49.75
C GLY D 523 -13.32 -35.34 48.66
N VAL D 524 -13.25 -34.84 47.42
CA VAL D 524 -13.87 -35.48 46.27
C VAL D 524 -12.82 -35.56 45.15
N ARG D 525 -13.10 -36.39 44.14
CA ARG D 525 -12.29 -36.48 42.93
C ARG D 525 -13.24 -36.56 41.72
N VAL D 526 -13.08 -35.61 40.79
CA VAL D 526 -13.86 -35.54 39.56
C VAL D 526 -12.97 -36.02 38.41
N GLU D 527 -13.43 -37.02 37.65
CA GLU D 527 -12.65 -37.57 36.54
C GLU D 527 -13.00 -36.86 35.23
N GLU D 528 -14.25 -36.39 35.09
CA GLU D 528 -14.67 -35.73 33.86
C GLU D 528 -15.96 -34.94 34.10
N PHE D 529 -16.40 -34.25 33.04
CA PHE D 529 -17.53 -33.35 33.10
C PHE D 529 -18.66 -33.85 32.21
N ALA D 530 -19.90 -33.50 32.58
CA ALA D 530 -21.06 -33.80 31.76
C ALA D 530 -21.80 -32.50 31.43
N PRO D 531 -21.37 -31.74 30.40
CA PRO D 531 -22.13 -30.59 29.92
C PRO D 531 -23.50 -31.01 29.39
N MET D 532 -24.47 -30.08 29.51
CA MET D 532 -25.86 -30.33 29.17
C MET D 532 -26.41 -29.16 28.38
N GLY D 533 -27.46 -29.44 27.61
CA GLY D 533 -28.02 -28.45 26.71
C GLY D 533 -29.02 -29.10 25.75
N THR D 534 -29.40 -28.33 24.72
CA THR D 534 -30.51 -28.66 23.86
C THR D 534 -30.16 -28.31 22.41
N ASP D 535 -28.89 -28.45 22.03
CA ASP D 535 -28.46 -27.97 20.72
C ASP D 535 -28.67 -29.07 19.67
N ALA D 536 -29.12 -30.25 20.07
CA ALA D 536 -29.54 -31.27 19.12
C ALA D 536 -30.58 -32.16 19.79
N PRO D 537 -31.49 -32.80 19.01
CA PRO D 537 -32.51 -33.67 19.58
C PRO D 537 -31.87 -34.77 20.42
N GLY D 538 -32.38 -34.95 21.64
CA GLY D 538 -32.00 -36.08 22.49
C GLY D 538 -30.76 -35.81 23.36
N THR D 539 -30.19 -34.59 23.32
CA THR D 539 -29.11 -34.26 24.24
C THR D 539 -29.62 -34.26 25.68
N MET D 540 -28.75 -34.61 26.62
CA MET D 540 -29.10 -34.53 28.03
C MET D 540 -29.13 -33.05 28.41
N ASP D 541 -30.26 -32.57 28.96
CA ASP D 541 -30.48 -31.15 29.22
C ASP D 541 -30.78 -30.88 30.70
N HIS D 542 -30.83 -31.92 31.55
CA HIS D 542 -31.01 -31.72 32.98
C HIS D 542 -30.65 -33.01 33.72
N LEU D 543 -30.30 -32.88 35.01
CA LEU D 543 -30.18 -33.99 35.95
C LEU D 543 -30.90 -33.64 37.26
N ASP D 544 -31.87 -34.47 37.64
CA ASP D 544 -32.58 -34.31 38.90
C ASP D 544 -31.62 -34.70 40.03
N LEU D 545 -31.81 -34.03 41.19
CA LEU D 545 -31.11 -34.34 42.43
C LEU D 545 -32.14 -34.85 43.44
N ASP D 546 -31.67 -35.64 44.42
CA ASP D 546 -32.60 -36.31 45.31
C ASP D 546 -33.00 -35.37 46.44
N ASN D 547 -32.66 -34.07 46.33
CA ASN D 547 -33.07 -33.09 47.32
C ASN D 547 -34.16 -32.18 46.76
N GLY D 548 -34.76 -32.59 45.64
CA GLY D 548 -35.82 -31.84 45.00
C GLY D 548 -35.31 -30.69 44.14
N THR D 549 -34.02 -30.62 43.80
CA THR D 549 -33.54 -29.58 42.89
C THR D 549 -33.12 -30.20 41.56
N VAL D 550 -32.86 -29.33 40.57
CA VAL D 550 -32.53 -29.79 39.22
C VAL D 550 -31.30 -29.04 38.69
N ALA D 551 -30.32 -29.82 38.21
CA ALA D 551 -29.10 -29.30 37.59
C ALA D 551 -29.32 -29.06 36.10
N HIS D 552 -28.73 -27.97 35.60
CA HIS D 552 -28.72 -27.64 34.18
C HIS D 552 -27.30 -27.25 33.75
N ASP D 553 -27.03 -27.35 32.45
CA ASP D 553 -25.85 -26.80 31.78
C ASP D 553 -24.59 -27.62 32.03
N PHE D 554 -24.34 -28.04 33.28
CA PHE D 554 -23.09 -28.70 33.63
C PHE D 554 -23.23 -29.53 34.90
N ALA D 555 -22.65 -30.72 34.90
CA ALA D 555 -22.51 -31.57 36.08
C ALA D 555 -21.14 -32.28 36.09
N ASP D 556 -20.53 -32.37 37.27
CA ASP D 556 -19.26 -33.07 37.50
C ASP D 556 -19.49 -34.57 37.72
N VAL D 557 -18.58 -35.40 37.16
CA VAL D 557 -18.61 -36.84 37.37
C VAL D 557 -17.73 -37.15 38.58
N ILE D 558 -18.32 -37.21 39.77
CA ILE D 558 -17.56 -37.46 40.98
C ILE D 558 -17.40 -38.98 41.13
N THR D 559 -16.16 -39.48 41.21
CA THR D 559 -15.93 -40.93 41.26
C THR D 559 -15.30 -41.37 42.57
N SER D 560 -14.83 -40.45 43.41
CA SER D 560 -14.49 -40.84 44.77
C SER D 560 -14.80 -39.72 45.76
N VAL D 561 -15.02 -40.14 47.02
CA VAL D 561 -15.40 -39.30 48.13
C VAL D 561 -14.52 -39.75 49.29
N ALA D 562 -13.78 -38.85 49.95
CA ALA D 562 -12.88 -39.27 51.01
C ALA D 562 -13.68 -39.83 52.20
N ASP D 563 -12.98 -40.52 53.13
CA ASP D 563 -13.62 -41.07 54.32
C ASP D 563 -14.01 -39.96 55.31
N THR D 564 -13.35 -38.79 55.20
CA THR D 564 -13.66 -37.62 56.02
C THR D 564 -14.89 -36.85 55.52
N ALA D 565 -15.47 -37.28 54.40
CA ALA D 565 -16.57 -36.55 53.76
C ALA D 565 -17.79 -37.46 53.63
N HIS D 566 -18.96 -36.85 53.40
CA HIS D 566 -20.19 -37.56 53.11
C HIS D 566 -20.96 -36.86 52.00
N VAL D 567 -21.95 -37.58 51.47
CA VAL D 567 -22.78 -37.16 50.36
C VAL D 567 -24.09 -36.60 50.92
N VAL D 568 -24.37 -35.33 50.60
CA VAL D 568 -25.56 -34.66 51.07
C VAL D 568 -26.70 -34.91 50.10
N ALA D 569 -26.34 -35.05 48.83
CA ALA D 569 -27.32 -35.18 47.77
C ALA D 569 -26.67 -35.91 46.59
N SER D 570 -27.52 -36.62 45.83
CA SER D 570 -27.08 -37.46 44.73
C SER D 570 -27.97 -37.19 43.53
N PHE D 571 -27.47 -37.50 42.33
CA PHE D 571 -28.26 -37.36 41.12
C PHE D 571 -29.26 -38.52 41.05
N LYS D 572 -30.37 -38.28 40.36
CA LYS D 572 -31.27 -39.33 39.92
C LYS D 572 -31.44 -39.18 38.41
N ALA D 573 -31.20 -40.27 37.68
CA ALA D 573 -31.30 -40.22 36.23
C ALA D 573 -31.64 -41.59 35.65
N ASP D 574 -31.89 -41.59 34.33
CA ASP D 574 -31.95 -42.80 33.54
C ASP D 574 -30.60 -43.53 33.64
N LYS D 575 -30.66 -44.86 33.83
CA LYS D 575 -29.51 -45.67 34.19
C LYS D 575 -28.41 -45.56 33.12
N TRP D 576 -28.79 -45.44 31.84
CA TRP D 576 -27.81 -45.38 30.76
C TRP D 576 -26.95 -44.10 30.79
N THR D 577 -27.33 -43.07 31.56
CA THR D 577 -26.55 -41.83 31.60
C THR D 577 -25.34 -41.99 32.51
N GLY D 578 -25.45 -42.96 33.44
CA GLY D 578 -24.40 -43.17 34.44
C GLY D 578 -24.54 -42.29 35.69
N PHE D 579 -25.58 -41.45 35.79
CA PHE D 579 -25.67 -40.47 36.87
C PHE D 579 -26.58 -40.94 38.01
N ASP D 580 -27.27 -42.08 37.86
CA ASP D 580 -28.21 -42.49 38.89
C ASP D 580 -27.44 -42.90 40.14
N GLY D 581 -27.69 -42.17 41.24
CA GLY D 581 -27.02 -42.41 42.52
C GLY D 581 -25.62 -41.79 42.61
N ALA D 582 -25.22 -41.02 41.60
CA ALA D 582 -23.92 -40.37 41.59
C ALA D 582 -23.92 -39.24 42.61
N PRO D 583 -22.81 -39.02 43.35
CA PRO D 583 -22.69 -37.87 44.24
C PRO D 583 -22.83 -36.53 43.49
N ALA D 584 -23.53 -35.59 44.13
CA ALA D 584 -23.86 -34.29 43.54
C ALA D 584 -23.46 -33.15 44.47
N ILE D 585 -23.67 -33.32 45.79
CA ILE D 585 -23.28 -32.37 46.80
C ILE D 585 -22.66 -33.12 47.98
N THR D 586 -21.50 -32.64 48.44
CA THR D 586 -20.77 -33.29 49.50
C THR D 586 -20.28 -32.26 50.52
N VAL D 587 -20.05 -32.74 51.76
CA VAL D 587 -19.40 -31.98 52.81
C VAL D 587 -18.21 -32.80 53.31
N ASN D 588 -17.10 -32.11 53.63
CA ASN D 588 -15.85 -32.74 54.01
C ASN D 588 -15.29 -32.05 55.25
N ASP D 589 -14.83 -32.86 56.22
CA ASP D 589 -14.12 -32.33 57.38
C ASP D 589 -12.64 -32.27 57.04
N PHE D 590 -12.03 -31.10 57.25
CA PHE D 590 -10.65 -30.86 56.86
C PHE D 590 -9.98 -29.99 57.92
N GLY D 591 -9.08 -30.60 58.72
CA GLY D 591 -8.53 -29.90 59.87
C GLY D 591 -9.68 -29.48 60.79
N ASP D 592 -9.70 -28.20 61.18
CA ASP D 592 -10.71 -27.68 62.10
C ASP D 592 -11.94 -27.16 61.34
N GLY D 593 -11.92 -27.18 60.00
CA GLY D 593 -13.00 -26.61 59.21
C GLY D 593 -13.75 -27.64 58.37
N LYS D 594 -14.50 -27.13 57.39
CA LYS D 594 -15.40 -27.90 56.54
C LYS D 594 -15.47 -27.26 55.15
N ALA D 595 -15.48 -28.12 54.11
CA ALA D 595 -15.66 -27.67 52.74
C ALA D 595 -16.76 -28.45 52.06
N ALA D 596 -17.75 -27.71 51.55
CA ALA D 596 -18.82 -28.28 50.77
C ALA D 596 -18.52 -28.12 49.29
N TYR D 597 -18.82 -29.17 48.52
CA TYR D 597 -18.67 -29.21 47.08
C TYR D 597 -20.04 -29.40 46.44
N VAL D 598 -20.40 -28.42 45.58
CA VAL D 598 -21.60 -28.44 44.77
C VAL D 598 -21.19 -28.70 43.32
N GLY D 599 -21.47 -29.93 42.84
CA GLY D 599 -20.87 -30.43 41.62
C GLY D 599 -21.81 -30.32 40.43
N ALA D 600 -22.62 -29.26 40.41
CA ALA D 600 -23.49 -28.97 39.29
C ALA D 600 -23.97 -27.53 39.39
N ARG D 601 -24.46 -26.99 38.27
CA ARG D 601 -25.10 -25.68 38.29
C ARG D 601 -26.56 -25.84 38.70
N LEU D 602 -26.91 -25.28 39.85
CA LEU D 602 -28.26 -25.41 40.37
C LEU D 602 -29.06 -24.12 40.23
N GLY D 603 -28.45 -23.01 39.76
CA GLY D 603 -29.15 -21.75 39.63
C GLY D 603 -29.53 -21.14 40.99
N ARG D 604 -30.00 -19.90 40.96
CA ARG D 604 -30.51 -19.27 42.17
C ARG D 604 -31.43 -20.23 42.93
N GLU D 605 -32.41 -20.75 42.20
CA GLU D 605 -33.54 -21.43 42.80
C GLU D 605 -33.07 -22.75 43.43
N GLY D 606 -32.19 -23.47 42.72
CA GLY D 606 -31.65 -24.72 43.22
C GLY D 606 -30.67 -24.53 44.37
N LEU D 607 -29.85 -23.47 44.31
CA LEU D 607 -28.95 -23.18 45.41
C LEU D 607 -29.76 -22.81 46.67
N ALA D 608 -30.81 -22.03 46.46
CA ALA D 608 -31.66 -21.55 47.54
C ALA D 608 -32.27 -22.72 48.32
N LYS D 609 -32.78 -23.72 47.60
CA LYS D 609 -33.39 -24.88 48.21
C LYS D 609 -32.34 -25.79 48.86
N SER D 610 -31.09 -25.79 48.37
CA SER D 610 -30.04 -26.66 48.86
C SER D 610 -29.36 -26.13 50.13
N LEU D 611 -29.50 -24.81 50.39
CA LEU D 611 -28.66 -24.11 51.35
C LEU D 611 -29.04 -24.40 52.80
N PRO D 612 -30.33 -24.53 53.19
CA PRO D 612 -30.66 -24.84 54.59
C PRO D 612 -29.86 -26.02 55.17
N ALA D 613 -29.81 -27.14 54.46
CA ALA D 613 -29.03 -28.30 54.90
C ALA D 613 -27.54 -27.97 54.98
N LEU D 614 -27.05 -27.15 54.04
CA LEU D 614 -25.62 -26.89 53.93
C LEU D 614 -25.17 -25.92 55.02
N LEU D 615 -25.99 -24.89 55.27
CA LEU D 615 -25.70 -23.92 56.32
C LEU D 615 -25.68 -24.64 57.67
N GLU D 616 -26.62 -25.56 57.88
CA GLU D 616 -26.66 -26.31 59.14
C GLU D 616 -25.35 -27.08 59.30
N GLU D 617 -24.98 -27.86 58.28
CA GLU D 617 -23.75 -28.64 58.30
C GLU D 617 -22.53 -27.81 58.68
N LEU D 618 -22.43 -26.59 58.12
CA LEU D 618 -21.25 -25.75 58.27
C LEU D 618 -21.36 -24.83 59.49
N GLY D 619 -22.53 -24.84 60.14
CA GLY D 619 -22.75 -24.09 61.37
C GLY D 619 -22.98 -22.60 61.15
N ILE D 620 -23.60 -22.24 60.03
CA ILE D 620 -23.83 -20.83 59.69
C ILE D 620 -25.29 -20.47 60.00
N GLU D 621 -25.51 -19.68 61.07
CA GLU D 621 -26.84 -19.39 61.58
C GLU D 621 -27.54 -18.35 60.69
N THR D 622 -28.82 -18.63 60.41
CA THR D 622 -29.66 -17.68 59.72
C THR D 622 -31.02 -17.67 60.43
N SER D 623 -31.91 -16.76 60.02
CA SER D 623 -33.26 -16.68 60.52
C SER D 623 -34.03 -17.94 60.13
N ALA D 624 -35.02 -18.32 60.96
CA ALA D 624 -35.89 -19.45 60.68
C ALA D 624 -37.20 -19.01 60.02
N GLU D 625 -37.42 -17.69 59.92
CA GLU D 625 -38.67 -17.13 59.42
C GLU D 625 -38.86 -17.45 57.94
N ASP D 626 -40.08 -17.82 57.56
CA ASP D 626 -40.42 -18.18 56.19
C ASP D 626 -40.37 -16.98 55.25
N ASP D 627 -40.34 -15.76 55.81
CA ASP D 627 -40.42 -14.56 55.00
C ASP D 627 -39.03 -13.96 54.79
N ARG D 628 -38.01 -14.68 55.28
CA ARG D 628 -36.66 -14.15 55.41
C ARG D 628 -36.09 -13.70 54.07
N GLY D 629 -36.59 -14.25 52.96
CA GLY D 629 -36.07 -13.92 51.64
C GLY D 629 -36.73 -12.71 50.99
N GLU D 630 -37.87 -12.25 51.55
CA GLU D 630 -38.68 -11.22 50.94
C GLU D 630 -37.94 -9.89 50.84
N VAL D 631 -37.09 -9.58 51.84
CA VAL D 631 -36.38 -8.31 51.87
C VAL D 631 -34.87 -8.56 52.01
N LEU D 632 -34.11 -7.71 51.31
CA LEU D 632 -32.67 -7.63 51.52
C LEU D 632 -32.36 -6.60 52.60
N ARG D 633 -31.71 -7.09 53.66
CA ARG D 633 -31.21 -6.28 54.77
C ARG D 633 -29.78 -5.88 54.51
N VAL D 634 -29.54 -4.56 54.42
CA VAL D 634 -28.20 -4.02 54.21
C VAL D 634 -27.92 -3.01 55.31
N GLU D 635 -26.74 -3.11 55.94
CA GLU D 635 -26.38 -2.33 57.12
C GLU D 635 -25.07 -1.61 56.93
N ARG D 636 -25.03 -0.33 57.35
CA ARG D 636 -23.81 0.43 57.46
C ARG D 636 -23.62 0.86 58.92
N ALA D 637 -22.37 0.90 59.38
CA ALA D 637 -22.02 1.34 60.74
C ALA D 637 -20.63 1.97 60.75
N ASP D 638 -20.41 2.87 61.73
CA ASP D 638 -19.08 3.37 62.02
C ASP D 638 -18.38 2.32 62.88
N GLU D 639 -17.12 2.58 63.21
CA GLU D 639 -16.30 1.60 63.88
C GLU D 639 -16.77 1.37 65.33
N THR D 640 -17.14 2.46 66.02
CA THR D 640 -17.66 2.34 67.38
C THR D 640 -18.96 1.53 67.38
N GLY D 641 -19.75 1.62 66.30
CA GLY D 641 -21.07 1.02 66.23
C GLY D 641 -22.17 2.00 66.65
N GLU D 642 -21.79 3.26 66.88
CA GLU D 642 -22.67 4.30 67.42
C GLU D 642 -23.67 4.81 66.37
N ASN D 643 -23.33 4.71 65.09
CA ASN D 643 -24.16 5.23 64.01
C ASN D 643 -24.44 4.09 63.06
N HIS D 644 -25.53 3.36 63.34
CA HIS D 644 -25.82 2.08 62.71
C HIS D 644 -27.14 2.21 61.96
N PHE D 645 -27.07 2.07 60.62
CA PHE D 645 -28.22 2.22 59.73
C PHE D 645 -28.64 0.87 59.18
N VAL D 646 -29.97 0.62 59.09
CA VAL D 646 -30.48 -0.55 58.40
C VAL D 646 -31.35 -0.12 57.22
N PHE D 647 -31.04 -0.68 56.04
CA PHE D 647 -31.78 -0.46 54.80
C PHE D 647 -32.53 -1.75 54.47
N LEU D 648 -33.86 -1.66 54.29
CA LEU D 648 -34.67 -2.84 54.01
C LEU D 648 -35.36 -2.65 52.67
N PHE D 649 -34.93 -3.47 51.69
CA PHE D 649 -35.46 -3.43 50.33
C PHE D 649 -36.38 -4.63 50.07
N ASN D 650 -37.54 -4.37 49.49
CA ASN D 650 -38.44 -5.43 49.08
C ASN D 650 -37.94 -6.01 47.76
N ARG D 651 -37.82 -7.34 47.70
CA ARG D 651 -37.32 -8.04 46.52
C ARG D 651 -38.46 -8.66 45.69
N THR D 652 -39.70 -8.49 46.14
CA THR D 652 -40.80 -9.27 45.59
C THR D 652 -41.83 -8.33 44.97
N HIS D 653 -42.83 -8.92 44.32
CA HIS D 653 -44.00 -8.19 43.83
C HIS D 653 -45.17 -8.29 44.80
N ASP D 654 -44.91 -8.66 46.06
CA ASP D 654 -45.91 -8.65 47.12
C ASP D 654 -45.57 -7.54 48.11
N VAL D 655 -46.54 -7.23 48.98
CA VAL D 655 -46.31 -6.36 50.13
C VAL D 655 -45.47 -7.16 51.11
N ALA D 656 -44.34 -6.59 51.57
CA ALA D 656 -43.51 -7.25 52.57
C ALA D 656 -43.64 -6.52 53.91
N VAL D 657 -43.87 -7.30 54.97
CA VAL D 657 -44.04 -6.73 56.31
C VAL D 657 -42.76 -7.02 57.10
N VAL D 658 -42.26 -6.01 57.82
CA VAL D 658 -40.99 -6.09 58.53
C VAL D 658 -41.14 -5.40 59.88
N ASP D 659 -40.34 -5.82 60.87
CA ASP D 659 -40.20 -5.11 62.14
C ASP D 659 -39.36 -3.84 61.96
N VAL D 660 -39.84 -2.71 62.50
CA VAL D 660 -39.09 -1.46 62.53
C VAL D 660 -38.25 -1.43 63.81
N GLU D 661 -36.92 -1.38 63.68
CA GLU D 661 -36.01 -1.66 64.79
C GLU D 661 -35.36 -0.40 65.36
N GLY D 662 -35.53 0.76 64.73
CA GLY D 662 -35.05 2.00 65.33
C GLY D 662 -35.89 3.16 64.83
N GLU D 663 -35.26 4.31 64.55
CA GLU D 663 -36.01 5.45 64.08
C GLU D 663 -36.08 5.41 62.55
N PRO D 664 -37.30 5.39 61.96
CA PRO D 664 -37.47 5.49 60.51
C PRO D 664 -37.09 6.88 60.00
N LEU D 665 -36.27 6.90 58.94
CA LEU D 665 -35.70 8.14 58.44
C LEU D 665 -36.19 8.40 57.02
N VAL D 666 -36.18 7.36 56.18
CA VAL D 666 -36.64 7.46 54.82
C VAL D 666 -37.56 6.26 54.57
N ALA D 667 -38.74 6.56 54.05
CA ALA D 667 -39.61 5.53 53.53
C ALA D 667 -39.99 5.94 52.11
N SER D 668 -39.75 5.03 51.17
CA SER D 668 -40.27 5.15 49.82
C SER D 668 -41.18 3.94 49.54
N LEU D 669 -42.47 4.21 49.29
CA LEU D 669 -43.45 3.15 49.07
C LEU D 669 -43.41 2.19 50.24
N ALA D 670 -43.34 2.75 51.45
CA ALA D 670 -43.45 1.95 52.65
C ALA D 670 -44.25 2.77 53.67
N GLN D 671 -44.96 2.09 54.56
CA GLN D 671 -45.76 2.79 55.56
C GLN D 671 -45.53 2.15 56.91
N VAL D 672 -45.08 2.99 57.86
CA VAL D 672 -44.75 2.54 59.21
C VAL D 672 -46.02 2.60 60.06
N ASN D 673 -46.22 1.57 60.88
CA ASN D 673 -47.23 1.57 61.93
C ASN D 673 -46.51 1.80 63.25
N GLU D 674 -46.49 3.06 63.72
CA GLU D 674 -45.76 3.44 64.92
C GLU D 674 -46.24 2.64 66.13
N SER D 675 -47.55 2.36 66.20
CA SER D 675 -48.11 1.69 67.37
C SER D 675 -47.63 0.24 67.47
N GLU D 676 -47.47 -0.45 66.33
CA GLU D 676 -47.12 -1.87 66.32
C GLU D 676 -45.64 -2.08 65.95
N HIS D 677 -44.95 -1.01 65.53
CA HIS D 677 -43.51 -1.05 65.28
C HIS D 677 -43.21 -1.99 64.12
N THR D 678 -44.10 -1.95 63.11
CA THR D 678 -43.95 -2.70 61.87
C THR D 678 -44.16 -1.76 60.68
N ALA D 679 -43.74 -2.21 59.49
CA ALA D 679 -44.02 -1.47 58.27
C ALA D 679 -44.34 -2.41 57.11
N ALA D 680 -45.15 -1.89 56.20
CA ALA D 680 -45.53 -2.59 54.99
C ALA D 680 -44.79 -1.93 53.83
N ILE D 681 -43.93 -2.72 53.19
CA ILE D 681 -43.16 -2.22 52.06
C ILE D 681 -43.79 -2.72 50.76
N GLN D 682 -44.19 -1.75 49.93
CA GLN D 682 -44.77 -2.02 48.63
C GLN D 682 -43.68 -2.59 47.73
N PRO D 683 -44.04 -3.25 46.61
CA PRO D 683 -43.07 -3.61 45.58
C PRO D 683 -42.23 -2.38 45.22
N ASN D 684 -40.91 -2.56 45.03
CA ASN D 684 -39.99 -1.49 44.69
C ASN D 684 -39.86 -0.49 45.86
N GLY D 685 -40.24 -0.93 47.07
CA GLY D 685 -40.19 -0.07 48.25
C GLY D 685 -38.92 -0.30 49.06
N VAL D 686 -38.60 0.67 49.93
CA VAL D 686 -37.45 0.56 50.82
C VAL D 686 -37.70 1.39 52.07
N LEU D 687 -37.29 0.85 53.22
CA LEU D 687 -37.27 1.60 54.47
C LEU D 687 -35.84 1.70 55.00
N VAL D 688 -35.47 2.88 55.51
CA VAL D 688 -34.19 3.15 56.13
C VAL D 688 -34.38 3.57 57.59
N VAL D 689 -33.76 2.85 58.53
CA VAL D 689 -33.84 3.19 59.95
C VAL D 689 -32.44 3.41 60.51
N LYS D 690 -32.34 4.21 61.59
CA LYS D 690 -31.15 4.28 62.43
C LYS D 690 -31.41 3.62 63.80
N LEU D 691 -30.55 2.69 64.23
CA LEU D 691 -30.76 1.94 65.47
C LEU D 691 -30.51 2.84 66.68
N MET E 1 -7.97 30.07 -34.45
CA MET E 1 -7.70 30.75 -33.15
C MET E 1 -7.92 32.27 -33.29
N GLU E 2 -8.81 32.81 -32.45
CA GLU E 2 -8.93 34.26 -32.28
C GLU E 2 -8.24 34.69 -30.99
N HIS E 3 -7.70 35.91 -30.96
CA HIS E 3 -7.23 36.52 -29.74
C HIS E 3 -8.40 37.14 -28.99
N ARG E 4 -8.27 37.32 -27.67
CA ARG E 4 -9.24 38.10 -26.94
C ARG E 4 -9.04 39.55 -27.36
N ALA E 5 -10.04 40.39 -27.04
CA ALA E 5 -9.95 41.81 -27.26
C ALA E 5 -8.84 42.36 -26.36
N PHE E 6 -8.08 43.33 -26.89
CA PHE E 6 -6.98 43.93 -26.16
C PHE E 6 -7.53 44.81 -25.03
N LYS E 7 -7.01 44.64 -23.80
CA LYS E 7 -7.35 45.52 -22.69
C LYS E 7 -6.09 45.79 -21.89
N TRP E 8 -5.90 47.06 -21.54
CA TRP E 8 -4.71 47.48 -20.83
C TRP E 8 -5.15 48.01 -19.47
N PRO E 9 -4.35 47.82 -18.37
CA PRO E 9 -4.69 48.42 -17.09
C PRO E 9 -4.73 49.95 -17.19
N GLN E 10 -5.78 50.54 -16.61
CA GLN E 10 -6.09 51.94 -16.85
C GLN E 10 -5.65 52.76 -15.66
N PRO E 11 -5.38 54.06 -15.85
CA PRO E 11 -4.89 54.92 -14.77
C PRO E 11 -5.91 55.01 -13.63
N LEU E 12 -5.42 55.33 -12.42
CA LEU E 12 -6.33 55.64 -11.33
C LEU E 12 -7.11 56.90 -11.69
N ALA E 13 -8.29 57.05 -11.10
CA ALA E 13 -9.09 58.25 -11.32
C ALA E 13 -8.25 59.48 -10.99
N GLY E 14 -8.12 60.40 -11.94
CA GLY E 14 -7.39 61.65 -11.71
C GLY E 14 -5.94 61.60 -12.19
N ASN E 15 -5.53 60.46 -12.75
CA ASN E 15 -4.17 60.26 -13.22
C ASN E 15 -4.18 60.22 -14.75
N LYS E 16 -3.06 60.59 -15.35
CA LYS E 16 -2.90 60.48 -16.79
C LYS E 16 -2.20 59.15 -17.10
N PRO E 17 -2.35 58.63 -18.34
CA PRO E 17 -1.55 57.49 -18.82
C PRO E 17 -0.05 57.67 -18.56
N ARG E 18 0.55 56.65 -17.95
CA ARG E 18 1.98 56.58 -17.69
C ARG E 18 2.48 55.24 -18.22
N ILE E 19 3.78 55.15 -18.53
CA ILE E 19 4.43 53.86 -18.61
C ILE E 19 4.37 53.28 -17.20
N TRP E 20 3.67 52.18 -17.02
CA TRP E 20 3.63 51.54 -15.73
C TRP E 20 5.05 51.18 -15.27
N TYR E 21 5.38 51.54 -14.03
CA TYR E 21 6.71 51.31 -13.46
C TYR E 21 6.56 50.81 -12.03
N GLY E 22 7.07 49.60 -11.75
CA GLY E 22 7.05 49.12 -10.38
C GLY E 22 7.55 47.69 -10.27
N GLY E 23 6.84 46.85 -9.52
CA GLY E 23 7.34 45.52 -9.27
C GLY E 23 6.46 44.75 -8.29
N ASP E 24 6.83 43.49 -8.06
CA ASP E 24 6.17 42.66 -7.08
C ASP E 24 6.38 43.29 -5.72
N TYR E 25 5.29 43.42 -4.97
CA TYR E 25 5.34 44.02 -3.64
C TYR E 25 4.81 43.01 -2.63
N ASN E 26 5.59 42.73 -1.61
CA ASN E 26 5.28 41.70 -0.63
C ASN E 26 5.36 42.26 0.78
N PRO E 27 4.42 43.18 1.13
CA PRO E 27 4.39 43.76 2.47
C PRO E 27 4.10 42.71 3.57
N ASP E 28 3.51 41.57 3.19
CA ASP E 28 3.27 40.48 4.15
C ASP E 28 4.58 39.93 4.73
N GLN E 29 5.73 40.23 4.10
CA GLN E 29 7.01 39.78 4.63
C GLN E 29 7.67 40.79 5.57
N TRP E 30 7.00 41.91 5.91
CA TRP E 30 7.59 42.99 6.68
C TRP E 30 6.64 43.49 7.78
N PRO E 31 7.17 44.00 8.91
CA PRO E 31 6.35 44.68 9.89
C PRO E 31 5.65 45.86 9.24
N GLU E 32 4.46 46.18 9.77
CA GLU E 32 3.59 47.12 9.11
C GLU E 32 4.22 48.52 8.97
N GLU E 33 5.08 48.92 9.92
CA GLU E 33 5.64 50.26 9.89
C GLU E 33 6.51 50.45 8.64
N VAL E 34 7.02 49.37 8.03
CA VAL E 34 7.88 49.47 6.86
C VAL E 34 7.08 49.96 5.66
N TRP E 35 5.75 49.74 5.64
CA TRP E 35 4.94 49.95 4.45
C TRP E 35 4.90 51.45 4.11
N ASP E 36 4.99 52.31 5.15
CA ASP E 36 4.98 53.75 4.91
C ASP E 36 6.31 54.17 4.29
N GLU E 37 7.43 53.59 4.78
CA GLU E 37 8.74 53.85 4.17
C GLU E 37 8.72 53.39 2.70
N ASP E 38 8.12 52.21 2.47
CA ASP E 38 7.96 51.66 1.12
C ASP E 38 7.27 52.69 0.22
N VAL E 39 6.15 53.25 0.70
CA VAL E 39 5.36 54.17 -0.09
C VAL E 39 6.15 55.44 -0.40
N ALA E 40 6.85 56.00 0.59
CA ALA E 40 7.65 57.20 0.37
C ALA E 40 8.73 56.94 -0.69
N LEU E 41 9.44 55.82 -0.57
CA LEU E 41 10.50 55.47 -1.50
C LEU E 41 9.92 55.23 -2.91
N MET E 42 8.72 54.63 -2.99
CA MET E 42 8.14 54.35 -4.29
C MET E 42 7.86 55.66 -5.06
N GLN E 43 7.38 56.68 -4.33
CA GLN E 43 7.11 57.99 -4.91
C GLN E 43 8.39 58.66 -5.37
N GLN E 44 9.48 58.53 -4.59
CA GLN E 44 10.78 59.05 -4.97
C GLN E 44 11.24 58.43 -6.29
N ALA E 45 11.09 57.11 -6.37
CA ALA E 45 11.51 56.35 -7.54
C ALA E 45 10.63 56.61 -8.77
N GLY E 46 9.43 57.20 -8.62
CA GLY E 46 8.48 57.30 -9.71
C GLY E 46 7.73 55.99 -10.02
N VAL E 47 7.64 55.09 -9.02
CA VAL E 47 6.87 53.86 -9.11
C VAL E 47 5.38 54.18 -9.03
N ASN E 48 4.59 53.59 -9.95
CA ASN E 48 3.17 53.95 -10.04
C ASN E 48 2.27 52.73 -10.11
N LEU E 49 2.85 51.51 -10.11
CA LEU E 49 2.09 50.28 -10.07
C LEU E 49 2.88 49.21 -9.33
N VAL E 50 2.21 48.44 -8.46
CA VAL E 50 2.81 47.25 -7.88
C VAL E 50 1.87 46.06 -7.98
N SER E 51 2.46 44.86 -7.95
CA SER E 51 1.75 43.60 -8.05
C SER E 51 1.78 42.90 -6.69
N VAL E 52 0.59 42.71 -6.09
CA VAL E 52 0.49 42.37 -4.68
C VAL E 52 -0.24 41.05 -4.54
N ALA E 53 0.09 40.31 -3.48
CA ALA E 53 -0.61 39.12 -3.00
C ALA E 53 -0.34 37.83 -3.79
N ILE E 54 0.71 37.79 -4.60
CA ILE E 54 0.92 36.70 -5.54
C ILE E 54 1.07 35.35 -4.81
N PHE E 55 1.78 35.30 -3.69
CA PHE E 55 1.94 34.07 -2.91
C PHE E 55 1.36 34.23 -1.51
N SER E 56 0.23 34.94 -1.37
CA SER E 56 -0.26 35.30 -0.04
C SER E 56 -1.39 34.37 0.44
N TRP E 57 -1.58 33.19 -0.18
CA TRP E 57 -2.71 32.34 0.14
C TRP E 57 -2.74 31.99 1.63
N ALA E 58 -1.57 31.72 2.21
CA ALA E 58 -1.59 31.23 3.59
C ALA E 58 -1.86 32.40 4.56
N LYS E 59 -1.85 33.64 4.06
CA LYS E 59 -2.29 34.76 4.89
C LYS E 59 -3.75 35.13 4.60
N LEU E 60 -4.16 35.00 3.34
CA LEU E 60 -5.53 35.30 2.90
C LEU E 60 -6.51 34.24 3.41
N GLU E 61 -6.10 32.97 3.36
CA GLU E 61 -6.97 31.89 3.81
C GLU E 61 -6.18 31.02 4.79
N PRO E 62 -6.00 31.48 6.04
CA PRO E 62 -5.01 30.88 6.93
C PRO E 62 -5.42 29.51 7.47
N GLU E 63 -6.72 29.16 7.35
CA GLU E 63 -7.18 27.80 7.50
C GLU E 63 -8.41 27.64 6.59
N GLU E 64 -8.84 26.40 6.32
CA GLU E 64 -9.90 26.21 5.34
C GLU E 64 -11.16 27.00 5.74
N GLY E 65 -11.59 27.89 4.85
CA GLY E 65 -12.89 28.56 5.00
C GLY E 65 -12.85 29.80 5.89
N VAL E 66 -11.66 30.17 6.37
CA VAL E 66 -11.45 31.41 7.13
C VAL E 66 -10.66 32.37 6.25
N TYR E 67 -11.17 33.59 6.09
CA TYR E 67 -10.57 34.56 5.18
C TYR E 67 -10.15 35.78 5.98
N ASP E 68 -8.96 36.34 5.65
CA ASP E 68 -8.40 37.47 6.36
C ASP E 68 -7.89 38.48 5.33
N PHE E 69 -8.69 39.52 5.06
CA PHE E 69 -8.39 40.47 4.00
C PHE E 69 -7.94 41.83 4.54
N ASP E 70 -8.06 42.06 5.85
CA ASP E 70 -7.88 43.40 6.42
C ASP E 70 -6.49 43.95 6.09
N TRP E 71 -5.45 43.13 6.32
CA TRP E 71 -4.09 43.58 6.08
C TRP E 71 -3.96 44.10 4.64
N LEU E 72 -4.59 43.38 3.69
CA LEU E 72 -4.47 43.70 2.28
C LEU E 72 -5.31 44.92 1.90
N ASP E 73 -6.49 45.06 2.52
CA ASP E 73 -7.25 46.30 2.39
C ASP E 73 -6.41 47.51 2.78
N ARG E 74 -5.70 47.38 3.91
CA ARG E 74 -4.92 48.48 4.46
C ARG E 74 -3.73 48.82 3.57
N VAL E 75 -3.04 47.81 3.02
CA VAL E 75 -1.92 48.13 2.15
C VAL E 75 -2.41 48.73 0.83
N ILE E 76 -3.55 48.23 0.30
CA ILE E 76 -4.04 48.72 -0.98
C ILE E 76 -4.46 50.19 -0.82
N ASP E 77 -4.97 50.53 0.37
CA ASP E 77 -5.42 51.89 0.65
C ASP E 77 -4.21 52.85 0.72
N LYS E 78 -3.17 52.45 1.46
CA LYS E 78 -1.93 53.22 1.50
C LYS E 78 -1.45 53.53 0.08
N LEU E 79 -1.39 52.49 -0.76
CA LEU E 79 -0.82 52.63 -2.09
C LEU E 79 -1.68 53.59 -2.91
N GLY E 80 -3.00 53.31 -2.93
CA GLY E 80 -3.97 54.08 -3.68
C GLY E 80 -3.98 55.57 -3.28
N LYS E 81 -4.01 55.84 -1.98
CA LYS E 81 -3.95 57.21 -1.47
C LYS E 81 -2.71 57.94 -2.01
N ALA E 82 -1.61 57.21 -2.21
CA ALA E 82 -0.34 57.81 -2.62
C ALA E 82 -0.24 57.85 -4.14
N GLY E 83 -1.31 57.44 -4.83
CA GLY E 83 -1.36 57.53 -6.28
C GLY E 83 -0.74 56.32 -6.97
N ILE E 84 -0.58 55.21 -6.24
CA ILE E 84 0.07 54.01 -6.76
C ILE E 84 -1.00 52.94 -7.02
N ALA E 85 -1.06 52.45 -8.27
CA ALA E 85 -2.06 51.47 -8.70
C ALA E 85 -1.65 50.07 -8.26
N VAL E 86 -2.65 49.18 -8.06
CA VAL E 86 -2.41 47.81 -7.65
C VAL E 86 -2.87 46.85 -8.74
N ASP E 87 -1.92 46.04 -9.22
CA ASP E 87 -2.18 44.84 -10.00
C ASP E 87 -2.37 43.68 -9.01
N LEU E 88 -3.62 43.23 -8.81
CA LEU E 88 -3.91 42.34 -7.71
C LEU E 88 -3.90 40.90 -8.20
N ALA E 89 -3.28 40.02 -7.42
CA ALA E 89 -3.16 38.64 -7.83
C ALA E 89 -4.38 37.89 -7.33
N SER E 90 -4.66 36.75 -7.96
CA SER E 90 -5.63 35.77 -7.51
C SER E 90 -5.24 35.26 -6.13
N GLY E 91 -3.93 35.20 -5.88
CA GLY E 91 -3.39 34.65 -4.65
C GLY E 91 -3.26 33.12 -4.68
N THR E 92 -3.55 32.52 -5.84
CA THR E 92 -3.66 31.07 -5.96
C THR E 92 -2.39 30.42 -6.52
N ALA E 93 -1.25 31.14 -6.53
CA ALA E 93 -0.03 30.62 -7.16
C ALA E 93 0.42 29.33 -6.48
N SER E 94 0.34 29.27 -5.15
CA SER E 94 0.85 28.11 -4.43
C SER E 94 0.03 27.92 -3.19
N PRO E 95 -0.35 26.66 -2.87
CA PRO E 95 -1.23 26.40 -1.74
C PRO E 95 -0.57 26.44 -0.38
N PRO E 96 -1.33 26.74 0.69
CA PRO E 96 -0.84 26.66 2.06
C PRO E 96 -0.69 25.22 2.54
N MET E 97 0.08 25.07 3.61
CA MET E 97 0.34 23.78 4.21
C MET E 97 -0.94 23.07 4.63
N TRP E 98 -1.91 23.78 5.26
CA TRP E 98 -3.10 23.11 5.74
C TRP E 98 -3.75 22.30 4.61
N MET E 99 -3.77 22.87 3.40
CA MET E 99 -4.48 22.29 2.27
C MET E 99 -3.81 21.00 1.76
N THR E 100 -2.46 20.97 1.62
CA THR E 100 -1.76 19.80 1.12
C THR E 100 -1.68 18.75 2.24
N GLN E 101 -1.76 19.16 3.50
CA GLN E 101 -1.83 18.21 4.61
C GLN E 101 -3.16 17.47 4.55
N ALA E 102 -4.25 18.22 4.32
CA ALA E 102 -5.57 17.61 4.28
C ALA E 102 -5.78 16.84 2.98
N HIS E 103 -5.28 17.37 1.85
CA HIS E 103 -5.45 16.76 0.54
C HIS E 103 -4.12 16.47 -0.17
N PRO E 104 -3.39 15.42 0.20
CA PRO E 104 -2.12 15.11 -0.47
C PRO E 104 -2.27 14.78 -1.97
N GLU E 105 -3.51 14.43 -2.42
CA GLU E 105 -3.81 14.13 -3.82
C GLU E 105 -3.70 15.39 -4.68
N ILE E 106 -3.41 16.54 -4.06
CA ILE E 106 -3.15 17.78 -4.80
C ILE E 106 -1.73 17.79 -5.41
N LEU E 107 -0.82 17.03 -4.80
CA LEU E 107 0.60 17.15 -5.09
C LEU E 107 0.93 16.39 -6.39
N TRP E 108 1.58 17.07 -7.32
CA TRP E 108 2.03 16.45 -8.57
C TRP E 108 3.05 15.33 -8.31
N VAL E 109 3.14 14.43 -9.30
CA VAL E 109 3.85 13.15 -9.21
C VAL E 109 4.84 13.06 -10.38
N ASP E 110 6.09 12.67 -10.11
CA ASP E 110 7.11 12.63 -11.17
C ASP E 110 7.05 11.31 -11.95
N TYR E 111 7.99 11.16 -12.90
CA TYR E 111 7.94 10.11 -13.89
C TYR E 111 8.14 8.75 -13.21
N ARG E 112 8.70 8.75 -12.00
CA ARG E 112 8.96 7.52 -11.25
C ARG E 112 7.92 7.24 -10.19
N GLY E 113 6.92 8.12 -10.08
CA GLY E 113 5.85 7.92 -9.13
C GLY E 113 6.10 8.62 -7.80
N ASP E 114 7.19 9.40 -7.70
CA ASP E 114 7.55 10.09 -6.47
C ASP E 114 6.79 11.42 -6.36
N VAL E 115 6.25 11.69 -5.17
CA VAL E 115 5.32 12.81 -4.98
C VAL E 115 6.09 14.06 -4.56
N CYS E 116 6.01 15.13 -5.36
CA CYS E 116 6.57 16.42 -5.00
C CYS E 116 5.91 16.96 -3.72
N GLN E 117 6.74 17.27 -2.72
CA GLN E 117 6.25 17.76 -1.44
C GLN E 117 6.23 19.29 -1.41
N PRO E 118 5.47 19.86 -0.44
CA PRO E 118 5.67 21.27 -0.09
C PRO E 118 7.12 21.50 0.38
N GLY E 119 7.54 22.76 0.40
CA GLY E 119 8.87 23.16 0.83
C GLY E 119 9.38 24.28 -0.07
N ALA E 120 8.81 24.34 -1.28
CA ALA E 120 9.08 25.45 -2.21
C ALA E 120 7.76 26.03 -2.69
N ARG E 121 7.43 25.90 -3.98
CA ARG E 121 6.18 26.43 -4.50
C ARG E 121 5.69 25.66 -5.74
N GLN E 122 4.37 25.81 -6.00
CA GLN E 122 3.67 25.37 -7.21
C GLN E 122 3.65 23.85 -7.31
N HIS E 123 3.52 23.19 -6.16
CA HIS E 123 3.49 21.75 -6.03
C HIS E 123 2.09 21.17 -6.21
N TRP E 124 1.35 21.64 -7.21
CA TRP E 124 0.01 21.15 -7.48
C TRP E 124 -0.08 20.60 -8.91
N ARG E 125 -0.96 19.60 -9.10
CA ARG E 125 -1.27 18.98 -10.38
C ARG E 125 -2.22 19.86 -11.20
N ALA E 126 -1.93 20.10 -12.48
CA ALA E 126 -2.79 20.88 -13.36
C ALA E 126 -4.20 20.27 -13.49
N THR E 127 -4.34 18.96 -13.31
CA THR E 127 -5.61 18.31 -13.59
C THR E 127 -6.24 17.78 -12.30
N SER E 128 -5.83 18.29 -11.14
CA SER E 128 -6.46 17.88 -9.89
C SER E 128 -7.82 18.57 -9.76
N PRO E 129 -8.90 17.81 -9.56
CA PRO E 129 -10.22 18.42 -9.35
C PRO E 129 -10.27 19.18 -8.01
N VAL E 130 -9.61 18.64 -6.97
CA VAL E 130 -9.65 19.19 -5.63
C VAL E 130 -8.98 20.56 -5.61
N PHE E 131 -7.82 20.64 -6.26
CA PHE E 131 -7.07 21.88 -6.25
C PHE E 131 -7.85 22.93 -7.02
N LEU E 132 -8.49 22.56 -8.14
CA LEU E 132 -9.29 23.53 -8.90
C LEU E 132 -10.39 24.11 -8.02
N ASP E 133 -11.03 23.27 -7.19
CA ASP E 133 -12.14 23.70 -6.34
C ASP E 133 -11.62 24.74 -5.34
N TYR E 134 -10.41 24.51 -4.81
CA TYR E 134 -9.80 25.45 -3.88
C TYR E 134 -9.39 26.75 -4.55
N ALA E 135 -8.88 26.68 -5.78
CA ALA E 135 -8.39 27.86 -6.50
C ALA E 135 -9.55 28.77 -6.92
N LEU E 136 -10.61 28.16 -7.45
CA LEU E 136 -11.80 28.88 -7.90
C LEU E 136 -12.51 29.48 -6.69
N ASN E 137 -12.58 28.75 -5.60
CA ASN E 137 -13.07 29.34 -4.38
C ASN E 137 -12.30 30.62 -3.99
N LEU E 138 -10.95 30.60 -3.90
CA LEU E 138 -10.23 31.79 -3.50
C LEU E 138 -10.42 32.88 -4.55
N CYS E 139 -10.46 32.50 -5.84
CA CYS E 139 -10.66 33.50 -6.90
C CYS E 139 -11.97 34.25 -6.64
N ARG E 140 -13.04 33.53 -6.27
CA ARG E 140 -14.36 34.15 -6.09
C ARG E 140 -14.37 35.04 -4.85
N LYS E 141 -13.74 34.59 -3.75
CA LYS E 141 -13.65 35.41 -2.55
C LYS E 141 -12.91 36.72 -2.84
N MET E 142 -11.83 36.62 -3.63
CA MET E 142 -10.99 37.75 -3.91
C MET E 142 -11.76 38.71 -4.83
N ALA E 143 -12.39 38.20 -5.89
CA ALA E 143 -13.12 39.03 -6.83
C ALA E 143 -14.29 39.72 -6.12
N GLU E 144 -14.95 38.96 -5.23
CA GLU E 144 -16.08 39.49 -4.48
C GLU E 144 -15.61 40.64 -3.59
N HIS E 145 -14.44 40.50 -2.95
CA HIS E 145 -14.00 41.48 -1.99
C HIS E 145 -13.43 42.73 -2.66
N TYR E 146 -12.84 42.61 -3.85
CA TYR E 146 -12.12 43.72 -4.48
C TYR E 146 -12.81 44.23 -5.74
N LYS E 147 -14.02 43.70 -6.02
CA LYS E 147 -14.86 44.08 -7.15
C LYS E 147 -14.94 45.60 -7.32
N ASP E 148 -15.12 46.34 -6.22
CA ASP E 148 -15.44 47.76 -6.31
C ASP E 148 -14.30 48.60 -5.74
N ASN E 149 -13.09 48.02 -5.63
CA ASN E 149 -11.95 48.75 -5.12
C ASN E 149 -11.41 49.61 -6.25
N PRO E 150 -11.48 50.96 -6.19
CA PRO E 150 -11.01 51.78 -7.31
C PRO E 150 -9.49 51.78 -7.51
N TYR E 151 -8.74 51.20 -6.57
CA TYR E 151 -7.28 51.23 -6.66
C TYR E 151 -6.72 49.99 -7.38
N VAL E 152 -7.57 48.99 -7.65
CA VAL E 152 -7.12 47.76 -8.29
C VAL E 152 -7.39 47.86 -9.79
N VAL E 153 -6.34 47.84 -10.60
CA VAL E 153 -6.48 48.18 -12.02
C VAL E 153 -6.49 46.94 -12.91
N SER E 154 -6.15 45.75 -12.36
CA SER E 154 -5.92 44.57 -13.16
C SER E 154 -5.77 43.33 -12.27
N TRP E 155 -5.91 42.15 -12.88
CA TRP E 155 -5.77 40.86 -12.24
C TRP E 155 -4.49 40.21 -12.76
N HIS E 156 -3.67 39.69 -11.82
CA HIS E 156 -2.47 38.92 -12.07
C HIS E 156 -2.82 37.50 -11.66
N VAL E 157 -3.21 36.70 -12.65
CA VAL E 157 -3.77 35.40 -12.34
C VAL E 157 -2.65 34.41 -12.07
N SER E 158 -2.68 33.84 -10.86
CA SER E 158 -1.70 32.86 -10.41
C SER E 158 -0.28 33.44 -10.53
N ASN E 159 0.70 32.60 -10.91
CA ASN E 159 2.05 33.07 -11.21
C ASN E 159 2.79 32.03 -12.04
N ALA E 160 3.27 32.48 -13.21
CA ALA E 160 4.13 31.67 -14.08
C ALA E 160 3.75 30.20 -14.04
N TYR E 161 2.60 29.85 -14.64
CA TYR E 161 2.20 28.46 -14.70
C TYR E 161 3.28 27.60 -15.36
N GLY E 162 3.49 26.40 -14.81
CA GLY E 162 4.30 25.38 -15.45
C GLY E 162 5.80 25.53 -15.21
N CYS E 163 6.21 26.53 -14.40
CA CYS E 163 7.61 26.72 -14.09
C CYS E 163 8.12 25.50 -13.33
N HIS E 164 7.30 24.95 -12.41
CA HIS E 164 7.64 23.75 -11.64
C HIS E 164 6.68 22.60 -11.89
N ASN E 165 5.43 22.90 -12.33
CA ASN E 165 4.39 21.89 -12.37
C ASN E 165 3.93 21.58 -13.80
N ARG E 166 4.82 21.84 -14.76
CA ARG E 166 4.60 21.50 -16.17
C ARG E 166 4.14 20.04 -16.31
N PHE E 167 4.85 19.13 -15.66
CA PHE E 167 4.60 17.70 -15.88
C PHE E 167 4.08 17.09 -14.61
N ASP E 168 2.97 16.36 -14.73
CA ASP E 168 2.47 15.51 -13.67
C ASP E 168 2.21 14.13 -14.27
N TYR E 169 2.47 13.08 -13.49
CA TYR E 169 2.31 11.70 -13.96
C TYR E 169 1.33 10.92 -13.09
N SER E 170 0.49 11.64 -12.33
CA SER E 170 -0.51 11.06 -11.45
C SER E 170 -1.64 10.41 -12.26
N GLU E 171 -2.54 9.75 -11.53
CA GLU E 171 -3.79 9.22 -12.07
C GLU E 171 -4.68 10.28 -12.70
N ASP E 172 -4.75 11.49 -12.13
CA ASP E 172 -5.49 12.58 -12.72
C ASP E 172 -4.92 12.93 -14.09
N ALA E 173 -3.58 12.98 -14.21
CA ALA E 173 -2.99 13.30 -15.50
C ALA E 173 -3.22 12.19 -16.51
N GLU E 174 -3.21 10.92 -16.06
CA GLU E 174 -3.41 9.76 -16.91
C GLU E 174 -4.81 9.80 -17.53
N ARG E 175 -5.82 10.09 -16.71
CA ARG E 175 -7.18 10.14 -17.21
C ARG E 175 -7.33 11.32 -18.16
N ALA E 176 -6.80 12.47 -17.79
CA ALA E 176 -6.95 13.69 -18.59
C ALA E 176 -6.26 13.56 -19.94
N PHE E 177 -5.09 12.89 -19.96
CA PHE E 177 -4.35 12.68 -21.18
C PHE E 177 -5.14 11.76 -22.12
N GLN E 178 -5.67 10.67 -21.57
CA GLN E 178 -6.60 9.82 -22.33
C GLN E 178 -7.70 10.65 -22.98
N LYS E 179 -8.36 11.52 -22.23
CA LYS E 179 -9.50 12.27 -22.77
C LYS E 179 -9.02 13.30 -23.78
N TRP E 180 -7.82 13.86 -23.55
CA TRP E 180 -7.25 14.82 -24.47
C TRP E 180 -6.97 14.14 -25.82
N CYS E 181 -6.57 12.87 -25.78
CA CYS E 181 -6.21 12.12 -26.99
C CYS E 181 -7.49 11.74 -27.77
N GLU E 182 -8.53 11.30 -27.06
CA GLU E 182 -9.84 11.04 -27.66
C GLU E 182 -10.34 12.31 -28.35
N LYS E 183 -10.20 13.47 -27.72
CA LYS E 183 -10.70 14.69 -28.30
C LYS E 183 -9.89 15.09 -29.52
N LYS E 184 -8.55 14.91 -29.48
CA LYS E 184 -7.74 15.27 -30.65
C LYS E 184 -7.96 14.27 -31.80
N TYR E 185 -8.03 12.96 -31.53
CA TYR E 185 -7.91 11.96 -32.59
C TYR E 185 -9.22 11.24 -32.91
N GLY E 186 -10.22 11.27 -32.03
CA GLY E 186 -11.49 10.58 -32.27
C GLY E 186 -11.42 9.08 -32.00
N THR E 187 -10.49 8.37 -32.65
CA THR E 187 -10.43 6.91 -32.55
C THR E 187 -9.02 6.47 -32.15
N ILE E 188 -8.94 5.27 -31.56
CA ILE E 188 -7.68 4.72 -31.09
C ILE E 188 -6.77 4.38 -32.28
N ASP E 189 -7.36 4.02 -33.43
CA ASP E 189 -6.59 3.81 -34.64
C ASP E 189 -5.96 5.10 -35.15
N ALA E 190 -6.60 6.27 -34.94
CA ALA E 190 -5.92 7.49 -35.36
C ALA E 190 -4.71 7.76 -34.46
N VAL E 191 -4.78 7.31 -33.19
CA VAL E 191 -3.67 7.45 -32.25
C VAL E 191 -2.56 6.47 -32.65
N ASN E 192 -2.89 5.18 -32.82
CA ASN E 192 -1.95 4.17 -33.28
C ASN E 192 -1.16 4.65 -34.51
N ASP E 193 -1.84 5.29 -35.48
CA ASP E 193 -1.20 5.78 -36.70
CA ASP E 193 -1.18 5.75 -36.69
C ASP E 193 -0.27 6.93 -36.37
N ALA E 194 -0.81 7.95 -35.68
CA ALA E 194 -0.02 9.13 -35.33
C ALA E 194 1.27 8.76 -34.60
N TRP E 195 1.21 7.81 -33.63
CA TRP E 195 2.35 7.55 -32.77
C TRP E 195 3.25 6.47 -33.35
N GLY E 196 2.85 5.84 -34.47
CA GLY E 196 3.60 4.75 -35.08
C GLY E 196 3.73 3.49 -34.22
N THR E 197 2.63 3.05 -33.62
CA THR E 197 2.66 2.03 -32.58
C THR E 197 2.86 0.61 -33.11
N ALA E 198 2.86 0.41 -34.44
CA ALA E 198 3.26 -0.88 -34.98
C ALA E 198 4.70 -1.24 -34.59
N PHE E 199 5.52 -0.21 -34.35
CA PHE E 199 6.91 -0.36 -33.89
C PHE E 199 6.97 -0.74 -32.40
N TRP E 200 7.70 -1.83 -32.07
CA TRP E 200 7.98 -2.25 -30.70
C TRP E 200 6.71 -2.62 -29.93
N ALA E 201 5.72 -3.18 -30.64
CA ALA E 201 4.59 -3.83 -30.01
C ALA E 201 3.81 -2.86 -29.11
N GLN E 202 3.61 -1.63 -29.59
CA GLN E 202 2.98 -0.58 -28.81
C GLN E 202 1.50 -0.36 -29.16
N ARG E 203 0.93 -1.15 -30.07
CA ARG E 203 -0.42 -0.90 -30.58
C ARG E 203 -1.47 -1.08 -29.47
N MET E 204 -2.37 -0.10 -29.40
CA MET E 204 -3.40 -0.09 -28.37
C MET E 204 -4.78 -0.46 -28.94
N ASN E 205 -5.51 -1.23 -28.16
CA ASN E 205 -6.87 -1.66 -28.48
C ASN E 205 -7.90 -0.58 -28.17
N ASN E 206 -7.59 0.34 -27.24
CA ASN E 206 -8.59 1.28 -26.76
C ASN E 206 -7.88 2.38 -25.97
N PHE E 207 -8.63 3.44 -25.61
CA PHE E 207 -8.01 4.62 -25.01
C PHE E 207 -7.61 4.37 -23.55
N SER E 208 -8.08 3.29 -22.95
CA SER E 208 -7.64 2.96 -21.60
C SER E 208 -6.20 2.44 -21.57
N GLU E 209 -5.65 2.06 -22.74
CA GLU E 209 -4.28 1.58 -22.83
C GLU E 209 -3.29 2.72 -23.03
N ILE E 210 -3.75 3.99 -23.09
CA ILE E 210 -2.86 5.13 -23.15
C ILE E 210 -2.41 5.47 -21.73
N ILE E 211 -1.09 5.30 -21.45
CA ILE E 211 -0.50 5.75 -20.21
C ILE E 211 0.46 6.91 -20.49
N PRO E 212 0.73 7.76 -19.47
CA PRO E 212 1.69 8.86 -19.61
C PRO E 212 3.09 8.30 -19.81
N PRO E 213 4.00 9.07 -20.43
CA PRO E 213 5.39 8.63 -20.61
C PRO E 213 6.21 8.61 -19.32
N ARG E 214 5.85 7.63 -18.47
CA ARG E 214 6.48 7.36 -17.20
C ARG E 214 7.84 6.70 -17.43
N PHE E 215 8.57 6.50 -16.33
CA PHE E 215 9.84 5.80 -16.25
C PHE E 215 9.83 4.50 -17.07
N ILE E 216 10.85 4.37 -17.92
CA ILE E 216 11.04 3.22 -18.81
C ILE E 216 12.47 2.69 -18.69
N GLY E 217 13.19 3.10 -17.64
CA GLY E 217 14.60 2.73 -17.52
C GLY E 217 15.47 3.84 -18.06
N ASP E 218 16.52 4.18 -17.30
CA ASP E 218 17.47 5.21 -17.70
C ASP E 218 18.11 4.89 -19.05
N GLY E 219 18.12 5.88 -19.95
CA GLY E 219 18.75 5.73 -21.26
C GLY E 219 17.88 5.05 -22.33
N ASN E 220 16.66 4.59 -21.99
CA ASN E 220 15.79 3.96 -22.96
C ASN E 220 14.95 5.02 -23.68
N PHE E 221 14.26 4.65 -24.77
CA PHE E 221 13.78 5.64 -25.73
C PHE E 221 12.25 5.62 -25.83
N MET E 222 11.65 6.72 -25.39
CA MET E 222 10.20 6.87 -25.33
C MET E 222 9.65 7.00 -26.75
N ASN E 223 8.37 6.66 -26.94
CA ASN E 223 7.69 6.95 -28.18
C ASN E 223 7.71 8.44 -28.48
N PRO E 224 8.32 8.89 -29.59
CA PRO E 224 8.47 10.31 -29.86
C PRO E 224 7.19 11.08 -30.15
N GLY E 225 6.31 10.49 -30.95
CA GLY E 225 4.99 11.06 -31.23
C GLY E 225 4.17 11.31 -29.97
N LYS E 226 4.16 10.31 -29.08
CA LYS E 226 3.51 10.38 -27.80
C LYS E 226 4.14 11.46 -26.90
N LEU E 227 5.47 11.52 -26.85
CA LEU E 227 6.15 12.48 -25.98
C LEU E 227 5.89 13.90 -26.45
N LEU E 228 5.81 14.13 -27.78
CA LEU E 228 5.42 15.44 -28.30
C LEU E 228 3.97 15.78 -27.90
N ASP E 229 3.04 14.84 -28.02
CA ASP E 229 1.65 15.07 -27.59
C ASP E 229 1.60 15.32 -26.07
N TRP E 230 2.47 14.64 -25.29
CA TRP E 230 2.52 14.84 -23.84
C TRP E 230 2.85 16.29 -23.49
N LYS E 231 3.77 16.89 -24.24
CA LYS E 231 4.14 18.28 -24.02
C LYS E 231 2.99 19.20 -24.42
N ARG E 232 2.29 18.87 -25.51
CA ARG E 232 1.16 19.68 -25.98
C ARG E 232 0.03 19.62 -24.95
N PHE E 233 -0.28 18.39 -24.50
CA PHE E 233 -1.25 18.15 -23.45
C PHE E 233 -0.93 18.95 -22.19
N SER E 234 0.32 18.85 -21.73
CA SER E 234 0.73 19.47 -20.46
C SER E 234 0.54 20.99 -20.54
N SER E 235 0.85 21.59 -21.70
CA SER E 235 0.63 23.00 -21.92
C SER E 235 -0.86 23.30 -21.89
N ASP E 236 -1.66 22.45 -22.56
CA ASP E 236 -3.10 22.62 -22.68
C ASP E 236 -3.81 22.43 -21.33
N ALA E 237 -3.35 21.47 -20.52
CA ALA E 237 -3.96 21.27 -19.20
C ALA E 237 -3.79 22.52 -18.32
N LEU E 238 -2.60 23.09 -18.33
CA LEU E 238 -2.39 24.31 -17.56
C LEU E 238 -3.17 25.45 -18.17
N LEU E 239 -3.33 25.50 -19.50
CA LEU E 239 -4.08 26.58 -20.15
C LEU E 239 -5.56 26.52 -19.74
N ASP E 240 -6.09 25.29 -19.56
CA ASP E 240 -7.45 25.12 -19.13
C ASP E 240 -7.63 25.60 -17.69
N PHE E 241 -6.62 25.37 -16.84
CA PHE E 241 -6.66 25.83 -15.46
C PHE E 241 -6.65 27.36 -15.43
N TYR E 242 -5.73 27.96 -16.19
CA TYR E 242 -5.70 29.41 -16.34
C TYR E 242 -7.09 29.96 -16.73
N LYS E 243 -7.67 29.43 -17.82
CA LYS E 243 -8.97 29.87 -18.30
C LYS E 243 -10.03 29.80 -17.20
N ALA E 244 -10.01 28.73 -16.39
CA ALA E 244 -10.99 28.56 -15.34
C ALA E 244 -10.88 29.66 -14.29
N GLU E 245 -9.64 29.94 -13.86
CA GLU E 245 -9.39 30.95 -12.84
C GLU E 245 -9.75 32.30 -13.43
N ARG E 246 -9.30 32.55 -14.66
CA ARG E 246 -9.57 33.81 -15.32
C ARG E 246 -11.08 34.09 -15.33
N ASP E 247 -11.83 33.07 -15.78
CA ASP E 247 -13.28 33.16 -15.92
C ASP E 247 -13.98 33.36 -14.57
N ALA E 248 -13.55 32.67 -13.52
CA ALA E 248 -14.12 32.83 -12.18
C ALA E 248 -13.94 34.26 -11.65
N LEU E 249 -12.79 34.90 -11.93
CA LEU E 249 -12.55 36.27 -11.51
C LEU E 249 -13.43 37.24 -12.31
N LEU E 250 -13.41 37.13 -13.63
CA LEU E 250 -14.04 38.13 -14.48
C LEU E 250 -15.56 38.10 -14.34
N GLU E 251 -16.14 36.95 -13.96
CA GLU E 251 -17.58 36.88 -13.85
C GLU E 251 -18.02 37.82 -12.74
N ILE E 252 -17.16 38.04 -11.72
CA ILE E 252 -17.52 38.84 -10.56
C ILE E 252 -16.94 40.24 -10.68
N ALA E 253 -15.69 40.35 -11.17
CA ALA E 253 -14.94 41.60 -11.15
C ALA E 253 -14.19 41.78 -12.46
N PRO E 254 -14.89 42.18 -13.55
CA PRO E 254 -14.27 42.33 -14.86
C PRO E 254 -13.28 43.49 -14.83
N LYS E 255 -12.00 43.14 -14.89
CA LYS E 255 -10.90 44.07 -14.95
C LYS E 255 -9.91 43.53 -15.97
N PRO E 256 -9.04 44.36 -16.58
CA PRO E 256 -7.98 43.83 -17.45
C PRO E 256 -7.21 42.74 -16.71
N GLN E 257 -6.98 41.61 -17.38
CA GLN E 257 -6.37 40.44 -16.74
C GLN E 257 -5.27 39.86 -17.64
N THR E 258 -4.18 39.39 -16.98
CA THR E 258 -3.09 38.67 -17.61
C THR E 258 -2.59 37.56 -16.67
N THR E 259 -1.73 36.70 -17.22
CA THR E 259 -0.86 35.84 -16.43
C THR E 259 0.52 35.95 -17.07
N ASN E 260 1.55 35.94 -16.22
CA ASN E 260 2.91 36.24 -16.63
C ASN E 260 3.56 35.03 -17.31
N PHE E 261 4.11 35.30 -18.51
CA PHE E 261 4.83 34.33 -19.31
C PHE E 261 6.30 34.30 -18.89
N MET E 262 7.06 33.36 -19.49
CA MET E 262 8.48 33.18 -19.27
C MET E 262 9.19 33.04 -20.61
N VAL E 263 8.90 34.00 -21.50
CA VAL E 263 9.47 34.02 -22.84
C VAL E 263 10.95 34.39 -22.75
N SER E 264 11.80 33.49 -23.25
CA SER E 264 13.22 33.71 -23.42
C SER E 264 13.67 32.77 -24.52
N ALA E 265 14.88 32.95 -25.03
CA ALA E 265 15.31 32.19 -26.20
C ALA E 265 15.10 30.69 -25.98
N GLY E 266 15.44 30.22 -24.78
CA GLY E 266 15.48 28.78 -24.49
C GLY E 266 14.35 28.24 -23.62
N CYS E 267 13.35 29.06 -23.22
CA CYS E 267 12.27 28.55 -22.39
C CYS E 267 11.03 28.21 -23.22
N THR E 268 10.64 26.91 -23.19
CA THR E 268 9.52 26.42 -23.96
C THR E 268 8.63 25.50 -23.12
N VAL E 269 8.42 25.83 -21.84
CA VAL E 269 7.61 25.00 -20.96
C VAL E 269 6.15 24.98 -21.42
N LEU E 270 5.71 26.02 -22.14
CA LEU E 270 4.34 26.15 -22.65
C LEU E 270 4.43 26.68 -24.07
N ASP E 271 3.37 26.47 -24.86
CA ASP E 271 3.21 27.14 -26.14
C ASP E 271 2.70 28.57 -25.88
N TYR E 272 3.64 29.47 -25.61
CA TYR E 272 3.31 30.80 -25.14
C TYR E 272 2.54 31.59 -26.22
N ASP E 273 2.71 31.23 -27.49
CA ASP E 273 1.96 31.92 -28.51
C ASP E 273 0.50 31.49 -28.44
N LYS E 274 0.25 30.21 -28.12
CA LYS E 274 -1.12 29.74 -27.97
C LYS E 274 -1.74 30.45 -26.76
N TRP E 275 -0.99 30.48 -25.64
CA TRP E 275 -1.45 31.14 -24.43
C TRP E 275 -1.73 32.63 -24.66
N GLY E 276 -1.02 33.25 -25.62
CA GLY E 276 -1.24 34.64 -25.95
C GLY E 276 -2.68 34.95 -26.37
N HIS E 277 -3.40 33.94 -26.88
CA HIS E 277 -4.78 34.08 -27.33
C HIS E 277 -5.78 34.24 -26.16
N ASP E 278 -5.39 33.90 -24.92
CA ASP E 278 -6.30 33.86 -23.77
C ASP E 278 -6.01 34.92 -22.70
N VAL E 279 -4.95 35.71 -22.84
CA VAL E 279 -4.70 36.84 -21.97
C VAL E 279 -5.30 38.09 -22.62
N ASP E 280 -5.56 39.12 -21.81
CA ASP E 280 -6.09 40.36 -22.36
C ASP E 280 -4.95 41.19 -22.93
N PHE E 281 -3.83 41.14 -22.23
CA PHE E 281 -2.55 41.70 -22.67
C PHE E 281 -1.44 40.75 -22.23
N VAL E 282 -0.40 40.63 -23.06
CA VAL E 282 0.73 39.78 -22.79
C VAL E 282 1.62 40.41 -21.72
N SER E 283 1.94 39.65 -20.67
CA SER E 283 2.92 40.04 -19.66
C SER E 283 4.03 38.98 -19.62
N ASN E 284 5.26 39.40 -19.32
CA ASN E 284 6.41 38.50 -19.43
C ASN E 284 7.41 38.72 -18.31
N ASP E 285 8.00 37.60 -17.86
CA ASP E 285 9.18 37.57 -17.00
C ASP E 285 10.41 37.20 -17.83
N HIS E 286 11.44 38.03 -17.76
CA HIS E 286 12.70 37.75 -18.43
C HIS E 286 13.87 38.18 -17.55
N TYR E 287 14.91 37.32 -17.50
CA TYR E 287 16.11 37.56 -16.72
C TYR E 287 17.32 37.41 -17.64
N PHE E 288 18.35 38.24 -17.44
CA PHE E 288 19.48 38.28 -18.37
C PHE E 288 20.18 36.92 -18.43
N SER E 289 20.65 36.60 -19.64
CA SER E 289 21.61 35.54 -19.90
C SER E 289 23.03 36.01 -19.54
N PRO E 290 23.76 35.25 -18.68
CA PRO E 290 25.12 35.61 -18.30
C PRO E 290 26.07 35.75 -19.49
N GLY E 291 27.03 36.65 -19.36
CA GLY E 291 28.14 36.72 -20.28
C GLY E 291 27.80 37.57 -21.50
N GLU E 292 28.42 37.20 -22.61
CA GLU E 292 28.46 37.96 -23.85
C GLU E 292 27.07 38.06 -24.50
N ALA E 293 26.22 37.04 -24.29
CA ALA E 293 24.92 36.97 -24.92
C ALA E 293 23.85 37.88 -24.26
N HIS E 294 24.17 38.52 -23.13
CA HIS E 294 23.22 39.26 -22.29
C HIS E 294 22.32 40.18 -23.10
N PHE E 295 22.90 41.19 -23.77
CA PHE E 295 22.09 42.17 -24.47
C PHE E 295 21.32 41.55 -25.63
N ASP E 296 22.01 40.83 -26.52
CA ASP E 296 21.39 40.34 -27.76
C ASP E 296 20.21 39.40 -27.41
N GLU E 297 20.39 38.49 -26.43
CA GLU E 297 19.34 37.53 -26.10
C GLU E 297 18.15 38.25 -25.46
N MET E 298 18.39 39.29 -24.66
CA MET E 298 17.31 40.05 -24.05
C MET E 298 16.49 40.78 -25.11
N ALA E 299 17.18 41.44 -26.07
CA ALA E 299 16.48 42.16 -27.12
C ALA E 299 15.65 41.19 -27.96
N TYR E 300 16.22 40.00 -28.21
CA TYR E 300 15.57 38.91 -28.94
C TYR E 300 14.29 38.47 -28.22
N ALA E 301 14.40 38.16 -26.91
CA ALA E 301 13.27 37.65 -26.17
C ALA E 301 12.15 38.69 -26.09
N ALA E 302 12.54 39.95 -25.91
CA ALA E 302 11.60 41.05 -25.89
C ALA E 302 10.92 41.16 -27.26
N CYS E 303 11.68 40.89 -28.33
CA CYS E 303 11.17 40.89 -29.70
C CYS E 303 10.13 39.79 -29.90
N LEU E 304 10.45 38.56 -29.43
CA LEU E 304 9.51 37.46 -29.47
C LEU E 304 8.23 37.82 -28.70
N THR E 305 8.42 38.40 -27.52
CA THR E 305 7.28 38.80 -26.71
C THR E 305 6.38 39.71 -27.53
N ASP E 306 6.97 40.74 -28.16
CA ASP E 306 6.21 41.63 -29.01
C ASP E 306 5.51 40.86 -30.12
N GLY E 307 6.19 39.86 -30.71
CA GLY E 307 5.58 39.03 -31.75
C GLY E 307 4.38 38.20 -31.25
N ILE E 308 4.51 37.64 -30.04
CA ILE E 308 3.40 36.91 -29.45
C ILE E 308 2.20 37.85 -29.28
N ALA E 309 2.46 39.11 -28.91
CA ALA E 309 1.41 40.11 -28.69
C ALA E 309 0.92 40.74 -30.00
N ARG E 310 1.37 40.22 -31.14
CA ARG E 310 0.99 40.71 -32.46
C ARG E 310 1.16 42.23 -32.58
N LYS E 311 2.24 42.76 -32.01
CA LYS E 311 2.64 44.17 -32.08
C LYS E 311 1.77 45.10 -31.22
N ASN E 312 0.78 44.57 -30.48
CA ASN E 312 0.15 45.38 -29.46
C ASN E 312 1.17 45.65 -28.36
N PRO E 313 0.99 46.72 -27.54
CA PRO E 313 1.81 46.93 -26.35
C PRO E 313 1.70 45.76 -25.37
N TRP E 314 2.77 45.56 -24.58
CA TRP E 314 2.88 44.42 -23.69
C TRP E 314 3.53 44.86 -22.38
N PHE E 315 3.52 43.96 -21.40
CA PHE E 315 3.79 44.29 -20.02
C PHE E 315 4.99 43.44 -19.56
N LEU E 316 6.10 44.10 -19.21
CA LEU E 316 7.23 43.45 -18.56
C LEU E 316 6.91 43.31 -17.08
N MET E 317 6.53 42.10 -16.67
CA MET E 317 6.10 41.83 -15.31
C MET E 317 7.30 41.67 -14.38
N ALA E 318 8.39 41.08 -14.91
CA ALA E 318 9.56 40.86 -14.08
C ALA E 318 10.85 40.89 -14.91
N HIS E 319 11.90 41.44 -14.25
CA HIS E 319 13.32 41.30 -14.56
C HIS E 319 14.05 41.69 -13.27
N SER E 320 15.39 41.67 -13.30
CA SER E 320 16.21 41.93 -12.13
C SER E 320 16.98 43.27 -12.25
N THR E 321 17.08 43.95 -11.11
CA THR E 321 17.93 45.12 -10.96
C THR E 321 19.41 44.75 -11.05
N SER E 322 19.75 43.57 -10.49
CA SER E 322 21.09 43.03 -10.60
C SER E 322 21.04 41.50 -10.59
N ALA E 323 21.64 40.85 -9.59
CA ALA E 323 21.78 39.39 -9.63
C ALA E 323 20.45 38.70 -9.36
N VAL E 324 20.29 37.47 -9.87
CA VAL E 324 19.23 36.60 -9.39
C VAL E 324 19.77 35.65 -8.33
N ASN E 325 18.94 34.69 -7.89
CA ASN E 325 19.27 33.75 -6.83
C ASN E 325 19.45 32.31 -7.34
N TRP E 326 19.04 32.02 -8.59
CA TRP E 326 18.69 30.65 -8.98
C TRP E 326 19.68 30.04 -9.99
N ARG E 327 20.78 30.75 -10.28
CA ARG E 327 21.83 30.19 -11.13
C ARG E 327 22.90 29.58 -10.24
N PRO E 328 23.72 28.63 -10.75
CA PRO E 328 24.90 28.16 -10.01
C PRO E 328 25.88 29.28 -9.63
N THR E 329 26.01 30.31 -10.48
CA THR E 329 26.82 31.49 -10.23
C THR E 329 26.02 32.73 -10.62
N ASN E 330 25.63 33.52 -9.61
CA ASN E 330 24.71 34.63 -9.79
C ASN E 330 25.46 35.94 -10.03
N TYR E 331 25.97 36.06 -11.26
CA TYR E 331 26.61 37.27 -11.76
C TYR E 331 25.75 38.51 -11.51
N ARG E 332 26.40 39.64 -11.22
CA ARG E 332 25.68 40.89 -10.99
C ARG E 332 25.64 41.64 -12.31
N LEU E 333 24.84 42.71 -12.36
CA LEU E 333 24.85 43.63 -13.50
C LEU E 333 25.98 44.65 -13.36
N GLU E 334 26.44 45.17 -14.50
CA GLU E 334 27.51 46.13 -14.56
C GLU E 334 26.89 47.53 -14.56
N PRO E 335 27.67 48.61 -14.30
CA PRO E 335 27.12 49.97 -14.37
C PRO E 335 26.41 50.21 -15.70
N GLY E 336 25.20 50.78 -15.61
CA GLY E 336 24.44 51.19 -16.80
C GLY E 336 23.42 50.16 -17.28
N GLU E 337 23.52 48.90 -16.81
CA GLU E 337 22.73 47.83 -17.40
C GLU E 337 21.29 47.87 -16.88
N LEU E 338 21.11 48.28 -15.62
CA LEU E 338 19.77 48.45 -15.09
C LEU E 338 18.95 49.32 -16.04
N VAL E 339 19.36 50.58 -16.25
CA VAL E 339 18.64 51.48 -17.15
C VAL E 339 18.54 50.85 -18.53
N ARG E 340 19.65 50.35 -19.08
CA ARG E 340 19.68 49.88 -20.46
C ARG E 340 18.72 48.71 -20.65
N ASP E 341 18.73 47.73 -19.74
CA ASP E 341 17.94 46.52 -19.89
C ASP E 341 16.44 46.88 -19.93
N SER E 342 16.04 47.79 -19.03
CA SER E 342 14.68 48.26 -18.98
C SER E 342 14.35 48.99 -20.27
N LEU E 343 15.25 49.83 -20.80
CA LEU E 343 14.93 50.58 -22.01
C LEU E 343 14.92 49.67 -23.23
N ALA E 344 15.54 48.47 -23.12
CA ALA E 344 15.56 47.52 -24.21
C ALA E 344 14.20 46.88 -24.41
N HIS E 345 13.58 46.45 -23.31
CA HIS E 345 12.24 45.89 -23.32
C HIS E 345 11.25 46.95 -23.79
N LEU E 346 11.40 48.18 -23.28
CA LEU E 346 10.55 49.29 -23.71
C LEU E 346 10.67 49.49 -25.23
N ALA E 347 11.90 49.43 -25.76
CA ALA E 347 12.12 49.68 -27.18
C ALA E 347 11.43 48.60 -28.01
N MET E 348 11.35 47.37 -27.49
CA MET E 348 10.70 46.27 -28.20
C MET E 348 9.18 46.28 -27.99
N GLY E 349 8.62 47.31 -27.32
CA GLY E 349 7.20 47.60 -27.42
C GLY E 349 6.43 47.51 -26.10
N ALA E 350 7.13 47.30 -24.98
CA ALA E 350 6.44 47.21 -23.69
C ALA E 350 6.02 48.61 -23.24
N ASP E 351 4.80 48.74 -22.68
CA ASP E 351 4.32 50.00 -22.09
C ASP E 351 4.29 49.90 -20.56
N ALA E 352 4.95 48.88 -20.02
CA ALA E 352 5.08 48.69 -18.58
C ALA E 352 6.44 48.04 -18.28
N ILE E 353 7.06 48.46 -17.17
CA ILE E 353 8.41 48.03 -16.81
C ILE E 353 8.43 47.70 -15.32
N CYS E 354 8.45 46.41 -14.99
CA CYS E 354 8.34 45.96 -13.59
C CYS E 354 9.42 44.93 -13.22
N TYR E 355 9.80 44.92 -11.93
CA TYR E 355 10.88 44.08 -11.41
C TYR E 355 10.32 43.04 -10.44
N PHE E 356 10.97 41.87 -10.36
CA PHE E 356 10.98 41.12 -9.12
C PHE E 356 12.25 41.52 -8.39
N GLN E 357 12.16 42.23 -7.24
CA GLN E 357 10.95 42.69 -6.59
C GLN E 357 11.22 44.09 -6.00
N TRP E 358 10.21 44.67 -5.33
CA TRP E 358 10.36 45.97 -4.69
C TRP E 358 11.48 45.95 -3.65
N ARG E 359 11.37 45.11 -2.62
CA ARG E 359 12.26 45.16 -1.47
C ARG E 359 12.85 43.77 -1.28
N GLN E 360 14.19 43.71 -1.15
CA GLN E 360 14.90 42.44 -1.08
C GLN E 360 14.50 41.71 0.20
N SER E 361 14.05 40.47 0.08
CA SER E 361 13.73 39.68 1.26
C SER E 361 14.96 39.47 2.11
N LYS E 362 14.78 39.39 3.43
CA LYS E 362 15.87 39.15 4.35
C LYS E 362 15.86 37.68 4.78
N ALA E 363 14.83 36.93 4.37
CA ALA E 363 14.78 35.50 4.68
C ALA E 363 14.01 34.77 3.58
N GLY E 364 14.11 33.43 3.53
CA GLY E 364 13.54 32.63 2.44
C GLY E 364 14.50 32.34 1.28
N ALA E 365 14.04 31.54 0.32
CA ALA E 365 14.87 30.98 -0.73
C ALA E 365 15.28 32.01 -1.79
N GLU E 366 14.61 33.17 -1.83
CA GLU E 366 15.02 34.24 -2.74
C GLU E 366 15.63 35.43 -1.98
N LYS E 367 16.12 35.24 -0.76
CA LYS E 367 16.76 36.35 -0.07
C LYS E 367 17.95 36.93 -0.86
N TRP E 368 18.62 36.11 -1.72
CA TRP E 368 19.76 36.60 -2.45
C TRP E 368 19.41 37.19 -3.81
N HIS E 369 18.11 37.20 -4.19
CA HIS E 369 17.70 37.81 -5.45
C HIS E 369 17.71 39.32 -5.30
N SER E 370 18.29 40.04 -6.28
CA SER E 370 18.32 41.50 -6.23
C SER E 370 16.90 42.07 -6.14
N ALA E 371 16.81 43.35 -5.74
CA ALA E 371 15.55 44.09 -5.69
C ALA E 371 15.77 45.59 -5.99
N MET E 372 14.71 46.39 -5.92
CA MET E 372 14.77 47.80 -6.26
C MET E 372 15.35 48.56 -5.06
N VAL E 373 15.07 48.02 -3.87
CA VAL E 373 15.62 48.43 -2.60
C VAL E 373 16.38 47.23 -2.06
N PRO E 374 17.73 47.18 -2.20
CA PRO E 374 18.52 46.04 -1.72
C PRO E 374 18.58 45.96 -0.22
N HIS E 375 19.11 44.84 0.30
CA HIS E 375 19.42 44.75 1.73
C HIS E 375 20.11 46.02 2.22
N ALA E 376 20.97 46.59 1.36
CA ALA E 376 21.73 47.81 1.66
C ALA E 376 20.81 49.01 1.90
N GLY E 377 19.57 48.99 1.40
CA GLY E 377 18.66 50.09 1.63
C GLY E 377 18.77 51.14 0.52
N PRO E 378 18.04 52.25 0.60
CA PRO E 378 17.98 53.20 -0.51
C PRO E 378 19.25 54.05 -0.73
N ASP E 379 20.18 54.03 0.23
CA ASP E 379 21.52 54.58 0.02
C ASP E 379 22.37 53.57 -0.73
N SER E 380 22.06 53.39 -2.02
CA SER E 380 22.70 52.38 -2.84
C SER E 380 22.64 52.82 -4.30
N GLN E 381 23.61 52.35 -5.10
CA GLN E 381 23.64 52.67 -6.52
C GLN E 381 22.39 52.10 -7.21
N ILE E 382 21.92 50.94 -6.72
CA ILE E 382 20.78 50.28 -7.35
C ILE E 382 19.53 51.16 -7.25
N PHE E 383 19.28 51.71 -6.05
CA PHE E 383 18.09 52.52 -5.87
C PHE E 383 18.22 53.84 -6.65
N ARG E 384 19.42 54.42 -6.71
CA ARG E 384 19.63 55.64 -7.46
C ARG E 384 19.30 55.41 -8.92
N ASP E 385 19.73 54.26 -9.48
CA ASP E 385 19.49 53.94 -10.87
C ASP E 385 17.99 53.69 -11.10
N VAL E 386 17.34 53.01 -10.16
CA VAL E 386 15.88 52.83 -10.14
C VAL E 386 15.14 54.18 -10.21
N CYS E 387 15.56 55.17 -9.40
CA CYS E 387 14.96 56.50 -9.44
C CYS E 387 15.24 57.20 -10.77
N GLU E 388 16.46 57.04 -11.29
CA GLU E 388 16.83 57.64 -12.57
C GLU E 388 15.91 57.09 -13.66
N LEU E 389 15.63 55.78 -13.57
CA LEU E 389 14.85 55.08 -14.58
C LEU E 389 13.41 55.58 -14.54
N GLY E 390 12.87 55.66 -13.32
CA GLY E 390 11.58 56.29 -13.04
C GLY E 390 11.41 57.62 -13.78
N ALA E 391 12.41 58.48 -13.68
CA ALA E 391 12.30 59.81 -14.28
C ALA E 391 12.39 59.69 -15.81
N ASP E 392 13.22 58.76 -16.32
CA ASP E 392 13.32 58.50 -17.76
C ASP E 392 11.97 58.07 -18.33
N LEU E 393 11.27 57.16 -17.64
CA LEU E 393 10.00 56.62 -18.14
C LEU E 393 8.92 57.71 -18.16
N ASN E 394 8.90 58.56 -17.11
CA ASN E 394 7.99 59.69 -17.04
C ASN E 394 8.22 60.64 -18.21
N LYS E 395 9.50 60.81 -18.59
CA LYS E 395 9.90 61.70 -19.68
C LYS E 395 9.42 61.15 -21.01
N LEU E 396 9.61 59.85 -21.24
CA LEU E 396 9.25 59.24 -22.52
C LEU E 396 7.73 59.21 -22.70
N ALA E 397 6.98 59.04 -21.61
CA ALA E 397 5.53 59.13 -21.64
C ALA E 397 5.08 60.54 -22.03
N ASP E 398 5.71 61.54 -21.43
CA ASP E 398 5.47 62.95 -21.75
C ASP E 398 5.69 63.22 -23.24
N GLU E 399 6.66 62.55 -23.86
CA GLU E 399 7.03 62.84 -25.23
C GLU E 399 6.25 61.98 -26.22
N GLY E 400 5.34 61.11 -25.74
CA GLY E 400 4.33 60.47 -26.57
C GLY E 400 4.61 59.00 -26.90
N LEU E 401 5.44 58.31 -26.09
CA LEU E 401 5.86 56.97 -26.46
C LEU E 401 4.70 55.96 -26.38
N LEU E 402 3.81 56.13 -25.40
CA LEU E 402 2.73 55.18 -25.11
C LEU E 402 1.93 54.84 -26.37
N SER E 403 1.60 53.54 -26.51
CA SER E 403 0.79 52.97 -27.59
C SER E 403 1.48 52.93 -28.96
N THR E 404 2.69 53.48 -29.10
CA THR E 404 3.46 53.28 -30.32
C THR E 404 3.76 51.79 -30.42
N LYS E 405 4.08 51.32 -31.63
CA LYS E 405 4.36 49.92 -31.82
C LYS E 405 5.76 49.73 -32.41
N LEU E 406 6.34 48.57 -32.09
CA LEU E 406 7.56 48.10 -32.72
C LEU E 406 7.36 48.10 -34.24
N VAL E 407 8.18 48.88 -34.93
CA VAL E 407 8.09 49.01 -36.38
C VAL E 407 8.29 47.63 -37.01
N LYS E 408 7.56 47.39 -38.09
CA LYS E 408 7.65 46.16 -38.85
C LYS E 408 9.04 46.06 -39.46
N SER E 409 9.68 44.90 -39.31
CA SER E 409 11.02 44.67 -39.83
C SER E 409 10.93 44.27 -41.31
N LYS E 410 12.08 44.20 -41.97
CA LYS E 410 12.19 43.58 -43.28
C LYS E 410 12.15 42.06 -43.15
N VAL E 411 12.53 41.52 -41.99
CA VAL E 411 12.74 40.09 -41.85
C VAL E 411 11.97 39.57 -40.65
N ALA E 412 11.22 38.49 -40.87
CA ALA E 412 10.56 37.74 -39.81
C ALA E 412 11.26 36.40 -39.62
N ILE E 413 11.81 36.24 -38.42
CA ILE E 413 12.37 34.99 -37.97
C ILE E 413 11.26 34.23 -37.25
N VAL E 414 11.01 33.01 -37.70
CA VAL E 414 9.89 32.20 -37.27
C VAL E 414 10.29 31.32 -36.09
N PHE E 415 9.45 31.29 -35.05
CA PHE E 415 9.67 30.49 -33.87
C PHE E 415 8.48 29.55 -33.68
N ASP E 416 8.72 28.29 -33.31
CA ASP E 416 7.62 27.36 -33.07
C ASP E 416 7.91 26.54 -31.82
N TYR E 417 7.13 26.74 -30.75
CA TYR E 417 7.31 26.00 -29.51
C TYR E 417 7.29 24.50 -29.77
N GLU E 418 6.43 24.03 -30.68
CA GLU E 418 6.26 22.61 -30.93
C GLU E 418 7.46 22.01 -31.65
N SER E 419 8.07 22.80 -32.56
CA SER E 419 9.28 22.43 -33.27
C SER E 419 10.39 22.24 -32.25
N GLN E 420 10.45 23.10 -31.24
CA GLN E 420 11.43 22.92 -30.18
C GLN E 420 11.18 21.58 -29.47
N TRP E 421 9.93 21.27 -29.17
CA TRP E 421 9.60 20.00 -28.49
C TRP E 421 10.02 18.80 -29.35
N ALA E 422 9.81 18.89 -30.67
CA ALA E 422 10.14 17.80 -31.60
C ALA E 422 11.64 17.50 -31.56
N THR E 423 12.47 18.56 -31.42
CA THR E 423 13.92 18.43 -31.40
C THR E 423 14.48 17.95 -30.06
N GLU E 424 13.61 17.76 -29.04
CA GLU E 424 14.02 17.33 -27.71
C GLU E 424 14.05 15.82 -27.54
N HIS E 425 13.60 15.04 -28.53
CA HIS E 425 13.64 13.58 -28.40
C HIS E 425 15.10 13.13 -28.22
N THR E 426 15.29 12.03 -27.47
CA THR E 426 16.60 11.52 -27.15
C THR E 426 17.25 10.69 -28.28
N ALA E 427 16.51 10.39 -29.35
CA ALA E 427 17.01 9.62 -30.47
C ALA E 427 16.89 10.39 -31.78
N THR E 428 17.11 11.70 -31.74
CA THR E 428 17.30 12.48 -32.96
C THR E 428 18.73 12.30 -33.49
N PRO E 429 19.07 12.84 -34.69
CA PRO E 429 20.42 12.77 -35.22
C PRO E 429 21.49 13.27 -34.24
N THR E 430 21.20 14.35 -33.50
CA THR E 430 22.13 14.77 -32.45
C THR E 430 21.43 15.61 -31.38
N GLN E 431 21.70 15.24 -30.11
CA GLN E 431 21.25 16.02 -28.97
C GLN E 431 21.79 17.45 -28.96
N GLU E 432 22.85 17.75 -29.73
CA GLU E 432 23.46 19.07 -29.76
C GLU E 432 22.66 20.06 -30.60
N VAL E 433 21.59 19.59 -31.29
CA VAL E 433 20.81 20.48 -32.13
C VAL E 433 19.38 20.54 -31.61
N ARG E 434 18.97 21.75 -31.26
CA ARG E 434 17.60 22.05 -30.86
C ARG E 434 17.15 23.21 -31.73
N HIS E 435 15.82 23.37 -31.85
CA HIS E 435 15.22 24.46 -32.61
C HIS E 435 15.73 25.81 -32.10
N TRP E 436 15.73 26.00 -30.78
CA TRP E 436 15.68 27.35 -30.23
C TRP E 436 16.94 28.17 -30.52
N THR E 437 18.12 27.53 -30.67
CA THR E 437 19.36 28.28 -30.79
C THR E 437 19.46 28.99 -32.13
N GLU E 438 18.85 28.41 -33.18
CA GLU E 438 19.04 28.90 -34.55
C GLU E 438 18.38 30.27 -34.74
N PRO E 439 17.08 30.50 -34.38
CA PRO E 439 16.49 31.82 -34.52
C PRO E 439 17.25 32.91 -33.79
N LEU E 440 17.83 32.56 -32.64
CA LEU E 440 18.62 33.55 -31.93
C LEU E 440 19.90 33.83 -32.70
N ASP E 441 20.57 32.78 -33.20
CA ASP E 441 21.80 32.99 -33.94
C ASP E 441 21.52 33.93 -35.11
N TRP E 442 20.35 33.78 -35.76
CA TRP E 442 20.03 34.59 -36.93
C TRP E 442 19.72 36.04 -36.55
N PHE E 443 19.07 36.22 -35.39
CA PHE E 443 18.79 37.57 -34.91
C PHE E 443 20.10 38.34 -34.70
N ARG E 444 21.09 37.64 -34.11
CA ARG E 444 22.37 38.27 -33.80
C ARG E 444 23.16 38.54 -35.08
N ALA E 445 23.11 37.60 -36.05
CA ALA E 445 23.84 37.73 -37.29
C ALA E 445 23.24 38.84 -38.14
N LEU E 446 21.91 38.97 -38.14
CA LEU E 446 21.28 40.04 -38.89
C LEU E 446 21.59 41.39 -38.24
N ALA E 447 21.69 41.42 -36.90
CA ALA E 447 22.07 42.66 -36.25
C ALA E 447 23.50 43.06 -36.63
N ASP E 448 24.41 42.08 -36.76
CA ASP E 448 25.79 42.30 -37.18
C ASP E 448 25.81 42.91 -38.59
N ASN E 449 24.79 42.59 -39.42
CA ASN E 449 24.68 43.11 -40.77
C ASN E 449 23.84 44.38 -40.83
N GLY E 450 23.52 44.95 -39.65
CA GLY E 450 22.86 46.24 -39.55
C GLY E 450 21.34 46.15 -39.71
N LEU E 451 20.75 45.01 -39.36
CA LEU E 451 19.32 44.80 -39.55
C LEU E 451 18.72 44.20 -38.28
N THR E 452 17.73 44.91 -37.71
CA THR E 452 16.95 44.41 -36.60
C THR E 452 15.74 43.62 -37.13
N ALA E 453 15.74 42.30 -36.90
CA ALA E 453 14.67 41.45 -37.39
C ALA E 453 13.47 41.57 -36.46
N ASP E 454 12.30 41.14 -36.94
CA ASP E 454 11.20 40.79 -36.05
C ASP E 454 11.27 39.29 -35.80
N VAL E 455 10.77 38.87 -34.64
CA VAL E 455 10.61 37.46 -34.34
C VAL E 455 9.12 37.15 -34.27
N VAL E 456 8.68 36.23 -35.14
CA VAL E 456 7.27 36.01 -35.37
C VAL E 456 6.92 34.55 -35.11
N PRO E 457 5.98 34.27 -34.19
CA PRO E 457 5.46 32.91 -33.98
C PRO E 457 4.90 32.38 -35.30
N VAL E 458 4.88 31.05 -35.43
CA VAL E 458 4.58 30.41 -36.70
C VAL E 458 3.10 30.60 -37.07
N ARG E 459 2.21 30.78 -36.09
CA ARG E 459 0.81 31.06 -36.39
C ARG E 459 0.65 32.50 -36.89
N GLY E 460 1.65 33.36 -36.68
CA GLY E 460 1.50 34.78 -36.91
C GLY E 460 1.81 35.17 -38.34
N PRO E 461 1.71 36.47 -38.70
CA PRO E 461 1.72 36.92 -40.10
C PRO E 461 3.12 37.07 -40.69
N TRP E 462 3.98 36.09 -40.44
CA TRP E 462 5.30 36.09 -41.04
C TRP E 462 5.23 36.19 -42.56
N ASP E 463 4.15 35.65 -43.19
CA ASP E 463 4.03 35.64 -44.63
C ASP E 463 3.79 37.04 -45.22
N GLU E 464 3.61 38.07 -44.38
CA GLU E 464 3.42 39.42 -44.87
C GLU E 464 4.76 40.18 -44.95
N TYR E 465 5.90 39.51 -44.67
CA TYR E 465 7.19 40.19 -44.57
C TYR E 465 7.96 40.07 -45.89
N GLU E 466 8.85 41.04 -46.10
CA GLU E 466 9.74 41.07 -47.24
C GLU E 466 10.60 39.81 -47.26
N ALA E 467 11.05 39.38 -46.08
CA ALA E 467 11.89 38.20 -45.98
C ALA E 467 11.58 37.40 -44.71
N VAL E 468 11.82 36.09 -44.80
CA VAL E 468 11.43 35.16 -43.75
C VAL E 468 12.53 34.13 -43.54
N VAL E 469 12.86 33.84 -42.26
CA VAL E 469 13.78 32.77 -41.88
C VAL E 469 13.03 31.62 -41.21
N LEU E 470 13.26 30.40 -41.72
CA LEU E 470 12.83 29.16 -41.08
C LEU E 470 14.08 28.57 -40.43
N PRO E 471 14.27 28.80 -39.12
CA PRO E 471 15.51 28.41 -38.44
C PRO E 471 15.39 27.12 -37.64
N SER E 472 15.95 26.04 -38.20
CA SER E 472 15.85 24.70 -37.64
C SER E 472 14.41 24.41 -37.23
N LEU E 473 13.49 24.81 -38.13
CA LEU E 473 12.07 24.65 -37.89
C LEU E 473 11.68 23.22 -38.20
N ALA E 474 11.89 22.32 -37.22
CA ALA E 474 11.84 20.89 -37.46
C ALA E 474 10.51 20.45 -38.05
N ILE E 475 9.40 21.01 -37.54
CA ILE E 475 8.06 20.64 -37.99
C ILE E 475 7.63 21.58 -39.12
N LEU E 476 7.08 21.00 -40.21
CA LEU E 476 6.24 21.75 -41.15
C LEU E 476 5.01 20.89 -41.42
N SER E 477 3.85 21.37 -40.96
CA SER E 477 2.59 20.71 -41.25
C SER E 477 2.26 20.89 -42.73
N GLU E 478 1.21 20.19 -43.17
CA GLU E 478 0.64 20.38 -44.48
C GLU E 478 0.33 21.87 -44.68
N GLN E 479 -0.31 22.47 -43.67
CA GLN E 479 -0.74 23.85 -43.76
C GLN E 479 0.46 24.80 -43.85
N THR E 480 1.44 24.63 -42.96
CA THR E 480 2.58 25.52 -43.00
C THR E 480 3.34 25.30 -44.31
N THR E 481 3.42 24.06 -44.78
CA THR E 481 4.07 23.79 -46.07
C THR E 481 3.45 24.68 -47.16
N ARG E 482 2.11 24.69 -47.21
CA ARG E 482 1.41 25.40 -48.27
C ARG E 482 1.68 26.89 -48.10
N ARG E 483 1.68 27.37 -46.85
CA ARG E 483 1.96 28.78 -46.62
C ARG E 483 3.37 29.13 -47.08
N VAL E 484 4.34 28.25 -46.83
CA VAL E 484 5.72 28.46 -47.27
C VAL E 484 5.77 28.54 -48.80
N ARG E 485 5.21 27.51 -49.47
CA ARG E 485 5.29 27.41 -50.92
C ARG E 485 4.72 28.68 -51.57
N GLU E 486 3.57 29.15 -51.08
CA GLU E 486 2.88 30.27 -51.69
C GLU E 486 3.60 31.57 -51.39
N TYR E 487 4.11 31.71 -50.15
CA TYR E 487 4.90 32.87 -49.78
C TYR E 487 5.99 33.13 -50.82
N VAL E 488 6.77 32.09 -51.14
CA VAL E 488 7.88 32.19 -52.06
C VAL E 488 7.34 32.44 -53.47
N ALA E 489 6.38 31.62 -53.91
CA ALA E 489 5.81 31.71 -55.25
C ALA E 489 5.43 33.15 -55.59
N ASN E 490 4.92 33.92 -54.62
CA ASN E 490 4.36 35.24 -54.88
C ASN E 490 5.32 36.38 -54.49
N GLY E 491 6.64 36.14 -54.50
CA GLY E 491 7.61 37.22 -54.33
C GLY E 491 8.41 37.16 -53.03
N GLY E 492 8.20 36.11 -52.24
CA GLY E 492 8.81 36.03 -50.92
C GLY E 492 10.31 35.77 -51.02
N LYS E 493 11.07 36.25 -50.03
CA LYS E 493 12.48 35.96 -49.92
C LYS E 493 12.72 35.09 -48.68
N LEU E 494 12.99 33.79 -48.89
CA LEU E 494 13.06 32.80 -47.82
C LEU E 494 14.50 32.35 -47.53
N PHE E 495 14.82 32.19 -46.23
CA PHE E 495 16.00 31.46 -45.76
C PHE E 495 15.55 30.19 -45.06
N VAL E 496 16.03 29.02 -45.50
CA VAL E 496 15.75 27.77 -44.82
C VAL E 496 17.07 27.21 -44.33
N THR E 497 17.06 26.55 -43.16
CA THR E 497 18.30 25.96 -42.63
C THR E 497 18.14 24.47 -42.38
N TYR E 498 19.29 23.80 -42.20
CA TYR E 498 19.33 22.45 -41.67
C TYR E 498 18.33 22.29 -40.53
N TYR E 499 17.83 21.06 -40.40
CA TYR E 499 16.92 20.63 -39.35
C TYR E 499 15.54 21.29 -39.53
N THR E 500 15.28 21.91 -40.68
CA THR E 500 13.97 22.45 -41.00
C THR E 500 13.18 21.44 -41.83
N GLY E 501 11.90 21.29 -41.49
CA GLY E 501 10.96 20.51 -42.28
C GLY E 501 11.25 19.01 -42.31
N LEU E 502 11.79 18.48 -41.22
CA LEU E 502 12.12 17.05 -41.16
C LEU E 502 10.84 16.25 -41.08
N VAL E 503 9.89 16.76 -40.28
CA VAL E 503 8.70 16.00 -39.90
C VAL E 503 7.45 16.83 -40.10
N ASP E 504 6.29 16.14 -40.05
CA ASP E 504 5.00 16.80 -40.01
C ASP E 504 4.60 16.95 -38.55
N ASP E 505 3.34 17.36 -38.30
CA ASP E 505 2.93 17.71 -36.94
C ASP E 505 2.61 16.46 -36.14
N ARG E 506 2.71 15.27 -36.73
CA ARG E 506 2.58 14.05 -35.94
C ARG E 506 3.96 13.44 -35.61
N ASP E 507 5.03 14.10 -36.10
CA ASP E 507 6.42 13.66 -35.96
C ASP E 507 6.73 12.48 -36.89
N HIS E 508 5.99 12.37 -38.02
CA HIS E 508 6.30 11.44 -39.10
C HIS E 508 7.26 12.13 -40.07
N VAL E 509 8.26 11.38 -40.58
CA VAL E 509 9.24 11.96 -41.49
C VAL E 509 8.60 12.16 -42.87
N TRP E 510 8.76 13.36 -43.46
CA TRP E 510 8.51 13.57 -44.88
C TRP E 510 9.57 12.80 -45.67
N LEU E 511 9.13 11.87 -46.53
CA LEU E 511 10.03 10.94 -47.21
C LEU E 511 10.47 11.50 -48.57
N GLY E 512 11.41 10.80 -49.21
CA GLY E 512 11.87 11.13 -50.55
C GLY E 512 13.09 12.05 -50.58
N GLY E 513 13.57 12.49 -49.41
CA GLY E 513 14.69 13.43 -49.29
C GLY E 513 14.29 14.65 -48.47
N TYR E 514 15.18 15.10 -47.56
CA TYR E 514 14.89 16.23 -46.69
C TYR E 514 15.21 17.52 -47.44
N PRO E 515 14.55 18.67 -47.19
CA PRO E 515 13.31 18.76 -46.41
C PRO E 515 12.13 18.32 -47.26
N GLY E 516 11.52 17.21 -46.85
CA GLY E 516 10.70 16.37 -47.71
C GLY E 516 9.40 17.01 -48.18
N SER E 517 8.93 18.06 -47.50
CA SER E 517 7.70 18.70 -47.93
C SER E 517 7.99 19.89 -48.84
N ILE E 518 9.25 20.34 -48.97
CA ILE E 518 9.51 21.58 -49.69
C ILE E 518 10.78 21.51 -50.53
N ARG E 519 11.14 20.33 -51.05
CA ARG E 519 12.33 20.18 -51.87
C ARG E 519 12.23 21.07 -53.13
N ASP E 520 11.00 21.31 -53.63
CA ASP E 520 10.79 22.09 -54.84
C ASP E 520 11.10 23.57 -54.58
N VAL E 521 10.83 24.03 -53.34
CA VAL E 521 10.99 25.42 -53.01
C VAL E 521 12.47 25.76 -52.78
N VAL E 522 13.18 24.91 -52.02
CA VAL E 522 14.59 25.15 -51.70
C VAL E 522 15.50 24.70 -52.86
N GLY E 523 15.02 23.83 -53.74
CA GLY E 523 15.80 23.40 -54.88
C GLY E 523 16.97 22.49 -54.52
N VAL E 524 16.87 21.77 -53.39
CA VAL E 524 17.92 20.85 -52.99
C VAL E 524 17.28 19.56 -52.52
N ARG E 525 18.09 18.50 -52.49
CA ARG E 525 17.69 17.21 -51.92
C ARG E 525 18.82 16.70 -51.03
N VAL E 526 18.46 16.40 -49.76
CA VAL E 526 19.37 15.91 -48.75
C VAL E 526 19.08 14.43 -48.50
N GLU E 527 20.10 13.56 -48.56
CA GLU E 527 19.83 12.14 -48.41
C GLU E 527 20.13 11.69 -46.99
N GLU E 528 21.02 12.39 -46.28
CA GLU E 528 21.35 12.01 -44.91
C GLU E 528 22.11 13.17 -44.25
N PHE E 529 22.44 12.97 -42.96
CA PHE E 529 23.02 14.03 -42.13
C PHE E 529 24.43 13.63 -41.71
N ALA E 530 25.27 14.63 -41.41
CA ALA E 530 26.60 14.41 -40.85
C ALA E 530 26.72 15.15 -39.52
N PRO E 531 26.28 14.56 -38.40
CA PRO E 531 26.49 15.19 -37.09
C PRO E 531 27.99 15.23 -36.78
N MET E 532 28.39 16.28 -36.06
CA MET E 532 29.79 16.51 -35.70
C MET E 532 29.91 16.74 -34.19
N GLY E 533 31.11 16.45 -33.65
CA GLY E 533 31.39 16.62 -32.23
C GLY E 533 32.74 16.01 -31.85
N THR E 534 32.95 15.86 -30.54
CA THR E 534 34.27 15.58 -30.00
C THR E 534 34.17 14.53 -28.90
N ASP E 535 33.19 13.63 -29.01
CA ASP E 535 32.89 12.73 -27.90
C ASP E 535 33.72 11.45 -27.98
N ALA E 536 34.48 11.24 -29.06
CA ALA E 536 35.51 10.22 -29.05
C ALA E 536 36.71 10.73 -29.84
N PRO E 537 37.91 10.14 -29.63
CA PRO E 537 39.08 10.54 -30.40
C PRO E 537 38.85 10.30 -31.89
N GLY E 538 39.08 11.36 -32.66
CA GLY E 538 39.09 11.29 -34.12
C GLY E 538 37.72 11.43 -34.77
N THR E 539 36.70 11.88 -34.04
CA THR E 539 35.42 12.21 -34.64
C THR E 539 35.54 13.50 -35.45
N MET E 540 34.74 13.63 -36.50
CA MET E 540 34.75 14.85 -37.29
C MET E 540 34.02 15.92 -36.48
N ASP E 541 34.68 17.08 -36.27
CA ASP E 541 34.14 18.09 -35.38
C ASP E 541 33.98 19.44 -36.08
N HIS E 542 34.33 19.53 -37.37
CA HIS E 542 34.07 20.75 -38.13
C HIS E 542 34.08 20.44 -39.63
N LEU E 543 33.52 21.36 -40.42
CA LEU E 543 33.67 21.37 -41.87
C LEU E 543 33.84 22.81 -42.31
N ASP E 544 34.96 23.09 -42.96
CA ASP E 544 35.24 24.43 -43.48
C ASP E 544 34.32 24.68 -44.67
N LEU E 545 34.01 25.96 -44.91
CA LEU E 545 33.31 26.38 -46.10
C LEU E 545 34.24 27.27 -46.92
N ASP E 546 34.07 27.27 -48.23
CA ASP E 546 34.92 28.05 -49.11
C ASP E 546 34.56 29.54 -49.12
N ASN E 547 33.71 29.99 -48.18
CA ASN E 547 33.39 31.41 -48.07
C ASN E 547 34.03 31.96 -46.81
N GLY E 548 34.96 31.18 -46.22
CA GLY E 548 35.69 31.60 -45.03
C GLY E 548 34.90 31.42 -43.73
N THR E 549 34.01 30.42 -43.70
CA THR E 549 33.26 30.09 -42.49
C THR E 549 33.52 28.62 -42.16
N VAL E 550 33.14 28.22 -40.94
CA VAL E 550 33.34 26.87 -40.42
C VAL E 550 32.03 26.37 -39.79
N ALA E 551 31.59 25.19 -40.24
CA ALA E 551 30.43 24.53 -39.68
C ALA E 551 30.81 23.65 -38.50
N HIS E 552 29.95 23.58 -37.48
CA HIS E 552 30.10 22.71 -36.31
C HIS E 552 28.78 21.98 -36.06
N ASP E 553 28.85 20.82 -35.37
CA ASP E 553 27.69 20.13 -34.80
C ASP E 553 26.85 19.39 -35.84
N PHE E 554 26.68 19.96 -37.06
CA PHE E 554 25.75 19.39 -38.04
C PHE E 554 25.92 20.01 -39.43
N ALA E 555 25.84 19.12 -40.43
CA ALA E 555 25.81 19.48 -41.84
C ALA E 555 24.94 18.47 -42.59
N ASP E 556 24.23 19.00 -43.58
CA ASP E 556 23.43 18.16 -44.48
C ASP E 556 24.32 17.56 -45.58
N VAL E 557 23.91 16.40 -46.10
CA VAL E 557 24.52 15.81 -47.28
C VAL E 557 23.63 16.11 -48.47
N ILE E 558 23.81 17.27 -49.09
CA ILE E 558 23.04 17.65 -50.26
C ILE E 558 23.57 16.85 -51.45
N THR E 559 22.70 16.07 -52.12
CA THR E 559 23.18 15.25 -53.24
C THR E 559 22.66 15.72 -54.60
N SER E 560 21.73 16.68 -54.64
CA SER E 560 21.38 17.30 -55.90
C SER E 560 20.90 18.73 -55.69
N VAL E 561 21.07 19.54 -56.74
CA VAL E 561 20.70 20.94 -56.73
C VAL E 561 19.93 21.20 -58.03
N ALA E 562 18.74 21.77 -57.91
CA ALA E 562 17.83 21.92 -59.03
C ALA E 562 18.46 22.85 -60.07
N ASP E 563 17.83 22.89 -61.23
CA ASP E 563 18.33 23.67 -62.37
C ASP E 563 18.09 25.16 -62.12
N THR E 564 17.05 25.48 -61.37
CA THR E 564 16.64 26.83 -61.04
C THR E 564 17.54 27.43 -59.95
N ALA E 565 18.41 26.59 -59.36
CA ALA E 565 19.18 26.94 -58.19
C ALA E 565 20.66 27.00 -58.53
N HIS E 566 21.45 27.62 -57.65
CA HIS E 566 22.90 27.61 -57.76
C HIS E 566 23.55 27.58 -56.37
N VAL E 567 24.80 27.10 -56.34
CA VAL E 567 25.58 26.96 -55.13
C VAL E 567 26.35 28.25 -54.87
N VAL E 568 26.24 28.78 -53.64
CA VAL E 568 26.88 30.02 -53.22
C VAL E 568 28.13 29.68 -52.41
N ALA E 569 28.05 28.56 -51.67
CA ALA E 569 29.16 28.11 -50.87
C ALA E 569 29.15 26.59 -50.81
N SER E 570 30.37 26.04 -50.73
CA SER E 570 30.66 24.62 -50.69
C SER E 570 31.64 24.30 -49.56
N PHE E 571 31.60 23.03 -49.13
CA PHE E 571 32.48 22.56 -48.09
C PHE E 571 33.86 22.26 -48.68
N LYS E 572 34.89 22.37 -47.83
CA LYS E 572 36.26 21.95 -48.05
C LYS E 572 36.63 20.95 -46.97
N ALA E 573 37.11 19.76 -47.35
CA ALA E 573 37.38 18.72 -46.36
C ALA E 573 38.34 17.68 -46.91
N ASP E 574 38.84 16.84 -46.02
CA ASP E 574 39.56 15.64 -46.40
C ASP E 574 38.67 14.82 -47.32
N LYS E 575 39.31 14.22 -48.33
CA LYS E 575 38.60 13.53 -49.40
C LYS E 575 37.75 12.39 -48.82
N TRP E 576 38.29 11.61 -47.91
CA TRP E 576 37.65 10.42 -47.39
C TRP E 576 36.35 10.71 -46.60
N THR E 577 36.03 11.99 -46.35
CA THR E 577 34.85 12.39 -45.61
C THR E 577 33.64 12.46 -46.53
N GLY E 578 33.88 12.64 -47.83
CA GLY E 578 32.81 12.77 -48.80
C GLY E 578 32.38 14.22 -48.99
N PHE E 579 32.95 15.14 -48.23
CA PHE E 579 32.39 16.49 -48.20
C PHE E 579 33.13 17.49 -49.08
N ASP E 580 34.26 17.12 -49.68
CA ASP E 580 35.07 18.10 -50.39
C ASP E 580 34.34 18.50 -51.67
N GLY E 581 34.06 19.81 -51.83
CA GLY E 581 33.35 20.34 -52.97
C GLY E 581 31.84 20.15 -52.90
N ALA E 582 31.35 19.52 -51.82
CA ALA E 582 29.91 19.33 -51.63
C ALA E 582 29.23 20.66 -51.36
N PRO E 583 27.96 20.84 -51.80
CA PRO E 583 27.23 22.08 -51.59
C PRO E 583 26.91 22.32 -50.11
N ALA E 584 26.99 23.60 -49.71
CA ALA E 584 26.76 24.01 -48.33
C ALA E 584 25.63 25.03 -48.29
N ILE E 585 25.69 26.04 -49.18
CA ILE E 585 24.73 27.13 -49.23
C ILE E 585 24.31 27.32 -50.69
N THR E 586 22.99 27.45 -50.88
CA THR E 586 22.33 27.49 -52.19
C THR E 586 21.23 28.55 -52.20
N VAL E 587 20.88 29.03 -53.40
CA VAL E 587 19.77 29.94 -53.61
C VAL E 587 18.97 29.42 -54.79
N ASN E 588 17.64 29.43 -54.65
CA ASN E 588 16.76 28.85 -55.65
C ASN E 588 15.75 29.91 -56.10
N ASP E 589 15.48 29.93 -57.42
CA ASP E 589 14.38 30.71 -57.97
C ASP E 589 13.11 29.85 -57.99
N PHE E 590 12.01 30.37 -57.41
CA PHE E 590 10.76 29.62 -57.32
C PHE E 590 9.61 30.62 -57.44
N GLY E 591 8.83 30.51 -58.53
CA GLY E 591 7.89 31.57 -58.87
C GLY E 591 8.61 32.92 -59.00
N ASP E 592 8.10 33.96 -58.31
CA ASP E 592 8.72 35.27 -58.34
C ASP E 592 9.55 35.51 -57.09
N GLY E 593 9.77 34.45 -56.29
CA GLY E 593 10.53 34.56 -55.05
C GLY E 593 11.89 33.87 -55.15
N LYS E 594 12.65 33.89 -54.04
CA LYS E 594 13.87 33.11 -53.90
C LYS E 594 13.89 32.45 -52.52
N ALA E 595 14.54 31.27 -52.45
CA ALA E 595 14.76 30.56 -51.20
C ALA E 595 16.24 30.17 -51.06
N ALA E 596 16.90 30.66 -50.00
CA ALA E 596 18.25 30.22 -49.67
C ALA E 596 18.19 29.05 -48.68
N TYR E 597 19.01 28.01 -48.91
CA TYR E 597 19.17 26.90 -47.97
C TYR E 597 20.57 26.95 -47.37
N VAL E 598 20.65 26.99 -46.03
CA VAL E 598 21.91 26.93 -45.31
C VAL E 598 22.08 25.56 -44.67
N GLY E 599 22.89 24.71 -45.31
CA GLY E 599 22.92 23.28 -45.04
C GLY E 599 23.82 22.88 -43.88
N ALA E 600 24.03 23.79 -42.91
CA ALA E 600 24.84 23.49 -41.74
C ALA E 600 24.75 24.63 -40.73
N ARG E 601 25.14 24.30 -39.49
CA ARG E 601 25.24 25.24 -38.40
C ARG E 601 26.53 26.06 -38.49
N LEU E 602 26.35 27.36 -38.73
CA LEU E 602 27.44 28.31 -38.91
C LEU E 602 27.61 29.21 -37.69
N GLY E 603 26.65 29.21 -36.75
CA GLY E 603 26.68 30.07 -35.59
C GLY E 603 26.49 31.53 -35.98
N ARG E 604 26.44 32.41 -34.97
CA ARG E 604 26.31 33.83 -35.23
C ARG E 604 27.37 34.30 -36.24
N GLU E 605 28.63 33.98 -35.96
CA GLU E 605 29.77 34.52 -36.69
C GLU E 605 29.74 34.06 -38.15
N GLY E 606 29.52 32.76 -38.35
CA GLY E 606 29.45 32.19 -39.68
C GLY E 606 28.31 32.76 -40.51
N LEU E 607 27.14 32.87 -39.87
CA LEU E 607 25.96 33.41 -40.52
C LEU E 607 26.21 34.85 -40.92
N ALA E 608 26.76 35.61 -39.97
CA ALA E 608 27.03 37.02 -40.14
C ALA E 608 27.91 37.29 -41.37
N LYS E 609 29.00 36.52 -41.47
CA LYS E 609 29.91 36.56 -42.62
C LYS E 609 29.27 36.01 -43.90
N SER E 610 28.41 34.98 -43.81
CA SER E 610 27.77 34.42 -45.01
C SER E 610 26.71 35.36 -45.59
N LEU E 611 26.19 36.29 -44.80
CA LEU E 611 24.92 36.95 -45.11
C LEU E 611 25.07 38.01 -46.22
N PRO E 612 26.07 38.90 -46.23
CA PRO E 612 26.10 39.97 -47.24
C PRO E 612 25.78 39.51 -48.65
N ALA E 613 26.39 38.41 -49.11
CA ALA E 613 26.18 37.90 -50.46
C ALA E 613 24.76 37.36 -50.66
N LEU E 614 24.19 36.71 -49.62
CA LEU E 614 22.82 36.21 -49.67
C LEU E 614 21.81 37.37 -49.66
N LEU E 615 22.01 38.37 -48.80
CA LEU E 615 21.12 39.52 -48.73
C LEU E 615 21.13 40.31 -50.04
N GLU E 616 22.30 40.35 -50.70
CA GLU E 616 22.44 41.06 -51.96
C GLU E 616 21.62 40.36 -53.05
N GLU E 617 21.65 39.02 -53.09
CA GLU E 617 21.01 38.24 -54.14
C GLU E 617 19.49 38.22 -53.98
N LEU E 618 19.03 38.29 -52.73
CA LEU E 618 17.61 38.25 -52.39
C LEU E 618 17.00 39.64 -52.41
N GLY E 619 17.84 40.69 -52.55
CA GLY E 619 17.36 42.05 -52.65
C GLY E 619 16.91 42.64 -51.31
N ILE E 620 17.74 42.44 -50.27
CA ILE E 620 17.46 42.96 -48.95
C ILE E 620 18.51 44.04 -48.62
N GLU E 621 18.05 45.28 -48.47
CA GLU E 621 18.98 46.39 -48.34
C GLU E 621 19.42 46.57 -46.88
N THR E 622 20.70 46.87 -46.68
CA THR E 622 21.23 47.37 -45.41
C THR E 622 22.23 48.48 -45.70
N SER E 623 22.71 49.12 -44.63
CA SER E 623 23.83 50.05 -44.66
C SER E 623 25.10 49.36 -45.19
N ALA E 624 26.00 50.17 -45.78
CA ALA E 624 27.30 49.69 -46.24
C ALA E 624 28.36 49.95 -45.17
N GLU E 625 28.08 50.88 -44.24
CA GLU E 625 29.04 51.27 -43.22
C GLU E 625 29.56 50.03 -42.50
N ASP E 626 30.87 50.02 -42.20
CA ASP E 626 31.50 48.86 -41.56
C ASP E 626 31.20 48.87 -40.05
N ASP E 627 30.55 49.94 -39.55
CA ASP E 627 30.25 50.09 -38.13
C ASP E 627 28.79 49.74 -37.85
N ARG E 628 28.10 49.19 -38.86
CA ARG E 628 26.66 48.97 -38.81
C ARG E 628 26.28 47.88 -37.81
N GLY E 629 27.26 47.09 -37.34
CA GLY E 629 27.00 45.98 -36.42
C GLY E 629 27.22 46.37 -34.97
N GLU E 630 27.77 47.58 -34.76
CA GLU E 630 28.11 48.05 -33.42
C GLU E 630 26.88 48.37 -32.57
N VAL E 631 25.83 48.94 -33.18
CA VAL E 631 24.63 49.35 -32.45
C VAL E 631 23.42 48.55 -32.92
N LEU E 632 22.53 48.24 -31.97
CA LEU E 632 21.20 47.74 -32.32
C LEU E 632 20.22 48.90 -32.35
N ARG E 633 19.60 49.10 -33.51
CA ARG E 633 18.59 50.11 -33.76
C ARG E 633 17.21 49.50 -33.58
N VAL E 634 16.36 50.13 -32.77
CA VAL E 634 15.02 49.61 -32.51
C VAL E 634 14.07 50.81 -32.53
N GLU E 635 13.01 50.72 -33.34
CA GLU E 635 12.12 51.86 -33.54
C GLU E 635 10.69 51.54 -33.11
N ARG E 636 10.08 52.49 -32.40
CA ARG E 636 8.64 52.49 -32.16
C ARG E 636 7.99 53.72 -32.80
N ALA E 637 6.78 53.49 -33.34
CA ALA E 637 6.01 54.52 -34.03
C ALA E 637 4.52 54.20 -33.91
N ASP E 638 3.71 55.27 -33.89
CA ASP E 638 2.28 55.17 -34.04
C ASP E 638 1.93 54.95 -35.52
N GLU E 639 0.64 54.72 -35.78
CA GLU E 639 0.15 54.44 -37.12
C GLU E 639 0.43 55.62 -38.05
N THR E 640 0.03 56.84 -37.66
CA THR E 640 0.36 58.01 -38.48
C THR E 640 1.83 57.89 -38.90
N GLY E 641 2.70 57.67 -37.92
CA GLY E 641 4.14 57.77 -38.09
C GLY E 641 4.68 59.08 -37.50
N GLU E 642 3.84 59.78 -36.73
CA GLU E 642 4.13 61.14 -36.25
C GLU E 642 4.94 61.10 -34.97
N ASN E 643 4.68 60.11 -34.11
CA ASN E 643 5.43 59.91 -32.88
C ASN E 643 6.38 58.74 -33.10
N HIS E 644 7.59 59.04 -33.57
CA HIS E 644 8.53 58.04 -34.06
C HIS E 644 9.81 58.12 -33.23
N PHE E 645 10.13 57.01 -32.53
CA PHE E 645 11.26 56.96 -31.61
C PHE E 645 12.31 55.98 -32.15
N VAL E 646 13.57 56.31 -31.86
CA VAL E 646 14.68 55.45 -32.24
C VAL E 646 15.53 55.22 -31.00
N PHE E 647 15.68 53.94 -30.65
CA PHE E 647 16.54 53.49 -29.59
C PHE E 647 17.82 52.92 -30.20
N LEU E 648 18.99 53.37 -29.73
CA LEU E 648 20.29 52.90 -30.20
C LEU E 648 21.09 52.32 -29.03
N PHE E 649 21.42 51.03 -29.11
CA PHE E 649 22.12 50.34 -28.03
C PHE E 649 23.53 49.90 -28.47
N ASN E 650 24.56 50.26 -27.70
CA ASN E 650 25.89 49.72 -27.97
C ASN E 650 25.89 48.20 -27.69
N ARG E 651 26.31 47.40 -28.68
CA ARG E 651 26.42 45.97 -28.50
C ARG E 651 27.84 45.54 -28.14
N THR E 652 28.78 46.50 -28.02
CA THR E 652 30.21 46.21 -27.98
C THR E 652 30.83 46.70 -26.68
N HIS E 653 32.11 46.34 -26.48
CA HIS E 653 32.95 46.84 -25.39
C HIS E 653 33.82 48.00 -25.86
N ASP E 654 33.48 48.59 -27.01
CA ASP E 654 34.12 49.80 -27.51
C ASP E 654 33.14 50.96 -27.45
N VAL E 655 33.67 52.19 -27.50
CA VAL E 655 32.86 53.39 -27.65
C VAL E 655 32.29 53.41 -29.07
N ALA E 656 30.95 53.47 -29.20
CA ALA E 656 30.27 53.50 -30.48
C ALA E 656 29.78 54.91 -30.79
N VAL E 657 30.03 55.38 -32.02
CA VAL E 657 29.69 56.74 -32.42
C VAL E 657 28.56 56.65 -33.45
N VAL E 658 27.51 57.46 -33.26
CA VAL E 658 26.33 57.38 -34.12
C VAL E 658 25.89 58.79 -34.48
N ASP E 659 25.12 58.88 -35.56
CA ASP E 659 24.38 60.10 -35.88
C ASP E 659 23.18 60.21 -34.95
N VAL E 660 22.94 61.43 -34.48
CA VAL E 660 21.72 61.79 -33.76
C VAL E 660 20.74 62.39 -34.76
N GLU E 661 19.61 61.71 -35.01
CA GLU E 661 18.73 62.10 -36.10
C GLU E 661 17.45 62.79 -35.60
N GLY E 662 17.42 63.25 -34.35
CA GLY E 662 16.24 63.97 -33.86
C GLY E 662 16.53 64.68 -32.53
N GLU E 663 15.52 64.82 -31.69
CA GLU E 663 15.70 65.36 -30.36
C GLU E 663 16.06 64.22 -29.39
N PRO E 664 17.27 64.23 -28.77
CA PRO E 664 17.62 63.26 -27.75
C PRO E 664 16.89 63.45 -26.43
N LEU E 665 16.17 62.40 -26.00
CA LEU E 665 15.33 62.49 -24.81
C LEU E 665 16.02 61.80 -23.63
N VAL E 666 16.66 60.67 -23.88
CA VAL E 666 17.34 59.95 -22.82
C VAL E 666 18.73 59.53 -23.28
N ALA E 667 19.72 59.73 -22.38
CA ALA E 667 21.12 59.42 -22.65
C ALA E 667 21.74 58.73 -21.44
N SER E 668 21.75 57.39 -21.48
CA SER E 668 22.47 56.61 -20.50
C SER E 668 23.83 56.20 -21.05
N LEU E 669 24.90 56.70 -20.42
CA LEU E 669 26.27 56.38 -20.80
C LEU E 669 26.46 56.77 -22.26
N ALA E 670 25.85 57.90 -22.64
CA ALA E 670 25.98 58.44 -23.98
C ALA E 670 26.10 59.96 -23.89
N GLN E 671 27.03 60.52 -24.67
CA GLN E 671 27.31 61.95 -24.64
C GLN E 671 27.07 62.50 -26.04
N VAL E 672 26.13 63.44 -26.16
CA VAL E 672 25.79 64.02 -27.45
C VAL E 672 26.71 65.20 -27.71
N ASN E 673 27.13 65.35 -28.97
CA ASN E 673 27.75 66.56 -29.45
C ASN E 673 26.71 67.32 -30.29
N GLU E 674 26.17 68.39 -29.70
CA GLU E 674 25.08 69.16 -30.25
C GLU E 674 25.38 69.64 -31.68
N SER E 675 26.60 70.14 -31.89
CA SER E 675 26.95 70.84 -33.12
C SER E 675 27.27 69.84 -34.24
N GLU E 676 28.09 68.83 -33.91
CA GLU E 676 28.46 67.80 -34.87
C GLU E 676 27.26 66.88 -35.12
N HIS E 677 26.20 67.00 -34.30
CA HIS E 677 25.01 66.16 -34.35
C HIS E 677 25.39 64.68 -34.28
N THR E 678 26.33 64.36 -33.38
CA THR E 678 26.81 63.01 -33.16
C THR E 678 26.73 62.68 -31.67
N ALA E 679 26.82 61.39 -31.35
CA ALA E 679 26.87 60.95 -29.96
C ALA E 679 27.84 59.78 -29.82
N ALA E 680 28.58 59.80 -28.72
CA ALA E 680 29.44 58.70 -28.37
C ALA E 680 28.76 57.86 -27.30
N ILE E 681 28.48 56.58 -27.62
CA ILE E 681 27.79 55.69 -26.71
C ILE E 681 28.80 54.75 -26.06
N GLN E 682 28.89 54.83 -24.74
CA GLN E 682 29.82 53.99 -23.99
C GLN E 682 29.32 52.54 -24.05
N PRO E 683 30.17 51.55 -23.70
CA PRO E 683 29.68 50.18 -23.46
C PRO E 683 28.52 50.17 -22.47
N ASN E 684 27.48 49.37 -22.79
CA ASN E 684 26.28 49.25 -21.98
C ASN E 684 25.46 50.53 -21.98
N GLY E 685 25.70 51.38 -22.99
CA GLY E 685 25.00 52.65 -23.09
C GLY E 685 23.88 52.61 -24.12
N VAL E 686 22.97 53.61 -24.03
CA VAL E 686 21.82 53.74 -24.91
C VAL E 686 21.45 55.22 -25.08
N LEU E 687 21.04 55.59 -26.30
CA LEU E 687 20.50 56.90 -26.64
C LEU E 687 19.11 56.71 -27.26
N VAL E 688 18.15 57.53 -26.81
CA VAL E 688 16.78 57.51 -27.29
C VAL E 688 16.45 58.87 -27.91
N VAL E 689 16.00 58.82 -29.16
CA VAL E 689 15.75 60.00 -29.98
C VAL E 689 14.28 59.99 -30.40
N LYS E 690 13.67 61.17 -30.57
CA LYS E 690 12.40 61.30 -31.27
C LYS E 690 12.60 62.03 -32.60
N LEU E 691 12.07 61.45 -33.69
CA LEU E 691 12.32 61.95 -35.04
C LEU E 691 11.44 63.18 -35.33
N MET F 1 -11.29 -43.46 -13.83
CA MET F 1 -10.39 -43.06 -12.72
C MET F 1 -10.02 -44.34 -11.97
N GLU F 2 -8.72 -44.57 -11.82
CA GLU F 2 -8.20 -45.80 -11.25
C GLU F 2 -7.74 -45.52 -9.82
N HIS F 3 -7.91 -46.51 -8.94
CA HIS F 3 -7.36 -46.51 -7.60
C HIS F 3 -5.89 -46.92 -7.64
N ARG F 4 -5.12 -46.49 -6.63
CA ARG F 4 -3.77 -46.97 -6.38
C ARG F 4 -3.86 -48.35 -5.76
N ALA F 5 -2.79 -49.14 -5.89
CA ALA F 5 -2.80 -50.46 -5.31
C ALA F 5 -2.94 -50.35 -3.79
N PHE F 6 -3.79 -51.21 -3.24
CA PHE F 6 -3.98 -51.27 -1.81
C PHE F 6 -2.70 -51.68 -1.12
N LYS F 7 -2.34 -50.95 -0.06
CA LYS F 7 -1.27 -51.36 0.84
C LYS F 7 -1.69 -51.03 2.27
N TRP F 8 -1.31 -51.90 3.19
CA TRP F 8 -1.64 -51.77 4.59
C TRP F 8 -0.36 -51.77 5.42
N PRO F 9 -0.26 -50.98 6.53
CA PRO F 9 0.93 -51.02 7.38
C PRO F 9 1.14 -52.42 7.96
N GLN F 10 2.38 -52.94 7.83
CA GLN F 10 2.70 -54.32 8.17
C GLN F 10 3.26 -54.38 9.60
N PRO F 11 3.19 -55.57 10.27
CA PRO F 11 3.73 -55.69 11.63
C PRO F 11 5.24 -55.48 11.70
N LEU F 12 5.72 -55.11 12.88
CA LEU F 12 7.14 -55.14 13.17
C LEU F 12 7.64 -56.58 13.05
N ALA F 13 8.93 -56.70 12.70
CA ALA F 13 9.64 -57.97 12.59
C ALA F 13 9.35 -58.82 13.82
N GLY F 14 8.79 -60.03 13.60
CA GLY F 14 8.60 -60.99 14.68
C GLY F 14 7.24 -60.85 15.36
N ASN F 15 6.39 -59.93 14.86
CA ASN F 15 5.05 -59.75 15.40
C ASN F 15 4.03 -60.32 14.42
N LYS F 16 2.89 -60.77 14.95
CA LYS F 16 1.80 -61.25 14.11
C LYS F 16 0.87 -60.08 13.76
N PRO F 17 0.13 -60.15 12.63
CA PRO F 17 -0.88 -59.12 12.32
C PRO F 17 -1.83 -58.89 13.47
N ARG F 18 -2.13 -57.61 13.74
CA ARG F 18 -3.13 -57.24 14.73
C ARG F 18 -4.06 -56.19 14.14
N ILE F 19 -5.23 -56.04 14.79
CA ILE F 19 -6.03 -54.84 14.60
C ILE F 19 -5.23 -53.69 15.21
N TRP F 20 -4.72 -52.81 14.37
CA TRP F 20 -3.92 -51.70 14.88
C TRP F 20 -4.74 -50.94 15.94
N TYR F 21 -4.16 -50.67 17.11
CA TYR F 21 -4.85 -49.98 18.20
C TYR F 21 -3.91 -48.93 18.81
N GLY F 22 -4.42 -47.69 18.99
CA GLY F 22 -3.64 -46.62 19.56
C GLY F 22 -4.20 -45.24 19.21
N GLY F 23 -3.31 -44.32 18.83
CA GLY F 23 -3.75 -42.98 18.44
C GLY F 23 -2.60 -42.00 18.31
N ASP F 24 -2.94 -40.72 18.12
CA ASP F 24 -1.96 -39.66 18.05
C ASP F 24 -1.18 -39.64 19.37
N TYR F 25 0.16 -39.54 19.24
CA TYR F 25 1.06 -39.45 20.38
C TYR F 25 1.96 -38.23 20.20
N ASN F 26 2.05 -37.41 21.27
CA ASN F 26 2.70 -36.10 21.23
C ASN F 26 3.65 -35.95 22.40
N PRO F 27 4.74 -36.76 22.40
CA PRO F 27 5.74 -36.69 23.47
C PRO F 27 6.48 -35.35 23.53
N ASP F 28 6.47 -34.58 22.44
CA ASP F 28 7.09 -33.26 22.42
C ASP F 28 6.40 -32.26 23.38
N GLN F 29 5.21 -32.59 23.88
CA GLN F 29 4.53 -31.77 24.87
C GLN F 29 4.86 -32.18 26.31
N TRP F 30 5.63 -33.27 26.50
CA TRP F 30 5.89 -33.76 27.85
C TRP F 30 7.39 -33.94 28.09
N PRO F 31 7.86 -33.81 29.34
CA PRO F 31 9.25 -34.10 29.66
C PRO F 31 9.53 -35.57 29.38
N GLU F 32 10.79 -35.87 29.12
CA GLU F 32 11.22 -37.17 28.64
C GLU F 32 10.87 -38.27 29.63
N GLU F 33 10.87 -37.99 30.94
CA GLU F 33 10.63 -39.03 31.95
C GLU F 33 9.20 -39.57 31.82
N VAL F 34 8.31 -38.80 31.19
CA VAL F 34 6.94 -39.22 31.01
C VAL F 34 6.85 -40.30 29.92
N TRP F 35 7.79 -40.29 28.96
CA TRP F 35 7.71 -41.18 27.82
C TRP F 35 7.79 -42.64 28.27
N ASP F 36 8.53 -42.91 29.35
CA ASP F 36 8.62 -44.25 29.91
C ASP F 36 7.29 -44.66 30.53
N GLU F 37 6.60 -43.74 31.21
CA GLU F 37 5.29 -44.08 31.77
C GLU F 37 4.34 -44.36 30.61
N ASP F 38 4.42 -43.56 29.52
CA ASP F 38 3.53 -43.73 28.38
C ASP F 38 3.67 -45.15 27.81
N VAL F 39 4.91 -45.62 27.67
CA VAL F 39 5.13 -46.91 27.04
C VAL F 39 4.57 -48.01 27.95
N ALA F 40 4.83 -47.90 29.25
CA ALA F 40 4.31 -48.88 30.20
C ALA F 40 2.78 -48.94 30.11
N LEU F 41 2.12 -47.78 29.94
CA LEU F 41 0.66 -47.71 29.97
C LEU F 41 0.09 -48.23 28.64
N MET F 42 0.80 -47.93 27.55
CA MET F 42 0.47 -48.44 26.24
C MET F 42 0.46 -49.98 26.26
N GLN F 43 1.46 -50.61 26.89
CA GLN F 43 1.51 -52.07 26.92
C GLN F 43 0.28 -52.60 27.65
N GLN F 44 -0.03 -51.98 28.79
CA GLN F 44 -1.16 -52.38 29.63
C GLN F 44 -2.48 -52.22 28.86
N ALA F 45 -2.57 -51.17 28.03
CA ALA F 45 -3.76 -50.89 27.24
C ALA F 45 -3.87 -51.79 26.00
N GLY F 46 -2.80 -52.49 25.63
CA GLY F 46 -2.81 -53.31 24.42
C GLY F 46 -2.58 -52.48 23.16
N VAL F 47 -2.05 -51.27 23.35
CA VAL F 47 -1.76 -50.38 22.25
C VAL F 47 -0.55 -50.90 21.48
N ASN F 48 -0.61 -50.88 20.13
CA ASN F 48 0.44 -51.43 19.32
C ASN F 48 0.80 -50.53 18.13
N LEU F 49 0.24 -49.31 18.08
CA LEU F 49 0.63 -48.38 17.03
C LEU F 49 0.29 -46.97 17.49
N VAL F 50 1.17 -46.01 17.21
CA VAL F 50 0.89 -44.60 17.49
C VAL F 50 1.34 -43.75 16.32
N SER F 51 0.71 -42.58 16.17
CA SER F 51 1.03 -41.66 15.09
C SER F 51 1.74 -40.42 15.63
N VAL F 52 2.97 -40.17 15.16
CA VAL F 52 3.89 -39.28 15.82
C VAL F 52 4.28 -38.15 14.86
N ALA F 53 4.56 -36.98 15.44
CA ALA F 53 5.19 -35.84 14.81
C ALA F 53 4.27 -35.06 13.88
N ILE F 54 2.94 -35.20 14.02
CA ILE F 54 1.97 -34.64 13.07
C ILE F 54 2.10 -33.11 12.99
N PHE F 55 2.24 -32.46 14.17
CA PHE F 55 2.43 -31.01 14.30
C PHE F 55 3.79 -30.65 14.91
N SER F 56 4.85 -31.38 14.52
CA SER F 56 6.13 -31.23 15.19
C SER F 56 7.12 -30.37 14.37
N TRP F 57 6.66 -29.61 13.35
CA TRP F 57 7.58 -28.90 12.48
C TRP F 57 8.53 -27.99 13.28
N ALA F 58 8.01 -27.29 14.27
CA ALA F 58 8.79 -26.26 14.96
C ALA F 58 9.83 -26.89 15.87
N LYS F 59 9.69 -28.19 16.19
CA LYS F 59 10.70 -28.92 16.92
C LYS F 59 11.70 -29.58 15.96
N LEU F 60 11.20 -30.05 14.78
CA LEU F 60 12.01 -30.75 13.77
C LEU F 60 12.93 -29.82 12.98
N GLU F 61 12.41 -28.66 12.54
CA GLU F 61 13.19 -27.62 11.89
C GLU F 61 13.01 -26.36 12.77
N PRO F 62 13.69 -26.24 13.94
CA PRO F 62 13.48 -25.11 14.86
C PRO F 62 13.84 -23.74 14.29
N GLU F 63 14.64 -23.72 13.23
CA GLU F 63 14.81 -22.52 12.40
C GLU F 63 15.15 -23.00 11.00
N GLU F 64 15.18 -22.09 10.02
CA GLU F 64 15.29 -22.51 8.63
C GLU F 64 16.63 -23.24 8.42
N GLY F 65 16.56 -24.42 7.78
CA GLY F 65 17.74 -25.17 7.39
C GLY F 65 18.50 -25.77 8.58
N VAL F 66 17.86 -25.84 9.75
CA VAL F 66 18.42 -26.49 10.92
C VAL F 66 17.47 -27.61 11.35
N TYR F 67 17.99 -28.83 11.53
CA TYR F 67 17.14 -30.00 11.73
C TYR F 67 17.52 -30.69 13.04
N ASP F 68 16.52 -31.20 13.75
CA ASP F 68 16.73 -31.83 15.05
C ASP F 68 15.83 -33.06 15.16
N PHE F 69 16.40 -34.24 14.89
CA PHE F 69 15.63 -35.47 14.86
C PHE F 69 15.91 -36.30 16.11
N ASP F 70 16.81 -35.82 16.96
CA ASP F 70 17.35 -36.60 18.07
C ASP F 70 16.24 -37.09 18.98
N TRP F 71 15.37 -36.15 19.40
CA TRP F 71 14.24 -36.43 20.28
C TRP F 71 13.33 -37.50 19.66
N LEU F 72 13.12 -37.38 18.35
CA LEU F 72 12.18 -38.22 17.64
C LEU F 72 12.79 -39.61 17.48
N ASP F 73 14.11 -39.67 17.22
CA ASP F 73 14.81 -40.93 17.16
C ASP F 73 14.64 -41.68 18.46
N ARG F 74 14.84 -40.96 19.57
CA ARG F 74 14.83 -41.60 20.87
C ARG F 74 13.44 -42.15 21.19
N VAL F 75 12.37 -41.38 20.89
CA VAL F 75 11.04 -41.85 21.26
C VAL F 75 10.61 -43.01 20.34
N ILE F 76 10.94 -42.94 19.05
CA ILE F 76 10.64 -44.07 18.16
C ILE F 76 11.35 -45.33 18.67
N ASP F 77 12.57 -45.19 19.21
CA ASP F 77 13.33 -46.33 19.67
C ASP F 77 12.71 -46.90 20.95
N LYS F 78 12.26 -46.03 21.89
CA LYS F 78 11.51 -46.49 23.07
C LYS F 78 10.27 -47.28 22.67
N LEU F 79 9.51 -46.79 21.68
CA LEU F 79 8.26 -47.43 21.26
C LEU F 79 8.52 -48.79 20.60
N GLY F 80 9.37 -48.79 19.57
CA GLY F 80 9.84 -49.98 18.88
C GLY F 80 10.32 -51.12 19.82
N LYS F 81 11.29 -50.81 20.71
CA LYS F 81 11.83 -51.79 21.65
C LYS F 81 10.72 -52.41 22.51
N ALA F 82 9.61 -51.70 22.71
CA ALA F 82 8.51 -52.21 23.53
C ALA F 82 7.44 -52.86 22.66
N GLY F 83 7.69 -52.96 21.35
CA GLY F 83 6.84 -53.69 20.43
C GLY F 83 5.72 -52.84 19.81
N ILE F 84 5.87 -51.50 19.87
CA ILE F 84 4.84 -50.58 19.39
C ILE F 84 5.32 -49.89 18.13
N ALA F 85 4.52 -49.99 17.06
CA ALA F 85 4.88 -49.47 15.76
C ALA F 85 4.56 -47.98 15.68
N VAL F 86 5.14 -47.32 14.67
CA VAL F 86 5.03 -45.88 14.52
C VAL F 86 4.55 -45.57 13.11
N ASP F 87 3.33 -45.01 13.05
CA ASP F 87 2.86 -44.30 11.87
C ASP F 87 3.45 -42.90 11.94
N LEU F 88 4.43 -42.62 11.08
CA LEU F 88 5.25 -41.43 11.18
C LEU F 88 4.67 -40.34 10.28
N ALA F 89 4.53 -39.12 10.82
CA ALA F 89 4.00 -38.00 10.06
C ALA F 89 5.06 -37.40 9.14
N SER F 90 4.64 -36.75 8.04
CA SER F 90 5.51 -35.82 7.33
C SER F 90 6.02 -34.73 8.25
N GLY F 91 5.18 -34.31 9.22
CA GLY F 91 5.47 -33.17 10.07
C GLY F 91 5.09 -31.84 9.45
N THR F 92 4.49 -31.86 8.25
CA THR F 92 4.24 -30.67 7.44
C THR F 92 2.81 -30.13 7.63
N ALA F 93 2.05 -30.63 8.60
CA ALA F 93 0.66 -30.19 8.79
C ALA F 93 0.55 -28.68 8.98
N SER F 94 1.43 -28.08 9.81
CA SER F 94 1.35 -26.67 10.13
C SER F 94 2.73 -26.03 10.27
N PRO F 95 2.97 -24.84 9.66
CA PRO F 95 4.29 -24.22 9.69
C PRO F 95 4.61 -23.52 11.00
N PRO F 96 5.91 -23.48 11.35
CA PRO F 96 6.38 -22.71 12.51
C PRO F 96 6.41 -21.21 12.26
N MET F 97 6.54 -20.46 13.37
CA MET F 97 6.43 -19.01 13.31
C MET F 97 7.50 -18.42 12.40
N TRP F 98 8.73 -18.95 12.46
CA TRP F 98 9.84 -18.37 11.72
C TRP F 98 9.51 -18.28 10.24
N MET F 99 8.79 -19.29 9.74
CA MET F 99 8.53 -19.41 8.31
C MET F 99 7.50 -18.38 7.86
N THR F 100 6.42 -18.23 8.64
CA THR F 100 5.39 -17.25 8.36
C THR F 100 5.90 -15.82 8.56
N GLN F 101 6.81 -15.59 9.52
CA GLN F 101 7.39 -14.25 9.68
C GLN F 101 8.27 -13.89 8.50
N ALA F 102 9.08 -14.84 8.03
CA ALA F 102 9.93 -14.58 6.87
C ALA F 102 9.08 -14.54 5.60
N HIS F 103 8.06 -15.40 5.50
CA HIS F 103 7.27 -15.46 4.28
C HIS F 103 5.78 -15.31 4.55
N PRO F 104 5.26 -14.06 4.74
CA PRO F 104 3.83 -13.84 4.94
C PRO F 104 2.97 -14.30 3.77
N GLU F 105 3.59 -14.47 2.59
CA GLU F 105 2.87 -14.88 1.37
C GLU F 105 2.42 -16.35 1.43
N ILE F 106 2.80 -17.09 2.47
CA ILE F 106 2.28 -18.43 2.71
C ILE F 106 0.83 -18.44 3.22
N LEU F 107 0.45 -17.36 3.90
CA LEU F 107 -0.81 -17.35 4.63
C LEU F 107 -2.01 -17.22 3.69
N TRP F 108 -3.04 -18.00 3.96
CA TRP F 108 -4.26 -17.92 3.17
C TRP F 108 -5.06 -16.66 3.47
N VAL F 109 -5.79 -16.25 2.44
CA VAL F 109 -6.51 -15.00 2.34
C VAL F 109 -8.00 -15.29 2.22
N ASP F 110 -8.84 -14.56 2.98
CA ASP F 110 -10.27 -14.82 2.98
C ASP F 110 -10.94 -14.05 1.85
N TYR F 111 -12.28 -14.24 1.74
CA TYR F 111 -13.05 -13.71 0.63
C TYR F 111 -13.00 -12.18 0.57
N ARG F 112 -12.73 -11.52 1.72
CA ARG F 112 -12.71 -10.07 1.80
C ARG F 112 -11.29 -9.49 1.71
N GLY F 113 -10.28 -10.37 1.57
CA GLY F 113 -8.90 -9.92 1.41
C GLY F 113 -8.12 -9.86 2.72
N ASP F 114 -8.70 -10.36 3.82
CA ASP F 114 -8.05 -10.39 5.10
C ASP F 114 -7.23 -11.67 5.18
N VAL F 115 -5.99 -11.53 5.68
CA VAL F 115 -5.01 -12.60 5.75
C VAL F 115 -5.18 -13.38 7.06
N CYS F 116 -5.34 -14.70 6.97
CA CYS F 116 -5.32 -15.56 8.15
C CYS F 116 -3.93 -15.54 8.76
N GLN F 117 -3.86 -15.27 10.07
CA GLN F 117 -2.60 -15.22 10.78
C GLN F 117 -2.33 -16.54 11.49
N PRO F 118 -1.06 -16.75 11.91
CA PRO F 118 -0.73 -17.81 12.86
C PRO F 118 -1.46 -17.56 14.18
N GLY F 119 -1.54 -18.60 15.00
CA GLY F 119 -2.20 -18.57 16.28
C GLY F 119 -2.97 -19.87 16.52
N ALA F 120 -3.29 -20.59 15.43
CA ALA F 120 -3.90 -21.91 15.51
C ALA F 120 -3.13 -22.85 14.58
N ARG F 121 -3.76 -23.30 13.48
CA ARG F 121 -3.05 -24.24 12.62
C ARG F 121 -3.59 -24.19 11.19
N GLN F 122 -2.70 -24.61 10.27
CA GLN F 122 -3.00 -24.90 8.88
C GLN F 122 -3.27 -23.61 8.12
N HIS F 123 -2.53 -22.56 8.47
CA HIS F 123 -2.76 -21.23 7.92
C HIS F 123 -1.98 -21.03 6.63
N TRP F 124 -1.98 -22.04 5.75
CA TRP F 124 -1.22 -21.97 4.51
C TRP F 124 -2.13 -22.13 3.29
N ARG F 125 -1.75 -21.43 2.21
CA ARG F 125 -2.38 -21.50 0.93
C ARG F 125 -2.00 -22.81 0.23
N ALA F 126 -3.03 -23.52 -0.25
CA ALA F 126 -2.81 -24.74 -1.03
C ALA F 126 -1.94 -24.48 -2.26
N THR F 127 -2.05 -23.31 -2.88
CA THR F 127 -1.32 -23.03 -4.11
C THR F 127 -0.09 -22.13 -3.94
N SER F 128 0.39 -21.96 -2.71
CA SER F 128 1.63 -21.20 -2.49
C SER F 128 2.82 -22.02 -2.97
N PRO F 129 3.61 -21.55 -3.96
CA PRO F 129 4.83 -22.24 -4.38
C PRO F 129 5.91 -22.26 -3.31
N VAL F 130 5.98 -21.18 -2.52
CA VAL F 130 6.94 -21.05 -1.42
C VAL F 130 6.62 -22.14 -0.39
N PHE F 131 5.36 -22.24 0.01
CA PHE F 131 5.03 -23.21 1.04
C PHE F 131 5.28 -24.64 0.53
N LEU F 132 5.04 -24.90 -0.75
CA LEU F 132 5.32 -26.21 -1.31
C LEU F 132 6.83 -26.52 -1.19
N ASP F 133 7.65 -25.54 -1.55
CA ASP F 133 9.11 -25.68 -1.40
C ASP F 133 9.48 -26.10 0.02
N TYR F 134 8.88 -25.46 1.05
CA TYR F 134 9.25 -25.73 2.44
C TYR F 134 8.77 -27.13 2.81
N ALA F 135 7.53 -27.46 2.40
CA ALA F 135 6.91 -28.73 2.76
C ALA F 135 7.68 -29.90 2.13
N LEU F 136 8.00 -29.77 0.84
CA LEU F 136 8.68 -30.87 0.14
C LEU F 136 10.07 -31.06 0.73
N ASN F 137 10.73 -29.94 1.09
CA ASN F 137 12.03 -30.03 1.76
C ASN F 137 11.96 -30.85 3.06
N LEU F 138 10.97 -30.60 3.95
CA LEU F 138 10.90 -31.36 5.19
C LEU F 138 10.53 -32.81 4.91
N CYS F 139 9.64 -33.04 3.93
CA CYS F 139 9.34 -34.39 3.48
C CYS F 139 10.63 -35.14 3.16
N ARG F 140 11.52 -34.53 2.39
CA ARG F 140 12.75 -35.20 1.96
C ARG F 140 13.72 -35.47 3.11
N LYS F 141 13.87 -34.49 4.00
CA LYS F 141 14.69 -34.67 5.19
C LYS F 141 14.14 -35.80 6.07
N MET F 142 12.81 -35.91 6.21
CA MET F 142 12.22 -36.91 7.09
C MET F 142 12.38 -38.29 6.46
N ALA F 143 12.10 -38.37 5.15
CA ALA F 143 12.20 -39.62 4.40
C ALA F 143 13.63 -40.16 4.48
N GLU F 144 14.59 -39.28 4.21
CA GLU F 144 15.99 -39.64 4.20
C GLU F 144 16.39 -40.17 5.58
N HIS F 145 15.87 -39.56 6.65
CA HIS F 145 16.27 -39.91 7.99
C HIS F 145 15.62 -41.23 8.46
N TYR F 146 14.40 -41.53 8.03
CA TYR F 146 13.66 -42.67 8.58
C TYR F 146 13.44 -43.79 7.55
N LYS F 147 14.00 -43.59 6.36
CA LYS F 147 14.06 -44.60 5.31
C LYS F 147 14.31 -46.01 5.84
N ASP F 148 15.32 -46.20 6.71
CA ASP F 148 15.67 -47.56 7.12
C ASP F 148 15.35 -47.80 8.59
N ASN F 149 14.41 -47.03 9.15
CA ASN F 149 14.02 -47.22 10.54
C ASN F 149 13.04 -48.39 10.65
N PRO F 150 13.40 -49.51 11.32
CA PRO F 150 12.53 -50.70 11.28
C PRO F 150 11.21 -50.53 12.03
N TYR F 151 11.08 -49.47 12.84
CA TYR F 151 9.91 -49.32 13.67
C TYR F 151 8.86 -48.43 13.00
N VAL F 152 9.23 -47.77 11.90
CA VAL F 152 8.30 -46.91 11.19
C VAL F 152 7.58 -47.75 10.13
N VAL F 153 6.26 -47.94 10.28
CA VAL F 153 5.50 -48.85 9.41
C VAL F 153 4.74 -48.10 8.33
N SER F 154 4.59 -46.78 8.44
CA SER F 154 3.79 -46.06 7.45
C SER F 154 4.03 -44.56 7.52
N TRP F 155 3.53 -43.84 6.51
CA TRP F 155 3.52 -42.39 6.45
C TRP F 155 2.09 -41.86 6.69
N HIS F 156 1.98 -40.88 7.61
CA HIS F 156 0.79 -40.05 7.84
C HIS F 156 1.09 -38.68 7.22
N VAL F 157 0.65 -38.44 5.99
CA VAL F 157 1.06 -37.25 5.25
C VAL F 157 0.22 -36.06 5.74
N SER F 158 0.89 -34.99 6.16
CA SER F 158 0.26 -33.81 6.74
C SER F 158 -0.82 -34.18 7.76
N ASN F 159 -1.95 -33.45 7.73
CA ASN F 159 -3.09 -33.77 8.57
C ASN F 159 -4.36 -33.08 8.05
N ALA F 160 -5.40 -33.88 7.82
CA ALA F 160 -6.75 -33.39 7.57
C ALA F 160 -6.70 -32.13 6.69
N TYR F 161 -6.22 -32.27 5.47
CA TYR F 161 -6.16 -31.15 4.53
C TYR F 161 -7.53 -30.51 4.40
N GLY F 162 -7.52 -29.19 4.22
CA GLY F 162 -8.74 -28.45 3.96
C GLY F 162 -9.63 -28.19 5.18
N CYS F 163 -9.34 -28.75 6.36
CA CYS F 163 -10.12 -28.47 7.56
C CYS F 163 -10.20 -26.98 7.87
N HIS F 164 -9.10 -26.21 7.64
CA HIS F 164 -9.06 -24.78 7.89
C HIS F 164 -8.76 -24.00 6.61
N ASN F 165 -8.02 -24.63 5.67
CA ASN F 165 -7.50 -23.91 4.51
C ASN F 165 -8.15 -24.41 3.21
N ARG F 166 -9.39 -24.89 3.29
CA ARG F 166 -10.13 -25.28 2.09
C ARG F 166 -10.12 -24.15 1.04
N PHE F 167 -10.43 -22.93 1.47
CA PHE F 167 -10.57 -21.82 0.56
C PHE F 167 -9.47 -20.79 0.74
N ASP F 168 -8.91 -20.35 -0.36
CA ASP F 168 -7.95 -19.27 -0.35
C ASP F 168 -8.34 -18.35 -1.50
N TYR F 169 -8.32 -17.03 -1.29
CA TYR F 169 -8.69 -16.03 -2.28
C TYR F 169 -7.50 -15.19 -2.72
N SER F 170 -6.28 -15.67 -2.40
CA SER F 170 -5.04 -14.99 -2.72
C SER F 170 -4.82 -14.83 -4.22
N GLU F 171 -3.77 -14.08 -4.57
CA GLU F 171 -3.28 -14.02 -5.95
C GLU F 171 -2.82 -15.39 -6.48
N ASP F 172 -2.31 -16.27 -5.62
CA ASP F 172 -1.88 -17.60 -6.03
C ASP F 172 -3.11 -18.43 -6.43
N ALA F 173 -4.17 -18.36 -5.61
CA ALA F 173 -5.44 -19.01 -5.92
C ALA F 173 -6.02 -18.49 -7.24
N GLU F 174 -5.99 -17.18 -7.46
CA GLU F 174 -6.56 -16.60 -8.66
C GLU F 174 -5.92 -17.25 -9.89
N ARG F 175 -4.60 -17.30 -9.90
CA ARG F 175 -3.89 -17.78 -11.09
C ARG F 175 -4.11 -19.28 -11.25
N ALA F 176 -4.08 -20.05 -10.15
CA ALA F 176 -4.30 -21.49 -10.20
C ALA F 176 -5.72 -21.81 -10.69
N PHE F 177 -6.72 -21.02 -10.27
CA PHE F 177 -8.09 -21.23 -10.73
C PHE F 177 -8.21 -20.92 -12.22
N GLN F 178 -7.58 -19.84 -12.69
CA GLN F 178 -7.63 -19.58 -14.11
C GLN F 178 -7.05 -20.76 -14.91
N LYS F 179 -5.96 -21.35 -14.42
CA LYS F 179 -5.27 -22.42 -15.14
C LYS F 179 -6.09 -23.71 -15.07
N TRP F 180 -6.75 -23.96 -13.92
CA TRP F 180 -7.59 -25.14 -13.77
C TRP F 180 -8.82 -25.06 -14.69
N CYS F 181 -9.40 -23.87 -14.81
CA CYS F 181 -10.48 -23.61 -15.75
C CYS F 181 -10.03 -23.85 -17.19
N GLU F 182 -8.81 -23.42 -17.53
CA GLU F 182 -8.31 -23.61 -18.89
C GLU F 182 -8.11 -25.10 -19.18
N LYS F 183 -7.54 -25.82 -18.22
CA LYS F 183 -7.40 -27.27 -18.30
C LYS F 183 -8.76 -27.95 -18.52
N LYS F 184 -9.77 -27.61 -17.71
CA LYS F 184 -11.09 -28.26 -17.76
C LYS F 184 -11.84 -27.93 -19.05
N TYR F 185 -11.84 -26.66 -19.48
CA TYR F 185 -12.77 -26.22 -20.52
C TYR F 185 -12.08 -25.90 -21.83
N GLY F 186 -10.77 -25.65 -21.80
CA GLY F 186 -10.01 -25.45 -23.01
C GLY F 186 -10.22 -24.08 -23.63
N THR F 187 -11.47 -23.60 -23.75
CA THR F 187 -11.68 -22.28 -24.35
C THR F 187 -12.52 -21.42 -23.40
N ILE F 188 -12.48 -20.08 -23.57
CA ILE F 188 -13.24 -19.15 -22.72
C ILE F 188 -14.74 -19.27 -23.03
N ASP F 189 -15.10 -19.46 -24.30
CA ASP F 189 -16.48 -19.70 -24.69
C ASP F 189 -17.09 -20.89 -23.93
N ALA F 190 -16.34 -21.95 -23.70
CA ALA F 190 -16.90 -23.08 -22.98
C ALA F 190 -17.13 -22.72 -21.52
N VAL F 191 -16.25 -21.92 -20.90
CA VAL F 191 -16.49 -21.44 -19.55
C VAL F 191 -17.74 -20.56 -19.50
N ASN F 192 -17.83 -19.58 -20.42
CA ASN F 192 -18.96 -18.68 -20.51
C ASN F 192 -20.30 -19.45 -20.58
N ASP F 193 -20.33 -20.52 -21.40
CA ASP F 193 -21.51 -21.34 -21.54
C ASP F 193 -21.75 -22.17 -20.28
N ALA F 194 -20.70 -22.79 -19.74
CA ALA F 194 -20.92 -23.57 -18.55
C ALA F 194 -21.47 -22.70 -17.40
N TRP F 195 -21.01 -21.44 -17.29
CA TRP F 195 -21.32 -20.62 -16.13
C TRP F 195 -22.54 -19.72 -16.37
N GLY F 196 -23.13 -19.78 -17.56
CA GLY F 196 -24.31 -19.02 -17.87
C GLY F 196 -24.06 -17.51 -17.79
N THR F 197 -22.93 -17.08 -18.33
CA THR F 197 -22.42 -15.74 -18.04
C THR F 197 -23.12 -14.68 -18.89
N ALA F 198 -24.07 -15.09 -19.74
CA ALA F 198 -24.86 -14.10 -20.47
C ALA F 198 -25.76 -13.31 -19.54
N PHE F 199 -26.07 -13.95 -18.41
CA PHE F 199 -26.82 -13.39 -17.31
C PHE F 199 -25.96 -12.40 -16.49
N TRP F 200 -26.51 -11.19 -16.30
CA TRP F 200 -25.91 -10.17 -15.43
C TRP F 200 -24.55 -9.71 -15.95
N ALA F 201 -24.38 -9.72 -17.28
CA ALA F 201 -23.24 -9.07 -17.92
C ALA F 201 -21.90 -9.61 -17.40
N GLN F 202 -21.82 -10.94 -17.21
CA GLN F 202 -20.65 -11.61 -16.66
C GLN F 202 -19.76 -12.25 -17.74
N ARG F 203 -20.05 -12.00 -19.03
CA ARG F 203 -19.34 -12.66 -20.12
C ARG F 203 -17.86 -12.21 -20.16
N MET F 204 -16.94 -13.19 -20.22
CA MET F 204 -15.50 -12.95 -20.22
C MET F 204 -14.89 -13.07 -21.61
N ASN F 205 -13.90 -12.21 -21.89
CA ASN F 205 -13.22 -12.22 -23.17
C ASN F 205 -12.08 -13.23 -23.16
N ASN F 206 -11.53 -13.56 -21.99
CA ASN F 206 -10.31 -14.40 -21.95
C ASN F 206 -10.17 -14.94 -20.54
N PHE F 207 -9.18 -15.78 -20.27
CA PHE F 207 -9.08 -16.43 -18.97
C PHE F 207 -8.53 -15.48 -17.89
N SER F 208 -8.01 -14.30 -18.27
CA SER F 208 -7.46 -13.37 -17.28
C SER F 208 -8.63 -12.65 -16.60
N GLU F 209 -9.86 -12.83 -17.13
CA GLU F 209 -11.05 -12.18 -16.60
C GLU F 209 -11.78 -13.10 -15.62
N ILE F 210 -11.22 -14.27 -15.34
CA ILE F 210 -11.75 -15.13 -14.28
C ILE F 210 -11.11 -14.75 -12.94
N ILE F 211 -11.93 -14.28 -11.98
CA ILE F 211 -11.49 -14.04 -10.62
C ILE F 211 -12.15 -15.04 -9.69
N PRO F 212 -11.57 -15.33 -8.51
CA PRO F 212 -12.25 -16.17 -7.53
C PRO F 212 -13.52 -15.49 -7.06
N PRO F 213 -14.43 -16.25 -6.44
CA PRO F 213 -15.69 -15.68 -5.94
C PRO F 213 -15.47 -14.96 -4.60
N ARG F 214 -14.86 -13.78 -4.70
CA ARG F 214 -14.55 -12.94 -3.56
C ARG F 214 -15.81 -12.19 -3.11
N PHE F 215 -15.71 -11.44 -2.02
CA PHE F 215 -16.73 -10.52 -1.55
C PHE F 215 -17.47 -9.75 -2.65
N ILE F 216 -18.80 -9.95 -2.67
CA ILE F 216 -19.71 -9.26 -3.57
C ILE F 216 -20.83 -8.54 -2.79
N GLY F 217 -20.64 -8.29 -1.49
CA GLY F 217 -21.70 -7.67 -0.69
C GLY F 217 -22.54 -8.73 0.02
N ASP F 218 -22.79 -8.51 1.32
CA ASP F 218 -23.55 -9.43 2.15
C ASP F 218 -24.91 -9.62 1.50
N GLY F 219 -25.34 -10.87 1.39
CA GLY F 219 -26.66 -11.20 0.87
C GLY F 219 -26.78 -11.20 -0.66
N ASN F 220 -25.74 -10.85 -1.42
CA ASN F 220 -25.83 -10.93 -2.88
C ASN F 220 -25.54 -12.35 -3.37
N PHE F 221 -25.82 -12.60 -4.66
CA PHE F 221 -25.87 -13.96 -5.19
C PHE F 221 -24.72 -14.17 -6.17
N MET F 222 -23.85 -15.10 -5.80
CA MET F 222 -22.69 -15.48 -6.63
C MET F 222 -23.17 -16.36 -7.79
N ASN F 223 -22.44 -16.31 -8.91
CA ASN F 223 -22.62 -17.24 -10.04
C ASN F 223 -22.58 -18.69 -9.54
N PRO F 224 -23.68 -19.47 -9.62
CA PRO F 224 -23.71 -20.80 -9.00
C PRO F 224 -22.78 -21.80 -9.70
N GLY F 225 -22.64 -21.67 -11.02
CA GLY F 225 -21.79 -22.56 -11.81
C GLY F 225 -20.31 -22.39 -11.44
N LYS F 226 -19.91 -21.11 -11.30
CA LYS F 226 -18.58 -20.71 -10.89
C LYS F 226 -18.28 -21.19 -9.48
N LEU F 227 -19.24 -21.03 -8.57
CA LEU F 227 -19.07 -21.39 -7.17
C LEU F 227 -18.87 -22.89 -7.05
N LEU F 228 -19.61 -23.67 -7.85
CA LEU F 228 -19.48 -25.13 -7.86
C LEU F 228 -18.08 -25.53 -8.32
N ASP F 229 -17.59 -24.90 -9.38
CA ASP F 229 -16.26 -25.13 -9.88
C ASP F 229 -15.22 -24.71 -8.83
N TRP F 230 -15.49 -23.62 -8.09
CA TRP F 230 -14.57 -23.14 -7.06
C TRP F 230 -14.34 -24.22 -6.00
N LYS F 231 -15.39 -24.93 -5.62
CA LYS F 231 -15.32 -25.98 -4.63
C LYS F 231 -14.56 -27.19 -5.18
N ARG F 232 -14.73 -27.46 -6.48
CA ARG F 232 -14.03 -28.57 -7.13
C ARG F 232 -12.55 -28.24 -7.21
N PHE F 233 -12.24 -27.06 -7.77
CA PHE F 233 -10.90 -26.53 -7.85
C PHE F 233 -10.19 -26.56 -6.49
N SER F 234 -10.88 -26.11 -5.43
CA SER F 234 -10.28 -25.98 -4.11
C SER F 234 -9.97 -27.39 -3.59
N SER F 235 -10.86 -28.35 -3.85
CA SER F 235 -10.60 -29.73 -3.49
C SER F 235 -9.36 -30.27 -4.22
N ASP F 236 -9.25 -29.89 -5.50
CA ASP F 236 -8.23 -30.44 -6.39
C ASP F 236 -6.86 -29.81 -6.08
N ALA F 237 -6.87 -28.54 -5.67
CA ALA F 237 -5.60 -27.88 -5.39
C ALA F 237 -4.98 -28.56 -4.17
N LEU F 238 -5.79 -28.91 -3.18
CA LEU F 238 -5.26 -29.61 -2.02
C LEU F 238 -4.84 -31.03 -2.39
N LEU F 239 -5.55 -31.65 -3.33
CA LEU F 239 -5.22 -32.99 -3.78
C LEU F 239 -3.82 -33.00 -4.43
N ASP F 240 -3.55 -31.99 -5.24
CA ASP F 240 -2.30 -31.81 -5.95
C ASP F 240 -1.14 -31.66 -4.94
N PHE F 241 -1.41 -30.91 -3.86
CA PHE F 241 -0.43 -30.72 -2.81
C PHE F 241 -0.14 -32.04 -2.12
N TYR F 242 -1.19 -32.76 -1.74
CA TYR F 242 -1.03 -34.06 -1.12
C TYR F 242 -0.16 -34.97 -2.02
N LYS F 243 -0.44 -34.97 -3.33
CA LYS F 243 0.27 -35.89 -4.23
C LYS F 243 1.75 -35.52 -4.30
N ALA F 244 2.06 -34.21 -4.30
CA ALA F 244 3.44 -33.72 -4.28
C ALA F 244 4.18 -34.21 -3.03
N GLU F 245 3.58 -34.08 -1.84
CA GLU F 245 4.17 -34.54 -0.59
C GLU F 245 4.32 -36.06 -0.59
N ARG F 246 3.26 -36.78 -0.93
CA ARG F 246 3.29 -38.24 -1.03
C ARG F 246 4.47 -38.67 -1.88
N ASP F 247 4.60 -38.11 -3.10
CA ASP F 247 5.61 -38.58 -4.05
C ASP F 247 7.02 -38.29 -3.53
N ALA F 248 7.21 -37.12 -2.89
CA ALA F 248 8.49 -36.75 -2.28
C ALA F 248 8.92 -37.77 -1.23
N LEU F 249 8.01 -38.17 -0.34
CA LEU F 249 8.30 -39.18 0.67
C LEU F 249 8.63 -40.53 0.01
N LEU F 250 7.76 -40.97 -0.91
CA LEU F 250 7.80 -42.35 -1.41
C LEU F 250 9.05 -42.63 -2.25
N GLU F 251 9.50 -41.58 -2.96
CA GLU F 251 10.69 -41.61 -3.80
C GLU F 251 11.92 -42.02 -3.00
N ILE F 252 11.98 -41.65 -1.71
CA ILE F 252 13.14 -41.86 -0.86
C ILE F 252 12.88 -43.04 0.08
N ALA F 253 11.66 -43.10 0.65
CA ALA F 253 11.28 -44.08 1.66
C ALA F 253 9.90 -44.66 1.35
N PRO F 254 9.79 -45.59 0.38
CA PRO F 254 8.51 -46.22 0.06
C PRO F 254 8.01 -47.03 1.24
N LYS F 255 6.89 -46.59 1.81
CA LYS F 255 6.17 -47.33 2.85
C LYS F 255 4.70 -47.12 2.54
N PRO F 256 3.79 -47.94 3.09
CA PRO F 256 2.36 -47.66 2.99
C PRO F 256 2.11 -46.23 3.48
N GLN F 257 1.31 -45.47 2.71
CA GLN F 257 1.07 -44.06 2.96
C GLN F 257 -0.42 -43.75 2.87
N THR F 258 -0.90 -42.85 3.75
CA THR F 258 -2.28 -42.38 3.76
C THR F 258 -2.31 -40.92 4.19
N THR F 259 -3.44 -40.25 3.99
CA THR F 259 -3.70 -38.99 4.69
C THR F 259 -5.12 -39.13 5.21
N ASN F 260 -5.40 -38.49 6.36
CA ASN F 260 -6.63 -38.70 7.10
C ASN F 260 -7.75 -37.83 6.51
N PHE F 261 -8.89 -38.47 6.18
CA PHE F 261 -10.10 -37.82 5.73
C PHE F 261 -10.96 -37.39 6.92
N MET F 262 -12.04 -36.67 6.61
CA MET F 262 -13.02 -36.27 7.62
C MET F 262 -14.41 -36.69 7.16
N VAL F 263 -14.56 -38.00 6.90
CA VAL F 263 -15.84 -38.49 6.39
C VAL F 263 -16.83 -38.48 7.55
N SER F 264 -17.93 -37.75 7.36
CA SER F 264 -19.08 -37.75 8.26
C SER F 264 -20.31 -37.32 7.46
N ALA F 265 -21.51 -37.54 8.00
CA ALA F 265 -22.71 -37.32 7.20
C ALA F 265 -22.68 -35.92 6.59
N GLY F 266 -22.20 -34.93 7.36
CA GLY F 266 -22.35 -33.54 6.95
C GLY F 266 -21.10 -32.90 6.32
N CYS F 267 -19.93 -33.56 6.38
CA CYS F 267 -18.70 -32.89 5.97
C CYS F 267 -18.34 -33.16 4.51
N THR F 268 -18.22 -32.09 3.71
CA THR F 268 -17.92 -32.21 2.30
C THR F 268 -16.89 -31.16 1.89
N VAL F 269 -15.91 -30.91 2.75
CA VAL F 269 -14.83 -29.97 2.48
C VAL F 269 -14.05 -30.37 1.22
N LEU F 270 -13.82 -31.68 1.07
CA LEU F 270 -13.19 -32.24 -0.12
C LEU F 270 -14.11 -33.29 -0.75
N ASP F 271 -13.86 -33.59 -2.03
CA ASP F 271 -14.50 -34.77 -2.64
C ASP F 271 -13.73 -35.99 -2.17
N TYR F 272 -14.15 -36.57 -1.04
CA TYR F 272 -13.36 -37.62 -0.42
C TYR F 272 -13.29 -38.90 -1.27
N ASP F 273 -14.30 -39.16 -2.10
CA ASP F 273 -14.25 -40.35 -2.93
C ASP F 273 -13.16 -40.19 -4.00
N LYS F 274 -13.06 -39.01 -4.60
CA LYS F 274 -11.97 -38.74 -5.54
C LYS F 274 -10.61 -38.89 -4.84
N TRP F 275 -10.48 -38.32 -3.64
CA TRP F 275 -9.24 -38.39 -2.88
C TRP F 275 -8.89 -39.86 -2.58
N GLY F 276 -9.92 -40.68 -2.39
CA GLY F 276 -9.74 -42.09 -2.09
C GLY F 276 -8.93 -42.83 -3.15
N HIS F 277 -8.77 -42.22 -4.34
CA HIS F 277 -8.06 -42.84 -5.42
C HIS F 277 -6.54 -42.62 -5.29
N ASP F 278 -6.11 -41.77 -4.33
CA ASP F 278 -4.72 -41.34 -4.26
C ASP F 278 -4.05 -41.75 -2.95
N VAL F 279 -4.76 -42.48 -2.08
CA VAL F 279 -4.19 -43.05 -0.87
C VAL F 279 -3.94 -44.54 -1.11
N ASP F 280 -3.01 -45.10 -0.37
CA ASP F 280 -2.74 -46.53 -0.45
C ASP F 280 -3.80 -47.29 0.33
N PHE F 281 -4.21 -46.67 1.45
CA PHE F 281 -5.33 -47.11 2.25
C PHE F 281 -6.06 -45.89 2.80
N VAL F 282 -7.39 -46.01 2.87
CA VAL F 282 -8.26 -44.97 3.40
C VAL F 282 -8.14 -44.93 4.92
N SER F 283 -7.94 -43.70 5.40
CA SER F 283 -7.95 -43.42 6.84
C SER F 283 -8.95 -42.31 7.14
N ASN F 284 -9.63 -42.41 8.30
CA ASN F 284 -10.67 -41.43 8.57
C ASN F 284 -10.66 -40.95 10.02
N ASP F 285 -10.99 -39.65 10.17
CA ASP F 285 -11.32 -39.05 11.46
C ASP F 285 -12.83 -38.87 11.56
N HIS F 286 -13.43 -39.39 12.64
CA HIS F 286 -14.84 -39.20 12.88
C HIS F 286 -15.13 -39.05 14.37
N TYR F 287 -15.99 -38.06 14.70
CA TYR F 287 -16.39 -37.74 16.06
C TYR F 287 -17.92 -37.73 16.19
N PHE F 288 -18.43 -38.29 17.29
CA PHE F 288 -19.86 -38.50 17.41
C PHE F 288 -20.66 -37.21 17.23
N SER F 289 -21.85 -37.36 16.62
CA SER F 289 -22.91 -36.38 16.59
C SER F 289 -23.64 -36.43 17.92
N PRO F 290 -23.82 -35.27 18.60
CA PRO F 290 -24.48 -35.24 19.89
C PRO F 290 -25.96 -35.66 19.82
N GLY F 291 -26.38 -36.38 20.85
CA GLY F 291 -27.77 -36.71 21.08
C GLY F 291 -28.21 -38.02 20.43
N GLU F 292 -29.48 -38.02 20.02
CA GLU F 292 -30.21 -39.16 19.48
C GLU F 292 -29.51 -39.75 18.26
N ALA F 293 -28.97 -38.88 17.40
CA ALA F 293 -28.31 -39.27 16.16
C ALA F 293 -26.94 -39.95 16.37
N HIS F 294 -26.44 -40.04 17.62
CA HIS F 294 -25.06 -40.46 17.87
C HIS F 294 -24.74 -41.78 17.16
N PHE F 295 -25.45 -42.87 17.53
CA PHE F 295 -25.04 -44.20 17.06
C PHE F 295 -25.25 -44.33 15.55
N ASP F 296 -26.43 -43.93 15.06
CA ASP F 296 -26.80 -44.16 13.67
C ASP F 296 -25.88 -43.36 12.72
N GLU F 297 -25.55 -42.11 13.03
CA GLU F 297 -24.79 -41.30 12.08
C GLU F 297 -23.34 -41.80 12.00
N MET F 298 -22.84 -42.35 13.11
CA MET F 298 -21.52 -42.93 13.17
C MET F 298 -21.47 -44.22 12.33
N ALA F 299 -22.44 -45.11 12.53
CA ALA F 299 -22.57 -46.29 11.68
C ALA F 299 -22.65 -45.86 10.22
N TYR F 300 -23.46 -44.83 9.93
CA TYR F 300 -23.59 -44.33 8.56
C TYR F 300 -22.24 -43.90 8.00
N ALA F 301 -21.48 -43.13 8.79
CA ALA F 301 -20.27 -42.47 8.32
C ALA F 301 -19.17 -43.50 8.03
N ALA F 302 -19.04 -44.48 8.94
CA ALA F 302 -18.13 -45.59 8.78
C ALA F 302 -18.54 -46.44 7.58
N CYS F 303 -19.86 -46.60 7.36
CA CYS F 303 -20.39 -47.29 6.20
C CYS F 303 -19.95 -46.53 4.94
N LEU F 304 -20.07 -45.18 4.92
CA LEU F 304 -19.59 -44.39 3.79
C LEU F 304 -18.08 -44.53 3.64
N THR F 305 -17.36 -44.60 4.75
CA THR F 305 -15.91 -44.73 4.67
C THR F 305 -15.56 -46.03 3.92
N ASP F 306 -16.29 -47.11 4.24
CA ASP F 306 -16.08 -48.41 3.63
C ASP F 306 -16.42 -48.37 2.15
N GLY F 307 -17.44 -47.60 1.78
CA GLY F 307 -17.81 -47.41 0.39
C GLY F 307 -16.72 -46.70 -0.42
N ILE F 308 -16.14 -45.65 0.18
CA ILE F 308 -15.05 -44.92 -0.43
C ILE F 308 -13.84 -45.82 -0.64
N ALA F 309 -13.66 -46.76 0.30
CA ALA F 309 -12.58 -47.73 0.30
C ALA F 309 -12.87 -48.93 -0.63
N ARG F 310 -14.01 -48.90 -1.32
CA ARG F 310 -14.47 -49.98 -2.19
C ARG F 310 -14.41 -51.33 -1.48
N LYS F 311 -14.71 -51.36 -0.18
CA LYS F 311 -14.83 -52.57 0.65
C LYS F 311 -13.48 -53.14 1.09
N ASN F 312 -12.37 -52.50 0.70
CA ASN F 312 -11.10 -52.86 1.31
C ASN F 312 -11.11 -52.47 2.78
N PRO F 313 -10.32 -53.16 3.63
CA PRO F 313 -10.05 -52.65 4.98
C PRO F 313 -9.62 -51.17 4.96
N TRP F 314 -10.05 -50.44 5.99
CA TRP F 314 -9.74 -49.02 6.15
C TRP F 314 -9.24 -48.78 7.58
N PHE F 315 -8.76 -47.56 7.83
CA PHE F 315 -8.09 -47.25 9.08
C PHE F 315 -8.85 -46.13 9.80
N LEU F 316 -9.30 -46.38 11.04
CA LEU F 316 -9.86 -45.31 11.87
C LEU F 316 -8.70 -44.57 12.53
N MET F 317 -8.33 -43.41 11.95
CA MET F 317 -7.21 -42.62 12.42
C MET F 317 -7.57 -41.83 13.68
N ALA F 318 -8.82 -41.38 13.82
CA ALA F 318 -9.21 -40.57 14.97
C ALA F 318 -10.70 -40.72 15.32
N HIS F 319 -10.95 -40.78 16.64
CA HIS F 319 -12.24 -40.55 17.27
C HIS F 319 -11.93 -40.21 18.73
N SER F 320 -12.97 -39.94 19.55
CA SER F 320 -12.76 -39.51 20.93
C SER F 320 -13.22 -40.59 21.93
N THR F 321 -12.51 -40.70 23.05
CA THR F 321 -12.92 -41.55 24.17
C THR F 321 -14.13 -40.97 24.91
N SER F 322 -14.26 -39.64 24.87
CA SER F 322 -15.36 -38.92 25.47
C SER F 322 -15.46 -37.55 24.79
N ALA F 323 -15.50 -36.46 25.54
CA ALA F 323 -15.85 -35.18 24.95
C ALA F 323 -14.77 -34.70 24.01
N VAL F 324 -15.17 -33.94 22.99
CA VAL F 324 -14.23 -33.15 22.20
C VAL F 324 -14.16 -31.77 22.86
N ASN F 325 -13.45 -30.85 22.20
CA ASN F 325 -13.20 -29.50 22.68
C ASN F 325 -13.89 -28.45 21.82
N TRP F 326 -14.27 -28.80 20.59
CA TRP F 326 -14.57 -27.80 19.57
C TRP F 326 -16.07 -27.55 19.35
N ARG F 327 -16.96 -28.12 20.18
CA ARG F 327 -18.39 -27.81 20.05
C ARG F 327 -18.75 -26.72 21.05
N PRO F 328 -19.82 -25.92 20.82
CA PRO F 328 -20.29 -24.98 21.84
C PRO F 328 -20.69 -25.66 23.15
N THR F 329 -21.17 -26.90 23.11
CA THR F 329 -21.39 -27.70 24.33
C THR F 329 -20.78 -29.09 24.13
N ASN F 330 -19.71 -29.41 24.87
CA ASN F 330 -18.94 -30.62 24.62
C ASN F 330 -19.44 -31.75 25.52
N TYR F 331 -20.48 -32.41 25.04
CA TYR F 331 -21.09 -33.53 25.72
C TYR F 331 -20.10 -34.65 25.92
N ARG F 332 -20.27 -35.40 27.02
CA ARG F 332 -19.45 -36.57 27.25
C ARG F 332 -20.15 -37.81 26.69
N LEU F 333 -19.39 -38.88 26.52
CA LEU F 333 -19.91 -40.20 26.23
C LEU F 333 -20.45 -40.85 27.51
N GLU F 334 -21.46 -41.70 27.35
CA GLU F 334 -22.09 -42.43 28.44
C GLU F 334 -21.43 -43.79 28.63
N PRO F 335 -21.62 -44.46 29.79
CA PRO F 335 -21.06 -45.79 30.01
C PRO F 335 -21.31 -46.70 28.81
N GLY F 336 -20.26 -47.42 28.40
CA GLY F 336 -20.35 -48.40 27.32
C GLY F 336 -20.01 -47.81 25.96
N GLU F 337 -20.11 -46.48 25.78
CA GLU F 337 -20.03 -45.92 24.44
C GLU F 337 -18.62 -46.02 23.88
N LEU F 338 -17.59 -45.97 24.73
CA LEU F 338 -16.22 -46.03 24.23
C LEU F 338 -16.04 -47.33 23.44
N VAL F 339 -16.33 -48.47 24.08
CA VAL F 339 -16.15 -49.76 23.42
C VAL F 339 -17.07 -49.83 22.22
N ARG F 340 -18.35 -49.51 22.43
CA ARG F 340 -19.39 -49.63 21.41
C ARG F 340 -19.01 -48.85 20.14
N ASP F 341 -18.54 -47.60 20.29
CA ASP F 341 -18.27 -46.75 19.13
C ASP F 341 -17.07 -47.28 18.33
N SER F 342 -16.02 -47.70 19.03
CA SER F 342 -14.88 -48.30 18.39
C SER F 342 -15.34 -49.55 17.61
N LEU F 343 -16.16 -50.41 18.24
CA LEU F 343 -16.62 -51.61 17.55
C LEU F 343 -17.55 -51.27 16.37
N ALA F 344 -18.18 -50.10 16.34
CA ALA F 344 -19.04 -49.72 15.23
C ALA F 344 -18.23 -49.47 13.96
N HIS F 345 -17.09 -48.81 14.11
CA HIS F 345 -16.18 -48.59 13.00
C HIS F 345 -15.56 -49.93 12.57
N LEU F 346 -15.24 -50.78 13.56
CA LEU F 346 -14.67 -52.10 13.29
C LEU F 346 -15.67 -52.93 12.49
N ALA F 347 -16.92 -52.96 12.92
CA ALA F 347 -17.95 -53.71 12.21
C ALA F 347 -18.11 -53.22 10.78
N MET F 348 -17.93 -51.92 10.53
CA MET F 348 -18.13 -51.36 9.20
C MET F 348 -16.86 -51.41 8.35
N GLY F 349 -15.80 -52.08 8.85
CA GLY F 349 -14.75 -52.56 7.96
C GLY F 349 -13.34 -52.16 8.35
N ALA F 350 -13.19 -51.36 9.42
CA ALA F 350 -11.87 -50.89 9.83
C ALA F 350 -11.05 -52.03 10.39
N ASP F 351 -9.77 -52.10 9.98
CA ASP F 351 -8.79 -53.01 10.56
C ASP F 351 -7.82 -52.26 11.49
N ALA F 352 -8.19 -51.00 11.83
CA ALA F 352 -7.43 -50.16 12.73
C ALA F 352 -8.37 -49.21 13.50
N ILE F 353 -8.09 -49.06 14.79
CA ILE F 353 -8.90 -48.29 15.73
C ILE F 353 -7.99 -47.33 16.50
N CYS F 354 -8.00 -46.04 16.11
CA CYS F 354 -7.11 -45.06 16.73
C CYS F 354 -7.90 -43.84 17.23
N TYR F 355 -7.35 -43.18 18.25
CA TYR F 355 -7.98 -42.05 18.90
C TYR F 355 -7.14 -40.77 18.73
N PHE F 356 -7.79 -39.60 18.79
CA PHE F 356 -7.10 -38.41 19.22
C PHE F 356 -7.49 -38.13 20.67
N GLN F 357 -6.53 -38.17 21.60
CA GLN F 357 -5.15 -38.54 21.42
C GLN F 357 -4.76 -39.47 22.55
N TRP F 358 -3.46 -39.78 22.66
CA TRP F 358 -2.98 -40.72 23.66
C TRP F 358 -3.08 -40.13 25.07
N ARG F 359 -2.46 -38.96 25.32
CA ARG F 359 -2.46 -38.36 26.65
C ARG F 359 -3.04 -36.94 26.56
N GLN F 360 -4.00 -36.66 27.45
CA GLN F 360 -4.68 -35.37 27.43
C GLN F 360 -3.68 -34.24 27.65
N SER F 361 -3.66 -33.31 26.70
CA SER F 361 -2.86 -32.10 26.81
C SER F 361 -3.28 -31.32 28.06
N LYS F 362 -2.30 -30.77 28.79
CA LYS F 362 -2.54 -29.94 29.96
C LYS F 362 -2.59 -28.45 29.59
N ALA F 363 -2.21 -28.10 28.35
CA ALA F 363 -2.18 -26.71 27.94
C ALA F 363 -2.42 -26.66 26.45
N GLY F 364 -2.72 -25.48 25.91
CA GLY F 364 -3.07 -25.33 24.50
C GLY F 364 -4.57 -25.51 24.22
N ALA F 365 -4.94 -25.25 22.97
CA ALA F 365 -6.34 -25.11 22.53
C ALA F 365 -7.15 -26.41 22.62
N GLU F 366 -6.49 -27.56 22.73
CA GLU F 366 -7.21 -28.83 22.82
C GLU F 366 -7.03 -29.48 24.18
N LYS F 367 -6.74 -28.68 25.20
CA LYS F 367 -6.55 -29.23 26.54
C LYS F 367 -7.84 -29.88 27.05
N TRP F 368 -9.01 -29.43 26.57
CA TRP F 368 -10.25 -30.03 27.06
C TRP F 368 -10.78 -31.15 26.16
N HIS F 369 -10.01 -31.56 25.15
CA HIS F 369 -10.36 -32.70 24.31
C HIS F 369 -9.97 -33.98 25.04
N SER F 370 -10.90 -34.93 25.14
CA SER F 370 -10.63 -36.17 25.88
C SER F 370 -9.47 -36.92 25.22
N ALA F 371 -8.96 -37.91 25.95
CA ALA F 371 -7.87 -38.75 25.50
C ALA F 371 -7.95 -40.13 26.17
N MET F 372 -6.98 -40.99 25.88
CA MET F 372 -6.96 -42.36 26.34
C MET F 372 -6.48 -42.38 27.79
N VAL F 373 -5.50 -41.51 28.08
CA VAL F 373 -5.08 -41.19 29.44
C VAL F 373 -5.54 -39.76 29.73
N PRO F 374 -6.66 -39.57 30.48
CA PRO F 374 -7.13 -38.23 30.82
C PRO F 374 -6.23 -37.47 31.79
N HIS F 375 -6.54 -36.18 31.97
CA HIS F 375 -5.97 -35.40 33.06
C HIS F 375 -5.94 -36.20 34.38
N ALA F 376 -7.05 -36.86 34.69
CA ALA F 376 -7.18 -37.67 35.90
C ALA F 376 -6.12 -38.77 35.94
N GLY F 377 -5.70 -39.26 34.77
CA GLY F 377 -4.64 -40.25 34.70
C GLY F 377 -5.19 -41.67 34.59
N PRO F 378 -4.31 -42.68 34.67
CA PRO F 378 -4.70 -44.07 34.41
C PRO F 378 -5.66 -44.70 35.43
N ASP F 379 -5.78 -44.12 36.63
CA ASP F 379 -6.81 -44.49 37.61
C ASP F 379 -8.11 -43.78 37.26
N SER F 380 -8.74 -44.22 36.16
CA SER F 380 -9.94 -43.59 35.63
C SER F 380 -10.79 -44.63 34.91
N GLN F 381 -12.11 -44.39 34.84
CA GLN F 381 -12.99 -45.23 34.05
C GLN F 381 -12.55 -45.23 32.58
N ILE F 382 -12.12 -44.08 32.03
CA ILE F 382 -11.75 -44.02 30.62
C ILE F 382 -10.59 -44.96 30.34
N PHE F 383 -9.52 -44.92 31.15
CA PHE F 383 -8.35 -45.75 30.86
C PHE F 383 -8.68 -47.22 31.02
N ARG F 384 -9.54 -47.60 32.00
CA ARG F 384 -9.92 -49.00 32.18
C ARG F 384 -10.70 -49.48 30.95
N ASP F 385 -11.57 -48.63 30.39
CA ASP F 385 -12.31 -48.97 29.17
C ASP F 385 -11.36 -49.08 27.98
N VAL F 386 -10.39 -48.15 27.88
CA VAL F 386 -9.38 -48.23 26.84
C VAL F 386 -8.66 -49.60 26.91
N CYS F 387 -8.33 -50.04 28.13
CA CYS F 387 -7.67 -51.32 28.37
C CYS F 387 -8.54 -52.50 27.95
N GLU F 388 -9.84 -52.44 28.24
CA GLU F 388 -10.77 -53.52 27.95
C GLU F 388 -11.03 -53.58 26.45
N LEU F 389 -10.99 -52.42 25.77
CA LEU F 389 -11.13 -52.40 24.32
C LEU F 389 -9.90 -53.03 23.67
N GLY F 390 -8.71 -52.76 24.21
CA GLY F 390 -7.49 -53.36 23.69
C GLY F 390 -7.53 -54.90 23.73
N ALA F 391 -8.07 -55.44 24.82
CA ALA F 391 -8.25 -56.88 24.99
C ALA F 391 -9.24 -57.40 23.94
N ASP F 392 -10.36 -56.68 23.75
CA ASP F 392 -11.39 -57.06 22.78
C ASP F 392 -10.81 -57.14 21.35
N LEU F 393 -9.89 -56.22 20.98
CA LEU F 393 -9.35 -56.19 19.62
C LEU F 393 -8.30 -57.30 19.44
N ASN F 394 -7.50 -57.56 20.47
CA ASN F 394 -6.64 -58.74 20.49
C ASN F 394 -7.48 -60.01 20.32
N LYS F 395 -8.65 -60.07 20.96
CA LYS F 395 -9.51 -61.24 20.90
C LYS F 395 -10.06 -61.42 19.49
N LEU F 396 -10.48 -60.33 18.83
CA LEU F 396 -11.13 -60.44 17.54
C LEU F 396 -10.11 -60.74 16.42
N ALA F 397 -8.87 -60.34 16.60
CA ALA F 397 -7.85 -60.73 15.65
C ALA F 397 -7.49 -62.20 15.85
N ASP F 398 -7.41 -62.65 17.11
CA ASP F 398 -7.15 -64.04 17.43
C ASP F 398 -8.13 -64.93 16.66
N GLU F 399 -9.37 -64.44 16.53
CA GLU F 399 -10.49 -65.21 16.00
C GLU F 399 -10.69 -64.99 14.52
N GLY F 400 -9.78 -64.24 13.88
CA GLY F 400 -9.71 -64.18 12.43
C GLY F 400 -10.48 -63.05 11.79
N LEU F 401 -10.66 -61.90 12.45
CA LEU F 401 -11.43 -60.80 11.87
C LEU F 401 -10.69 -60.09 10.74
N LEU F 402 -9.36 -60.04 10.80
CA LEU F 402 -8.55 -59.24 9.90
C LEU F 402 -8.80 -59.58 8.43
N SER F 403 -8.92 -58.54 7.59
CA SER F 403 -9.07 -58.66 6.14
C SER F 403 -10.45 -59.13 5.70
N THR F 404 -11.34 -59.50 6.64
CA THR F 404 -12.74 -59.72 6.29
C THR F 404 -13.30 -58.39 5.79
N LYS F 405 -14.33 -58.47 4.92
CA LYS F 405 -14.92 -57.27 4.33
C LYS F 405 -16.38 -57.15 4.74
N LEU F 406 -16.88 -55.91 4.68
CA LEU F 406 -18.26 -55.61 5.02
C LEU F 406 -19.15 -56.22 3.94
N VAL F 407 -20.12 -57.05 4.37
CA VAL F 407 -20.95 -57.84 3.48
C VAL F 407 -21.72 -56.90 2.56
N LYS F 408 -21.89 -57.32 1.31
CA LYS F 408 -22.63 -56.52 0.35
C LYS F 408 -24.09 -56.50 0.77
N SER F 409 -24.69 -55.30 0.77
CA SER F 409 -26.07 -55.13 1.19
C SER F 409 -26.98 -55.30 -0.02
N LYS F 410 -28.28 -55.48 0.23
CA LYS F 410 -29.30 -55.42 -0.81
C LYS F 410 -29.47 -54.00 -1.35
N VAL F 411 -29.19 -52.97 -0.53
CA VAL F 411 -29.43 -51.59 -0.93
C VAL F 411 -28.14 -50.79 -0.91
N ALA F 412 -27.97 -49.99 -1.98
CA ALA F 412 -26.93 -48.98 -2.09
C ALA F 412 -27.54 -47.59 -2.04
N ILE F 413 -27.16 -46.80 -1.03
CA ILE F 413 -27.52 -45.39 -0.93
C ILE F 413 -26.41 -44.58 -1.59
N VAL F 414 -26.76 -43.79 -2.61
CA VAL F 414 -25.76 -43.09 -3.39
C VAL F 414 -25.44 -41.74 -2.72
N PHE F 415 -24.15 -41.47 -2.50
CA PHE F 415 -23.64 -40.19 -2.00
C PHE F 415 -22.75 -39.51 -3.04
N ASP F 416 -22.99 -38.21 -3.29
CA ASP F 416 -22.19 -37.43 -4.24
C ASP F 416 -21.78 -36.10 -3.60
N TYR F 417 -20.47 -35.94 -3.34
CA TYR F 417 -19.89 -34.73 -2.79
C TYR F 417 -20.27 -33.52 -3.64
N GLU F 418 -20.25 -33.68 -4.97
CA GLU F 418 -20.52 -32.57 -5.87
C GLU F 418 -22.00 -32.15 -5.81
N SER F 419 -22.90 -33.10 -5.49
CA SER F 419 -24.33 -32.84 -5.39
C SER F 419 -24.60 -31.99 -4.13
N GLN F 420 -23.94 -32.33 -3.02
CA GLN F 420 -23.98 -31.47 -1.84
C GLN F 420 -23.60 -30.03 -2.23
N TRP F 421 -22.47 -29.84 -2.90
CA TRP F 421 -21.98 -28.52 -3.29
C TRP F 421 -23.06 -27.78 -4.07
N ALA F 422 -23.66 -28.44 -5.06
CA ALA F 422 -24.68 -27.80 -5.90
C ALA F 422 -25.87 -27.27 -5.07
N THR F 423 -26.24 -28.01 -4.01
CA THR F 423 -27.33 -27.64 -3.14
C THR F 423 -26.96 -26.56 -2.11
N GLU F 424 -25.69 -26.16 -2.03
CA GLU F 424 -25.27 -25.13 -1.07
C GLU F 424 -25.48 -23.73 -1.64
N HIS F 425 -25.85 -23.55 -2.91
CA HIS F 425 -25.98 -22.20 -3.44
C HIS F 425 -27.09 -21.44 -2.70
N THR F 426 -26.99 -20.09 -2.65
CA THR F 426 -27.85 -19.33 -1.73
C THR F 426 -29.20 -19.01 -2.36
N ALA F 427 -29.41 -19.32 -3.65
CA ALA F 427 -30.62 -19.00 -4.38
C ALA F 427 -31.25 -20.26 -4.97
N THR F 428 -31.12 -21.38 -4.25
CA THR F 428 -31.85 -22.60 -4.54
C THR F 428 -33.29 -22.45 -4.06
N PRO F 429 -34.20 -23.40 -4.38
CA PRO F 429 -35.59 -23.31 -3.89
C PRO F 429 -35.69 -23.14 -2.38
N THR F 430 -34.78 -23.74 -1.61
CA THR F 430 -34.78 -23.54 -0.17
C THR F 430 -33.46 -23.98 0.46
N GLN F 431 -32.96 -23.15 1.40
CA GLN F 431 -31.72 -23.37 2.10
C GLN F 431 -31.84 -24.52 3.09
N GLU F 432 -33.08 -24.89 3.39
CA GLU F 432 -33.36 -25.97 4.33
C GLU F 432 -33.06 -27.32 3.69
N VAL F 433 -32.91 -27.35 2.37
CA VAL F 433 -32.65 -28.63 1.68
C VAL F 433 -31.21 -28.66 1.15
N ARG F 434 -30.46 -29.64 1.68
CA ARG F 434 -29.16 -29.99 1.13
C ARG F 434 -29.13 -31.49 0.79
N HIS F 435 -28.16 -31.91 -0.02
CA HIS F 435 -28.04 -33.32 -0.38
C HIS F 435 -27.89 -34.19 0.87
N TRP F 436 -27.04 -33.79 1.83
CA TRP F 436 -26.43 -34.75 2.72
C TRP F 436 -27.39 -35.41 3.70
N THR F 437 -28.52 -34.75 4.06
CA THR F 437 -29.41 -35.28 5.09
C THR F 437 -30.21 -36.48 4.57
N GLU F 438 -30.59 -36.46 3.29
CA GLU F 438 -31.49 -37.46 2.73
C GLU F 438 -30.88 -38.86 2.76
N PRO F 439 -29.64 -39.09 2.27
CA PRO F 439 -29.01 -40.39 2.46
C PRO F 439 -28.95 -40.88 3.90
N LEU F 440 -28.71 -39.97 4.86
CA LEU F 440 -28.66 -40.41 6.25
C LEU F 440 -30.06 -40.83 6.71
N ASP F 441 -31.08 -40.07 6.30
CA ASP F 441 -32.45 -40.37 6.72
C ASP F 441 -32.81 -41.78 6.24
N TRP F 442 -32.51 -42.06 4.97
CA TRP F 442 -32.81 -43.34 4.37
C TRP F 442 -32.10 -44.51 5.05
N PHE F 443 -30.82 -44.31 5.43
CA PHE F 443 -30.06 -45.31 6.15
C PHE F 443 -30.77 -45.67 7.45
N ARG F 444 -31.32 -44.64 8.11
CA ARG F 444 -31.91 -44.83 9.42
C ARG F 444 -33.28 -45.50 9.26
N ALA F 445 -34.06 -45.07 8.26
CA ALA F 445 -35.38 -45.63 7.94
C ALA F 445 -35.26 -47.09 7.50
N LEU F 446 -34.22 -47.42 6.72
CA LEU F 446 -33.97 -48.80 6.32
C LEU F 446 -33.63 -49.62 7.55
N ALA F 447 -32.76 -49.13 8.43
CA ALA F 447 -32.43 -49.87 9.64
C ALA F 447 -33.67 -50.09 10.51
N ASP F 448 -34.57 -49.10 10.51
CA ASP F 448 -35.84 -49.20 11.23
C ASP F 448 -36.61 -50.42 10.71
N ASN F 449 -36.54 -50.66 9.41
CA ASN F 449 -37.21 -51.76 8.74
C ASN F 449 -36.34 -53.03 8.66
N GLY F 450 -35.29 -53.13 9.48
CA GLY F 450 -34.48 -54.34 9.61
C GLY F 450 -33.43 -54.54 8.51
N LEU F 451 -33.05 -53.48 7.79
CA LEU F 451 -32.11 -53.58 6.68
C LEU F 451 -30.94 -52.60 6.86
N THR F 452 -29.71 -53.13 6.93
CA THR F 452 -28.49 -52.35 6.99
C THR F 452 -27.98 -52.05 5.58
N ALA F 453 -28.16 -50.82 5.09
CA ALA F 453 -27.79 -50.46 3.72
C ALA F 453 -26.28 -50.25 3.59
N ASP F 454 -25.78 -50.32 2.35
CA ASP F 454 -24.44 -49.83 2.01
C ASP F 454 -24.58 -48.40 1.48
N VAL F 455 -23.57 -47.59 1.74
CA VAL F 455 -23.53 -46.23 1.24
C VAL F 455 -22.41 -46.20 0.22
N VAL F 456 -22.74 -45.83 -1.01
CA VAL F 456 -21.84 -46.03 -2.11
C VAL F 456 -21.66 -44.71 -2.85
N PRO F 457 -20.43 -44.18 -2.95
CA PRO F 457 -20.17 -42.97 -3.73
C PRO F 457 -20.70 -43.13 -5.13
N VAL F 458 -21.07 -42.02 -5.76
CA VAL F 458 -21.69 -42.08 -7.08
C VAL F 458 -20.76 -42.73 -8.10
N ARG F 459 -19.42 -42.65 -7.92
CA ARG F 459 -18.50 -43.28 -8.86
C ARG F 459 -18.48 -44.80 -8.67
N GLY F 460 -18.89 -45.27 -7.49
CA GLY F 460 -18.74 -46.67 -7.14
C GLY F 460 -19.78 -47.57 -7.82
N PRO F 461 -19.72 -48.89 -7.56
CA PRO F 461 -20.60 -49.83 -8.26
C PRO F 461 -22.00 -49.99 -7.65
N TRP F 462 -22.76 -48.88 -7.54
CA TRP F 462 -24.11 -48.98 -7.00
C TRP F 462 -25.01 -49.74 -7.97
N ASP F 463 -24.68 -49.66 -9.26
CA ASP F 463 -25.50 -50.26 -10.31
C ASP F 463 -25.42 -51.79 -10.32
N GLU F 464 -24.62 -52.39 -9.43
CA GLU F 464 -24.58 -53.83 -9.28
C GLU F 464 -25.37 -54.26 -8.05
N TYR F 465 -26.19 -53.36 -7.48
CA TYR F 465 -26.99 -53.68 -6.31
C TYR F 465 -28.44 -54.04 -6.71
N GLU F 466 -29.05 -54.88 -5.87
CA GLU F 466 -30.46 -55.27 -5.97
C GLU F 466 -31.35 -54.02 -6.03
N ALA F 467 -31.04 -53.04 -5.16
CA ALA F 467 -31.81 -51.82 -5.03
C ALA F 467 -30.89 -50.62 -4.76
N VAL F 468 -31.27 -49.46 -5.28
CA VAL F 468 -30.49 -48.24 -5.18
C VAL F 468 -31.39 -47.10 -4.70
N VAL F 469 -30.85 -46.24 -3.80
CA VAL F 469 -31.47 -44.96 -3.45
C VAL F 469 -30.68 -43.80 -4.04
N LEU F 470 -31.37 -42.96 -4.82
CA LEU F 470 -30.90 -41.65 -5.25
C LEU F 470 -31.49 -40.58 -4.33
N PRO F 471 -30.76 -40.12 -3.28
CA PRO F 471 -31.33 -39.27 -2.23
C PRO F 471 -30.98 -37.80 -2.35
N SER F 472 -31.96 -37.00 -2.78
CA SER F 472 -31.77 -35.60 -3.10
C SER F 472 -30.44 -35.46 -3.85
N LEU F 473 -30.29 -36.29 -4.89
CA LEU F 473 -29.08 -36.32 -5.69
C LEU F 473 -29.17 -35.27 -6.79
N ALA F 474 -28.93 -34.01 -6.40
CA ALA F 474 -29.25 -32.86 -7.21
C ALA F 474 -28.68 -32.92 -8.61
N ILE F 475 -27.42 -33.36 -8.77
CA ILE F 475 -26.78 -33.52 -10.08
C ILE F 475 -27.06 -34.93 -10.61
N LEU F 476 -27.44 -34.96 -11.88
CA LEU F 476 -27.31 -36.13 -12.75
C LEU F 476 -26.69 -35.70 -14.08
N SER F 477 -25.40 -36.07 -14.29
CA SER F 477 -24.71 -35.94 -15.57
C SER F 477 -25.40 -36.80 -16.63
N GLU F 478 -25.10 -36.52 -17.91
CA GLU F 478 -25.42 -37.43 -19.00
C GLU F 478 -25.01 -38.85 -18.63
N GLN F 479 -23.79 -39.04 -18.14
CA GLN F 479 -23.31 -40.39 -17.92
C GLN F 479 -24.10 -41.03 -16.77
N THR F 480 -24.33 -40.29 -15.68
CA THR F 480 -25.00 -40.89 -14.54
C THR F 480 -26.46 -41.19 -14.92
N THR F 481 -27.02 -40.34 -15.77
CA THR F 481 -28.38 -40.49 -16.27
C THR F 481 -28.49 -41.83 -17.02
N ARG F 482 -27.59 -42.06 -17.98
CA ARG F 482 -27.53 -43.32 -18.71
C ARG F 482 -27.41 -44.49 -17.75
N ARG F 483 -26.54 -44.39 -16.74
CA ARG F 483 -26.33 -45.48 -15.79
C ARG F 483 -27.61 -45.79 -15.04
N VAL F 484 -28.43 -44.75 -14.77
CA VAL F 484 -29.65 -44.95 -14.00
C VAL F 484 -30.69 -45.63 -14.89
N ARG F 485 -30.78 -45.22 -16.15
CA ARG F 485 -31.73 -45.79 -17.09
C ARG F 485 -31.46 -47.30 -17.23
N GLU F 486 -30.20 -47.65 -17.53
CA GLU F 486 -29.83 -49.03 -17.79
C GLU F 486 -29.97 -49.86 -16.52
N TYR F 487 -29.70 -49.27 -15.34
CA TYR F 487 -29.85 -49.99 -14.10
C TYR F 487 -31.31 -50.46 -13.95
N VAL F 488 -32.27 -49.58 -14.25
CA VAL F 488 -33.67 -49.92 -13.96
C VAL F 488 -34.17 -50.88 -15.05
N ALA F 489 -34.00 -50.50 -16.32
CA ALA F 489 -34.43 -51.30 -17.46
C ALA F 489 -34.01 -52.77 -17.37
N ASN F 490 -32.95 -53.08 -16.61
CA ASN F 490 -32.40 -54.42 -16.51
C ASN F 490 -32.71 -55.12 -15.19
N GLY F 491 -33.77 -54.69 -14.50
CA GLY F 491 -34.24 -55.43 -13.33
C GLY F 491 -33.84 -54.78 -12.01
N GLY F 492 -33.24 -53.58 -12.11
CA GLY F 492 -32.92 -52.76 -10.95
C GLY F 492 -34.15 -52.20 -10.26
N LYS F 493 -34.06 -52.09 -8.93
CA LYS F 493 -35.10 -51.51 -8.09
C LYS F 493 -34.58 -50.18 -7.52
N LEU F 494 -35.17 -49.08 -7.98
CA LEU F 494 -34.67 -47.74 -7.69
C LEU F 494 -35.65 -46.96 -6.82
N PHE F 495 -35.13 -46.24 -5.80
CA PHE F 495 -35.88 -45.20 -5.11
C PHE F 495 -35.28 -43.83 -5.42
N VAL F 496 -36.10 -42.90 -5.93
CA VAL F 496 -35.66 -41.55 -6.30
C VAL F 496 -36.42 -40.55 -5.44
N THR F 497 -35.74 -39.48 -4.94
CA THR F 497 -36.43 -38.50 -4.11
C THR F 497 -36.52 -37.13 -4.78
N TYR F 498 -37.32 -36.27 -4.17
CA TYR F 498 -37.32 -34.84 -4.43
C TYR F 498 -35.86 -34.33 -4.39
N TYR F 499 -35.59 -33.24 -5.13
CA TYR F 499 -34.27 -32.64 -5.23
C TYR F 499 -33.26 -33.58 -5.90
N THR F 500 -33.75 -34.55 -6.69
CA THR F 500 -32.88 -35.41 -7.48
C THR F 500 -32.96 -34.98 -8.94
N GLY F 501 -31.80 -34.97 -9.61
CA GLY F 501 -31.76 -34.79 -11.05
C GLY F 501 -32.16 -33.40 -11.51
N LEU F 502 -31.98 -32.40 -10.65
CA LEU F 502 -32.38 -31.06 -11.02
C LEU F 502 -31.53 -30.53 -12.16
N VAL F 503 -30.20 -30.79 -12.08
CA VAL F 503 -29.21 -30.15 -12.93
C VAL F 503 -28.23 -31.20 -13.49
N ASP F 504 -27.52 -30.81 -14.54
CA ASP F 504 -26.36 -31.55 -15.04
C ASP F 504 -25.12 -31.12 -14.24
N ASP F 505 -23.94 -31.60 -14.65
CA ASP F 505 -22.70 -31.39 -13.92
C ASP F 505 -22.15 -29.96 -14.08
N ARG F 506 -22.69 -29.16 -15.01
CA ARG F 506 -22.36 -27.74 -15.12
C ARG F 506 -23.35 -26.85 -14.34
N ASP F 507 -24.20 -27.45 -13.50
CA ASP F 507 -25.33 -26.80 -12.83
C ASP F 507 -26.36 -26.15 -13.78
N HIS F 508 -26.55 -26.72 -14.98
CA HIS F 508 -27.64 -26.29 -15.87
C HIS F 508 -28.85 -27.16 -15.56
N VAL F 509 -30.03 -26.52 -15.54
CA VAL F 509 -31.29 -27.21 -15.24
C VAL F 509 -31.67 -28.07 -16.45
N TRP F 510 -32.02 -29.33 -16.17
CA TRP F 510 -32.71 -30.20 -17.12
C TRP F 510 -34.17 -29.76 -17.27
N LEU F 511 -34.48 -29.28 -18.49
CA LEU F 511 -35.75 -28.65 -18.83
C LEU F 511 -36.81 -29.69 -19.20
N GLY F 512 -38.05 -29.19 -19.37
CA GLY F 512 -39.20 -29.98 -19.77
C GLY F 512 -39.96 -30.59 -18.59
N GLY F 513 -39.49 -30.37 -17.35
CA GLY F 513 -40.13 -30.91 -16.17
C GLY F 513 -39.18 -31.76 -15.34
N TYR F 514 -39.22 -31.63 -14.01
CA TYR F 514 -38.23 -32.25 -13.14
C TYR F 514 -38.73 -33.66 -12.86
N PRO F 515 -37.88 -34.67 -12.60
CA PRO F 515 -36.44 -34.66 -12.91
C PRO F 515 -36.15 -34.86 -14.39
N GLY F 516 -35.68 -33.79 -15.05
CA GLY F 516 -35.76 -33.63 -16.49
C GLY F 516 -34.84 -34.54 -17.33
N SER F 517 -33.98 -35.36 -16.72
CA SER F 517 -33.22 -36.31 -17.51
C SER F 517 -33.74 -37.72 -17.32
N ILE F 518 -34.66 -37.92 -16.38
CA ILE F 518 -35.16 -39.27 -16.14
C ILE F 518 -36.68 -39.32 -15.93
N ARG F 519 -37.46 -38.45 -16.58
CA ARG F 519 -38.92 -38.49 -16.40
C ARG F 519 -39.51 -39.85 -16.78
N ASP F 520 -38.91 -40.48 -17.81
CA ASP F 520 -39.35 -41.77 -18.32
C ASP F 520 -39.09 -42.86 -17.30
N VAL F 521 -37.97 -42.77 -16.56
CA VAL F 521 -37.63 -43.82 -15.63
C VAL F 521 -38.56 -43.78 -14.41
N VAL F 522 -38.86 -42.58 -13.92
CA VAL F 522 -39.65 -42.42 -12.70
C VAL F 522 -41.13 -42.36 -13.06
N GLY F 523 -41.42 -41.98 -14.31
CA GLY F 523 -42.77 -41.95 -14.80
C GLY F 523 -43.63 -40.91 -14.08
N VAL F 524 -43.02 -39.81 -13.63
CA VAL F 524 -43.78 -38.65 -13.17
C VAL F 524 -43.24 -37.42 -13.87
N ARG F 525 -43.96 -36.31 -13.77
CA ARG F 525 -43.53 -35.00 -14.25
C ARG F 525 -43.87 -33.96 -13.18
N VAL F 526 -42.83 -33.31 -12.64
CA VAL F 526 -42.94 -32.27 -11.62
C VAL F 526 -42.83 -30.93 -12.33
N GLU F 527 -43.81 -30.04 -12.15
CA GLU F 527 -43.81 -28.76 -12.84
C GLU F 527 -43.18 -27.66 -11.98
N GLU F 528 -43.31 -27.76 -10.66
CA GLU F 528 -42.70 -26.77 -9.77
C GLU F 528 -42.61 -27.38 -8.38
N PHE F 529 -42.02 -26.61 -7.46
CA PHE F 529 -41.79 -27.04 -6.09
C PHE F 529 -42.64 -26.21 -5.13
N ALA F 530 -42.87 -26.78 -3.96
CA ALA F 530 -43.53 -26.08 -2.86
C ALA F 530 -42.68 -26.23 -1.61
N PRO F 531 -41.67 -25.36 -1.43
CA PRO F 531 -40.95 -25.25 -0.16
C PRO F 531 -41.91 -24.85 0.94
N MET F 532 -41.61 -25.36 2.12
CA MET F 532 -42.40 -25.14 3.32
C MET F 532 -41.51 -24.66 4.47
N GLY F 533 -42.12 -23.97 5.44
CA GLY F 533 -41.42 -23.57 6.64
C GLY F 533 -42.27 -22.61 7.47
N THR F 534 -41.62 -21.94 8.43
CA THR F 534 -42.28 -21.10 9.42
C THR F 534 -41.62 -19.72 9.49
N ASP F 535 -41.27 -19.19 8.31
CA ASP F 535 -40.53 -17.94 8.12
C ASP F 535 -41.34 -16.70 8.48
N ALA F 536 -42.65 -16.80 8.33
CA ALA F 536 -43.53 -15.66 8.54
C ALA F 536 -44.87 -16.23 8.98
N PRO F 537 -45.73 -15.45 9.68
CA PRO F 537 -47.08 -15.90 10.01
C PRO F 537 -47.81 -16.48 8.79
N GLY F 538 -48.30 -17.71 8.96
CA GLY F 538 -49.28 -18.29 8.04
C GLY F 538 -48.66 -18.96 6.81
N THR F 539 -47.34 -19.19 6.81
CA THR F 539 -46.69 -19.92 5.72
C THR F 539 -47.02 -21.40 5.87
N MET F 540 -47.07 -22.10 4.75
CA MET F 540 -47.37 -23.53 4.75
C MET F 540 -46.15 -24.24 5.30
N ASP F 541 -46.33 -25.05 6.34
CA ASP F 541 -45.23 -25.64 7.09
C ASP F 541 -45.28 -27.17 7.15
N HIS F 542 -46.36 -27.78 6.61
CA HIS F 542 -46.43 -29.23 6.54
C HIS F 542 -47.42 -29.64 5.45
N LEU F 543 -47.30 -30.90 5.01
CA LEU F 543 -48.26 -31.50 4.09
C LEU F 543 -48.45 -32.96 4.51
N ASP F 544 -49.68 -33.28 4.94
CA ASP F 544 -50.04 -34.62 5.36
C ASP F 544 -50.12 -35.53 4.14
N LEU F 545 -49.85 -36.83 4.35
CA LEU F 545 -50.03 -37.84 3.32
C LEU F 545 -51.08 -38.83 3.80
N ASP F 546 -51.76 -39.47 2.82
CA ASP F 546 -52.86 -40.36 3.12
C ASP F 546 -52.32 -41.74 3.51
N ASN F 547 -51.03 -41.82 3.88
CA ASN F 547 -50.50 -43.07 4.41
C ASN F 547 -50.06 -42.89 5.86
N GLY F 548 -50.53 -41.82 6.50
CA GLY F 548 -50.23 -41.55 7.89
C GLY F 548 -48.82 -40.96 8.11
N THR F 549 -48.33 -40.19 7.14
CA THR F 549 -47.06 -39.50 7.33
C THR F 549 -47.26 -38.02 6.98
N VAL F 550 -46.24 -37.22 7.32
CA VAL F 550 -46.28 -35.78 7.15
C VAL F 550 -45.00 -35.28 6.49
N ALA F 551 -45.15 -34.50 5.43
CA ALA F 551 -44.04 -33.87 4.74
C ALA F 551 -43.69 -32.53 5.40
N HIS F 552 -42.40 -32.19 5.40
CA HIS F 552 -41.92 -30.89 5.88
C HIS F 552 -40.92 -30.34 4.87
N ASP F 553 -40.71 -29.01 4.93
CA ASP F 553 -39.63 -28.34 4.22
C ASP F 553 -39.77 -28.33 2.69
N PHE F 554 -40.22 -29.44 2.08
CA PHE F 554 -40.24 -29.50 0.62
C PHE F 554 -41.22 -30.55 0.08
N ALA F 555 -41.94 -30.19 -1.00
CA ALA F 555 -42.77 -31.12 -1.77
C ALA F 555 -42.79 -30.71 -3.23
N ASP F 556 -42.75 -31.73 -4.09
CA ASP F 556 -42.90 -31.60 -5.53
C ASP F 556 -44.39 -31.44 -5.89
N VAL F 557 -44.64 -30.69 -6.96
CA VAL F 557 -45.92 -30.57 -7.63
C VAL F 557 -45.91 -31.50 -8.85
N ILE F 558 -46.24 -32.77 -8.62
CA ILE F 558 -46.37 -33.77 -9.67
C ILE F 558 -47.68 -33.54 -10.44
N THR F 559 -47.61 -33.22 -11.74
CA THR F 559 -48.78 -32.88 -12.50
C THR F 559 -49.15 -33.99 -13.50
N SER F 560 -48.40 -35.10 -13.54
CA SER F 560 -48.76 -36.23 -14.38
C SER F 560 -47.99 -37.47 -13.94
N VAL F 561 -48.65 -38.61 -14.12
CA VAL F 561 -48.13 -39.92 -13.77
C VAL F 561 -48.34 -40.78 -15.02
N ALA F 562 -47.32 -41.53 -15.45
CA ALA F 562 -47.41 -42.26 -16.71
C ALA F 562 -48.29 -43.51 -16.56
N ASP F 563 -48.79 -44.02 -17.70
CA ASP F 563 -49.67 -45.18 -17.72
C ASP F 563 -49.02 -46.39 -17.05
N THR F 564 -47.69 -46.50 -17.13
CA THR F 564 -46.95 -47.60 -16.54
C THR F 564 -46.81 -47.44 -15.03
N ALA F 565 -47.26 -46.29 -14.49
CA ALA F 565 -47.05 -45.95 -13.09
C ALA F 565 -48.37 -45.88 -12.34
N HIS F 566 -48.31 -46.08 -11.01
CA HIS F 566 -49.44 -45.87 -10.13
C HIS F 566 -49.00 -45.07 -8.88
N VAL F 567 -50.00 -44.51 -8.19
CA VAL F 567 -49.78 -43.67 -7.03
C VAL F 567 -49.96 -44.53 -5.79
N VAL F 568 -49.00 -44.50 -4.85
CA VAL F 568 -49.05 -45.27 -3.61
C VAL F 568 -49.63 -44.43 -2.47
N ALA F 569 -49.43 -43.10 -2.56
CA ALA F 569 -49.79 -42.15 -1.53
C ALA F 569 -49.96 -40.78 -2.16
N SER F 570 -50.89 -40.03 -1.59
CA SER F 570 -51.36 -38.77 -2.11
C SER F 570 -51.37 -37.79 -0.93
N PHE F 571 -51.16 -36.50 -1.23
CA PHE F 571 -51.23 -35.49 -0.20
C PHE F 571 -52.69 -35.26 0.18
N LYS F 572 -52.91 -34.81 1.42
CA LYS F 572 -54.19 -34.35 1.92
C LYS F 572 -54.00 -32.96 2.53
N ALA F 573 -54.72 -31.96 2.02
CA ALA F 573 -54.43 -30.57 2.33
C ALA F 573 -55.70 -29.73 2.20
N ASP F 574 -55.68 -28.54 2.82
CA ASP F 574 -56.70 -27.55 2.54
C ASP F 574 -56.73 -27.34 1.05
N LYS F 575 -57.94 -27.14 0.55
CA LYS F 575 -58.21 -27.12 -0.87
C LYS F 575 -57.45 -25.97 -1.52
N TRP F 576 -57.33 -24.81 -0.86
CA TRP F 576 -56.78 -23.62 -1.53
C TRP F 576 -55.28 -23.77 -1.82
N THR F 577 -54.62 -24.75 -1.17
CA THR F 577 -53.19 -25.02 -1.38
C THR F 577 -52.91 -25.62 -2.75
N GLY F 578 -53.88 -26.37 -3.30
CA GLY F 578 -53.71 -27.01 -4.58
C GLY F 578 -53.16 -28.42 -4.42
N PHE F 579 -53.02 -28.89 -3.18
CA PHE F 579 -52.35 -30.15 -2.93
C PHE F 579 -53.30 -31.28 -2.53
N ASP F 580 -54.61 -31.01 -2.30
CA ASP F 580 -55.50 -32.06 -1.82
C ASP F 580 -55.68 -33.11 -2.92
N GLY F 581 -55.38 -34.39 -2.60
CA GLY F 581 -55.47 -35.47 -3.56
C GLY F 581 -54.30 -35.54 -4.56
N ALA F 582 -53.27 -34.70 -4.40
CA ALA F 582 -52.18 -34.69 -5.36
C ALA F 582 -51.20 -35.81 -5.03
N PRO F 583 -50.54 -36.38 -6.06
CA PRO F 583 -49.58 -37.46 -5.84
C PRO F 583 -48.35 -37.06 -5.03
N ALA F 584 -47.98 -37.93 -4.08
CA ALA F 584 -46.85 -37.74 -3.19
C ALA F 584 -45.80 -38.84 -3.37
N ILE F 585 -46.28 -40.08 -3.52
CA ILE F 585 -45.42 -41.23 -3.70
C ILE F 585 -45.97 -42.10 -4.84
N THR F 586 -45.08 -42.49 -5.78
CA THR F 586 -45.43 -43.29 -6.96
C THR F 586 -44.46 -44.46 -7.12
N VAL F 587 -44.85 -45.41 -7.99
CA VAL F 587 -44.03 -46.53 -8.41
C VAL F 587 -44.28 -46.75 -9.89
N ASN F 588 -43.19 -46.82 -10.68
CA ASN F 588 -43.28 -46.94 -12.13
C ASN F 588 -42.63 -48.24 -12.59
N ASP F 589 -43.22 -48.89 -13.61
CA ASP F 589 -42.60 -50.05 -14.26
C ASP F 589 -41.76 -49.56 -15.44
N PHE F 590 -40.48 -49.97 -15.48
CA PHE F 590 -39.57 -49.51 -16.53
C PHE F 590 -38.68 -50.67 -16.95
N GLY F 591 -38.85 -51.13 -18.20
CA GLY F 591 -38.27 -52.37 -18.68
C GLY F 591 -38.56 -53.50 -17.71
N ASP F 592 -37.52 -54.17 -17.21
CA ASP F 592 -37.73 -55.25 -16.27
C ASP F 592 -37.63 -54.74 -14.83
N GLY F 593 -37.40 -53.43 -14.64
CA GLY F 593 -37.23 -52.90 -13.29
C GLY F 593 -38.41 -52.06 -12.81
N LYS F 594 -38.26 -51.49 -11.60
CA LYS F 594 -39.24 -50.59 -11.01
C LYS F 594 -38.52 -49.40 -10.34
N ALA F 595 -39.13 -48.22 -10.44
CA ALA F 595 -38.61 -46.98 -9.85
C ALA F 595 -39.71 -46.30 -9.02
N ALA F 596 -39.49 -46.21 -7.69
CA ALA F 596 -40.32 -45.43 -6.79
C ALA F 596 -39.88 -43.97 -6.79
N TYR F 597 -40.84 -43.03 -6.76
CA TYR F 597 -40.53 -41.63 -6.60
C TYR F 597 -41.17 -41.10 -5.32
N VAL F 598 -40.35 -40.48 -4.44
CA VAL F 598 -40.86 -39.90 -3.21
C VAL F 598 -40.77 -38.38 -3.30
N GLY F 599 -41.86 -37.72 -3.70
CA GLY F 599 -41.85 -36.30 -4.02
C GLY F 599 -42.00 -35.37 -2.79
N ALA F 600 -41.45 -35.76 -1.63
CA ALA F 600 -41.45 -34.91 -0.45
C ALA F 600 -40.43 -35.38 0.59
N ARG F 601 -40.04 -34.46 1.48
CA ARG F 601 -39.21 -34.82 2.62
C ARG F 601 -40.07 -35.39 3.76
N LEU F 602 -39.85 -36.67 4.07
CA LEU F 602 -40.65 -37.37 5.06
C LEU F 602 -39.82 -37.65 6.31
N GLY F 603 -38.51 -37.42 6.26
CA GLY F 603 -37.63 -37.72 7.38
C GLY F 603 -37.48 -39.21 7.67
N ARG F 604 -36.64 -39.51 8.67
CA ARG F 604 -36.44 -40.87 9.12
C ARG F 604 -37.78 -41.53 9.43
N GLU F 605 -38.64 -40.81 10.15
CA GLU F 605 -39.85 -41.38 10.71
C GLU F 605 -40.89 -41.54 9.62
N GLY F 606 -40.98 -40.57 8.70
CA GLY F 606 -41.91 -40.67 7.60
C GLY F 606 -41.52 -41.79 6.63
N LEU F 607 -40.21 -41.86 6.32
CA LEU F 607 -39.69 -42.83 5.38
C LEU F 607 -39.88 -44.23 5.93
N ALA F 608 -39.61 -44.42 7.23
CA ALA F 608 -39.68 -45.75 7.83
C ALA F 608 -41.10 -46.30 7.74
N LYS F 609 -42.07 -45.42 7.95
CA LYS F 609 -43.49 -45.75 7.90
C LYS F 609 -43.92 -46.03 6.45
N SER F 610 -43.35 -45.31 5.48
CA SER F 610 -43.68 -45.51 4.07
C SER F 610 -43.07 -46.79 3.50
N LEU F 611 -41.97 -47.28 4.07
CA LEU F 611 -41.14 -48.23 3.37
C LEU F 611 -41.80 -49.61 3.21
N PRO F 612 -42.45 -50.20 4.23
CA PRO F 612 -42.97 -51.58 4.09
C PRO F 612 -43.71 -51.78 2.77
N ALA F 613 -44.56 -50.79 2.44
CA ALA F 613 -45.35 -50.82 1.22
C ALA F 613 -44.47 -50.71 -0.02
N LEU F 614 -43.43 -49.88 0.04
CA LEU F 614 -42.60 -49.64 -1.14
C LEU F 614 -41.66 -50.82 -1.33
N LEU F 615 -41.14 -51.36 -0.22
CA LEU F 615 -40.32 -52.55 -0.28
C LEU F 615 -41.09 -53.68 -0.96
N GLU F 616 -42.32 -53.91 -0.50
CA GLU F 616 -43.18 -54.94 -1.08
C GLU F 616 -43.29 -54.75 -2.60
N GLU F 617 -43.65 -53.55 -3.06
CA GLU F 617 -43.81 -53.29 -4.48
C GLU F 617 -42.51 -53.51 -5.27
N LEU F 618 -41.35 -53.34 -4.62
CA LEU F 618 -40.06 -53.50 -5.29
C LEU F 618 -39.44 -54.87 -5.00
N GLY F 619 -40.13 -55.71 -4.21
CA GLY F 619 -39.71 -57.09 -4.01
C GLY F 619 -38.40 -57.22 -3.24
N ILE F 620 -38.22 -56.35 -2.25
CA ILE F 620 -37.07 -56.37 -1.36
C ILE F 620 -37.50 -56.93 -0.02
N GLU F 621 -36.88 -58.04 0.38
CA GLU F 621 -37.24 -58.79 1.59
C GLU F 621 -36.61 -58.18 2.83
N THR F 622 -37.36 -58.20 3.94
CA THR F 622 -36.82 -57.95 5.26
C THR F 622 -37.57 -58.83 6.25
N SER F 623 -37.12 -58.84 7.50
CA SER F 623 -37.92 -59.37 8.60
C SER F 623 -39.34 -58.85 8.53
N ALA F 624 -40.28 -59.66 9.03
CA ALA F 624 -41.61 -59.17 9.36
C ALA F 624 -41.69 -58.88 10.86
N GLU F 625 -40.68 -59.34 11.62
CA GLU F 625 -40.67 -59.24 13.07
C GLU F 625 -40.88 -57.81 13.55
N ASP F 626 -41.48 -57.67 14.74
CA ASP F 626 -41.89 -56.36 15.26
C ASP F 626 -40.66 -55.58 15.74
N ASP F 627 -39.66 -56.30 16.24
CA ASP F 627 -38.50 -55.73 16.92
C ASP F 627 -37.35 -55.51 15.94
N ARG F 628 -37.64 -55.65 14.64
CA ARG F 628 -36.71 -55.44 13.53
C ARG F 628 -35.77 -54.24 13.70
N GLY F 629 -36.29 -53.12 14.19
CA GLY F 629 -35.57 -51.86 14.13
C GLY F 629 -34.71 -51.64 15.38
N GLU F 630 -34.88 -52.50 16.39
CA GLU F 630 -34.27 -52.28 17.68
C GLU F 630 -32.75 -52.37 17.62
N VAL F 631 -32.20 -53.26 16.78
CA VAL F 631 -30.75 -53.45 16.74
C VAL F 631 -30.29 -53.29 15.30
N LEU F 632 -29.06 -52.79 15.13
CA LEU F 632 -28.45 -52.73 13.82
C LEU F 632 -27.57 -53.97 13.69
N ARG F 633 -27.76 -54.67 12.55
CA ARG F 633 -27.06 -55.90 12.22
C ARG F 633 -25.98 -55.55 11.21
N VAL F 634 -24.70 -55.74 11.58
CA VAL F 634 -23.58 -55.47 10.69
C VAL F 634 -22.66 -56.68 10.60
N GLU F 635 -22.36 -57.10 9.36
CA GLU F 635 -21.61 -58.32 9.12
C GLU F 635 -20.38 -58.07 8.26
N ARG F 636 -19.28 -58.71 8.66
CA ARG F 636 -18.09 -58.89 7.85
C ARG F 636 -17.86 -60.38 7.57
N ALA F 637 -17.28 -60.66 6.40
CA ALA F 637 -16.94 -62.03 6.00
C ALA F 637 -15.71 -62.02 5.09
N ASP F 638 -14.91 -63.10 5.14
CA ASP F 638 -13.87 -63.35 4.15
C ASP F 638 -14.53 -63.74 2.83
N GLU F 639 -13.74 -63.72 1.75
CA GLU F 639 -14.33 -63.95 0.44
C GLU F 639 -14.75 -65.41 0.33
N THR F 640 -13.92 -66.31 0.88
CA THR F 640 -14.27 -67.72 1.00
C THR F 640 -15.68 -67.84 1.58
N GLY F 641 -15.99 -67.08 2.63
CA GLY F 641 -17.29 -67.13 3.27
C GLY F 641 -17.23 -67.97 4.56
N GLU F 642 -16.08 -68.63 4.79
CA GLU F 642 -15.89 -69.52 5.92
C GLU F 642 -15.89 -68.77 7.25
N ASN F 643 -15.51 -67.48 7.26
CA ASN F 643 -15.47 -66.70 8.48
C ASN F 643 -16.43 -65.52 8.35
N HIS F 644 -17.49 -65.57 9.19
CA HIS F 644 -18.58 -64.62 9.14
C HIS F 644 -18.73 -64.05 10.54
N PHE F 645 -18.64 -62.72 10.65
CA PHE F 645 -18.76 -62.06 11.94
C PHE F 645 -20.00 -61.17 11.96
N VAL F 646 -20.79 -61.31 13.04
CA VAL F 646 -22.02 -60.56 13.17
C VAL F 646 -21.89 -59.66 14.40
N PHE F 647 -22.01 -58.34 14.17
CA PHE F 647 -22.04 -57.34 15.23
C PHE F 647 -23.47 -56.86 15.40
N LEU F 648 -23.96 -56.89 16.65
CA LEU F 648 -25.32 -56.50 16.97
C LEU F 648 -25.33 -55.35 17.98
N PHE F 649 -25.84 -54.18 17.55
CA PHE F 649 -25.84 -52.94 18.33
C PHE F 649 -27.26 -52.52 18.73
N ASN F 650 -27.51 -52.33 20.02
CA ASN F 650 -28.80 -51.79 20.47
C ASN F 650 -28.87 -50.33 20.02
N ARG F 651 -29.97 -49.92 19.39
CA ARG F 651 -30.16 -48.57 18.89
C ARG F 651 -31.14 -47.77 19.76
N THR F 652 -31.59 -48.35 20.87
CA THR F 652 -32.71 -47.83 21.64
C THR F 652 -32.30 -47.59 23.08
N HIS F 653 -33.23 -47.07 23.89
CA HIS F 653 -33.05 -46.90 25.31
C HIS F 653 -33.80 -47.98 26.08
N ASP F 654 -34.12 -49.08 25.38
CA ASP F 654 -34.74 -50.25 25.99
C ASP F 654 -33.78 -51.42 25.84
N VAL F 655 -33.94 -52.43 26.70
CA VAL F 655 -33.19 -53.67 26.59
C VAL F 655 -33.67 -54.37 25.32
N ALA F 656 -32.73 -54.74 24.42
CA ALA F 656 -33.07 -55.48 23.21
C ALA F 656 -32.64 -56.93 23.37
N VAL F 657 -33.56 -57.85 23.07
CA VAL F 657 -33.30 -59.27 23.13
C VAL F 657 -33.06 -59.74 21.70
N VAL F 658 -31.97 -60.49 21.49
CA VAL F 658 -31.65 -61.01 20.17
C VAL F 658 -31.34 -62.50 20.25
N ASP F 659 -31.41 -63.18 19.09
CA ASP F 659 -30.97 -64.56 18.96
C ASP F 659 -29.44 -64.57 18.79
N VAL F 660 -28.79 -65.47 19.55
CA VAL F 660 -27.35 -65.72 19.40
C VAL F 660 -27.17 -66.86 18.42
N GLU F 661 -26.39 -66.61 17.35
CA GLU F 661 -26.37 -67.50 16.18
C GLU F 661 -24.95 -68.01 15.93
N GLY F 662 -24.19 -68.30 16.99
CA GLY F 662 -22.80 -68.71 16.88
C GLY F 662 -22.06 -68.48 18.20
N GLU F 663 -20.74 -68.57 18.17
CA GLU F 663 -19.92 -68.35 19.36
C GLU F 663 -19.87 -66.84 19.67
N PRO F 664 -20.35 -66.38 20.85
CA PRO F 664 -20.14 -65.00 21.29
C PRO F 664 -18.66 -64.76 21.58
N LEU F 665 -18.08 -63.70 20.99
CA LEU F 665 -16.68 -63.37 21.17
C LEU F 665 -16.53 -62.18 22.13
N VAL F 666 -17.41 -61.18 21.98
CA VAL F 666 -17.33 -59.94 22.73
C VAL F 666 -18.72 -59.51 23.16
N ALA F 667 -18.88 -59.25 24.46
CA ALA F 667 -20.15 -58.80 25.03
C ALA F 667 -19.92 -57.52 25.82
N SER F 668 -20.29 -56.38 25.22
CA SER F 668 -20.29 -55.11 25.93
C SER F 668 -21.71 -54.72 26.30
N LEU F 669 -22.00 -54.71 27.61
CA LEU F 669 -23.31 -54.35 28.13
C LEU F 669 -24.39 -55.26 27.50
N ALA F 670 -23.99 -56.53 27.31
CA ALA F 670 -24.88 -57.57 26.82
C ALA F 670 -24.65 -58.83 27.67
N GLN F 671 -25.68 -59.67 27.72
CA GLN F 671 -25.73 -60.83 28.60
C GLN F 671 -26.33 -62.00 27.84
N VAL F 672 -25.50 -62.95 27.44
CA VAL F 672 -25.96 -64.11 26.69
C VAL F 672 -26.58 -65.13 27.64
N ASN F 673 -27.79 -65.59 27.29
CA ASN F 673 -28.41 -66.77 27.90
C ASN F 673 -27.95 -68.00 27.12
N GLU F 674 -26.96 -68.73 27.65
CA GLU F 674 -26.34 -69.82 26.91
C GLU F 674 -27.37 -70.93 26.65
N SER F 675 -28.22 -71.24 27.65
CA SER F 675 -29.25 -72.27 27.50
C SER F 675 -30.23 -71.92 26.38
N GLU F 676 -30.72 -70.66 26.33
CA GLU F 676 -31.80 -70.31 25.42
C GLU F 676 -31.28 -69.80 24.07
N HIS F 677 -29.94 -69.69 23.92
CA HIS F 677 -29.31 -69.14 22.71
C HIS F 677 -29.91 -67.77 22.38
N THR F 678 -30.04 -66.93 23.41
CA THR F 678 -30.49 -65.55 23.27
C THR F 678 -29.58 -64.64 24.09
N ALA F 679 -29.61 -63.33 23.79
CA ALA F 679 -28.87 -62.35 24.56
C ALA F 679 -29.75 -61.15 24.82
N ALA F 680 -29.51 -60.50 25.97
CA ALA F 680 -30.17 -59.25 26.35
C ALA F 680 -29.15 -58.10 26.28
N ILE F 681 -29.37 -57.19 25.33
CA ILE F 681 -28.44 -56.09 25.08
C ILE F 681 -28.99 -54.83 25.77
N GLN F 682 -28.23 -54.28 26.73
CA GLN F 682 -28.59 -53.04 27.41
C GLN F 682 -28.43 -51.85 26.46
N PRO F 683 -29.00 -50.67 26.76
CA PRO F 683 -28.72 -49.49 25.94
C PRO F 683 -27.21 -49.25 25.84
N ASN F 684 -26.78 -48.83 24.64
CA ASN F 684 -25.38 -48.60 24.28
C ASN F 684 -24.54 -49.87 24.31
N GLY F 685 -25.19 -51.03 24.22
CA GLY F 685 -24.52 -52.33 24.29
C GLY F 685 -24.31 -52.92 22.90
N VAL F 686 -23.46 -53.94 22.84
CA VAL F 686 -23.17 -54.61 21.57
C VAL F 686 -22.73 -56.06 21.84
N LEU F 687 -23.12 -56.96 20.93
CA LEU F 687 -22.64 -58.34 20.93
C LEU F 687 -22.03 -58.67 19.57
N VAL F 688 -20.83 -59.28 19.60
CA VAL F 688 -20.15 -59.75 18.41
C VAL F 688 -20.08 -61.28 18.47
N VAL F 689 -20.50 -61.90 17.36
CA VAL F 689 -20.70 -63.33 17.22
C VAL F 689 -19.90 -63.79 15.99
N LYS F 690 -19.30 -64.99 16.08
CA LYS F 690 -18.72 -65.66 14.91
C LYS F 690 -19.52 -66.91 14.56
N LEU F 691 -19.91 -67.05 13.30
CA LEU F 691 -20.91 -68.04 12.88
C LEU F 691 -20.25 -69.43 12.76
C1 GLA G . 36.85 4.88 8.58
C2 GLA G . 35.99 3.77 9.14
C3 GLA G . 36.62 2.43 8.91
C4 GLA G . 36.94 2.23 7.43
C5 GLA G . 37.86 3.36 6.94
C6 GLA G . 38.21 3.34 5.46
O1 GLA G . 38.05 4.94 9.34
O2 GLA G . 35.77 4.00 10.54
O3 GLA G . 35.76 1.40 9.41
O4 GLA G . 35.71 2.19 6.69
O5 GLA G . 37.19 4.66 7.18
O6 GLA G . 38.96 4.52 5.03
C1 GLA H . -36.15 -7.37 -9.86
C2 GLA H . -35.00 -7.14 -10.79
C3 GLA H . -34.91 -8.33 -11.74
C4 GLA H . -34.81 -9.65 -10.98
C5 GLA H . -35.99 -9.82 -10.00
C6 GLA H . -35.88 -11.04 -9.08
O1 GLA H . -37.36 -7.24 -10.59
O2 GLA H . -35.09 -5.87 -11.47
O3 GLA H . -33.81 -8.14 -12.59
O4 GLA H . -33.58 -9.69 -10.27
O5 GLA H . -36.06 -8.66 -9.16
O6 GLA H . -36.93 -11.09 -8.04
C1 GLA I . 19.83 -3.88 -32.36
C2 GLA I . 18.36 -4.31 -32.08
C3 GLA I . 17.42 -3.75 -33.12
C4 GLA I . 17.55 -2.23 -33.15
C5 GLA I . 19.03 -1.86 -33.43
C6 GLA I . 19.31 -0.36 -33.45
O1 GLA I . 20.42 -4.46 -33.53
O2 GLA I . 18.29 -5.73 -32.00
O3 GLA I . 16.06 -4.14 -32.88
O4 GLA I . 17.06 -1.63 -31.92
O5 GLA I . 19.92 -2.44 -32.45
O6 GLA I . 20.66 -0.09 -33.82
C1 GLA J . -21.55 5.68 30.93
C2 GLA J . -20.71 6.75 30.27
C3 GLA J . -21.56 7.97 29.91
C4 GLA J . -22.76 7.55 29.07
C5 GLA J . -23.59 6.51 29.84
C6 GLA J . -24.82 5.91 29.11
O1 GLA J . -21.93 6.07 32.24
O2 GLA J . -19.58 7.00 31.12
O3 GLA J . -20.81 8.95 29.19
O4 GLA J . -22.25 7.01 27.83
O5 GLA J . -22.73 5.38 30.16
O6 GLA J . -25.48 4.86 29.89
C1 GLA K . 9.81 35.07 -11.60
C2 GLA K . 8.82 34.77 -10.51
C3 GLA K . 9.15 35.49 -9.23
C4 GLA K . 10.57 35.14 -8.77
C5 GLA K . 11.57 35.48 -9.90
C6 GLA K . 13.01 35.05 -9.64
O1 GLA K . 9.66 36.40 -12.14
O2 GLA K . 7.50 35.08 -10.97
O3 GLA K . 8.19 35.17 -8.23
O4 GLA K . 10.64 33.75 -8.41
O5 GLA K . 11.15 34.82 -11.12
O6 GLA K . 13.91 35.47 -10.71
C1 GLA L . -8.85 -34.26 14.20
C2 GLA L . -7.43 -33.72 14.09
C3 GLA L . -6.71 -33.75 15.44
C4 GLA L . -7.50 -32.98 16.48
C5 GLA L . -8.95 -33.56 16.54
C6 GLA L . -9.91 -32.83 17.48
O1 GLA L . -8.96 -35.66 14.46
O2 GLA L . -6.72 -34.37 13.05
O3 GLA L . -5.40 -33.21 15.28
O4 GLA L . -7.47 -31.59 16.13
O5 GLA L . -9.55 -33.50 15.22
O6 GLA L . -11.17 -33.53 17.65
#